data_5MS9
#
_entry.id   5MS9
#
loop_
_entity.id
_entity.type
_entity.pdbx_description
1 polymer Fibrillin-1
2 non-polymer 'CALCIUM ION'
#
_entity_poly.entity_id   1
_entity_poly.type   'polypeptide(L)'
_entity_poly.pdbx_seq_one_letter_code
;SASRSIQHCNIRCMNGGSCSDDHCLCQKGYIGTHCGQPVCESGCLNGGRCVAPNRCACTYGFTGPQCERDYRTGPCFTVI
SNQMCQGQLSGIVSTKTLCCATVGRAWGHPCEMCPAQPHPCRRGFIPNIRTGACQDVDECQAIPGLCQGGNCINTVGSFE
CKCPAGHKLNEVSQKCE
;
_entity_poly.pdbx_strand_id   A
#
# COMPACT_ATOMS: atom_id res chain seq x y z
N SER A 1 3.07 -19.13 -62.66
CA SER A 1 4.23 -18.78 -61.81
C SER A 1 3.93 -19.14 -60.36
N ALA A 2 4.80 -19.94 -59.76
CA ALA A 2 4.63 -20.35 -58.37
C ALA A 2 5.98 -20.56 -57.72
N SER A 3 6.06 -20.31 -56.43
CA SER A 3 7.32 -20.41 -55.72
C SER A 3 7.08 -20.81 -54.27
N ARG A 4 7.95 -21.67 -53.75
CA ARG A 4 7.88 -22.09 -52.37
C ARG A 4 8.75 -21.19 -51.50
N SER A 5 9.45 -20.26 -52.14
CA SER A 5 10.33 -19.35 -51.44
C SER A 5 9.52 -18.39 -50.58
N ILE A 6 10.00 -18.12 -49.38
CA ILE A 6 9.32 -17.20 -48.49
C ILE A 6 9.70 -15.77 -48.85
N GLN A 7 8.71 -15.00 -49.31
CA GLN A 7 8.94 -13.64 -49.74
C GLN A 7 8.82 -12.68 -48.58
N HIS A 8 9.47 -13.02 -47.47
CA HIS A 8 9.42 -12.23 -46.26
C HIS A 8 10.52 -12.70 -45.32
N CYS A 9 10.34 -12.53 -44.02
CA CYS A 9 11.30 -12.99 -43.03
C CYS A 9 11.17 -14.51 -42.85
N ASN A 10 11.86 -15.04 -41.86
CA ASN A 10 11.75 -16.46 -41.53
C ASN A 10 11.29 -16.65 -40.08
N ILE A 11 11.81 -15.81 -39.20
CA ILE A 11 11.52 -15.88 -37.78
C ILE A 11 10.08 -15.45 -37.46
N ARG A 12 9.79 -15.29 -36.19
CA ARG A 12 8.44 -14.96 -35.74
C ARG A 12 8.46 -13.64 -34.97
N CYS A 13 7.44 -12.82 -35.21
CA CYS A 13 7.32 -11.54 -34.53
C CYS A 13 6.08 -11.48 -33.68
N MET A 14 6.26 -10.98 -32.46
CA MET A 14 5.16 -10.71 -31.56
C MET A 14 5.43 -9.38 -30.88
N ASN A 15 4.42 -8.82 -30.22
CA ASN A 15 4.59 -7.61 -29.42
C ASN A 15 4.99 -6.41 -30.27
N GLY A 16 4.18 -6.13 -31.30
CA GLY A 16 4.40 -4.95 -32.13
C GLY A 16 5.69 -5.00 -32.93
N GLY A 17 6.21 -6.20 -33.14
CA GLY A 17 7.45 -6.35 -33.87
C GLY A 17 7.27 -6.50 -35.37
N SER A 18 8.10 -5.81 -36.12
CA SER A 18 8.13 -5.96 -37.57
C SER A 18 9.13 -7.04 -37.95
N CYS A 19 8.68 -8.02 -38.71
CA CYS A 19 9.50 -9.18 -39.04
C CYS A 19 10.30 -8.94 -40.31
N SER A 20 11.52 -8.40 -40.19
CA SER A 20 12.30 -8.06 -41.37
C SER A 20 13.79 -8.37 -41.13
N ASP A 21 14.47 -8.65 -42.23
CA ASP A 21 15.96 -8.76 -42.28
C ASP A 21 16.47 -10.10 -41.71
N ASP A 22 15.91 -10.51 -40.57
CA ASP A 22 16.36 -11.69 -39.82
C ASP A 22 15.95 -11.58 -38.38
N HIS A 23 16.05 -10.38 -37.83
CA HIS A 23 15.58 -10.15 -36.45
C HIS A 23 14.30 -9.33 -36.44
N CYS A 24 13.53 -9.46 -35.39
CA CYS A 24 12.29 -8.73 -35.27
C CYS A 24 12.57 -7.28 -34.91
N LEU A 25 11.86 -6.37 -35.54
CA LEU A 25 11.99 -4.96 -35.23
C LEU A 25 10.99 -4.61 -34.13
N CYS A 26 11.51 -4.61 -32.92
CA CYS A 26 10.70 -4.59 -31.71
C CYS A 26 9.86 -3.33 -31.58
N GLN A 27 8.67 -3.49 -30.98
CA GLN A 27 7.85 -2.35 -30.58
C GLN A 27 8.62 -1.50 -29.58
N LYS A 28 8.22 -0.24 -29.42
CA LYS A 28 8.93 0.65 -28.53
C LYS A 28 8.88 0.18 -27.09
N GLY A 29 10.05 -0.15 -26.63
CA GLY A 29 10.24 -0.64 -25.28
C GLY A 29 10.24 -2.14 -25.20
N TYR A 30 10.36 -2.79 -26.33
CA TYR A 30 10.48 -4.23 -26.34
C TYR A 30 11.83 -4.67 -26.87
N ILE A 31 12.33 -5.76 -26.34
CA ILE A 31 13.64 -6.28 -26.73
C ILE A 31 13.57 -7.80 -26.95
N GLY A 32 14.70 -8.37 -27.35
CA GLY A 32 14.74 -9.79 -27.69
C GLY A 32 14.68 -10.04 -29.19
N THR A 33 14.84 -11.31 -29.59
CA THR A 33 14.82 -11.68 -30.99
C THR A 33 13.42 -11.57 -31.57
N HIS A 34 12.45 -12.12 -30.85
CA HIS A 34 11.05 -12.02 -31.25
C HIS A 34 10.37 -10.88 -30.51
N CYS A 35 11.19 -10.13 -29.77
CA CYS A 35 10.75 -8.90 -29.12
C CYS A 35 9.68 -9.16 -28.08
N GLY A 36 9.85 -10.22 -27.31
CA GLY A 36 8.87 -10.58 -26.30
C GLY A 36 9.26 -10.16 -24.90
N GLN A 37 10.33 -9.38 -24.78
CA GLN A 37 10.76 -8.92 -23.46
C GLN A 37 10.62 -7.41 -23.35
N PRO A 38 9.70 -6.93 -22.49
CA PRO A 38 9.47 -5.50 -22.32
C PRO A 38 10.49 -4.84 -21.38
N VAL A 39 10.84 -3.62 -21.72
CA VAL A 39 11.86 -2.86 -20.99
C VAL A 39 11.35 -2.44 -19.61
N CYS A 40 11.97 -3.01 -18.60
CA CYS A 40 11.67 -2.64 -17.22
C CYS A 40 12.44 -1.38 -16.85
N GLU A 41 11.96 -0.26 -17.36
CA GLU A 41 12.64 1.03 -17.22
C GLU A 41 13.01 1.38 -15.78
N SER A 42 12.02 1.55 -14.92
CA SER A 42 12.25 2.09 -13.60
C SER A 42 12.49 0.97 -12.60
N GLY A 43 12.72 -0.22 -13.13
CA GLY A 43 12.89 -1.39 -12.33
C GLY A 43 11.61 -1.89 -11.74
N CYS A 44 11.41 -3.17 -11.89
CA CYS A 44 10.33 -3.88 -11.23
C CYS A 44 10.49 -3.78 -9.74
N LEU A 45 9.39 -3.95 -9.04
CA LEU A 45 9.34 -3.78 -7.60
C LEU A 45 8.50 -4.91 -7.06
N ASN A 46 8.35 -4.97 -5.74
CA ASN A 46 7.58 -6.01 -5.02
C ASN A 46 7.66 -7.40 -5.64
N GLY A 47 8.78 -7.71 -6.28
CA GLY A 47 8.98 -9.01 -6.90
C GLY A 47 8.00 -9.27 -8.03
N GLY A 48 7.66 -8.21 -8.76
CA GLY A 48 6.69 -8.33 -9.84
C GLY A 48 7.26 -8.93 -11.12
N ARG A 49 6.75 -8.50 -12.26
CA ARG A 49 7.17 -9.05 -13.54
C ARG A 49 6.87 -8.06 -14.66
N CYS A 50 7.89 -7.73 -15.46
CA CYS A 50 7.73 -6.81 -16.58
C CYS A 50 6.78 -7.37 -17.63
N VAL A 51 5.74 -6.63 -17.96
CA VAL A 51 4.76 -7.10 -18.94
C VAL A 51 4.74 -6.19 -20.19
N ALA A 52 4.94 -4.90 -19.95
CA ALA A 52 5.01 -3.93 -21.03
C ALA A 52 6.13 -2.92 -20.71
N PRO A 53 6.53 -2.05 -21.65
CA PRO A 53 7.57 -1.03 -21.39
C PRO A 53 7.30 -0.22 -20.13
N ASN A 54 8.08 -0.51 -19.09
CA ASN A 54 8.00 0.14 -17.78
C ASN A 54 6.80 -0.37 -17.00
N ARG A 55 5.92 -1.11 -17.68
CA ARG A 55 4.80 -1.72 -17.02
C ARG A 55 5.22 -3.01 -16.41
N CYS A 56 5.64 -2.90 -15.20
CA CYS A 56 5.82 -4.06 -14.41
C CYS A 56 4.49 -4.45 -13.78
N ALA A 57 4.26 -5.73 -13.65
CA ALA A 57 3.04 -6.22 -13.04
C ALA A 57 3.31 -6.40 -11.57
N CYS A 58 2.44 -5.84 -10.76
CA CYS A 58 2.69 -5.70 -9.33
C CYS A 58 1.86 -6.67 -8.50
N THR A 59 2.56 -7.32 -7.58
CA THR A 59 2.08 -8.48 -6.85
C THR A 59 0.79 -8.25 -6.08
N TYR A 60 0.77 -7.24 -5.21
CA TYR A 60 -0.37 -7.07 -4.32
C TYR A 60 -0.15 -5.90 -3.40
N GLY A 61 -1.09 -4.99 -3.38
CA GLY A 61 -1.09 -3.96 -2.38
C GLY A 61 -0.14 -2.84 -2.68
N PHE A 62 0.12 -2.57 -3.93
CA PHE A 62 0.80 -1.33 -4.25
C PHE A 62 -0.08 -0.47 -5.13
N THR A 63 -0.37 0.72 -4.64
CA THR A 63 -1.13 1.66 -5.42
C THR A 63 -0.19 2.49 -6.25
N GLY A 64 -0.58 2.76 -7.45
CA GLY A 64 0.31 3.36 -8.38
C GLY A 64 0.93 2.30 -9.23
N PRO A 65 0.88 2.45 -10.55
CA PRO A 65 1.22 1.36 -11.45
C PRO A 65 2.72 1.05 -11.46
N GLN A 66 3.47 1.64 -10.54
CA GLN A 66 4.89 1.40 -10.43
C GLN A 66 5.22 0.78 -9.07
N CYS A 67 4.22 0.19 -8.42
CA CYS A 67 4.34 -0.50 -7.11
C CYS A 67 5.52 -0.08 -6.21
N GLU A 68 5.57 1.18 -5.83
CA GLU A 68 6.50 1.62 -4.80
C GLU A 68 5.70 2.12 -3.59
N ARG A 69 4.47 1.67 -3.56
CA ARG A 69 3.57 1.94 -2.45
C ARG A 69 3.30 0.64 -1.75
N ASP A 70 4.24 0.27 -0.89
CA ASP A 70 4.31 -1.06 -0.32
C ASP A 70 3.34 -1.22 0.85
N TYR A 71 2.10 -0.83 0.62
CA TYR A 71 1.07 -1.00 1.62
C TYR A 71 0.49 -2.41 1.47
N ARG A 72 0.89 -3.38 2.24
CA ARG A 72 0.23 -4.66 2.13
C ARG A 72 -0.96 -4.62 3.05
N THR A 73 -1.99 -5.40 2.79
CA THR A 73 -3.07 -5.49 3.74
C THR A 73 -2.74 -6.52 4.79
N GLY A 74 -3.00 -6.18 6.04
CA GLY A 74 -2.70 -7.06 7.14
C GLY A 74 -3.60 -6.78 8.33
N PRO A 75 -3.83 -7.78 9.19
CA PRO A 75 -4.55 -7.57 10.43
C PRO A 75 -3.70 -6.81 11.44
N CYS A 76 -4.25 -5.75 12.01
CA CYS A 76 -3.53 -4.97 12.99
C CYS A 76 -3.65 -5.63 14.34
N PHE A 77 -2.52 -6.09 14.84
CA PHE A 77 -2.50 -6.78 16.13
C PHE A 77 -2.17 -5.79 17.22
N THR A 78 -2.85 -5.92 18.34
CA THR A 78 -2.88 -4.85 19.31
C THR A 78 -2.06 -5.16 20.58
N VAL A 79 -1.77 -6.44 20.84
CA VAL A 79 -1.04 -6.81 22.06
C VAL A 79 -0.23 -8.07 21.81
N ILE A 80 1.09 -7.97 21.87
CA ILE A 80 1.92 -9.13 21.56
C ILE A 80 2.98 -9.44 22.58
N SER A 81 2.87 -10.61 23.12
CA SER A 81 3.99 -11.31 23.71
C SER A 81 4.17 -12.58 22.88
N ASN A 82 4.94 -13.54 23.36
CA ASN A 82 5.02 -14.84 22.67
C ASN A 82 3.66 -15.56 22.78
N GLN A 83 2.76 -14.95 23.54
CA GLN A 83 1.46 -15.54 23.84
C GLN A 83 0.44 -15.28 22.73
N MET A 84 -0.05 -14.04 22.64
CA MET A 84 -1.10 -13.70 21.68
C MET A 84 -0.71 -12.49 20.85
N CYS A 85 -1.38 -12.33 19.71
CA CYS A 85 -1.21 -11.14 18.88
C CYS A 85 -2.22 -10.05 19.24
N GLN A 86 -3.36 -10.47 19.79
CA GLN A 86 -4.31 -9.55 20.39
C GLN A 86 -5.23 -10.32 21.31
N GLY A 87 -5.92 -11.30 20.77
CA GLY A 87 -6.68 -12.23 21.60
C GLY A 87 -8.13 -12.34 21.20
N GLN A 88 -8.67 -11.27 20.58
CA GLN A 88 -10.05 -11.29 20.09
C GLN A 88 -10.08 -11.10 18.57
N LEU A 89 -8.90 -10.95 17.97
CA LEU A 89 -8.75 -10.80 16.52
C LEU A 89 -9.43 -9.51 16.02
N SER A 90 -9.27 -9.23 14.72
CA SER A 90 -9.88 -8.07 14.09
C SER A 90 -9.45 -7.97 12.62
N GLY A 91 -10.42 -7.80 11.74
CA GLY A 91 -10.13 -7.57 10.32
C GLY A 91 -9.85 -6.12 10.03
N ILE A 92 -9.20 -5.46 10.98
CA ILE A 92 -8.80 -4.09 10.79
C ILE A 92 -7.64 -4.03 9.83
N VAL A 93 -7.97 -3.61 8.63
CA VAL A 93 -6.98 -3.40 7.62
C VAL A 93 -6.53 -1.96 7.63
N SER A 94 -5.25 -1.84 7.77
CA SER A 94 -4.53 -0.59 7.88
C SER A 94 -3.15 -0.92 7.40
N THR A 95 -2.21 0.00 7.41
CA THR A 95 -0.88 -0.38 7.03
C THR A 95 -0.06 -0.61 8.27
N LYS A 96 0.99 -1.38 8.14
CA LYS A 96 1.86 -1.62 9.27
C LYS A 96 2.36 -0.30 9.82
N THR A 97 2.76 0.57 8.89
CA THR A 97 3.16 1.93 9.19
C THR A 97 2.21 2.58 10.18
N LEU A 98 0.93 2.55 9.82
CA LEU A 98 -0.11 3.09 10.69
C LEU A 98 -0.07 2.45 12.06
N CYS A 99 -0.09 1.12 12.08
CA CYS A 99 -0.14 0.38 13.34
C CYS A 99 1.12 0.60 14.19
N CYS A 100 2.27 0.91 13.57
CA CYS A 100 3.48 1.13 14.33
C CYS A 100 3.54 2.58 14.80
N ALA A 101 3.28 3.52 13.90
CA ALA A 101 3.46 4.93 14.23
C ALA A 101 2.43 5.29 15.27
N THR A 102 1.19 5.00 14.92
CA THR A 102 0.07 5.23 15.80
C THR A 102 -0.36 3.91 16.39
N VAL A 103 -0.95 3.96 17.57
CA VAL A 103 -1.37 2.78 18.31
C VAL A 103 -0.16 1.94 18.78
N GLY A 104 0.88 1.76 17.94
CA GLY A 104 2.14 1.18 18.39
C GLY A 104 2.02 -0.24 18.91
N ARG A 105 1.56 -1.16 18.09
CA ARG A 105 1.44 -2.55 18.52
C ARG A 105 2.09 -3.50 17.54
N ALA A 106 1.32 -3.98 16.56
CA ALA A 106 1.81 -4.92 15.59
C ALA A 106 0.82 -4.99 14.45
N TRP A 107 1.20 -5.62 13.35
CA TRP A 107 0.37 -5.67 12.18
C TRP A 107 0.88 -6.74 11.25
N GLY A 108 -0.02 -7.34 10.47
CA GLY A 108 0.41 -8.19 9.39
C GLY A 108 0.45 -9.66 9.74
N HIS A 109 0.95 -10.46 8.81
CA HIS A 109 0.97 -11.89 8.96
C HIS A 109 2.31 -12.47 8.51
N PRO A 110 2.87 -13.36 9.33
CA PRO A 110 2.32 -13.68 10.64
C PRO A 110 2.80 -12.72 11.72
N CYS A 111 1.84 -12.00 12.30
CA CYS A 111 2.05 -11.04 13.40
C CYS A 111 3.41 -10.32 13.35
N GLU A 112 3.44 -9.14 12.76
CA GLU A 112 4.67 -8.36 12.66
C GLU A 112 4.64 -7.29 13.74
N MET A 113 5.53 -7.39 14.71
CA MET A 113 5.46 -6.54 15.89
C MET A 113 6.44 -5.38 15.78
N CYS A 114 6.02 -4.20 16.22
CA CYS A 114 6.85 -3.01 16.07
C CYS A 114 6.68 -2.05 17.22
N PRO A 115 7.70 -1.21 17.48
CA PRO A 115 7.57 -0.08 18.38
C PRO A 115 6.56 0.92 17.87
N ALA A 116 6.17 1.84 18.73
CA ALA A 116 5.34 2.95 18.32
C ALA A 116 6.07 3.86 17.32
N GLN A 117 6.17 5.12 17.68
CA GLN A 117 6.69 6.17 16.81
C GLN A 117 8.08 5.79 16.23
N PRO A 118 8.13 5.49 14.93
CA PRO A 118 9.38 5.10 14.26
C PRO A 118 10.25 6.30 13.88
N HIS A 119 9.71 7.22 13.11
CA HIS A 119 10.43 8.41 12.72
C HIS A 119 10.32 9.46 13.81
N PRO A 120 11.29 10.36 13.92
CA PRO A 120 11.28 11.38 14.95
C PRO A 120 10.34 12.53 14.62
N CYS A 121 9.05 12.24 14.57
CA CYS A 121 8.04 13.27 14.44
C CYS A 121 7.12 13.22 15.66
N ARG A 122 5.93 12.67 15.46
CA ARG A 122 5.00 12.40 16.55
C ARG A 122 4.25 11.13 16.21
N ARG A 123 4.12 10.22 17.17
CA ARG A 123 3.48 8.92 16.94
C ARG A 123 2.26 8.99 16.03
N GLY A 124 1.41 10.00 16.21
CA GLY A 124 0.20 10.09 15.41
C GLY A 124 0.43 10.52 13.97
N PHE A 125 1.69 10.57 13.55
CA PHE A 125 2.07 11.12 12.25
C PHE A 125 2.85 10.14 11.41
N ILE A 126 2.63 10.27 10.12
CA ILE A 126 3.40 9.55 9.15
C ILE A 126 4.05 10.54 8.21
N PRO A 127 5.36 10.45 7.98
CA PRO A 127 6.05 11.33 7.04
C PRO A 127 5.53 11.14 5.62
N ASN A 128 4.89 12.18 5.10
CA ASN A 128 4.35 12.17 3.75
C ASN A 128 5.38 11.69 2.76
N ILE A 129 4.98 10.73 1.97
CA ILE A 129 5.84 10.17 0.93
C ILE A 129 5.94 11.13 -0.25
N ARG A 130 5.34 12.29 -0.10
CA ARG A 130 5.37 13.31 -1.14
C ARG A 130 6.20 14.48 -0.69
N THR A 131 5.83 15.05 0.45
CA THR A 131 6.47 16.24 0.97
C THR A 131 7.56 15.87 1.98
N GLY A 132 7.29 14.83 2.75
CA GLY A 132 8.19 14.41 3.80
C GLY A 132 7.73 14.90 5.15
N ALA A 133 6.62 15.60 5.14
CA ALA A 133 6.07 16.22 6.31
C ALA A 133 5.30 15.22 7.11
N CYS A 134 5.62 15.19 8.37
CA CYS A 134 4.91 14.41 9.34
C CYS A 134 3.46 14.87 9.41
N GLN A 135 2.55 13.99 9.01
CA GLN A 135 1.14 14.34 8.98
C GLN A 135 0.35 13.43 9.90
N ASP A 136 -0.61 14.00 10.61
CA ASP A 136 -1.40 13.24 11.57
C ASP A 136 -2.40 12.41 10.83
N VAL A 137 -2.67 11.25 11.35
CA VAL A 137 -3.64 10.40 10.77
C VAL A 137 -4.92 10.51 11.55
N ASP A 138 -6.03 10.42 10.86
CA ASP A 138 -7.26 10.21 11.55
C ASP A 138 -7.22 8.77 12.00
N GLU A 139 -6.53 8.52 13.11
CA GLU A 139 -6.31 7.17 13.59
C GLU A 139 -7.63 6.41 13.69
N CYS A 140 -8.68 7.16 14.05
CA CYS A 140 -10.06 6.65 14.06
C CYS A 140 -10.43 6.01 12.72
N GLN A 141 -10.06 6.69 11.63
CA GLN A 141 -10.45 6.29 10.29
C GLN A 141 -9.42 5.35 9.70
N ALA A 142 -8.18 5.57 10.09
CA ALA A 142 -7.05 4.92 9.49
C ALA A 142 -6.76 3.59 10.16
N ILE A 143 -7.30 3.40 11.36
CA ILE A 143 -7.22 2.13 12.05
C ILE A 143 -8.65 1.70 12.41
N PRO A 144 -9.37 1.15 11.40
CA PRO A 144 -10.80 0.83 11.49
C PRO A 144 -11.25 0.24 12.83
N GLY A 145 -12.09 1.04 13.48
CA GLY A 145 -12.73 0.62 14.71
C GLY A 145 -11.77 0.22 15.82
N LEU A 146 -10.61 0.87 15.91
CA LEU A 146 -9.67 0.57 16.98
C LEU A 146 -10.17 1.11 18.31
N CYS A 147 -11.00 2.15 18.25
CA CYS A 147 -11.55 2.75 19.46
C CYS A 147 -12.87 2.07 19.82
N GLN A 148 -12.88 1.39 20.96
CA GLN A 148 -14.06 0.69 21.42
C GLN A 148 -14.74 1.46 22.54
N GLY A 149 -15.57 2.41 22.14
CA GLY A 149 -16.32 3.18 23.12
C GLY A 149 -17.54 3.84 22.49
N GLY A 150 -17.46 5.14 22.28
CA GLY A 150 -18.56 5.86 21.68
C GLY A 150 -18.12 6.61 20.44
N ASN A 151 -17.66 7.83 20.63
CA ASN A 151 -17.18 8.65 19.51
C ASN A 151 -15.69 8.52 19.35
N CYS A 152 -15.18 8.81 18.16
CA CYS A 152 -13.75 8.85 17.94
C CYS A 152 -13.49 10.05 17.07
N ILE A 153 -12.60 10.91 17.53
CA ILE A 153 -12.37 12.19 16.91
C ILE A 153 -10.88 12.30 16.77
N ASN A 154 -10.35 13.26 16.06
CA ASN A 154 -8.92 13.23 15.87
C ASN A 154 -8.26 14.57 16.06
N THR A 155 -7.21 14.55 16.87
CA THR A 155 -6.28 15.65 16.88
C THR A 155 -4.94 15.17 16.35
N VAL A 156 -4.10 16.12 16.00
CA VAL A 156 -2.84 15.75 15.45
C VAL A 156 -1.97 15.22 16.57
N GLY A 157 -1.37 14.07 16.33
CA GLY A 157 -0.59 13.43 17.36
C GLY A 157 -1.35 12.35 18.10
N SER A 158 -2.68 12.34 18.01
CA SER A 158 -3.47 11.39 18.81
C SER A 158 -4.96 11.56 18.53
N PHE A 159 -5.72 10.51 18.67
CA PHE A 159 -7.15 10.62 18.44
C PHE A 159 -7.87 10.82 19.76
N GLU A 160 -9.08 11.33 19.70
CA GLU A 160 -9.83 11.62 20.91
C GLU A 160 -11.08 10.76 20.95
N CYS A 161 -11.19 9.91 21.95
CA CYS A 161 -12.36 9.07 22.07
C CYS A 161 -13.29 9.60 23.12
N LYS A 162 -14.56 9.69 22.77
CA LYS A 162 -15.55 10.16 23.68
C LYS A 162 -16.30 8.99 24.26
N CYS A 163 -16.26 8.92 25.57
CA CYS A 163 -16.83 7.82 26.32
C CYS A 163 -18.11 8.26 27.02
N PRO A 164 -19.11 7.37 27.13
CA PRO A 164 -20.29 7.60 27.97
C PRO A 164 -19.89 7.85 29.41
N ALA A 165 -20.75 8.52 30.15
CA ALA A 165 -20.48 8.85 31.54
C ALA A 165 -20.13 7.61 32.35
N GLY A 166 -19.25 7.78 33.32
CA GLY A 166 -18.81 6.65 34.11
C GLY A 166 -17.71 5.89 33.42
N HIS A 167 -17.70 5.91 32.10
CA HIS A 167 -16.69 5.20 31.34
C HIS A 167 -15.42 6.03 31.27
N LYS A 168 -14.32 5.36 30.92
CA LYS A 168 -12.99 5.96 30.97
C LYS A 168 -12.13 5.39 29.86
N LEU A 169 -11.69 6.22 28.93
CA LEU A 169 -10.88 5.73 27.82
C LEU A 169 -9.57 5.16 28.32
N ASN A 170 -9.29 3.95 27.91
CA ASN A 170 -8.03 3.30 28.21
C ASN A 170 -7.26 3.09 26.94
N GLU A 171 -6.28 3.94 26.69
CA GLU A 171 -5.55 3.92 25.42
C GLU A 171 -4.68 2.68 25.30
N VAL A 172 -4.58 1.93 26.38
CA VAL A 172 -3.90 0.63 26.34
C VAL A 172 -4.69 -0.36 25.50
N SER A 173 -6.00 -0.19 25.50
CA SER A 173 -6.88 -1.08 24.74
C SER A 173 -8.01 -0.28 24.09
N GLN A 174 -7.72 0.99 23.78
CA GLN A 174 -8.70 1.96 23.29
C GLN A 174 -10.12 1.70 23.80
N LYS A 175 -10.26 1.41 25.08
CA LYS A 175 -11.54 0.97 25.61
C LYS A 175 -12.15 2.00 26.56
N CYS A 176 -13.39 2.38 26.29
CA CYS A 176 -14.14 3.22 27.20
C CYS A 176 -14.87 2.33 28.20
N GLU A 177 -14.40 2.30 29.45
CA GLU A 177 -15.02 1.52 30.49
C GLU A 177 -14.60 2.09 31.84
N SER A 1 -2.88 -3.99 -43.15
CA SER A 1 -1.73 -4.01 -44.09
C SER A 1 -1.55 -5.40 -44.66
N ALA A 2 -1.03 -5.49 -45.88
CA ALA A 2 -0.78 -6.77 -46.51
C ALA A 2 0.63 -6.81 -47.08
N SER A 3 1.58 -7.18 -46.23
CA SER A 3 2.97 -7.30 -46.63
C SER A 3 3.17 -8.43 -47.63
N ARG A 4 3.50 -8.06 -48.86
CA ARG A 4 3.76 -9.03 -49.91
C ARG A 4 5.00 -9.84 -49.60
N SER A 5 6.06 -9.15 -49.18
CA SER A 5 7.32 -9.79 -48.80
C SER A 5 7.88 -10.64 -49.94
N ILE A 6 8.62 -10.00 -50.84
CA ILE A 6 9.29 -10.71 -51.93
C ILE A 6 10.28 -11.72 -51.35
N GLN A 7 11.19 -11.21 -50.55
CA GLN A 7 12.16 -12.04 -49.87
C GLN A 7 11.70 -12.26 -48.44
N HIS A 8 10.97 -13.35 -48.22
CA HIS A 8 10.50 -13.71 -46.88
C HIS A 8 11.67 -13.93 -45.95
N CYS A 9 11.60 -13.32 -44.78
CA CYS A 9 12.67 -13.39 -43.81
C CYS A 9 12.70 -14.75 -43.12
N ASN A 10 13.58 -14.92 -42.16
CA ASN A 10 13.76 -16.20 -41.51
C ASN A 10 13.02 -16.23 -40.21
N ILE A 11 13.39 -15.29 -39.37
CA ILE A 11 12.98 -15.27 -37.99
C ILE A 11 11.51 -14.91 -37.77
N ARG A 12 11.14 -14.83 -36.49
CA ARG A 12 9.77 -14.65 -36.07
C ARG A 12 9.65 -13.53 -35.05
N CYS A 13 8.71 -12.61 -35.28
CA CYS A 13 8.61 -11.42 -34.45
C CYS A 13 7.28 -11.36 -33.71
N MET A 14 7.32 -10.93 -32.45
CA MET A 14 6.13 -10.65 -31.67
C MET A 14 6.29 -9.27 -31.05
N ASN A 15 5.28 -8.82 -30.30
CA ASN A 15 5.39 -7.60 -29.51
C ASN A 15 5.53 -6.39 -30.40
N GLY A 16 4.59 -6.26 -31.35
CA GLY A 16 4.57 -5.15 -32.28
C GLY A 16 5.81 -5.04 -33.11
N GLY A 17 6.40 -6.18 -33.44
CA GLY A 17 7.60 -6.18 -34.24
C GLY A 17 7.37 -6.80 -35.61
N SER A 18 7.79 -6.10 -36.65
CA SER A 18 7.70 -6.62 -38.00
C SER A 18 9.03 -7.30 -38.39
N CYS A 19 8.95 -8.35 -39.19
CA CYS A 19 10.15 -9.06 -39.59
C CYS A 19 10.64 -8.57 -40.95
N SER A 20 11.89 -8.12 -41.00
CA SER A 20 12.49 -7.67 -42.24
C SER A 20 13.95 -8.09 -42.30
N ASP A 21 14.41 -8.55 -43.47
CA ASP A 21 15.83 -8.84 -43.74
C ASP A 21 16.42 -9.96 -42.86
N ASP A 22 15.65 -10.40 -41.83
CA ASP A 22 16.01 -11.47 -40.90
C ASP A 22 16.30 -10.83 -39.55
N HIS A 23 15.51 -9.83 -39.23
CA HIS A 23 15.59 -9.13 -37.96
C HIS A 23 14.25 -8.46 -37.67
N CYS A 24 13.95 -8.25 -36.41
CA CYS A 24 12.66 -7.73 -36.04
C CYS A 24 12.70 -6.24 -35.73
N LEU A 25 11.75 -5.52 -36.30
CA LEU A 25 11.59 -4.11 -36.01
C LEU A 25 10.67 -3.94 -34.81
N CYS A 26 11.29 -3.87 -33.66
CA CYS A 26 10.60 -3.91 -32.38
C CYS A 26 9.86 -2.61 -32.11
N GLN A 27 8.77 -2.72 -31.35
CA GLN A 27 8.12 -1.56 -30.78
C GLN A 27 9.09 -0.89 -29.84
N LYS A 28 9.09 0.43 -29.82
CA LYS A 28 10.04 1.16 -29.02
C LYS A 28 9.87 0.86 -27.55
N GLY A 29 10.89 0.21 -27.04
CA GLY A 29 10.88 -0.21 -25.67
C GLY A 29 10.93 -1.72 -25.56
N TYR A 30 11.09 -2.39 -26.69
CA TYR A 30 11.28 -3.83 -26.70
C TYR A 30 12.61 -4.17 -27.36
N ILE A 31 13.24 -5.23 -26.88
CA ILE A 31 14.53 -5.64 -27.39
C ILE A 31 14.57 -7.16 -27.56
N GLY A 32 15.75 -7.67 -27.89
CA GLY A 32 15.91 -9.07 -28.19
C GLY A 32 15.70 -9.36 -29.67
N THR A 33 15.89 -10.60 -30.08
CA THR A 33 15.78 -10.97 -31.48
C THR A 33 14.33 -11.02 -31.95
N HIS A 34 13.43 -11.41 -31.05
CA HIS A 34 12.00 -11.49 -31.40
C HIS A 34 11.20 -10.40 -30.71
N CYS A 35 11.92 -9.39 -30.19
CA CYS A 35 11.31 -8.20 -29.58
C CYS A 35 10.49 -8.58 -28.35
N GLY A 36 10.88 -9.63 -27.67
CA GLY A 36 10.07 -10.12 -26.58
C GLY A 36 10.54 -9.63 -25.23
N GLN A 37 11.57 -8.78 -25.21
CA GLN A 37 12.10 -8.27 -23.95
C GLN A 37 11.77 -6.78 -23.80
N PRO A 38 10.78 -6.43 -22.97
CA PRO A 38 10.40 -5.03 -22.74
C PRO A 38 11.36 -4.30 -21.80
N VAL A 39 11.50 -3.00 -22.01
CA VAL A 39 12.46 -2.20 -21.28
C VAL A 39 11.95 -1.83 -19.89
N CYS A 40 12.50 -2.49 -18.91
CA CYS A 40 12.25 -2.17 -17.52
C CYS A 40 13.12 -0.99 -17.09
N GLU A 41 12.63 0.20 -17.40
CA GLU A 41 13.35 1.44 -17.17
C GLU A 41 13.88 1.60 -15.75
N SER A 42 12.97 1.69 -14.79
CA SER A 42 13.34 2.11 -13.46
C SER A 42 13.56 0.91 -12.56
N GLY A 43 13.58 -0.27 -13.17
CA GLY A 43 13.66 -1.49 -12.43
C GLY A 43 12.33 -1.91 -11.87
N CYS A 44 12.02 -3.15 -12.09
CA CYS A 44 10.85 -3.78 -11.51
C CYS A 44 11.09 -4.00 -10.03
N LEU A 45 10.03 -4.16 -9.25
CA LEU A 45 10.13 -4.11 -7.81
C LEU A 45 9.22 -5.14 -7.17
N ASN A 46 9.47 -5.40 -5.89
CA ASN A 46 8.89 -6.54 -5.17
C ASN A 46 9.15 -7.85 -5.93
N GLY A 47 10.18 -7.87 -6.76
CA GLY A 47 10.40 -9.02 -7.61
C GLY A 47 9.29 -9.22 -8.60
N GLY A 48 8.77 -8.11 -9.15
CA GLY A 48 7.70 -8.19 -10.12
C GLY A 48 8.17 -8.77 -11.46
N ARG A 49 7.53 -8.38 -12.53
CA ARG A 49 7.83 -8.96 -13.83
C ARG A 49 7.56 -7.97 -14.97
N CYS A 50 8.59 -7.62 -15.73
CA CYS A 50 8.44 -6.76 -16.89
C CYS A 50 7.41 -7.30 -17.88
N VAL A 51 6.42 -6.49 -18.23
CA VAL A 51 5.40 -6.89 -19.20
C VAL A 51 5.44 -5.97 -20.43
N ALA A 52 5.65 -4.69 -20.22
CA ALA A 52 5.71 -3.72 -21.30
C ALA A 52 6.83 -2.72 -20.99
N PRO A 53 7.20 -1.83 -21.93
CA PRO A 53 8.19 -0.79 -21.65
C PRO A 53 7.82 0.03 -20.41
N ASN A 54 8.62 -0.16 -19.35
CA ASN A 54 8.45 0.53 -18.06
C ASN A 54 7.31 -0.11 -17.27
N ARG A 55 6.51 -0.92 -17.93
CA ARG A 55 5.40 -1.59 -17.29
C ARG A 55 5.85 -2.87 -16.67
N CYS A 56 6.29 -2.77 -15.44
CA CYS A 56 6.50 -3.95 -14.64
C CYS A 56 5.17 -4.37 -14.04
N ALA A 57 4.99 -5.66 -13.90
CA ALA A 57 3.82 -6.19 -13.24
C ALA A 57 4.12 -6.31 -11.77
N CYS A 58 3.35 -5.59 -10.96
CA CYS A 58 3.63 -5.46 -9.53
C CYS A 58 2.80 -6.43 -8.71
N THR A 59 3.47 -7.15 -7.83
CA THR A 59 2.92 -8.31 -7.16
C THR A 59 1.59 -8.06 -6.43
N TYR A 60 1.54 -7.12 -5.50
CA TYR A 60 0.35 -7.02 -4.65
C TYR A 60 0.20 -5.64 -4.04
N GLY A 61 0.84 -5.43 -2.90
CA GLY A 61 0.54 -4.29 -2.08
C GLY A 61 1.37 -3.09 -2.40
N PHE A 62 1.54 -2.79 -3.66
CA PHE A 62 2.20 -1.56 -4.03
C PHE A 62 1.28 -0.69 -4.82
N THR A 63 1.19 0.55 -4.39
CA THR A 63 0.39 1.49 -5.10
C THR A 63 1.30 2.39 -5.90
N GLY A 64 0.86 2.73 -7.08
CA GLY A 64 1.73 3.36 -8.03
C GLY A 64 2.31 2.29 -8.92
N PRO A 65 2.16 2.41 -10.24
CA PRO A 65 2.43 1.30 -11.14
C PRO A 65 3.93 1.01 -11.30
N GLN A 66 4.72 1.47 -10.34
CA GLN A 66 6.14 1.20 -10.34
C GLN A 66 6.53 0.50 -9.03
N CYS A 67 5.53 -0.01 -8.30
CA CYS A 67 5.71 -0.76 -7.05
C CYS A 67 6.94 -0.42 -6.20
N GLU A 68 7.11 0.84 -5.82
CA GLU A 68 8.09 1.17 -4.81
C GLU A 68 7.37 1.62 -3.55
N ARG A 69 6.13 1.20 -3.45
CA ARG A 69 5.31 1.47 -2.28
C ARG A 69 4.97 0.17 -1.61
N ASP A 70 5.88 -0.25 -0.73
CA ASP A 70 5.84 -1.58 -0.17
C ASP A 70 4.93 -1.65 1.05
N TYR A 71 3.73 -1.12 0.88
CA TYR A 71 2.72 -1.16 1.92
C TYR A 71 1.97 -2.50 1.79
N ARG A 72 2.34 -3.53 2.52
CA ARG A 72 1.60 -4.77 2.41
C ARG A 72 0.29 -4.64 3.20
N THR A 73 -0.68 -5.49 2.95
CA THR A 73 -1.92 -5.43 3.70
C THR A 73 -1.88 -6.42 4.87
N GLY A 74 -2.37 -6.00 6.03
CA GLY A 74 -2.35 -6.85 7.20
C GLY A 74 -3.37 -6.42 8.23
N PRO A 75 -3.72 -7.31 9.18
CA PRO A 75 -4.58 -6.97 10.31
C PRO A 75 -3.79 -6.30 11.44
N CYS A 76 -4.42 -5.34 12.11
CA CYS A 76 -3.76 -4.62 13.20
C CYS A 76 -4.14 -5.23 14.55
N PHE A 77 -3.14 -5.78 15.24
CA PHE A 77 -3.34 -6.37 16.55
C PHE A 77 -3.01 -5.36 17.63
N THR A 78 -3.69 -5.46 18.78
CA THR A 78 -3.63 -4.39 19.76
C THR A 78 -3.01 -4.83 21.11
N VAL A 79 -2.86 -6.14 21.36
CA VAL A 79 -2.36 -6.57 22.68
C VAL A 79 -1.52 -7.83 22.54
N ILE A 80 -0.21 -7.76 22.81
CA ILE A 80 0.63 -8.93 22.56
C ILE A 80 1.59 -9.26 23.68
N SER A 81 1.43 -10.43 24.22
CA SER A 81 2.49 -11.13 24.90
C SER A 81 2.80 -12.39 24.11
N ASN A 82 3.55 -13.33 24.66
CA ASN A 82 3.73 -14.63 24.00
C ASN A 82 2.41 -15.40 24.01
N GLN A 83 1.43 -14.83 24.70
CA GLN A 83 0.11 -15.43 24.85
C GLN A 83 -0.66 -15.33 23.53
N MET A 84 -1.13 -14.12 23.21
CA MET A 84 -1.84 -13.86 21.97
C MET A 84 -1.59 -12.43 21.52
N CYS A 85 -1.83 -12.16 20.25
CA CYS A 85 -1.67 -10.83 19.71
C CYS A 85 -2.98 -10.04 19.84
N GLN A 86 -4.08 -10.79 20.01
CA GLN A 86 -5.39 -10.26 20.34
C GLN A 86 -6.41 -11.36 20.12
N GLY A 87 -6.85 -11.44 18.88
CA GLY A 87 -7.67 -12.55 18.46
C GLY A 87 -8.93 -12.04 17.83
N GLN A 88 -9.34 -10.85 18.25
CA GLN A 88 -10.38 -10.09 17.57
C GLN A 88 -9.75 -9.36 16.39
N LEU A 89 -9.35 -10.12 15.38
CA LEU A 89 -8.65 -9.56 14.22
C LEU A 89 -9.55 -8.60 13.46
N SER A 90 -8.95 -7.54 12.97
CA SER A 90 -9.67 -6.49 12.30
C SER A 90 -9.29 -6.42 10.83
N GLY A 91 -10.28 -6.14 9.98
CA GLY A 91 -10.04 -6.01 8.55
C GLY A 91 -9.55 -4.64 8.19
N ILE A 92 -8.99 -3.94 9.16
CA ILE A 92 -8.31 -2.70 8.92
C ILE A 92 -7.16 -2.94 7.95
N VAL A 93 -7.37 -2.64 6.69
CA VAL A 93 -6.26 -2.69 5.79
C VAL A 93 -5.56 -1.34 5.83
N SER A 94 -4.57 -1.35 6.66
CA SER A 94 -3.70 -0.24 6.91
C SER A 94 -2.31 -0.81 6.89
N THR A 95 -1.30 0.00 7.10
CA THR A 95 0.04 -0.52 7.02
C THR A 95 0.64 -0.75 8.38
N LYS A 96 1.73 -1.47 8.37
CA LYS A 96 2.51 -1.66 9.57
C LYS A 96 3.01 -0.33 10.08
N THR A 97 3.45 0.49 9.14
CA THR A 97 3.88 1.86 9.42
C THR A 97 2.89 2.52 10.32
N LEU A 98 1.66 2.42 9.86
CA LEU A 98 0.55 3.07 10.50
C LEU A 98 0.34 2.53 11.90
N CYS A 99 0.32 1.19 12.03
CA CYS A 99 0.07 0.59 13.32
C CYS A 99 1.23 0.82 14.27
N CYS A 100 2.43 1.09 13.72
CA CYS A 100 3.56 1.48 14.53
C CYS A 100 3.49 2.96 14.89
N ALA A 101 3.18 3.84 13.91
CA ALA A 101 3.27 5.28 14.17
C ALA A 101 2.18 5.64 15.16
N THR A 102 0.98 5.23 14.81
CA THR A 102 -0.18 5.43 15.64
C THR A 102 -0.58 4.13 16.29
N VAL A 103 -1.22 4.22 17.45
CA VAL A 103 -1.68 3.07 18.22
C VAL A 103 -0.52 2.23 18.78
N GLY A 104 0.51 1.95 17.97
CA GLY A 104 1.70 1.29 18.47
C GLY A 104 1.44 -0.02 19.17
N ARG A 105 0.85 -0.98 18.46
CA ARG A 105 0.62 -2.30 19.05
C ARG A 105 1.21 -3.39 18.17
N ALA A 106 0.57 -3.74 17.05
CA ALA A 106 1.15 -4.69 16.10
C ALA A 106 0.31 -4.72 14.84
N TRP A 107 0.86 -5.27 13.76
CA TRP A 107 0.19 -5.31 12.49
C TRP A 107 0.81 -6.40 11.64
N GLY A 108 -0.01 -7.10 10.87
CA GLY A 108 0.53 -8.03 9.90
C GLY A 108 0.38 -9.48 10.28
N HIS A 109 0.84 -10.35 9.39
CA HIS A 109 0.71 -11.79 9.60
C HIS A 109 2.02 -12.49 9.26
N PRO A 110 2.48 -13.40 10.13
CA PRO A 110 1.85 -13.68 11.40
C PRO A 110 2.39 -12.79 12.52
N CYS A 111 1.51 -11.99 13.11
CA CYS A 111 1.84 -11.14 14.26
C CYS A 111 3.16 -10.38 14.10
N GLU A 112 3.11 -9.20 13.50
CA GLU A 112 4.30 -8.37 13.43
C GLU A 112 4.14 -7.20 14.40
N MET A 113 4.89 -7.25 15.49
CA MET A 113 4.66 -6.39 16.61
C MET A 113 5.14 -4.97 16.33
N CYS A 114 4.42 -3.98 16.83
CA CYS A 114 4.71 -2.58 16.53
C CYS A 114 4.96 -1.76 17.78
N PRO A 115 6.14 -1.14 17.88
CA PRO A 115 6.35 -0.01 18.76
C PRO A 115 5.47 1.14 18.35
N ALA A 116 5.36 2.13 19.21
CA ALA A 116 4.86 3.40 18.78
C ALA A 116 5.82 4.05 17.77
N GLN A 117 5.93 5.33 17.91
CA GLN A 117 6.60 6.20 16.94
C GLN A 117 8.03 5.70 16.60
N PRO A 118 8.21 5.12 15.40
CA PRO A 118 9.51 4.58 14.95
C PRO A 118 10.56 5.66 14.70
N HIS A 119 10.24 6.59 13.82
CA HIS A 119 11.18 7.65 13.47
C HIS A 119 10.87 8.87 14.30
N PRO A 120 11.81 9.83 14.40
CA PRO A 120 11.56 11.10 15.08
C PRO A 120 10.48 11.93 14.38
N CYS A 121 9.25 11.60 14.69
CA CYS A 121 8.07 12.28 14.19
C CYS A 121 6.93 12.01 15.15
N ARG A 122 5.96 12.92 15.25
CA ARG A 122 4.88 12.75 16.21
C ARG A 122 4.07 11.51 15.87
N ARG A 123 3.82 10.68 16.88
CA ARG A 123 3.14 9.39 16.71
C ARG A 123 1.99 9.44 15.68
N GLY A 124 1.15 10.45 15.76
CA GLY A 124 -0.04 10.51 14.93
C GLY A 124 0.25 10.83 13.47
N PHE A 125 1.51 10.88 13.09
CA PHE A 125 1.87 11.35 11.76
C PHE A 125 2.65 10.32 10.97
N ILE A 126 2.48 10.41 9.66
CA ILE A 126 3.30 9.66 8.74
C ILE A 126 3.92 10.65 7.77
N PRO A 127 5.27 10.70 7.70
CA PRO A 127 5.99 11.57 6.78
C PRO A 127 5.57 11.37 5.33
N ASN A 128 4.98 12.40 4.75
CA ASN A 128 4.54 12.39 3.37
C ASN A 128 5.65 11.93 2.45
N ILE A 129 5.28 11.10 1.50
CA ILE A 129 6.22 10.50 0.57
C ILE A 129 6.77 11.53 -0.41
N ARG A 130 6.10 12.65 -0.51
CA ARG A 130 6.44 13.67 -1.49
C ARG A 130 7.24 14.77 -0.83
N THR A 131 6.59 15.44 0.12
CA THR A 131 7.18 16.56 0.80
C THR A 131 8.13 16.09 1.88
N GLY A 132 7.71 15.04 2.57
CA GLY A 132 8.49 14.49 3.64
C GLY A 132 7.99 15.01 4.97
N ALA A 133 6.85 15.69 4.91
CA ALA A 133 6.26 16.30 6.07
C ALA A 133 5.30 15.35 6.73
N CYS A 134 5.54 15.18 8.00
CA CYS A 134 4.65 14.44 8.86
C CYS A 134 3.22 14.94 8.73
N GLN A 135 2.33 14.06 8.36
CA GLN A 135 0.92 14.38 8.28
C GLN A 135 0.15 13.48 9.22
N ASP A 136 -0.74 14.06 10.01
CA ASP A 136 -1.43 13.29 11.04
C ASP A 136 -2.50 12.46 10.40
N VAL A 137 -2.79 11.32 10.99
CA VAL A 137 -3.75 10.44 10.44
C VAL A 137 -5.04 10.60 11.18
N ASP A 138 -6.12 10.47 10.45
CA ASP A 138 -7.41 10.34 11.06
C ASP A 138 -7.47 8.95 11.68
N GLU A 139 -6.79 8.79 12.82
CA GLU A 139 -6.55 7.49 13.43
C GLU A 139 -7.88 6.74 13.62
N CYS A 140 -8.91 7.49 13.97
CA CYS A 140 -10.28 6.96 14.10
C CYS A 140 -10.71 6.17 12.86
N GLN A 141 -10.28 6.63 11.69
CA GLN A 141 -10.66 6.04 10.42
C GLN A 141 -9.54 5.14 9.91
N ALA A 142 -8.33 5.59 10.14
CA ALA A 142 -7.13 4.93 9.69
C ALA A 142 -6.91 3.64 10.47
N ILE A 143 -7.58 3.54 11.62
CA ILE A 143 -7.58 2.31 12.41
C ILE A 143 -9.02 2.04 12.86
N PRO A 144 -9.88 1.61 11.93
CA PRO A 144 -11.31 1.49 12.18
C PRO A 144 -11.64 0.49 13.27
N GLY A 145 -12.36 0.96 14.25
CA GLY A 145 -12.78 0.14 15.35
C GLY A 145 -11.87 0.20 16.54
N LEU A 146 -10.73 0.91 16.44
CA LEU A 146 -9.80 0.92 17.56
C LEU A 146 -10.40 1.67 18.75
N CYS A 147 -11.10 2.77 18.46
CA CYS A 147 -11.81 3.49 19.50
C CYS A 147 -13.28 3.58 19.12
N GLN A 148 -13.96 2.45 19.17
CA GLN A 148 -15.36 2.38 18.80
C GLN A 148 -16.21 2.19 20.05
N GLY A 149 -15.61 2.45 21.20
CA GLY A 149 -16.33 2.36 22.46
C GLY A 149 -17.04 3.65 22.80
N GLY A 150 -16.82 4.66 21.97
CA GLY A 150 -17.47 5.93 22.16
C GLY A 150 -17.27 6.83 20.97
N ASN A 151 -17.00 8.10 21.22
CA ASN A 151 -16.73 9.04 20.12
C ASN A 151 -15.24 9.03 19.81
N CYS A 152 -14.91 9.43 18.60
CA CYS A 152 -13.53 9.48 18.17
C CYS A 152 -13.36 10.67 17.23
N ILE A 153 -12.42 11.52 17.58
CA ILE A 153 -12.20 12.75 16.87
C ILE A 153 -10.73 12.81 16.57
N ASN A 154 -10.27 13.68 15.71
CA ASN A 154 -8.85 13.64 15.41
C ASN A 154 -8.17 14.97 15.45
N THR A 155 -7.19 15.06 16.30
CA THR A 155 -6.27 16.16 16.25
C THR A 155 -4.95 15.70 15.67
N VAL A 156 -4.19 16.66 15.20
CA VAL A 156 -2.89 16.34 14.70
C VAL A 156 -1.98 16.01 15.88
N GLY A 157 -1.43 14.81 15.89
CA GLY A 157 -0.74 14.34 17.07
C GLY A 157 -1.41 13.15 17.72
N SER A 158 -2.74 13.04 17.62
CA SER A 158 -3.48 12.05 18.39
C SER A 158 -4.97 12.13 18.07
N PHE A 159 -5.71 11.12 18.43
CA PHE A 159 -7.16 11.19 18.27
C PHE A 159 -7.81 11.40 19.61
N GLU A 160 -8.96 12.01 19.59
CA GLU A 160 -9.66 12.36 20.81
C GLU A 160 -10.86 11.46 20.98
N CYS A 161 -10.87 10.70 22.05
CA CYS A 161 -11.98 9.80 22.30
C CYS A 161 -12.85 10.34 23.41
N LYS A 162 -14.06 9.84 23.44
CA LYS A 162 -14.99 10.19 24.48
C LYS A 162 -15.75 8.96 24.94
N CYS A 163 -15.67 8.68 26.22
CA CYS A 163 -16.25 7.49 26.81
C CYS A 163 -17.59 7.78 27.45
N PRO A 164 -18.57 6.89 27.24
CA PRO A 164 -19.85 6.93 27.95
C PRO A 164 -19.63 7.06 29.46
N ALA A 165 -20.59 7.65 30.15
CA ALA A 165 -20.51 7.88 31.58
C ALA A 165 -20.10 6.63 32.32
N GLY A 166 -19.16 6.79 33.23
CA GLY A 166 -18.67 5.68 34.00
C GLY A 166 -17.51 5.00 33.30
N HIS A 167 -17.57 4.93 31.98
CA HIS A 167 -16.53 4.29 31.21
C HIS A 167 -15.25 5.11 31.21
N LYS A 168 -14.14 4.44 30.97
CA LYS A 168 -12.82 5.05 31.01
C LYS A 168 -11.96 4.50 29.89
N LEU A 169 -11.35 5.40 29.12
CA LEU A 169 -10.57 4.99 27.95
C LEU A 169 -9.40 4.10 28.35
N ASN A 170 -9.34 2.94 27.74
CA ASN A 170 -8.29 1.99 28.00
C ASN A 170 -7.43 1.89 26.74
N GLU A 171 -6.33 2.63 26.72
CA GLU A 171 -5.47 2.71 25.54
C GLU A 171 -4.84 1.36 25.22
N VAL A 172 -4.88 0.45 26.17
CA VAL A 172 -4.44 -0.93 25.95
C VAL A 172 -5.23 -1.56 24.80
N SER A 173 -6.47 -1.11 24.63
CA SER A 173 -7.32 -1.59 23.56
C SER A 173 -8.17 -0.44 22.99
N GLN A 174 -7.65 0.79 23.12
CA GLN A 174 -8.41 2.03 22.91
C GLN A 174 -9.91 1.89 23.17
N LYS A 175 -10.27 1.19 24.25
CA LYS A 175 -11.67 0.89 24.51
C LYS A 175 -12.17 1.55 25.77
N CYS A 176 -13.35 2.13 25.69
CA CYS A 176 -13.98 2.77 26.83
C CYS A 176 -14.79 1.77 27.63
N GLU A 177 -14.35 1.47 28.84
CA GLU A 177 -15.05 0.58 29.71
C GLU A 177 -14.56 0.81 31.13
N SER A 1 -6.62 -19.82 -52.26
CA SER A 1 -5.82 -18.86 -51.47
C SER A 1 -5.71 -19.31 -50.02
N ALA A 2 -6.54 -20.28 -49.62
CA ALA A 2 -6.50 -20.81 -48.26
C ALA A 2 -5.20 -21.55 -48.02
N SER A 3 -4.71 -22.21 -49.05
CA SER A 3 -3.44 -22.91 -49.00
C SER A 3 -2.36 -22.09 -49.71
N ARG A 4 -2.33 -20.79 -49.40
CA ARG A 4 -1.39 -19.86 -50.02
C ARG A 4 0.05 -20.28 -49.77
N SER A 5 0.88 -20.07 -50.77
CA SER A 5 2.28 -20.45 -50.70
C SER A 5 3.08 -19.37 -49.98
N ILE A 6 2.54 -18.16 -49.98
CA ILE A 6 3.17 -17.04 -49.29
C ILE A 6 2.58 -16.86 -47.90
N GLN A 7 3.43 -17.00 -46.89
CA GLN A 7 3.03 -16.74 -45.52
C GLN A 7 3.34 -15.29 -45.17
N HIS A 8 2.41 -14.65 -44.46
CA HIS A 8 2.52 -13.21 -44.21
C HIS A 8 3.30 -12.92 -42.93
N CYS A 9 3.69 -13.96 -42.21
CA CYS A 9 4.50 -13.78 -41.02
C CYS A 9 5.46 -14.95 -40.82
N ASN A 10 6.60 -14.66 -40.22
CA ASN A 10 7.62 -15.64 -39.96
C ASN A 10 7.66 -15.97 -38.50
N ILE A 11 7.73 -14.92 -37.71
CA ILE A 11 7.92 -15.05 -36.27
C ILE A 11 6.58 -15.23 -35.53
N ARG A 12 6.62 -14.98 -34.23
CA ARG A 12 5.44 -15.07 -33.38
C ARG A 12 5.28 -13.81 -32.57
N CYS A 13 4.07 -13.30 -32.49
CA CYS A 13 3.80 -12.04 -31.81
C CYS A 13 2.87 -12.23 -30.62
N MET A 14 3.00 -11.34 -29.63
CA MET A 14 2.17 -11.38 -28.43
C MET A 14 1.66 -9.98 -28.12
N ASN A 15 0.68 -9.89 -27.22
CA ASN A 15 0.20 -8.60 -26.68
C ASN A 15 -0.38 -7.69 -27.77
N GLY A 16 -1.31 -8.22 -28.54
CA GLY A 16 -1.96 -7.42 -29.56
C GLY A 16 -0.99 -6.96 -30.64
N GLY A 17 0.03 -7.77 -30.89
CA GLY A 17 0.98 -7.46 -31.92
C GLY A 17 0.67 -8.22 -33.19
N SER A 18 0.53 -7.52 -34.29
CA SER A 18 0.22 -8.15 -35.55
C SER A 18 1.46 -8.87 -36.10
N CYS A 19 1.29 -10.14 -36.38
CA CYS A 19 2.36 -10.96 -36.92
C CYS A 19 2.55 -10.65 -38.39
N SER A 20 3.55 -9.84 -38.70
CA SER A 20 3.80 -9.43 -40.08
C SER A 20 5.27 -9.63 -40.43
N ASP A 21 5.52 -10.41 -41.48
CA ASP A 21 6.87 -10.72 -41.91
C ASP A 21 7.74 -11.20 -40.76
N ASP A 22 8.74 -10.42 -40.40
CA ASP A 22 9.70 -10.81 -39.38
C ASP A 22 9.72 -9.77 -38.26
N HIS A 23 8.54 -9.28 -37.93
CA HIS A 23 8.40 -8.29 -36.87
C HIS A 23 6.95 -8.16 -36.46
N CYS A 24 6.72 -7.48 -35.34
CA CYS A 24 5.40 -7.38 -34.79
C CYS A 24 4.89 -5.95 -34.77
N LEU A 25 3.74 -5.74 -35.39
CA LEU A 25 3.08 -4.44 -35.34
C LEU A 25 2.21 -4.34 -34.10
N CYS A 26 2.76 -3.72 -33.09
CA CYS A 26 2.20 -3.70 -31.76
C CYS A 26 1.02 -2.74 -31.66
N GLN A 27 0.10 -3.04 -30.74
CA GLN A 27 -0.97 -2.12 -30.39
C GLN A 27 -0.40 -1.05 -29.46
N LYS A 28 -1.09 0.09 -29.39
CA LYS A 28 -0.54 1.22 -28.68
C LYS A 28 -0.46 0.97 -27.20
N GLY A 29 0.77 0.88 -26.78
CA GLY A 29 1.08 0.64 -25.40
C GLY A 29 1.98 -0.55 -25.25
N TYR A 30 2.33 -1.17 -26.36
CA TYR A 30 3.28 -2.26 -26.33
C TYR A 30 4.52 -1.96 -27.15
N ILE A 31 5.67 -2.33 -26.61
CA ILE A 31 6.95 -2.07 -27.23
C ILE A 31 7.81 -3.33 -27.21
N GLY A 32 9.06 -3.17 -27.66
CA GLY A 32 9.95 -4.30 -27.81
C GLY A 32 9.88 -4.89 -29.20
N THR A 33 10.53 -6.03 -29.38
CA THR A 33 10.57 -6.72 -30.66
C THR A 33 9.26 -7.46 -30.95
N HIS A 34 8.75 -8.17 -29.95
CA HIS A 34 7.56 -8.98 -30.12
C HIS A 34 6.38 -8.40 -29.36
N CYS A 35 6.47 -7.10 -29.06
CA CYS A 35 5.43 -6.39 -28.32
C CYS A 35 5.33 -6.91 -26.89
N GLY A 36 6.44 -7.42 -26.38
CA GLY A 36 6.43 -8.08 -25.10
C GLY A 36 6.57 -7.14 -23.92
N GLN A 37 6.77 -5.84 -24.17
CA GLN A 37 6.88 -4.90 -23.05
C GLN A 37 5.76 -3.87 -23.11
N PRO A 38 4.83 -3.95 -22.15
CA PRO A 38 3.72 -3.00 -22.04
C PRO A 38 4.13 -1.71 -21.35
N VAL A 39 3.48 -0.62 -21.72
CA VAL A 39 3.87 0.69 -21.27
C VAL A 39 3.28 0.99 -19.89
N CYS A 40 4.12 0.91 -18.87
CA CYS A 40 3.75 1.34 -17.53
C CYS A 40 3.88 2.85 -17.41
N GLU A 41 2.78 3.54 -17.77
CA GLU A 41 2.80 4.99 -17.93
C GLU A 41 3.24 5.76 -16.69
N SER A 42 2.60 5.51 -15.56
CA SER A 42 2.79 6.35 -14.39
C SER A 42 3.84 5.77 -13.46
N GLY A 43 4.61 4.85 -14.00
CA GLY A 43 5.64 4.19 -13.26
C GLY A 43 5.12 3.12 -12.34
N CYS A 44 5.74 1.99 -12.46
CA CYS A 44 5.51 0.88 -11.56
C CYS A 44 6.24 1.13 -10.24
N LEU A 45 5.68 0.56 -9.18
CA LEU A 45 6.10 0.91 -7.83
C LEU A 45 5.98 -0.27 -6.89
N ASN A 46 6.59 -0.10 -5.72
CA ASN A 46 6.89 -1.19 -4.80
C ASN A 46 7.57 -2.36 -5.52
N GLY A 47 8.25 -2.05 -6.61
CA GLY A 47 8.86 -3.08 -7.43
C GLY A 47 7.84 -3.97 -8.11
N GLY A 48 6.73 -3.38 -8.55
CA GLY A 48 5.70 -4.13 -9.27
C GLY A 48 6.16 -4.59 -10.63
N ARG A 49 5.24 -4.73 -11.56
CA ARG A 49 5.58 -5.21 -12.89
C ARG A 49 4.52 -4.78 -13.92
N CYS A 50 4.96 -4.14 -14.99
CA CYS A 50 4.07 -3.75 -16.09
C CYS A 50 3.56 -4.99 -16.80
N VAL A 51 2.25 -5.19 -16.83
CA VAL A 51 1.68 -6.35 -17.51
C VAL A 51 0.96 -5.91 -18.78
N ALA A 52 0.18 -4.83 -18.69
CA ALA A 52 -0.45 -4.25 -19.86
C ALA A 52 -0.27 -2.73 -19.84
N PRO A 53 -0.61 -2.01 -20.92
CA PRO A 53 -0.46 -0.54 -20.97
C PRO A 53 -1.17 0.16 -19.81
N ASN A 54 -0.36 0.73 -18.91
CA ASN A 54 -0.84 1.44 -17.72
C ASN A 54 -1.43 0.46 -16.70
N ARG A 55 -1.45 -0.81 -17.07
CA ARG A 55 -1.78 -1.85 -16.14
C ARG A 55 -0.51 -2.39 -15.53
N CYS A 56 -0.11 -1.78 -14.46
CA CYS A 56 0.96 -2.32 -13.70
C CYS A 56 0.41 -3.22 -12.61
N ALA A 57 1.08 -4.33 -12.41
CA ALA A 57 0.70 -5.25 -11.37
C ALA A 57 1.43 -4.87 -10.10
N CYS A 58 0.67 -4.31 -9.18
CA CYS A 58 1.21 -3.72 -7.98
C CYS A 58 1.43 -4.76 -6.89
N THR A 59 2.58 -4.69 -6.27
CA THR A 59 3.04 -5.74 -5.38
C THR A 59 2.04 -6.08 -4.29
N TYR A 60 1.66 -5.06 -3.51
CA TYR A 60 0.73 -5.28 -2.40
C TYR A 60 0.36 -3.98 -1.73
N GLY A 61 -0.93 -3.66 -1.77
CA GLY A 61 -1.47 -2.63 -0.92
C GLY A 61 -1.15 -1.22 -1.39
N PHE A 62 -1.26 -0.96 -2.68
CA PHE A 62 -1.33 0.40 -3.14
C PHE A 62 -2.62 0.68 -3.92
N THR A 63 -3.19 1.87 -3.71
CA THR A 63 -4.45 2.23 -4.35
C THR A 63 -4.18 2.85 -5.70
N GLY A 64 -4.71 2.19 -6.70
CA GLY A 64 -4.53 2.65 -8.04
C GLY A 64 -3.49 1.83 -8.70
N PRO A 65 -3.62 1.55 -10.00
CA PRO A 65 -2.72 0.64 -10.66
C PRO A 65 -1.34 1.26 -10.91
N GLN A 66 -1.04 2.30 -10.13
CA GLN A 66 0.24 2.99 -10.19
C GLN A 66 0.98 2.78 -8.86
N CYS A 67 0.41 2.02 -7.92
CA CYS A 67 1.04 1.71 -6.63
C CYS A 67 1.89 2.80 -5.97
N GLU A 68 1.30 3.93 -5.61
CA GLU A 68 2.04 4.95 -4.87
C GLU A 68 1.39 5.25 -3.51
N ARG A 69 0.30 4.56 -3.21
CA ARG A 69 -0.41 4.79 -1.97
C ARG A 69 -0.18 3.66 -1.01
N ASP A 70 0.72 3.86 -0.06
CA ASP A 70 1.18 2.77 0.79
C ASP A 70 0.15 2.39 1.81
N TYR A 71 -0.56 1.32 1.54
CA TYR A 71 -1.47 0.76 2.50
C TYR A 71 -1.36 -0.77 2.43
N ARG A 72 -0.33 -1.39 3.00
CA ARG A 72 -0.32 -2.84 3.02
C ARG A 72 -1.37 -3.32 4.03
N THR A 73 -2.26 -4.21 3.61
CA THR A 73 -3.34 -4.66 4.49
C THR A 73 -2.81 -5.70 5.48
N GLY A 74 -3.59 -5.93 6.52
CA GLY A 74 -3.09 -6.59 7.70
C GLY A 74 -3.93 -6.28 8.93
N PRO A 75 -4.13 -7.27 9.82
CA PRO A 75 -4.85 -7.06 11.07
C PRO A 75 -3.95 -6.47 12.16
N CYS A 76 -4.44 -5.44 12.82
CA CYS A 76 -3.70 -4.78 13.89
C CYS A 76 -4.00 -5.40 15.25
N PHE A 77 -3.01 -6.06 15.80
CA PHE A 77 -3.14 -6.69 17.11
C PHE A 77 -2.75 -5.68 18.18
N THR A 78 -3.25 -5.84 19.40
CA THR A 78 -3.17 -4.77 20.39
C THR A 78 -2.14 -5.00 21.49
N VAL A 79 -1.69 -6.23 21.70
CA VAL A 79 -0.78 -6.49 22.81
C VAL A 79 -0.17 -7.88 22.69
N ILE A 80 1.15 -7.93 22.56
CA ILE A 80 1.80 -9.16 22.21
C ILE A 80 2.97 -9.51 23.13
N SER A 81 2.86 -10.67 23.70
CA SER A 81 3.98 -11.35 24.31
C SER A 81 4.02 -12.75 23.68
N ASN A 82 4.78 -13.68 24.24
CA ASN A 82 4.75 -15.07 23.74
C ASN A 82 3.34 -15.66 23.89
N GLN A 83 2.49 -14.92 24.56
CA GLN A 83 1.13 -15.37 24.86
C GLN A 83 0.24 -15.30 23.63
N MET A 84 -0.20 -14.09 23.28
CA MET A 84 -1.08 -13.88 22.15
C MET A 84 -0.75 -12.58 21.45
N CYS A 85 -1.32 -12.36 20.27
CA CYS A 85 -1.14 -11.12 19.55
C CYS A 85 -2.19 -10.11 20.01
N GLN A 86 -3.38 -10.63 20.28
CA GLN A 86 -4.44 -9.86 20.87
C GLN A 86 -5.28 -10.78 21.73
N GLY A 87 -5.97 -11.70 21.08
CA GLY A 87 -6.66 -12.75 21.79
C GLY A 87 -8.13 -12.79 21.44
N GLN A 88 -8.52 -11.86 20.57
CA GLN A 88 -9.91 -11.73 20.16
C GLN A 88 -10.06 -11.94 18.65
N LEU A 89 -8.95 -11.80 17.93
CA LEU A 89 -8.94 -11.90 16.46
C LEU A 89 -9.79 -10.80 15.83
N SER A 90 -9.13 -9.73 15.42
CA SER A 90 -9.82 -8.58 14.85
C SER A 90 -9.47 -8.42 13.37
N GLY A 91 -10.47 -8.07 12.57
CA GLY A 91 -10.26 -7.81 11.16
C GLY A 91 -10.02 -6.36 10.87
N ILE A 92 -9.52 -5.64 11.88
CA ILE A 92 -9.14 -4.26 11.70
C ILE A 92 -8.05 -4.16 10.68
N VAL A 93 -8.41 -3.67 9.51
CA VAL A 93 -7.46 -3.46 8.48
C VAL A 93 -7.03 -2.01 8.45
N SER A 94 -5.76 -1.87 8.62
CA SER A 94 -5.05 -0.60 8.64
C SER A 94 -3.68 -0.98 8.19
N THR A 95 -2.72 -0.08 8.09
CA THR A 95 -1.42 -0.50 7.65
C THR A 95 -0.51 -0.63 8.84
N LYS A 96 0.57 -1.35 8.67
CA LYS A 96 1.51 -1.48 9.75
C LYS A 96 1.99 -0.12 10.19
N THR A 97 2.27 0.71 9.20
CA THR A 97 2.66 2.09 9.40
C THR A 97 1.70 2.78 10.38
N LEU A 98 0.41 2.73 10.06
CA LEU A 98 -0.60 3.34 10.91
C LEU A 98 -0.57 2.77 12.32
N CYS A 99 -0.68 1.46 12.44
CA CYS A 99 -0.85 0.84 13.73
C CYS A 99 0.42 0.83 14.56
N CYS A 100 1.58 0.96 13.92
CA CYS A 100 2.81 1.04 14.65
C CYS A 100 3.16 2.50 14.98
N ALA A 101 2.90 3.44 14.04
CA ALA A 101 3.22 4.83 14.32
C ALA A 101 2.30 5.34 15.41
N THR A 102 1.02 5.22 15.13
CA THR A 102 -0.02 5.56 16.08
C THR A 102 -0.37 4.30 16.82
N VAL A 103 -1.01 4.44 18.00
CA VAL A 103 -1.48 3.31 18.86
C VAL A 103 -0.39 2.33 19.29
N GLY A 104 0.62 2.03 18.45
CA GLY A 104 1.79 1.32 18.90
C GLY A 104 1.53 -0.03 19.51
N ARG A 105 0.94 -0.93 18.74
CA ARG A 105 0.74 -2.29 19.22
C ARG A 105 1.49 -3.29 18.34
N ALA A 106 0.78 -3.86 17.37
CA ALA A 106 1.40 -4.75 16.39
C ALA A 106 0.46 -4.91 15.22
N TRP A 107 0.95 -5.40 14.08
CA TRP A 107 0.17 -5.48 12.90
C TRP A 107 0.67 -6.64 12.03
N GLY A 108 -0.26 -7.29 11.31
CA GLY A 108 0.12 -8.27 10.32
C GLY A 108 0.33 -9.66 10.88
N HIS A 109 0.68 -10.60 10.01
CA HIS A 109 0.99 -11.95 10.42
C HIS A 109 2.17 -12.49 9.61
N PRO A 110 3.20 -13.07 10.27
CA PRO A 110 3.30 -13.12 11.73
C PRO A 110 3.19 -11.73 12.36
N CYS A 111 2.65 -11.69 13.57
CA CYS A 111 2.29 -10.44 14.23
C CYS A 111 3.50 -9.54 14.50
N GLU A 112 3.90 -8.78 13.49
CA GLU A 112 4.96 -7.79 13.66
C GLU A 112 4.56 -6.77 14.74
N MET A 113 5.42 -6.64 15.75
CA MET A 113 5.12 -5.78 16.88
C MET A 113 5.99 -4.53 16.83
N CYS A 114 5.46 -3.41 17.31
CA CYS A 114 6.16 -2.13 17.18
C CYS A 114 5.99 -1.26 18.41
N PRO A 115 7.01 -0.45 18.74
CA PRO A 115 6.81 0.76 19.53
C PRO A 115 5.95 1.73 18.75
N ALA A 116 5.43 2.76 19.39
CA ALA A 116 4.61 3.74 18.70
C ALA A 116 5.44 4.56 17.70
N GLN A 117 5.69 5.80 18.03
CA GLN A 117 6.33 6.73 17.10
C GLN A 117 7.70 6.23 16.63
N PRO A 118 7.85 5.90 15.34
CA PRO A 118 9.08 5.37 14.77
C PRO A 118 9.99 6.48 14.25
N HIS A 119 9.52 7.23 13.26
CA HIS A 119 10.29 8.31 12.68
C HIS A 119 10.20 9.51 13.60
N PRO A 120 11.09 10.51 13.44
CA PRO A 120 11.08 11.68 14.31
C PRO A 120 9.92 12.63 14.02
N CYS A 121 8.73 12.06 14.02
CA CYS A 121 7.50 12.82 13.96
C CYS A 121 6.66 12.45 15.17
N ARG A 122 5.47 12.98 15.29
CA ARG A 122 4.60 12.56 16.38
C ARG A 122 3.99 11.22 16.03
N ARG A 123 3.85 10.35 17.02
CA ARG A 123 3.22 9.03 16.83
C ARG A 123 2.02 9.09 15.88
N GLY A 124 1.20 10.13 15.99
CA GLY A 124 0.00 10.22 15.18
C GLY A 124 0.27 10.58 13.72
N PHE A 125 1.54 10.67 13.33
CA PHE A 125 1.92 11.18 12.03
C PHE A 125 2.69 10.18 11.20
N ILE A 126 2.60 10.36 9.90
CA ILE A 126 3.42 9.63 8.97
C ILE A 126 4.08 10.64 8.04
N PRO A 127 5.42 10.55 7.85
CA PRO A 127 6.12 11.41 6.90
C PRO A 127 5.61 11.20 5.49
N ASN A 128 4.96 12.24 4.95
CA ASN A 128 4.42 12.22 3.61
C ASN A 128 5.45 11.70 2.62
N ILE A 129 4.98 10.83 1.77
CA ILE A 129 5.84 10.13 0.82
C ILE A 129 6.34 11.07 -0.28
N ARG A 130 5.75 12.25 -0.36
CA ARG A 130 6.08 13.20 -1.40
C ARG A 130 6.87 14.37 -0.82
N THR A 131 6.24 15.06 0.11
CA THR A 131 6.82 16.24 0.70
C THR A 131 7.83 15.86 1.78
N GLY A 132 7.46 14.85 2.55
CA GLY A 132 8.32 14.37 3.59
C GLY A 132 7.84 14.92 4.92
N ALA A 133 6.71 15.63 4.87
CA ALA A 133 6.16 16.26 6.03
C ALA A 133 5.33 15.30 6.82
N CYS A 134 5.65 15.22 8.07
CA CYS A 134 4.88 14.48 9.04
C CYS A 134 3.44 14.97 9.04
N GLN A 135 2.51 14.08 8.75
CA GLN A 135 1.10 14.43 8.70
C GLN A 135 0.32 13.49 9.59
N ASP A 136 -0.55 14.03 10.42
CA ASP A 136 -1.29 13.22 11.39
C ASP A 136 -2.40 12.50 10.69
N VAL A 137 -2.70 11.33 11.17
CA VAL A 137 -3.70 10.51 10.57
C VAL A 137 -4.98 10.68 11.33
N ASP A 138 -6.07 10.64 10.63
CA ASP A 138 -7.35 10.53 11.28
C ASP A 138 -7.45 9.10 11.76
N GLU A 139 -6.76 8.82 12.87
CA GLU A 139 -6.58 7.47 13.37
C GLU A 139 -7.95 6.79 13.51
N CYS A 140 -8.93 7.59 13.93
CA CYS A 140 -10.33 7.17 14.04
C CYS A 140 -10.80 6.44 12.78
N GLN A 141 -10.33 6.91 11.62
CA GLN A 141 -10.76 6.41 10.33
C GLN A 141 -9.71 5.47 9.76
N ALA A 142 -8.47 5.88 9.89
CA ALA A 142 -7.34 5.16 9.37
C ALA A 142 -7.20 3.80 10.03
N ILE A 143 -7.75 3.68 11.22
CA ILE A 143 -7.81 2.42 11.94
C ILE A 143 -9.28 2.13 12.26
N PRO A 144 -10.01 1.48 11.37
CA PRO A 144 -11.42 1.28 11.57
C PRO A 144 -11.70 0.24 12.63
N GLY A 145 -12.74 0.51 13.38
CA GLY A 145 -13.02 -0.28 14.57
C GLY A 145 -12.10 0.12 15.72
N LEU A 146 -11.30 1.17 15.51
CA LEU A 146 -10.42 1.73 16.54
C LEU A 146 -11.21 2.06 17.81
N CYS A 147 -11.68 3.29 17.91
CA CYS A 147 -12.36 3.74 19.11
C CYS A 147 -13.86 3.59 18.93
N GLN A 148 -14.30 2.36 18.72
CA GLN A 148 -15.71 2.08 18.49
C GLN A 148 -16.42 1.89 19.83
N GLY A 149 -16.23 2.86 20.71
CA GLY A 149 -16.87 2.83 22.01
C GLY A 149 -17.41 4.20 22.37
N GLY A 150 -17.75 4.96 21.35
CA GLY A 150 -18.22 6.31 21.54
C GLY A 150 -17.82 7.18 20.37
N ASN A 151 -17.31 8.35 20.66
CA ASN A 151 -16.85 9.25 19.61
C ASN A 151 -15.33 9.21 19.52
N CYS A 152 -14.80 9.59 18.36
CA CYS A 152 -13.36 9.62 18.16
C CYS A 152 -13.02 10.83 17.30
N ILE A 153 -12.15 11.65 17.81
CA ILE A 153 -11.92 12.97 17.23
C ILE A 153 -10.44 13.18 17.02
N ASN A 154 -10.03 13.34 15.77
CA ASN A 154 -8.61 13.43 15.46
C ASN A 154 -8.04 14.78 15.83
N THR A 155 -7.07 14.77 16.69
CA THR A 155 -6.18 15.89 16.75
C THR A 155 -4.84 15.47 16.17
N VAL A 156 -4.08 16.44 15.77
CA VAL A 156 -2.81 16.11 15.21
C VAL A 156 -1.88 15.73 16.34
N GLY A 157 -1.32 14.53 16.27
CA GLY A 157 -0.57 14.00 17.38
C GLY A 157 -1.23 12.81 18.01
N SER A 158 -2.55 12.69 17.86
CA SER A 158 -3.29 11.64 18.57
C SER A 158 -4.79 11.82 18.34
N PHE A 159 -5.59 10.80 18.58
CA PHE A 159 -7.02 10.98 18.48
C PHE A 159 -7.60 11.10 19.88
N GLU A 160 -8.77 11.69 19.96
CA GLU A 160 -9.43 11.89 21.23
C GLU A 160 -10.71 11.07 21.26
N CYS A 161 -10.86 10.29 22.30
CA CYS A 161 -12.04 9.45 22.42
C CYS A 161 -13.06 10.05 23.34
N LYS A 162 -14.30 9.72 23.07
CA LYS A 162 -15.37 10.05 23.96
C LYS A 162 -16.07 8.78 24.38
N CYS A 163 -15.75 8.33 25.57
CA CYS A 163 -16.32 7.10 26.11
C CYS A 163 -17.59 7.43 26.86
N PRO A 164 -18.51 6.45 27.02
CA PRO A 164 -19.66 6.62 27.89
C PRO A 164 -19.23 6.96 29.31
N ALA A 165 -20.10 7.61 30.07
CA ALA A 165 -19.75 8.01 31.42
C ALA A 165 -19.32 6.83 32.26
N GLY A 166 -18.35 7.03 33.14
CA GLY A 166 -17.83 5.93 33.91
C GLY A 166 -16.74 5.19 33.17
N HIS A 167 -16.85 5.14 31.84
CA HIS A 167 -15.91 4.38 31.05
C HIS A 167 -14.57 5.07 30.99
N LYS A 168 -13.54 4.27 30.76
CA LYS A 168 -12.17 4.77 30.80
C LYS A 168 -11.38 4.18 29.64
N LEU A 169 -10.83 5.05 28.80
CA LEU A 169 -10.14 4.61 27.60
C LEU A 169 -8.82 3.92 27.92
N ASN A 170 -8.56 2.81 27.23
CA ASN A 170 -7.28 2.14 27.31
C ASN A 170 -6.71 2.02 25.91
N GLU A 171 -5.78 2.90 25.58
CA GLU A 171 -5.25 3.04 24.22
C GLU A 171 -4.47 1.80 23.77
N VAL A 172 -4.14 0.93 24.72
CA VAL A 172 -3.50 -0.33 24.41
C VAL A 172 -4.39 -1.14 23.46
N SER A 173 -5.69 -1.05 23.68
CA SER A 173 -6.66 -1.68 22.81
C SER A 173 -7.78 -0.70 22.49
N GLN A 174 -7.39 0.58 22.47
CA GLN A 174 -8.29 1.73 22.34
C GLN A 174 -9.72 1.43 22.81
N LYS A 175 -9.83 0.88 23.99
CA LYS A 175 -11.13 0.45 24.49
C LYS A 175 -11.69 1.43 25.50
N CYS A 176 -12.95 1.80 25.31
CA CYS A 176 -13.66 2.61 26.27
C CYS A 176 -14.49 1.75 27.21
N GLU A 177 -13.96 1.47 28.40
CA GLU A 177 -14.65 0.64 29.36
C GLU A 177 -14.00 0.84 30.74
N SER A 1 -14.29 0.72 -41.86
CA SER A 1 -14.14 1.24 -43.25
C SER A 1 -14.17 2.77 -43.27
N ALA A 2 -14.21 3.39 -42.10
CA ALA A 2 -14.30 4.84 -42.01
C ALA A 2 -13.39 5.39 -40.92
N SER A 3 -12.29 5.99 -41.34
CA SER A 3 -11.36 6.63 -40.42
C SER A 3 -10.49 7.63 -41.17
N ARG A 4 -9.78 7.15 -42.19
CA ARG A 4 -8.89 7.97 -43.00
C ARG A 4 -8.40 7.15 -44.18
N SER A 5 -7.99 7.83 -45.25
CA SER A 5 -7.48 7.16 -46.44
C SER A 5 -6.09 6.59 -46.20
N ILE A 6 -6.05 5.52 -45.40
CA ILE A 6 -4.81 4.83 -45.09
C ILE A 6 -5.16 3.39 -44.69
N GLN A 7 -6.31 2.93 -45.19
CA GLN A 7 -6.85 1.62 -44.83
C GLN A 7 -6.38 0.54 -45.78
N HIS A 8 -5.08 0.30 -45.80
CA HIS A 8 -4.49 -0.75 -46.63
C HIS A 8 -3.48 -1.55 -45.83
N CYS A 9 -3.97 -2.56 -45.11
CA CYS A 9 -3.12 -3.39 -44.29
C CYS A 9 -3.70 -4.79 -44.15
N ASN A 10 -3.13 -5.59 -43.26
CA ASN A 10 -3.60 -6.94 -43.04
C ASN A 10 -4.02 -7.11 -41.62
N ILE A 11 -3.10 -6.83 -40.74
CA ILE A 11 -3.25 -7.14 -39.34
C ILE A 11 -4.13 -6.13 -38.60
N ARG A 12 -4.12 -6.23 -37.28
CA ARG A 12 -5.01 -5.44 -36.44
C ARG A 12 -4.19 -4.55 -35.51
N CYS A 13 -4.42 -3.26 -35.59
CA CYS A 13 -3.65 -2.31 -34.79
C CYS A 13 -4.52 -1.60 -33.77
N MET A 14 -4.09 -1.59 -32.51
CA MET A 14 -4.89 -1.03 -31.43
C MET A 14 -4.07 0.01 -30.67
N ASN A 15 -4.72 0.76 -29.78
CA ASN A 15 -4.04 1.71 -28.90
C ASN A 15 -3.41 2.85 -29.70
N GLY A 16 -4.17 3.38 -30.64
CA GLY A 16 -3.67 4.48 -31.45
C GLY A 16 -2.59 4.04 -32.41
N GLY A 17 -2.64 2.78 -32.79
CA GLY A 17 -1.64 2.28 -33.70
C GLY A 17 -2.16 2.31 -35.13
N SER A 18 -1.40 2.91 -36.02
CA SER A 18 -1.82 3.01 -37.41
C SER A 18 -1.56 1.68 -38.11
N CYS A 19 -2.57 1.19 -38.80
CA CYS A 19 -2.50 -0.10 -39.47
C CYS A 19 -1.89 0.09 -40.85
N SER A 20 -0.66 -0.39 -41.01
CA SER A 20 0.06 -0.23 -42.27
C SER A 20 0.63 -1.57 -42.73
N ASP A 21 0.34 -1.97 -43.98
CA ASP A 21 0.89 -3.20 -44.55
C ASP A 21 0.60 -4.42 -43.64
N ASP A 22 1.63 -4.93 -43.02
CA ASP A 22 1.50 -6.07 -42.12
C ASP A 22 2.11 -5.72 -40.79
N HIS A 23 1.95 -4.46 -40.39
CA HIS A 23 2.53 -3.97 -39.16
C HIS A 23 1.79 -2.74 -38.64
N CYS A 24 2.12 -2.32 -37.44
CA CYS A 24 1.41 -1.23 -36.78
C CYS A 24 2.35 -0.10 -36.40
N LEU A 25 2.06 1.12 -36.87
CA LEU A 25 2.79 2.29 -36.44
C LEU A 25 2.18 2.81 -35.15
N CYS A 26 2.81 2.47 -34.04
CA CYS A 26 2.26 2.72 -32.71
C CYS A 26 2.49 4.15 -32.26
N GLN A 27 1.70 4.57 -31.28
CA GLN A 27 1.98 5.80 -30.54
C GLN A 27 3.03 5.52 -29.50
N LYS A 28 3.92 6.45 -29.25
CA LYS A 28 5.00 6.19 -28.33
C LYS A 28 4.48 6.06 -26.93
N GLY A 29 4.58 4.84 -26.47
CA GLY A 29 4.04 4.43 -25.21
C GLY A 29 3.33 3.10 -25.35
N TYR A 30 3.16 2.67 -26.59
CA TYR A 30 2.67 1.35 -26.87
C TYR A 30 3.63 0.64 -27.81
N ILE A 31 3.76 -0.67 -27.63
CA ILE A 31 4.75 -1.46 -28.34
C ILE A 31 4.15 -2.81 -28.73
N GLY A 32 5.02 -3.68 -29.23
CA GLY A 32 4.59 -4.97 -29.75
C GLY A 32 4.19 -4.90 -31.21
N THR A 33 3.67 -6.00 -31.74
CA THR A 33 3.29 -6.09 -33.13
C THR A 33 2.00 -5.35 -33.42
N HIS A 34 1.09 -5.36 -32.45
CA HIS A 34 -0.23 -4.76 -32.64
C HIS A 34 -0.39 -3.51 -31.79
N CYS A 35 0.72 -3.04 -31.24
CA CYS A 35 0.74 -1.88 -30.33
C CYS A 35 -0.07 -2.19 -29.06
N GLY A 36 -0.10 -3.45 -28.70
CA GLY A 36 -0.96 -3.88 -27.62
C GLY A 36 -0.32 -3.73 -26.27
N GLN A 37 1.00 -3.60 -26.24
CA GLN A 37 1.70 -3.56 -24.97
C GLN A 37 2.03 -2.13 -24.59
N PRO A 38 1.54 -1.68 -23.44
CA PRO A 38 1.76 -0.32 -22.95
C PRO A 38 3.03 -0.19 -22.13
N VAL A 39 3.73 0.92 -22.33
CA VAL A 39 5.02 1.12 -21.71
C VAL A 39 4.92 1.24 -20.20
N CYS A 40 5.32 0.20 -19.52
CA CYS A 40 5.38 0.20 -18.07
C CYS A 40 6.64 0.90 -17.61
N GLU A 41 6.63 2.23 -17.66
CA GLU A 41 7.77 3.04 -17.32
C GLU A 41 8.35 2.69 -15.96
N SER A 42 7.59 2.96 -14.91
CA SER A 42 8.10 2.85 -13.57
C SER A 42 7.98 1.41 -13.05
N GLY A 43 7.92 0.45 -13.96
CA GLY A 43 7.87 -0.93 -13.55
C GLY A 43 6.52 -1.55 -13.73
N CYS A 44 5.89 -1.62 -12.61
CA CYS A 44 4.61 -2.25 -12.36
C CYS A 44 4.69 -2.76 -10.94
N LEU A 45 3.70 -2.48 -10.14
CA LEU A 45 3.83 -2.72 -8.71
C LEU A 45 2.80 -3.74 -8.31
N ASN A 46 2.87 -4.22 -7.08
CA ASN A 46 2.04 -5.33 -6.59
C ASN A 46 1.92 -6.47 -7.58
N GLY A 47 2.95 -6.67 -8.42
CA GLY A 47 2.85 -7.68 -9.45
C GLY A 47 1.67 -7.44 -10.37
N GLY A 48 1.44 -6.17 -10.68
CA GLY A 48 0.26 -5.78 -11.43
C GLY A 48 0.33 -6.12 -12.90
N ARG A 49 -0.22 -5.25 -13.72
CA ARG A 49 -0.21 -5.46 -15.16
C ARG A 49 -0.32 -4.14 -15.88
N CYS A 50 0.55 -3.90 -16.83
CA CYS A 50 0.51 -2.67 -17.59
C CYS A 50 -0.74 -2.62 -18.46
N VAL A 51 -1.61 -1.64 -18.18
CA VAL A 51 -2.81 -1.45 -19.00
C VAL A 51 -2.63 -0.29 -19.96
N ALA A 52 -1.93 0.77 -19.51
CA ALA A 52 -1.66 1.92 -20.35
C ALA A 52 -0.23 2.40 -20.07
N PRO A 53 0.33 3.37 -20.84
CA PRO A 53 1.67 3.91 -20.58
C PRO A 53 1.85 4.41 -19.14
N ASN A 54 2.60 3.64 -18.35
CA ASN A 54 2.89 3.93 -16.94
C ASN A 54 1.63 3.72 -16.10
N ARG A 55 0.61 3.16 -16.73
CA ARG A 55 -0.63 2.84 -16.07
C ARG A 55 -0.70 1.36 -15.80
N CYS A 56 -0.06 0.95 -14.73
CA CYS A 56 -0.14 -0.42 -14.28
C CYS A 56 -1.43 -0.61 -13.50
N ALA A 57 -2.01 -1.78 -13.61
CA ALA A 57 -3.21 -2.08 -12.86
C ALA A 57 -2.85 -2.87 -11.62
N CYS A 58 -3.63 -2.65 -10.57
CA CYS A 58 -3.24 -2.97 -9.21
C CYS A 58 -4.04 -4.12 -8.61
N THR A 59 -3.29 -5.13 -8.15
CA THR A 59 -3.81 -6.37 -7.61
C THR A 59 -4.86 -6.23 -6.52
N TYR A 60 -4.58 -5.50 -5.44
CA TYR A 60 -5.45 -5.61 -4.27
C TYR A 60 -5.44 -4.39 -3.37
N GLY A 61 -4.49 -4.32 -2.46
CA GLY A 61 -4.58 -3.34 -1.41
C GLY A 61 -3.86 -2.07 -1.76
N PHE A 62 -3.96 -1.63 -3.01
CA PHE A 62 -3.36 -0.36 -3.36
C PHE A 62 -4.35 0.64 -3.89
N THR A 63 -4.35 1.79 -3.27
CA THR A 63 -4.99 2.95 -3.84
C THR A 63 -3.90 3.69 -4.60
N GLY A 64 -4.28 4.61 -5.45
CA GLY A 64 -3.29 5.33 -6.22
C GLY A 64 -3.06 4.61 -7.51
N PRO A 65 -3.06 5.33 -8.63
CA PRO A 65 -3.10 4.69 -9.93
C PRO A 65 -1.78 4.01 -10.30
N GLN A 66 -0.81 4.03 -9.38
CA GLN A 66 0.49 3.41 -9.62
C GLN A 66 0.75 2.29 -8.60
N CYS A 67 -0.27 2.05 -7.76
CA CYS A 67 -0.22 1.07 -6.67
C CYS A 67 1.12 1.02 -5.92
N GLU A 68 1.58 2.18 -5.50
CA GLU A 68 2.76 2.23 -4.64
C GLU A 68 2.37 2.56 -3.20
N ARG A 69 1.11 2.97 -3.07
CA ARG A 69 0.61 3.43 -1.77
C ARG A 69 0.69 2.30 -0.78
N ASP A 70 -0.11 1.26 -1.02
CA ASP A 70 0.11 -0.04 -0.38
C ASP A 70 -0.42 0.00 1.03
N TYR A 71 -1.72 -0.19 1.16
CA TYR A 71 -2.30 -0.34 2.45
C TYR A 71 -2.56 -1.82 2.68
N ARG A 72 -1.47 -2.55 2.75
CA ARG A 72 -1.48 -3.96 3.12
C ARG A 72 -2.35 -4.15 4.36
N THR A 73 -3.40 -4.95 4.22
CA THR A 73 -4.37 -5.08 5.29
C THR A 73 -3.92 -6.11 6.32
N GLY A 74 -4.08 -5.79 7.59
CA GLY A 74 -3.67 -6.70 8.65
C GLY A 74 -4.39 -6.41 9.95
N PRO A 75 -4.70 -7.43 10.76
CA PRO A 75 -5.22 -7.24 12.11
C PRO A 75 -4.23 -6.45 12.98
N CYS A 76 -4.76 -5.55 13.78
CA CYS A 76 -3.92 -4.65 14.58
C CYS A 76 -3.74 -5.19 15.99
N PHE A 77 -2.49 -5.17 16.46
CA PHE A 77 -2.16 -5.66 17.79
C PHE A 77 -1.77 -4.52 18.73
N THR A 78 -2.37 -4.50 19.91
CA THR A 78 -2.28 -3.36 20.81
C THR A 78 -1.49 -3.64 22.10
N VAL A 79 -1.04 -4.88 22.33
CA VAL A 79 -0.25 -5.16 23.53
C VAL A 79 0.39 -6.54 23.47
N ILE A 80 1.72 -6.59 23.45
CA ILE A 80 2.40 -7.85 23.17
C ILE A 80 3.25 -8.37 24.30
N SER A 81 2.87 -9.53 24.74
CA SER A 81 3.83 -10.50 25.22
C SER A 81 3.95 -11.54 24.12
N ASN A 82 5.04 -12.28 24.02
CA ASN A 82 5.18 -13.29 22.94
C ASN A 82 3.93 -14.18 22.92
N GLN A 83 3.39 -14.35 24.10
CA GLN A 83 2.18 -15.12 24.32
C GLN A 83 1.01 -14.61 23.47
N MET A 84 0.64 -13.35 23.65
CA MET A 84 -0.46 -12.74 22.92
C MET A 84 -0.09 -11.34 22.44
N CYS A 85 -0.24 -11.08 21.14
CA CYS A 85 0.05 -9.76 20.59
C CYS A 85 -1.07 -8.78 20.90
N GLN A 86 -2.23 -9.31 21.23
CA GLN A 86 -3.33 -8.51 21.72
C GLN A 86 -4.12 -9.32 22.71
N GLY A 87 -4.79 -10.34 22.20
CA GLY A 87 -5.48 -11.29 23.05
C GLY A 87 -6.93 -11.39 22.63
N GLN A 88 -7.38 -10.39 21.90
CA GLN A 88 -8.73 -10.34 21.38
C GLN A 88 -8.75 -10.84 19.93
N LEU A 89 -7.74 -10.41 19.16
CA LEU A 89 -7.65 -10.72 17.73
C LEU A 89 -8.78 -10.01 16.99
N SER A 90 -8.52 -8.76 16.64
CA SER A 90 -9.50 -7.93 15.98
C SER A 90 -9.26 -7.88 14.48
N GLY A 91 -10.34 -7.76 13.73
CA GLY A 91 -10.28 -7.63 12.29
C GLY A 91 -10.24 -6.20 11.85
N ILE A 92 -9.81 -5.33 12.76
CA ILE A 92 -9.48 -3.97 12.41
C ILE A 92 -8.36 -4.03 11.41
N VAL A 93 -8.68 -3.67 10.21
CA VAL A 93 -7.76 -3.81 9.14
C VAL A 93 -7.22 -2.43 8.74
N SER A 94 -6.07 -2.17 9.30
CA SER A 94 -5.30 -0.96 9.05
C SER A 94 -3.98 -1.40 8.46
N THR A 95 -3.05 -0.49 8.22
CA THR A 95 -1.80 -0.90 7.66
C THR A 95 -0.77 -0.96 8.76
N LYS A 96 0.33 -1.61 8.49
CA LYS A 96 1.36 -1.72 9.48
C LYS A 96 1.88 -0.36 9.85
N THR A 97 2.14 0.43 8.81
CA THR A 97 2.52 1.83 8.97
C THR A 97 1.62 2.51 9.99
N LEU A 98 0.31 2.42 9.73
CA LEU A 98 -0.67 3.01 10.62
C LEU A 98 -0.57 2.46 12.03
N CYS A 99 -0.63 1.14 12.16
CA CYS A 99 -0.67 0.52 13.47
C CYS A 99 0.64 0.68 14.23
N CYS A 100 1.73 0.90 13.53
CA CYS A 100 3.01 1.02 14.21
C CYS A 100 3.34 2.46 14.51
N ALA A 101 2.94 3.39 13.63
CA ALA A 101 3.15 4.80 13.89
C ALA A 101 2.17 5.24 14.96
N THR A 102 0.92 5.05 14.65
CA THR A 102 -0.13 5.39 15.58
C THR A 102 -0.59 4.13 16.28
N VAL A 103 -1.20 4.28 17.45
CA VAL A 103 -1.71 3.16 18.23
C VAL A 103 -0.57 2.25 18.76
N GLY A 104 0.39 1.89 17.90
CA GLY A 104 1.59 1.21 18.35
C GLY A 104 1.41 -0.27 18.57
N ARG A 105 2.52 -0.89 18.97
CA ARG A 105 2.59 -2.27 19.45
C ARG A 105 2.89 -3.27 18.33
N ALA A 106 1.94 -3.58 17.44
CA ALA A 106 2.23 -4.56 16.37
C ALA A 106 1.09 -4.65 15.36
N TRP A 107 1.37 -5.27 14.22
CA TRP A 107 0.37 -5.42 13.18
C TRP A 107 0.62 -6.68 12.37
N GLY A 108 -0.46 -7.26 11.84
CA GLY A 108 -0.35 -8.30 10.83
C GLY A 108 0.03 -9.67 11.33
N HIS A 109 -0.15 -10.66 10.46
CA HIS A 109 0.26 -12.02 10.71
C HIS A 109 1.23 -12.49 9.63
N PRO A 110 2.32 -13.16 10.02
CA PRO A 110 2.67 -13.42 11.43
C PRO A 110 2.95 -12.12 12.17
N CYS A 111 2.77 -12.16 13.49
CA CYS A 111 2.82 -10.99 14.33
C CYS A 111 4.10 -10.18 14.13
N GLU A 112 3.94 -8.95 13.64
CA GLU A 112 5.07 -8.06 13.39
C GLU A 112 5.08 -6.96 14.44
N MET A 113 6.10 -6.96 15.27
CA MET A 113 6.17 -6.08 16.41
C MET A 113 6.80 -4.74 16.02
N CYS A 114 6.25 -3.65 16.53
CA CYS A 114 6.74 -2.33 16.19
C CYS A 114 7.04 -1.49 17.43
N PRO A 115 8.29 -1.02 17.55
CA PRO A 115 8.67 0.04 18.50
C PRO A 115 7.85 1.30 18.38
N ALA A 116 7.96 2.17 19.39
CA ALA A 116 7.53 3.54 19.26
C ALA A 116 7.88 4.11 17.91
N GLN A 117 6.82 4.24 17.16
CA GLN A 117 6.79 4.81 15.81
C GLN A 117 8.10 4.56 15.05
N PRO A 118 8.21 3.39 14.39
CA PRO A 118 9.46 2.91 13.77
C PRO A 118 10.31 3.98 13.08
N HIS A 119 9.73 4.67 12.10
CA HIS A 119 10.45 5.69 11.33
C HIS A 119 10.52 6.97 12.12
N PRO A 120 11.51 7.83 11.84
CA PRO A 120 11.66 9.08 12.58
C PRO A 120 10.54 10.07 12.29
N CYS A 121 9.51 10.00 13.13
CA CYS A 121 8.33 10.84 12.97
C CYS A 121 7.54 10.80 14.28
N ARG A 122 6.44 11.52 14.34
CA ARG A 122 5.59 11.51 15.52
C ARG A 122 4.53 10.46 15.36
N ARG A 123 4.23 9.73 16.44
CA ARG A 123 3.29 8.62 16.41
C ARG A 123 2.04 8.90 15.56
N GLY A 124 1.31 9.96 15.88
CA GLY A 124 0.05 10.23 15.19
C GLY A 124 0.17 10.61 13.72
N PHE A 125 1.37 10.53 13.16
CA PHE A 125 1.57 10.99 11.80
C PHE A 125 2.31 9.96 10.97
N ILE A 126 2.40 10.29 9.69
CA ILE A 126 3.20 9.54 8.75
C ILE A 126 3.96 10.55 7.90
N PRO A 127 5.29 10.36 7.75
CA PRO A 127 6.10 11.28 6.94
C PRO A 127 5.65 11.31 5.50
N ASN A 128 5.14 12.45 5.06
CA ASN A 128 4.70 12.63 3.70
C ASN A 128 5.78 12.21 2.72
N ILE A 129 5.37 11.43 1.75
CA ILE A 129 6.26 10.94 0.72
C ILE A 129 6.53 12.06 -0.29
N ARG A 130 5.91 13.19 -0.06
CA ARG A 130 6.03 14.35 -0.92
C ARG A 130 6.93 15.40 -0.28
N THR A 131 6.54 15.81 0.91
CA THR A 131 7.23 16.86 1.64
C THR A 131 8.23 16.26 2.61
N GLY A 132 7.77 15.25 3.33
CA GLY A 132 8.59 14.61 4.34
C GLY A 132 8.15 15.04 5.71
N ALA A 133 6.99 15.68 5.76
CA ALA A 133 6.45 16.15 7.00
C ALA A 133 5.47 15.15 7.54
N CYS A 134 5.68 14.88 8.80
CA CYS A 134 4.74 14.16 9.62
C CYS A 134 3.33 14.74 9.46
N GLN A 135 2.44 13.96 8.86
CA GLN A 135 1.05 14.40 8.70
C GLN A 135 0.15 13.46 9.45
N ASP A 136 -0.77 14.03 10.19
CA ASP A 136 -1.57 13.25 11.12
C ASP A 136 -2.60 12.45 10.40
N VAL A 137 -2.87 11.28 10.95
CA VAL A 137 -3.86 10.42 10.41
C VAL A 137 -5.12 10.59 11.21
N ASP A 138 -6.23 10.49 10.54
CA ASP A 138 -7.47 10.42 11.26
C ASP A 138 -7.54 9.02 11.81
N GLU A 139 -6.81 8.77 12.89
CA GLU A 139 -6.65 7.44 13.42
C GLU A 139 -8.03 6.79 13.65
N CYS A 140 -8.98 7.63 14.06
CA CYS A 140 -10.39 7.24 14.19
C CYS A 140 -10.89 6.51 12.92
N GLN A 141 -10.45 6.99 11.77
CA GLN A 141 -10.87 6.45 10.48
C GLN A 141 -9.85 5.45 9.96
N ALA A 142 -8.58 5.79 10.19
CA ALA A 142 -7.45 5.08 9.64
C ALA A 142 -7.23 3.75 10.35
N ILE A 143 -7.78 3.63 11.55
CA ILE A 143 -7.69 2.40 12.31
C ILE A 143 -9.14 1.95 12.60
N PRO A 144 -9.76 1.29 11.59
CA PRO A 144 -11.18 0.91 11.51
C PRO A 144 -11.95 0.76 12.83
N GLY A 145 -11.41 0.02 13.79
CA GLY A 145 -12.22 -0.42 14.90
C GLY A 145 -11.60 0.00 16.21
N LEU A 146 -10.88 1.11 16.15
CA LEU A 146 -10.21 1.65 17.31
C LEU A 146 -11.10 2.71 17.98
N CYS A 147 -11.04 2.74 19.31
CA CYS A 147 -11.97 3.52 20.14
C CYS A 147 -13.34 2.83 20.12
N GLN A 148 -14.03 2.93 18.97
CA GLN A 148 -15.30 2.26 18.72
C GLN A 148 -16.41 2.66 19.71
N GLY A 149 -16.33 2.16 20.93
CA GLY A 149 -17.34 2.44 21.93
C GLY A 149 -17.20 3.84 22.49
N GLY A 150 -17.54 4.80 21.65
CA GLY A 150 -17.40 6.19 21.99
C GLY A 150 -17.25 7.02 20.74
N ASN A 151 -17.03 8.31 20.88
CA ASN A 151 -16.85 9.17 19.72
C ASN A 151 -15.39 9.55 19.58
N CYS A 152 -14.71 9.09 18.53
CA CYS A 152 -13.32 9.43 18.31
C CYS A 152 -13.25 10.71 17.50
N ILE A 153 -12.42 11.63 17.94
CA ILE A 153 -12.33 12.94 17.33
C ILE A 153 -10.88 13.30 17.11
N ASN A 154 -10.46 13.25 15.87
CA ASN A 154 -9.04 13.31 15.58
C ASN A 154 -8.47 14.70 15.53
N THR A 155 -7.39 14.88 16.27
CA THR A 155 -6.56 16.02 16.05
C THR A 155 -5.23 15.59 15.46
N VAL A 156 -4.53 16.56 14.92
CA VAL A 156 -3.21 16.31 14.39
C VAL A 156 -2.27 16.05 15.54
N GLY A 157 -1.66 14.87 15.54
CA GLY A 157 -0.87 14.46 16.68
C GLY A 157 -1.45 13.27 17.40
N SER A 158 -2.78 13.15 17.43
CA SER A 158 -3.43 12.12 18.24
C SER A 158 -4.94 12.22 18.09
N PHE A 159 -5.67 11.18 18.43
CA PHE A 159 -7.11 11.27 18.39
C PHE A 159 -7.65 11.48 19.77
N GLU A 160 -8.85 12.02 19.87
CA GLU A 160 -9.46 12.28 21.16
C GLU A 160 -10.77 11.52 21.26
N CYS A 161 -10.89 10.68 22.27
CA CYS A 161 -12.10 9.87 22.39
C CYS A 161 -13.03 10.43 23.43
N LYS A 162 -14.30 10.31 23.12
CA LYS A 162 -15.34 10.58 24.07
C LYS A 162 -15.90 9.28 24.59
N CYS A 163 -15.53 8.96 25.82
CA CYS A 163 -15.99 7.76 26.49
C CYS A 163 -17.31 8.04 27.18
N PRO A 164 -18.27 7.10 27.11
CA PRO A 164 -19.52 7.19 27.88
C PRO A 164 -19.26 7.33 29.36
N ALA A 165 -20.26 7.77 30.11
CA ALA A 165 -20.13 7.94 31.56
C ALA A 165 -19.67 6.65 32.22
N GLY A 166 -18.74 6.78 33.16
CA GLY A 166 -18.21 5.61 33.83
C GLY A 166 -17.11 4.96 33.02
N HIS A 167 -17.16 5.14 31.70
CA HIS A 167 -16.19 4.56 30.82
C HIS A 167 -14.88 5.34 30.82
N LYS A 168 -13.82 4.66 30.43
CA LYS A 168 -12.48 5.22 30.45
C LYS A 168 -11.68 4.68 29.28
N LEU A 169 -10.87 5.53 28.67
CA LEU A 169 -10.07 5.10 27.53
C LEU A 169 -8.91 4.25 28.03
N ASN A 170 -8.79 3.07 27.46
CA ASN A 170 -7.73 2.16 27.83
C ASN A 170 -6.90 1.85 26.61
N GLU A 171 -5.65 2.32 26.62
CA GLU A 171 -4.78 2.23 25.45
C GLU A 171 -4.18 0.84 25.27
N VAL A 172 -4.40 -0.02 26.25
CA VAL A 172 -4.10 -1.43 26.11
C VAL A 172 -4.86 -2.02 24.91
N SER A 173 -5.93 -1.36 24.51
CA SER A 173 -6.71 -1.80 23.36
C SER A 173 -7.31 -0.60 22.61
N GLN A 174 -7.29 0.57 23.27
CA GLN A 174 -7.84 1.81 22.76
C GLN A 174 -9.35 1.75 22.79
N LYS A 175 -9.90 1.42 23.96
CA LYS A 175 -11.35 1.32 24.10
C LYS A 175 -11.85 2.09 25.31
N CYS A 176 -13.07 2.60 25.22
CA CYS A 176 -13.71 3.30 26.34
C CYS A 176 -14.70 2.38 27.04
N GLU A 177 -14.26 1.71 28.10
CA GLU A 177 -15.11 0.80 28.84
C GLU A 177 -14.95 1.06 30.33
N SER A 1 2.71 -24.62 -49.68
CA SER A 1 3.56 -25.79 -49.40
C SER A 1 4.24 -26.30 -50.68
N ALA A 2 3.68 -25.95 -51.82
CA ALA A 2 4.24 -26.39 -53.09
C ALA A 2 5.46 -25.57 -53.47
N SER A 3 5.37 -24.26 -53.27
CA SER A 3 6.45 -23.36 -53.62
C SER A 3 7.59 -23.47 -52.62
N ARG A 4 8.75 -23.93 -53.07
CA ARG A 4 9.93 -24.01 -52.22
C ARG A 4 10.47 -22.61 -51.97
N SER A 5 10.35 -21.75 -52.98
CA SER A 5 10.68 -20.34 -52.83
C SER A 5 9.54 -19.64 -52.11
N ILE A 6 9.43 -19.91 -50.82
CA ILE A 6 8.32 -19.44 -50.00
C ILE A 6 8.25 -17.91 -50.02
N GLN A 7 7.15 -17.42 -50.56
CA GLN A 7 6.89 -15.98 -50.63
C GLN A 7 6.43 -15.46 -49.28
N HIS A 8 5.84 -16.34 -48.49
CA HIS A 8 5.28 -15.97 -47.21
C HIS A 8 6.30 -16.18 -46.10
N CYS A 9 5.88 -15.99 -44.87
CA CYS A 9 6.76 -16.18 -43.72
C CYS A 9 6.78 -17.65 -43.32
N ASN A 10 7.75 -18.00 -42.50
CA ASN A 10 7.93 -19.39 -42.08
C ASN A 10 7.91 -19.48 -40.56
N ILE A 11 8.61 -18.56 -39.92
CA ILE A 11 8.72 -18.54 -38.48
C ILE A 11 7.43 -18.04 -37.83
N ARG A 12 7.44 -18.00 -36.51
CA ARG A 12 6.27 -17.65 -35.75
C ARG A 12 6.41 -16.27 -35.14
N CYS A 13 5.73 -15.30 -35.71
CA CYS A 13 5.80 -13.92 -35.25
C CYS A 13 4.58 -13.58 -34.39
N MET A 14 4.82 -13.28 -33.12
CA MET A 14 3.75 -12.96 -32.19
C MET A 14 3.90 -11.54 -31.69
N ASN A 15 2.80 -10.99 -31.19
CA ASN A 15 2.81 -9.66 -30.55
C ASN A 15 3.22 -8.59 -31.55
N GLY A 16 2.69 -8.72 -32.76
CA GLY A 16 2.96 -7.76 -33.80
C GLY A 16 4.32 -7.96 -34.46
N GLY A 17 4.98 -9.06 -34.09
CA GLY A 17 6.30 -9.37 -34.64
C GLY A 17 6.36 -9.27 -36.16
N SER A 18 7.28 -8.46 -36.64
CA SER A 18 7.42 -8.20 -38.07
C SER A 18 8.15 -9.34 -38.75
N CYS A 19 7.83 -9.58 -40.00
CA CYS A 19 8.43 -10.66 -40.77
C CYS A 19 9.76 -10.18 -41.35
N SER A 20 10.82 -10.58 -40.70
CA SER A 20 12.15 -10.11 -41.05
C SER A 20 13.09 -11.26 -41.32
N ASP A 21 13.85 -11.14 -42.43
CA ASP A 21 14.77 -12.18 -42.91
C ASP A 21 14.25 -13.58 -42.62
N ASP A 22 14.73 -14.20 -41.53
CA ASP A 22 14.23 -15.49 -41.11
C ASP A 22 13.97 -15.50 -39.59
N HIS A 23 13.84 -14.32 -39.01
CA HIS A 23 13.48 -14.18 -37.60
C HIS A 23 12.67 -12.89 -37.38
N CYS A 24 11.68 -12.95 -36.52
CA CYS A 24 10.76 -11.85 -36.31
C CYS A 24 11.43 -10.65 -35.63
N LEU A 25 10.81 -9.48 -35.78
CA LEU A 25 11.28 -8.25 -35.13
C LEU A 25 10.13 -7.69 -34.28
N CYS A 26 10.44 -7.38 -33.03
CA CYS A 26 9.43 -6.99 -32.06
C CYS A 26 8.84 -5.61 -32.33
N GLN A 27 7.71 -5.39 -31.67
CA GLN A 27 7.06 -4.09 -31.65
C GLN A 27 7.52 -3.38 -30.39
N LYS A 28 7.44 -2.06 -30.38
CA LYS A 28 7.96 -1.32 -29.24
C LYS A 28 7.23 -1.70 -27.98
N GLY A 29 7.96 -2.39 -27.17
CA GLY A 29 7.51 -2.74 -25.86
C GLY A 29 7.73 -4.20 -25.57
N TYR A 30 8.03 -4.99 -26.58
CA TYR A 30 8.40 -6.38 -26.32
C TYR A 30 9.77 -6.70 -26.90
N ILE A 31 10.40 -7.74 -26.36
CA ILE A 31 11.63 -8.25 -26.90
C ILE A 31 11.54 -9.77 -27.10
N GLY A 32 12.53 -10.32 -27.80
CA GLY A 32 12.54 -11.72 -28.14
C GLY A 32 12.29 -11.94 -29.62
N THR A 33 12.50 -13.18 -30.07
CA THR A 33 12.23 -13.53 -31.46
C THR A 33 10.73 -13.71 -31.69
N HIS A 34 10.08 -14.46 -30.80
CA HIS A 34 8.63 -14.62 -30.87
C HIS A 34 7.94 -13.50 -30.10
N CYS A 35 8.77 -12.59 -29.58
CA CYS A 35 8.30 -11.36 -28.97
C CYS A 35 7.44 -11.63 -27.76
N GLY A 36 7.88 -12.55 -26.92
CA GLY A 36 7.07 -12.93 -25.80
C GLY A 36 7.55 -12.31 -24.51
N GLN A 37 8.49 -11.38 -24.60
CA GLN A 37 9.00 -10.74 -23.39
C GLN A 37 8.60 -9.27 -23.37
N PRO A 38 7.82 -8.87 -22.36
CA PRO A 38 7.33 -7.50 -22.24
C PRO A 38 8.28 -6.58 -21.46
N VAL A 39 8.52 -5.42 -22.04
CA VAL A 39 9.43 -4.43 -21.47
C VAL A 39 8.88 -3.85 -20.17
N CYS A 40 9.59 -4.08 -19.08
CA CYS A 40 9.28 -3.44 -17.81
C CYS A 40 9.88 -2.03 -17.78
N GLU A 41 9.23 -1.13 -18.49
CA GLU A 41 9.76 0.20 -18.72
C GLU A 41 10.03 0.96 -17.42
N SER A 42 9.00 1.27 -16.66
CA SER A 42 9.14 2.19 -15.55
C SER A 42 9.47 1.47 -14.25
N GLY A 43 9.95 0.25 -14.38
CA GLY A 43 10.32 -0.56 -13.25
C GLY A 43 9.14 -1.23 -12.61
N CYS A 44 9.22 -2.52 -12.60
CA CYS A 44 8.28 -3.35 -11.87
C CYS A 44 8.58 -3.25 -10.40
N LEU A 45 7.61 -3.55 -9.56
CA LEU A 45 7.68 -3.20 -8.16
C LEU A 45 6.96 -4.27 -7.37
N ASN A 46 7.02 -4.18 -6.04
CA ASN A 46 6.52 -5.23 -5.12
C ASN A 46 7.02 -6.63 -5.49
N GLY A 47 8.09 -6.70 -6.27
CA GLY A 47 8.56 -7.98 -6.74
C GLY A 47 7.57 -8.66 -7.66
N GLY A 48 6.90 -7.85 -8.50
CA GLY A 48 5.89 -8.38 -9.39
C GLY A 48 6.47 -9.01 -10.63
N ARG A 49 5.82 -8.81 -11.78
CA ARG A 49 6.31 -9.42 -13.02
C ARG A 49 5.79 -8.68 -14.24
N CYS A 50 6.69 -8.27 -15.13
CA CYS A 50 6.32 -7.61 -16.37
C CYS A 50 5.41 -8.51 -17.22
N VAL A 51 4.24 -8.01 -17.59
CA VAL A 51 3.29 -8.78 -18.38
C VAL A 51 3.05 -8.15 -19.75
N ALA A 52 3.06 -6.83 -19.79
CA ALA A 52 2.98 -6.09 -21.05
C ALA A 52 3.99 -4.95 -21.02
N PRO A 53 4.16 -4.17 -22.10
CA PRO A 53 5.09 -3.05 -22.08
C PRO A 53 4.73 -2.01 -21.02
N ASN A 54 5.55 -1.96 -19.97
CA ASN A 54 5.37 -1.10 -18.82
C ASN A 54 4.21 -1.59 -17.95
N ARG A 55 3.64 -2.69 -18.34
CA ARG A 55 2.56 -3.29 -17.59
C ARG A 55 3.13 -4.35 -16.69
N CYS A 56 3.55 -3.96 -15.54
CA CYS A 56 3.97 -4.92 -14.56
C CYS A 56 2.74 -5.49 -13.88
N ALA A 57 2.85 -6.71 -13.43
CA ALA A 57 1.83 -7.34 -12.62
C ALA A 57 2.19 -7.11 -11.16
N CYS A 58 1.29 -6.48 -10.46
CA CYS A 58 1.50 -6.08 -9.08
C CYS A 58 0.70 -6.96 -8.12
N THR A 59 1.41 -7.42 -7.10
CA THR A 59 0.98 -8.51 -6.25
C THR A 59 -0.32 -8.25 -5.51
N TYR A 60 -0.42 -7.14 -4.82
CA TYR A 60 -1.57 -6.96 -3.94
C TYR A 60 -1.80 -5.52 -3.55
N GLY A 61 -1.24 -5.12 -2.42
CA GLY A 61 -1.65 -3.91 -1.79
C GLY A 61 -0.94 -2.69 -2.31
N PHE A 62 -0.98 -2.46 -3.61
CA PHE A 62 -0.48 -1.20 -4.14
C PHE A 62 -1.52 -0.46 -4.96
N THR A 63 -1.59 0.85 -4.75
CA THR A 63 -2.49 1.67 -5.52
C THR A 63 -1.83 2.14 -6.78
N GLY A 64 -2.46 1.79 -7.87
CA GLY A 64 -1.93 2.09 -9.15
C GLY A 64 -1.25 0.88 -9.71
N PRO A 65 -1.50 0.52 -10.97
CA PRO A 65 -1.00 -0.72 -11.51
C PRO A 65 0.51 -0.69 -11.75
N GLN A 66 1.16 0.36 -11.26
CA GLN A 66 2.61 0.46 -11.26
C GLN A 66 3.10 0.36 -9.80
N CYS A 67 2.28 -0.29 -8.96
CA CYS A 67 2.60 -0.64 -7.56
C CYS A 67 3.75 0.11 -6.87
N GLU A 68 3.53 1.37 -6.54
CA GLU A 68 4.52 2.11 -5.74
C GLU A 68 3.87 2.68 -4.48
N ARG A 69 2.88 1.96 -4.02
CA ARG A 69 2.16 2.30 -2.79
C ARG A 69 1.97 1.04 -1.98
N ASP A 70 2.89 0.78 -1.06
CA ASP A 70 2.90 -0.50 -0.36
C ASP A 70 2.01 -0.42 0.86
N TYR A 71 0.74 -0.16 0.60
CA TYR A 71 -0.25 -0.23 1.65
C TYR A 71 -0.66 -1.70 1.78
N ARG A 72 0.01 -2.44 2.64
CA ARG A 72 -0.30 -3.84 2.74
C ARG A 72 -1.41 -3.99 3.78
N THR A 73 -2.41 -4.81 3.52
CA THR A 73 -3.48 -4.95 4.48
C THR A 73 -3.13 -6.01 5.52
N GLY A 74 -3.37 -5.68 6.78
CA GLY A 74 -3.14 -6.60 7.87
C GLY A 74 -3.95 -6.21 9.09
N PRO A 75 -4.26 -7.16 9.99
CA PRO A 75 -4.94 -6.86 11.24
C PRO A 75 -4.03 -6.13 12.23
N CYS A 76 -4.63 -5.45 13.20
CA CYS A 76 -3.88 -4.67 14.17
C CYS A 76 -4.12 -5.24 15.57
N PHE A 77 -3.10 -5.92 16.07
CA PHE A 77 -3.19 -6.66 17.33
C PHE A 77 -2.59 -5.89 18.47
N THR A 78 -3.28 -5.87 19.60
CA THR A 78 -2.93 -4.95 20.67
C THR A 78 -2.06 -5.59 21.77
N VAL A 79 -2.06 -6.92 21.90
CA VAL A 79 -1.39 -7.56 23.04
C VAL A 79 -0.88 -8.91 22.61
N ILE A 80 0.44 -9.10 22.60
CA ILE A 80 0.97 -10.25 21.87
C ILE A 80 2.04 -11.01 22.63
N SER A 81 1.73 -12.27 22.86
CA SER A 81 2.74 -13.25 23.16
C SER A 81 2.72 -14.29 22.04
N ASN A 82 3.38 -15.41 22.24
CA ASN A 82 3.24 -16.53 21.29
C ASN A 82 1.85 -17.14 21.44
N GLN A 83 1.13 -16.66 22.45
CA GLN A 83 -0.16 -17.21 22.82
C GLN A 83 -1.25 -16.64 21.94
N MET A 84 -1.51 -15.35 22.10
CA MET A 84 -2.55 -14.69 21.33
C MET A 84 -2.13 -13.25 21.05
N CYS A 85 -2.40 -12.79 19.84
CA CYS A 85 -2.06 -11.43 19.44
C CYS A 85 -3.15 -10.43 19.86
N GLN A 86 -4.33 -10.98 20.21
CA GLN A 86 -5.50 -10.20 20.66
C GLN A 86 -6.44 -9.86 19.52
N GLY A 87 -7.25 -8.84 19.73
CA GLY A 87 -8.15 -8.33 18.71
C GLY A 87 -9.21 -9.32 18.28
N GLN A 88 -9.31 -10.44 19.00
CA GLN A 88 -10.24 -11.52 18.65
C GLN A 88 -9.98 -11.99 17.22
N LEU A 89 -8.74 -11.80 16.75
CA LEU A 89 -8.35 -12.13 15.38
C LEU A 89 -9.15 -11.31 14.37
N SER A 90 -9.59 -10.13 14.77
CA SER A 90 -10.35 -9.23 13.91
C SER A 90 -9.46 -8.64 12.82
N GLY A 91 -9.99 -8.58 11.60
CA GLY A 91 -9.22 -8.06 10.50
C GLY A 91 -9.39 -6.58 10.30
N ILE A 92 -9.08 -5.79 11.33
CA ILE A 92 -9.00 -4.34 11.18
C ILE A 92 -7.93 -4.02 10.17
N VAL A 93 -8.37 -3.55 9.03
CA VAL A 93 -7.44 -3.26 7.96
C VAL A 93 -6.93 -1.84 8.06
N SER A 94 -5.65 -1.78 8.28
CA SER A 94 -4.86 -0.58 8.38
C SER A 94 -3.50 -1.00 7.92
N THR A 95 -2.50 -0.14 7.89
CA THR A 95 -1.21 -0.60 7.45
C THR A 95 -0.30 -0.72 8.65
N LYS A 96 0.76 -1.46 8.49
CA LYS A 96 1.69 -1.63 9.57
C LYS A 96 2.22 -0.28 10.00
N THR A 97 2.52 0.54 8.99
CA THR A 97 2.91 1.92 9.21
C THR A 97 1.98 2.60 10.20
N LEU A 98 0.69 2.56 9.89
CA LEU A 98 -0.32 3.15 10.76
C LEU A 98 -0.27 2.56 12.16
N CYS A 99 -0.29 1.23 12.25
CA CYS A 99 -0.31 0.59 13.56
C CYS A 99 0.95 0.88 14.37
N CYS A 100 2.13 0.91 13.73
CA CYS A 100 3.34 1.10 14.50
C CYS A 100 3.54 2.57 14.84
N ALA A 101 3.06 3.47 13.98
CA ALA A 101 3.17 4.90 14.26
C ALA A 101 2.23 5.24 15.41
N THR A 102 0.96 5.00 15.16
CA THR A 102 -0.08 5.35 16.09
C THR A 102 -0.45 4.16 16.92
N VAL A 103 -0.78 4.42 18.18
CA VAL A 103 -1.14 3.38 19.17
C VAL A 103 -0.06 2.33 19.43
N GLY A 104 0.73 1.88 18.43
CA GLY A 104 1.72 0.84 18.70
C GLY A 104 1.21 -0.54 18.35
N ARG A 105 0.86 -1.32 19.37
CA ARG A 105 0.31 -2.66 19.16
C ARG A 105 1.23 -3.51 18.29
N ALA A 106 0.64 -4.14 17.30
CA ALA A 106 1.32 -4.94 16.30
C ALA A 106 0.41 -5.07 15.11
N TRP A 107 0.91 -5.57 13.98
CA TRP A 107 0.12 -5.59 12.78
C TRP A 107 0.49 -6.78 11.91
N GLY A 108 -0.51 -7.35 11.21
CA GLY A 108 -0.26 -8.39 10.23
C GLY A 108 -0.09 -9.78 10.82
N HIS A 109 0.20 -10.74 9.93
CA HIS A 109 0.56 -12.10 10.33
C HIS A 109 1.80 -12.53 9.55
N PRO A 110 2.85 -13.05 10.23
CA PRO A 110 2.92 -13.14 11.70
C PRO A 110 2.76 -11.77 12.33
N CYS A 111 2.32 -11.76 13.58
CA CYS A 111 1.98 -10.53 14.27
C CYS A 111 3.21 -9.65 14.52
N GLU A 112 3.67 -8.96 13.49
CA GLU A 112 4.74 -7.99 13.61
C GLU A 112 4.43 -6.96 14.69
N MET A 113 5.25 -6.98 15.73
CA MET A 113 5.01 -6.16 16.90
C MET A 113 5.70 -4.81 16.76
N CYS A 114 4.97 -3.74 17.05
CA CYS A 114 5.42 -2.39 16.73
C CYS A 114 6.06 -1.67 17.91
N PRO A 115 7.30 -1.20 17.71
CA PRO A 115 7.97 -0.24 18.59
C PRO A 115 7.27 1.11 18.66
N ALA A 116 7.45 1.79 19.79
CA ALA A 116 7.18 3.20 19.89
C ALA A 116 7.60 3.96 18.65
N GLN A 117 6.59 4.27 17.89
CA GLN A 117 6.63 4.92 16.57
C GLN A 117 8.01 4.86 15.88
N PRO A 118 8.15 3.95 14.89
CA PRO A 118 9.40 3.78 14.13
C PRO A 118 9.89 5.10 13.54
N HIS A 119 9.00 5.82 12.87
CA HIS A 119 9.33 7.15 12.36
C HIS A 119 9.07 8.19 13.46
N PRO A 120 10.13 8.79 13.99
CA PRO A 120 10.04 9.68 15.14
C PRO A 120 9.67 11.13 14.79
N CYS A 121 8.46 11.31 14.30
CA CYS A 121 7.89 12.64 14.15
C CYS A 121 7.00 12.91 15.35
N ARG A 122 5.77 12.43 15.23
CA ARG A 122 4.84 12.37 16.34
C ARG A 122 4.01 11.12 16.11
N ARG A 123 3.79 10.34 17.17
CA ARG A 123 3.10 9.05 17.05
C ARG A 123 1.93 9.07 16.05
N GLY A 124 1.15 10.14 16.03
CA GLY A 124 -0.02 10.18 15.16
C GLY A 124 0.31 10.53 13.71
N PHE A 125 1.58 10.56 13.35
CA PHE A 125 2.01 11.11 12.07
C PHE A 125 2.77 10.13 11.22
N ILE A 126 2.69 10.35 9.92
CA ILE A 126 3.51 9.66 8.94
C ILE A 126 4.11 10.72 8.02
N PRO A 127 5.43 10.66 7.76
CA PRO A 127 6.09 11.62 6.86
C PRO A 127 5.56 11.49 5.44
N ASN A 128 4.84 12.53 5.02
CA ASN A 128 4.25 12.57 3.70
C ASN A 128 5.30 12.36 2.63
N ILE A 129 5.03 11.42 1.76
CA ILE A 129 5.98 11.03 0.72
C ILE A 129 5.93 12.00 -0.46
N ARG A 130 5.26 13.12 -0.24
CA ARG A 130 5.14 14.15 -1.25
C ARG A 130 5.95 15.37 -0.84
N THR A 131 5.90 15.67 0.44
CA THR A 131 6.57 16.85 0.98
C THR A 131 7.73 16.42 1.88
N GLY A 132 7.48 15.37 2.64
CA GLY A 132 8.43 14.90 3.62
C GLY A 132 7.99 15.34 4.99
N ALA A 133 6.80 15.95 5.03
CA ALA A 133 6.28 16.51 6.24
C ALA A 133 5.33 15.56 6.90
N CYS A 134 5.70 15.21 8.10
CA CYS A 134 4.90 14.36 8.95
C CYS A 134 3.50 14.94 9.13
N GLN A 135 2.49 14.16 8.79
CA GLN A 135 1.12 14.58 8.92
C GLN A 135 0.38 13.59 9.79
N ASP A 136 -0.53 14.09 10.59
CA ASP A 136 -1.28 13.24 11.50
C ASP A 136 -2.36 12.51 10.77
N VAL A 137 -2.62 11.30 11.20
CA VAL A 137 -3.61 10.49 10.58
C VAL A 137 -4.92 10.62 11.31
N ASP A 138 -5.99 10.55 10.57
CA ASP A 138 -7.28 10.43 11.18
C ASP A 138 -7.38 9.00 11.66
N GLU A 139 -6.71 8.73 12.78
CA GLU A 139 -6.55 7.39 13.31
C GLU A 139 -7.92 6.71 13.43
N CYS A 140 -8.91 7.53 13.75
CA CYS A 140 -10.31 7.13 13.80
C CYS A 140 -10.71 6.33 12.54
N GLN A 141 -10.22 6.79 11.39
CA GLN A 141 -10.54 6.20 10.11
C GLN A 141 -9.43 5.28 9.66
N ALA A 142 -8.21 5.74 9.87
CA ALA A 142 -7.02 5.06 9.43
C ALA A 142 -6.85 3.71 10.12
N ILE A 143 -7.36 3.61 11.34
CA ILE A 143 -7.38 2.35 12.05
C ILE A 143 -8.84 2.08 12.42
N PRO A 144 -9.60 1.52 11.47
CA PRO A 144 -11.05 1.45 11.56
C PRO A 144 -11.57 0.72 12.79
N GLY A 145 -12.37 1.45 13.53
CA GLY A 145 -12.98 0.94 14.73
C GLY A 145 -11.97 0.62 15.83
N LEU A 146 -10.83 1.29 15.84
CA LEU A 146 -9.86 1.04 16.91
C LEU A 146 -10.33 1.67 18.21
N CYS A 147 -11.09 2.75 18.08
CA CYS A 147 -11.63 3.42 19.24
C CYS A 147 -12.95 2.77 19.65
N GLN A 148 -12.82 1.74 20.47
CA GLN A 148 -13.97 0.95 20.92
C GLN A 148 -14.78 1.74 21.95
N GLY A 149 -14.13 2.73 22.55
CA GLY A 149 -14.75 3.55 23.59
C GLY A 149 -16.06 4.17 23.14
N GLY A 150 -16.07 4.81 21.99
CA GLY A 150 -17.28 5.44 21.49
C GLY A 150 -17.03 6.21 20.22
N ASN A 151 -16.75 7.48 20.34
CA ASN A 151 -16.50 8.33 19.17
C ASN A 151 -15.04 8.72 19.17
N CYS A 152 -14.37 8.65 18.02
CA CYS A 152 -13.00 9.08 17.93
C CYS A 152 -12.94 10.44 17.23
N ILE A 153 -12.16 11.35 17.79
CA ILE A 153 -12.06 12.71 17.28
C ILE A 153 -10.60 13.09 17.14
N ASN A 154 -10.14 13.12 15.91
CA ASN A 154 -8.72 13.27 15.61
C ASN A 154 -8.21 14.66 15.93
N THR A 155 -7.18 14.69 16.72
CA THR A 155 -6.29 15.82 16.71
C THR A 155 -4.95 15.38 16.12
N VAL A 156 -4.21 16.33 15.59
CA VAL A 156 -2.94 15.96 15.06
C VAL A 156 -2.00 15.71 16.22
N GLY A 157 -1.38 14.54 16.21
CA GLY A 157 -0.58 14.14 17.34
C GLY A 157 -1.20 12.98 18.07
N SER A 158 -2.52 12.85 17.96
CA SER A 158 -3.25 11.84 18.71
C SER A 158 -4.73 12.02 18.49
N PHE A 159 -5.48 10.95 18.61
CA PHE A 159 -6.91 11.04 18.45
C PHE A 159 -7.57 11.00 19.81
N GLU A 160 -8.76 11.54 19.90
CA GLU A 160 -9.44 11.64 21.17
C GLU A 160 -10.63 10.69 21.18
N CYS A 161 -10.74 9.88 22.20
CA CYS A 161 -11.89 9.00 22.30
C CYS A 161 -12.89 9.54 23.30
N LYS A 162 -14.14 9.51 22.90
CA LYS A 162 -15.20 10.05 23.71
C LYS A 162 -16.16 8.94 24.12
N CYS A 163 -16.41 8.89 25.40
CA CYS A 163 -17.25 7.87 26.01
C CYS A 163 -18.29 8.53 26.90
N PRO A 164 -19.30 7.77 27.35
CA PRO A 164 -20.18 8.20 28.44
C PRO A 164 -19.37 8.54 29.69
N ALA A 165 -19.92 9.39 30.53
CA ALA A 165 -19.23 9.84 31.74
C ALA A 165 -18.99 8.67 32.69
N GLY A 166 -18.04 8.82 33.59
CA GLY A 166 -17.66 7.74 34.45
C GLY A 166 -16.58 6.90 33.84
N HIS A 167 -16.60 6.80 32.52
CA HIS A 167 -15.66 5.97 31.79
C HIS A 167 -14.27 6.58 31.80
N LYS A 168 -13.27 5.73 31.63
CA LYS A 168 -11.87 6.14 31.71
C LYS A 168 -11.09 5.49 30.58
N LEU A 169 -10.33 6.29 29.84
CA LEU A 169 -9.73 5.82 28.60
C LEU A 169 -8.50 4.95 28.85
N ASN A 170 -8.37 3.95 28.00
CA ASN A 170 -7.23 3.07 27.97
C ASN A 170 -6.63 3.10 26.57
N GLU A 171 -5.55 3.86 26.41
CA GLU A 171 -4.95 4.09 25.10
C GLU A 171 -4.28 2.84 24.57
N VAL A 172 -4.17 1.84 25.41
CA VAL A 172 -3.65 0.56 24.99
C VAL A 172 -4.60 -0.07 23.96
N SER A 173 -5.84 -0.28 24.36
CA SER A 173 -6.82 -0.93 23.52
C SER A 173 -7.99 0.01 23.18
N GLN A 174 -7.66 1.31 23.17
CA GLN A 174 -8.65 2.38 23.06
C GLN A 174 -9.99 2.03 23.68
N LYS A 175 -9.94 1.58 24.90
CA LYS A 175 -11.13 1.20 25.62
C LYS A 175 -11.43 2.27 26.67
N CYS A 176 -12.58 2.20 27.32
CA CYS A 176 -12.90 3.14 28.36
C CYS A 176 -14.00 2.60 29.24
N GLU A 177 -13.67 2.34 30.50
CA GLU A 177 -14.61 1.74 31.40
C GLU A 177 -14.26 2.13 32.83
N SER A 1 -21.04 9.21 -47.14
CA SER A 1 -19.97 8.55 -46.36
C SER A 1 -19.69 7.13 -46.87
N ALA A 2 -20.62 6.57 -47.64
CA ALA A 2 -20.49 5.20 -48.13
C ALA A 2 -19.83 5.17 -49.51
N SER A 3 -19.28 6.30 -49.95
CA SER A 3 -18.60 6.38 -51.23
C SER A 3 -17.09 6.33 -51.03
N ARG A 4 -16.66 5.72 -49.94
CA ARG A 4 -15.25 5.62 -49.61
C ARG A 4 -14.85 4.16 -49.55
N SER A 5 -13.55 3.89 -49.70
CA SER A 5 -13.03 2.55 -49.53
C SER A 5 -12.86 2.24 -48.05
N ILE A 6 -13.97 1.94 -47.39
CA ILE A 6 -13.97 1.71 -45.96
C ILE A 6 -13.61 0.25 -45.68
N GLN A 7 -12.85 0.03 -44.61
CA GLN A 7 -12.36 -1.29 -44.24
C GLN A 7 -11.41 -1.83 -45.30
N HIS A 8 -10.50 -0.97 -45.74
CA HIS A 8 -9.51 -1.34 -46.73
C HIS A 8 -8.39 -2.12 -46.03
N CYS A 9 -8.23 -1.89 -44.73
CA CYS A 9 -7.25 -2.62 -43.93
C CYS A 9 -7.76 -4.02 -43.64
N ASN A 10 -6.98 -4.81 -42.91
CA ASN A 10 -7.36 -6.18 -42.64
C ASN A 10 -7.59 -6.37 -41.16
N ILE A 11 -6.60 -6.02 -40.37
CA ILE A 11 -6.66 -6.16 -38.93
C ILE A 11 -7.70 -5.27 -38.25
N ARG A 12 -7.70 -5.34 -36.91
CA ARG A 12 -8.62 -4.61 -36.06
C ARG A 12 -7.84 -3.67 -35.15
N CYS A 13 -8.49 -2.62 -34.67
CA CYS A 13 -7.85 -1.69 -33.75
C CYS A 13 -8.56 -1.66 -32.41
N MET A 14 -7.78 -1.65 -31.35
CA MET A 14 -8.30 -1.60 -29.99
C MET A 14 -7.43 -0.71 -29.13
N ASN A 15 -8.05 0.08 -28.26
CA ASN A 15 -7.34 0.98 -27.36
C ASN A 15 -6.70 2.14 -28.11
N GLY A 16 -7.51 2.88 -28.86
CA GLY A 16 -7.05 4.12 -29.45
C GLY A 16 -6.22 3.92 -30.71
N GLY A 17 -6.61 2.97 -31.54
CA GLY A 17 -5.90 2.77 -32.78
C GLY A 17 -6.72 3.13 -34.02
N SER A 18 -6.04 3.52 -35.08
CA SER A 18 -6.65 3.80 -36.36
C SER A 18 -6.21 2.73 -37.36
N CYS A 19 -7.17 2.09 -38.01
CA CYS A 19 -6.87 0.93 -38.85
C CYS A 19 -6.23 1.35 -40.18
N SER A 20 -5.04 0.83 -40.45
CA SER A 20 -4.38 1.07 -41.72
C SER A 20 -3.68 -0.19 -42.23
N ASP A 21 -3.88 -0.49 -43.52
CA ASP A 21 -3.28 -1.67 -44.18
C ASP A 21 -3.38 -2.94 -43.32
N ASP A 22 -2.28 -3.35 -42.75
CA ASP A 22 -2.24 -4.53 -41.86
C ASP A 22 -1.54 -4.17 -40.55
N HIS A 23 -1.60 -2.91 -40.19
CA HIS A 23 -0.92 -2.42 -38.99
C HIS A 23 -1.58 -1.13 -38.53
N CYS A 24 -2.06 -1.16 -37.30
CA CYS A 24 -2.88 -0.10 -36.76
C CYS A 24 -2.02 1.02 -36.18
N LEU A 25 -2.39 2.26 -36.50
CA LEU A 25 -1.71 3.42 -35.95
C LEU A 25 -2.29 3.72 -34.59
N CYS A 26 -1.43 3.80 -33.62
CA CYS A 26 -1.86 3.90 -32.24
C CYS A 26 -1.74 5.33 -31.73
N GLN A 27 -2.62 5.69 -30.81
CA GLN A 27 -2.51 6.96 -30.10
C GLN A 27 -1.30 6.92 -29.16
N LYS A 28 -0.71 8.08 -28.88
CA LYS A 28 0.48 8.14 -28.06
C LYS A 28 0.24 7.55 -26.71
N GLY A 29 0.93 6.48 -26.49
CA GLY A 29 0.83 5.74 -25.26
C GLY A 29 0.30 4.35 -25.50
N TYR A 30 0.10 3.99 -26.76
CA TYR A 30 -0.33 2.63 -27.08
C TYR A 30 0.63 2.02 -28.09
N ILE A 31 0.83 0.72 -27.98
CA ILE A 31 1.81 0.01 -28.78
C ILE A 31 1.23 -1.33 -29.21
N GLY A 32 2.05 -2.09 -29.93
CA GLY A 32 1.57 -3.28 -30.62
C GLY A 32 1.11 -2.96 -32.03
N THR A 33 1.16 -3.94 -32.91
CA THR A 33 0.76 -3.74 -34.31
C THR A 33 -0.72 -3.42 -34.43
N HIS A 34 -1.52 -3.98 -33.54
CA HIS A 34 -2.96 -3.72 -33.54
C HIS A 34 -3.31 -2.91 -32.32
N CYS A 35 -2.33 -2.14 -31.86
CA CYS A 35 -2.37 -1.47 -30.60
C CYS A 35 -2.59 -2.52 -29.52
N GLY A 36 -3.60 -2.33 -28.74
CA GLY A 36 -3.89 -3.27 -27.68
C GLY A 36 -3.06 -3.05 -26.43
N GLN A 37 -1.78 -2.72 -26.59
CA GLN A 37 -0.90 -2.61 -25.43
C GLN A 37 -0.71 -1.14 -25.03
N PRO A 38 -1.11 -0.77 -23.81
CA PRO A 38 -0.89 0.56 -23.28
C PRO A 38 0.47 0.70 -22.58
N VAL A 39 1.11 1.83 -22.81
CA VAL A 39 2.46 2.05 -22.31
C VAL A 39 2.47 2.23 -20.78
N CYS A 40 2.88 1.20 -20.08
CA CYS A 40 3.04 1.27 -18.63
C CYS A 40 4.38 1.90 -18.28
N GLU A 41 4.48 3.22 -18.44
CA GLU A 41 5.76 3.94 -18.36
C GLU A 41 6.53 3.71 -17.08
N SER A 42 5.87 3.81 -15.93
CA SER A 42 6.58 3.86 -14.68
C SER A 42 6.76 2.46 -14.11
N GLY A 43 6.60 1.49 -14.98
CA GLY A 43 6.65 0.12 -14.58
C GLY A 43 5.40 -0.29 -13.89
N CYS A 44 4.86 -1.36 -14.36
CA CYS A 44 3.73 -1.98 -13.71
C CYS A 44 4.21 -2.76 -12.50
N LEU A 45 3.33 -2.92 -11.54
CA LEU A 45 3.69 -3.37 -10.22
C LEU A 45 2.58 -4.18 -9.61
N ASN A 46 2.95 -4.99 -8.62
CA ASN A 46 2.10 -6.08 -8.13
C ASN A 46 1.66 -6.96 -9.30
N GLY A 47 2.48 -7.00 -10.35
CA GLY A 47 2.07 -7.68 -11.57
C GLY A 47 0.88 -7.01 -12.21
N GLY A 48 0.85 -5.69 -12.13
CA GLY A 48 -0.27 -4.93 -12.62
C GLY A 48 -0.48 -5.02 -14.11
N ARG A 49 -1.71 -4.85 -14.48
CA ARG A 49 -2.12 -4.89 -15.89
C ARG A 49 -2.21 -3.49 -16.47
N CYS A 50 -1.40 -3.20 -17.48
CA CYS A 50 -1.44 -1.91 -18.15
C CYS A 50 -2.79 -1.71 -18.82
N VAL A 51 -3.45 -0.61 -18.53
CA VAL A 51 -4.77 -0.35 -19.06
C VAL A 51 -4.79 0.85 -20.01
N ALA A 52 -4.09 1.91 -19.63
CA ALA A 52 -3.95 3.09 -20.46
C ALA A 52 -2.50 3.57 -20.39
N PRO A 53 -2.08 4.60 -21.15
CA PRO A 53 -0.72 5.07 -21.09
C PRO A 53 -0.37 5.62 -19.70
N ASN A 54 0.46 4.85 -18.99
CA ASN A 54 0.94 5.17 -17.65
C ASN A 54 -0.17 4.96 -16.64
N ARG A 55 -1.20 4.24 -17.08
CA ARG A 55 -2.23 3.75 -16.21
C ARG A 55 -2.16 2.26 -16.12
N CYS A 56 -1.50 1.79 -15.10
CA CYS A 56 -1.50 0.39 -14.78
C CYS A 56 -2.69 0.10 -13.86
N ALA A 57 -3.19 -1.12 -13.93
CA ALA A 57 -4.28 -1.53 -13.07
C ALA A 57 -3.75 -2.44 -11.97
N CYS A 58 -3.94 -2.00 -10.75
CA CYS A 58 -3.34 -2.61 -9.58
C CYS A 58 -4.02 -3.91 -9.21
N THR A 59 -3.22 -4.96 -9.14
CA THR A 59 -3.69 -6.27 -8.75
C THR A 59 -4.29 -6.28 -7.34
N TYR A 60 -3.66 -5.57 -6.41
CA TYR A 60 -4.14 -5.60 -5.04
C TYR A 60 -4.06 -4.22 -4.39
N GLY A 61 -3.49 -4.17 -3.21
CA GLY A 61 -3.60 -3.02 -2.37
C GLY A 61 -2.65 -1.92 -2.73
N PHE A 62 -2.72 -1.44 -3.96
CA PHE A 62 -2.00 -0.25 -4.31
C PHE A 62 -2.91 0.84 -4.80
N THR A 63 -2.82 1.99 -4.17
CA THR A 63 -3.43 3.19 -4.69
C THR A 63 -2.41 3.88 -5.58
N GLY A 64 -2.87 4.72 -6.48
CA GLY A 64 -1.96 5.36 -7.39
C GLY A 64 -1.74 4.49 -8.60
N PRO A 65 -1.86 5.03 -9.81
CA PRO A 65 -1.98 4.21 -11.01
C PRO A 65 -0.68 3.55 -11.46
N GLN A 66 0.27 3.42 -10.55
CA GLN A 66 1.53 2.74 -10.84
C GLN A 66 1.71 1.53 -9.90
N CYS A 67 0.78 1.43 -8.95
CA CYS A 67 0.80 0.41 -7.88
C CYS A 67 2.17 0.19 -7.25
N GLU A 68 2.83 1.28 -6.85
CA GLU A 68 4.09 1.18 -6.14
C GLU A 68 3.88 1.52 -4.67
N ARG A 69 2.73 2.12 -4.42
CA ARG A 69 2.40 2.62 -3.08
C ARG A 69 2.46 1.46 -2.09
N ASP A 70 1.52 0.53 -2.22
CA ASP A 70 1.63 -0.76 -1.55
C ASP A 70 1.26 -0.64 -0.10
N TYR A 71 -0.03 -0.49 0.17
CA TYR A 71 -0.49 -0.52 1.52
C TYR A 71 -0.86 -1.97 1.86
N ARG A 72 0.20 -2.77 1.91
CA ARG A 72 0.12 -4.15 2.33
C ARG A 72 -0.81 -4.31 3.53
N THR A 73 -1.80 -5.17 3.37
CA THR A 73 -2.86 -5.29 4.35
C THR A 73 -2.50 -6.26 5.45
N GLY A 74 -2.84 -5.90 6.68
CA GLY A 74 -2.59 -6.76 7.81
C GLY A 74 -3.47 -6.38 8.98
N PRO A 75 -3.89 -7.35 9.80
CA PRO A 75 -4.65 -7.07 11.02
C PRO A 75 -3.76 -6.50 12.11
N CYS A 76 -4.19 -5.40 12.69
CA CYS A 76 -3.42 -4.75 13.74
C CYS A 76 -3.67 -5.42 15.09
N PHE A 77 -2.60 -5.98 15.65
CA PHE A 77 -2.69 -6.67 16.94
C PHE A 77 -2.36 -5.69 18.06
N THR A 78 -2.89 -5.97 19.27
CA THR A 78 -2.98 -4.97 20.31
C THR A 78 -2.18 -5.33 21.59
N VAL A 79 -1.82 -6.60 21.77
CA VAL A 79 -1.12 -7.01 22.99
C VAL A 79 -0.50 -8.38 22.81
N ILE A 80 0.81 -8.45 22.86
CA ILE A 80 1.49 -9.63 22.36
C ILE A 80 2.46 -10.26 23.35
N SER A 81 2.18 -11.52 23.62
CA SER A 81 3.19 -12.46 24.03
C SER A 81 3.39 -13.40 22.86
N ASN A 82 4.33 -14.36 22.94
CA ASN A 82 4.43 -15.36 21.88
C ASN A 82 3.16 -16.23 21.90
N GLN A 83 2.43 -16.07 22.98
CA GLN A 83 1.23 -16.85 23.23
C GLN A 83 0.04 -16.32 22.41
N MET A 84 -0.06 -15.00 22.28
CA MET A 84 -1.19 -14.40 21.59
C MET A 84 -0.86 -12.95 21.20
N CYS A 85 -1.29 -12.54 20.00
CA CYS A 85 -0.97 -11.21 19.49
C CYS A 85 -2.04 -10.19 19.88
N GLN A 86 -3.24 -10.66 20.13
CA GLN A 86 -4.28 -9.83 20.71
C GLN A 86 -5.31 -10.71 21.39
N GLY A 87 -6.14 -11.39 20.61
CA GLY A 87 -7.06 -12.34 21.19
C GLY A 87 -8.48 -12.10 20.73
N GLN A 88 -8.82 -10.84 20.50
CA GLN A 88 -10.10 -10.47 19.89
C GLN A 88 -10.08 -10.76 18.40
N LEU A 89 -8.98 -10.39 17.74
CA LEU A 89 -8.82 -10.52 16.28
C LEU A 89 -9.70 -9.50 15.55
N SER A 90 -9.10 -8.80 14.59
CA SER A 90 -9.80 -7.74 13.88
C SER A 90 -9.43 -7.75 12.40
N GLY A 91 -10.35 -7.27 11.57
CA GLY A 91 -10.10 -7.20 10.15
C GLY A 91 -9.91 -5.78 9.69
N ILE A 92 -9.54 -4.92 10.63
CA ILE A 92 -9.15 -3.56 10.30
C ILE A 92 -7.96 -3.59 9.37
N VAL A 93 -8.16 -3.14 8.15
CA VAL A 93 -7.08 -3.13 7.20
C VAL A 93 -6.51 -1.72 7.05
N SER A 94 -5.41 -1.54 7.73
CA SER A 94 -4.59 -0.36 7.63
C SER A 94 -3.18 -0.85 7.51
N THR A 95 -2.19 0.02 7.43
CA THR A 95 -0.85 -0.45 7.20
C THR A 95 -0.11 -0.57 8.51
N LYS A 96 0.99 -1.30 8.46
CA LYS A 96 1.84 -1.44 9.61
C LYS A 96 2.32 -0.08 10.05
N THR A 97 2.72 0.72 9.06
CA THR A 97 3.11 2.09 9.27
C THR A 97 2.09 2.80 10.15
N LEU A 98 0.84 2.75 9.72
CA LEU A 98 -0.25 3.33 10.50
C LEU A 98 -0.27 2.82 11.92
N CYS A 99 -0.47 1.53 12.08
CA CYS A 99 -0.73 0.99 13.40
C CYS A 99 0.50 1.05 14.31
N CYS A 100 1.69 1.14 13.74
CA CYS A 100 2.90 1.16 14.53
C CYS A 100 3.38 2.59 14.79
N ALA A 101 3.07 3.55 13.90
CA ALA A 101 3.36 4.95 14.20
C ALA A 101 2.47 5.36 15.34
N THR A 102 1.20 5.16 15.09
CA THR A 102 0.12 5.39 16.04
C THR A 102 0.24 4.51 17.29
N VAL A 103 -0.89 4.25 17.93
CA VAL A 103 -1.00 3.40 19.13
C VAL A 103 -0.07 2.14 19.21
N GLY A 104 0.70 1.81 18.15
CA GLY A 104 1.68 0.73 18.28
C GLY A 104 1.09 -0.65 18.39
N ARG A 105 1.86 -1.54 19.02
CA ARG A 105 1.42 -2.88 19.44
C ARG A 105 1.91 -3.91 18.45
N ALA A 106 1.18 -4.11 17.35
CA ALA A 106 1.63 -5.01 16.30
C ALA A 106 0.68 -4.94 15.12
N TRP A 107 1.09 -5.52 13.99
CA TRP A 107 0.29 -5.51 12.79
C TRP A 107 0.69 -6.68 11.88
N GLY A 108 -0.29 -7.24 11.16
CA GLY A 108 0.02 -8.20 10.11
C GLY A 108 0.25 -9.62 10.60
N HIS A 109 0.06 -10.58 9.70
CA HIS A 109 0.38 -11.98 9.96
C HIS A 109 1.19 -12.55 8.79
N PRO A 110 2.28 -13.31 9.05
CA PRO A 110 2.77 -13.65 10.39
C PRO A 110 2.94 -12.43 11.29
N CYS A 111 2.62 -12.64 12.56
CA CYS A 111 2.53 -11.58 13.56
C CYS A 111 3.77 -10.68 13.54
N GLU A 112 3.58 -9.43 13.12
CA GLU A 112 4.65 -8.45 13.09
C GLU A 112 4.51 -7.49 14.26
N MET A 113 5.35 -7.69 15.28
CA MET A 113 5.24 -7.00 16.53
C MET A 113 6.02 -5.68 16.46
N CYS A 114 5.41 -4.57 16.87
CA CYS A 114 6.07 -3.27 16.69
C CYS A 114 5.80 -2.31 17.84
N PRO A 115 6.80 -1.44 18.15
CA PRO A 115 6.59 -0.27 19.01
C PRO A 115 5.59 0.69 18.42
N ALA A 116 5.20 1.64 19.24
CA ALA A 116 4.58 2.80 18.73
C ALA A 116 5.66 3.72 18.17
N GLN A 117 5.29 4.95 18.04
CA GLN A 117 6.03 6.03 17.36
C GLN A 117 7.49 5.72 17.02
N PRO A 118 7.72 5.10 15.85
CA PRO A 118 9.07 4.85 15.34
C PRO A 118 9.71 6.13 14.85
N HIS A 119 9.00 6.82 13.96
CA HIS A 119 9.47 8.09 13.43
C HIS A 119 9.35 9.17 14.49
N PRO A 120 10.33 10.08 14.55
CA PRO A 120 10.35 11.10 15.57
C PRO A 120 9.49 12.33 15.25
N CYS A 121 8.44 12.13 14.47
CA CYS A 121 7.47 13.19 14.22
C CYS A 121 6.46 13.22 15.35
N ARG A 122 5.38 12.48 15.18
CA ARG A 122 4.42 12.19 16.23
C ARG A 122 3.89 10.79 15.99
N ARG A 123 3.55 10.08 17.05
CA ARG A 123 2.84 8.81 16.90
C ARG A 123 1.74 8.89 15.84
N GLY A 124 0.94 9.94 15.88
CA GLY A 124 -0.20 10.04 14.96
C GLY A 124 0.21 10.47 13.56
N PHE A 125 1.51 10.55 13.28
CA PHE A 125 1.97 11.14 12.03
C PHE A 125 2.76 10.19 11.17
N ILE A 126 2.54 10.31 9.88
CA ILE A 126 3.28 9.56 8.89
C ILE A 126 3.91 10.53 7.90
N PRO A 127 5.23 10.45 7.71
CA PRO A 127 5.94 11.34 6.78
C PRO A 127 5.57 11.09 5.32
N ASN A 128 5.11 12.15 4.66
CA ASN A 128 4.78 12.12 3.25
C ASN A 128 5.96 11.62 2.43
N ILE A 129 5.64 10.81 1.45
CA ILE A 129 6.64 10.24 0.57
C ILE A 129 7.17 11.29 -0.40
N ARG A 130 6.43 12.39 -0.51
CA ARG A 130 6.78 13.44 -1.46
C ARG A 130 7.45 14.60 -0.75
N THR A 131 6.68 15.25 0.10
CA THR A 131 7.14 16.44 0.79
C THR A 131 8.07 16.04 1.91
N GLY A 132 7.68 14.99 2.62
CA GLY A 132 8.45 14.50 3.72
C GLY A 132 7.86 15.01 5.02
N ALA A 133 6.70 15.64 4.91
CA ALA A 133 6.03 16.24 6.03
C ALA A 133 5.19 15.21 6.74
N CYS A 134 5.43 15.13 8.01
CA CYS A 134 4.68 14.27 8.91
C CYS A 134 3.24 14.74 8.98
N GLN A 135 2.30 13.87 8.64
CA GLN A 135 0.89 14.21 8.68
C GLN A 135 0.14 13.31 9.65
N ASP A 136 -0.81 13.88 10.39
CA ASP A 136 -1.57 13.11 11.36
C ASP A 136 -2.63 12.29 10.67
N VAL A 137 -2.93 11.15 11.25
CA VAL A 137 -3.89 10.26 10.67
C VAL A 137 -5.21 10.39 11.34
N ASP A 138 -6.26 10.12 10.61
CA ASP A 138 -7.54 9.93 11.21
C ASP A 138 -7.50 8.58 11.88
N GLU A 139 -6.85 8.54 13.05
CA GLU A 139 -6.62 7.33 13.78
C GLU A 139 -7.94 6.58 13.94
N CYS A 140 -9.00 7.36 14.22
CA CYS A 140 -10.39 6.89 14.24
C CYS A 140 -10.67 5.83 13.17
N GLN A 141 -10.17 6.05 11.96
CA GLN A 141 -10.47 5.19 10.85
C GLN A 141 -9.34 4.20 10.60
N ALA A 142 -8.13 4.66 10.90
CA ALA A 142 -6.94 3.93 10.54
C ALA A 142 -6.52 2.92 11.60
N ILE A 143 -7.20 2.86 12.76
CA ILE A 143 -6.75 1.99 13.84
C ILE A 143 -7.91 1.16 14.48
N PRO A 144 -7.65 -0.16 14.68
CA PRO A 144 -8.65 -1.18 15.06
C PRO A 144 -9.65 -0.74 16.12
N GLY A 145 -9.19 -0.64 17.36
CA GLY A 145 -10.09 -0.45 18.46
C GLY A 145 -10.37 1.01 18.77
N LEU A 146 -10.33 1.87 17.77
CA LEU A 146 -10.64 3.28 18.02
C LEU A 146 -12.10 3.42 18.41
N CYS A 147 -12.35 4.26 19.42
CA CYS A 147 -13.63 4.31 20.11
C CYS A 147 -14.82 4.57 19.17
N GLN A 148 -15.52 3.49 18.84
CA GLN A 148 -16.74 3.58 18.04
C GLN A 148 -17.95 3.69 18.96
N GLY A 149 -17.78 3.28 20.21
CA GLY A 149 -18.84 3.41 21.19
C GLY A 149 -18.95 4.83 21.72
N GLY A 150 -19.41 5.72 20.86
CA GLY A 150 -19.46 7.12 21.17
C GLY A 150 -18.85 7.93 20.06
N ASN A 151 -18.24 9.05 20.39
CA ASN A 151 -17.60 9.88 19.39
C ASN A 151 -16.09 9.81 19.55
N CYS A 152 -15.36 9.88 18.45
CA CYS A 152 -13.93 9.98 18.50
C CYS A 152 -13.53 11.17 17.65
N ILE A 153 -12.46 11.84 18.02
CA ILE A 153 -12.17 13.14 17.44
C ILE A 153 -10.70 13.28 17.15
N ASN A 154 -10.35 13.25 15.89
CA ASN A 154 -8.97 13.31 15.48
C ASN A 154 -8.42 14.70 15.68
N THR A 155 -7.49 14.80 16.57
CA THR A 155 -6.63 15.94 16.59
C THR A 155 -5.30 15.50 16.01
N VAL A 156 -4.58 16.41 15.39
CA VAL A 156 -3.29 16.00 14.90
C VAL A 156 -2.38 15.84 16.09
N GLY A 157 -1.66 14.74 16.12
CA GLY A 157 -0.84 14.44 17.27
C GLY A 157 -1.51 13.48 18.22
N SER A 158 -2.84 13.36 18.12
CA SER A 158 -3.57 12.53 19.07
C SER A 158 -5.06 12.56 18.74
N PHE A 159 -5.73 11.44 18.90
CA PHE A 159 -7.17 11.44 18.75
C PHE A 159 -7.81 11.52 20.10
N GLU A 160 -9.03 11.99 20.16
CA GLU A 160 -9.72 12.10 21.42
C GLU A 160 -10.97 11.22 21.40
N CYS A 161 -11.43 10.82 22.56
CA CYS A 161 -12.62 10.00 22.64
C CYS A 161 -13.68 10.62 23.50
N LYS A 162 -14.91 10.24 23.21
CA LYS A 162 -16.04 10.54 24.02
C LYS A 162 -16.90 9.30 24.17
N CYS A 163 -16.76 8.66 25.30
CA CYS A 163 -17.52 7.47 25.60
C CYS A 163 -18.62 7.80 26.60
N PRO A 164 -19.55 6.86 26.84
CA PRO A 164 -20.52 7.02 27.92
C PRO A 164 -19.82 7.25 29.26
N ALA A 165 -20.55 7.85 30.19
CA ALA A 165 -20.00 8.17 31.49
C ALA A 165 -19.51 6.92 32.20
N GLY A 166 -18.55 7.09 33.09
CA GLY A 166 -17.96 5.97 33.76
C GLY A 166 -16.80 5.40 32.99
N HIS A 167 -16.86 5.50 31.66
CA HIS A 167 -15.84 4.90 30.82
C HIS A 167 -14.50 5.64 30.92
N LYS A 168 -13.43 4.92 30.62
CA LYS A 168 -12.08 5.46 30.66
C LYS A 168 -11.30 4.95 29.46
N LEU A 169 -10.58 5.83 28.77
CA LEU A 169 -9.84 5.44 27.58
C LEU A 169 -8.41 5.02 27.93
N ASN A 170 -7.96 4.00 27.25
CA ASN A 170 -6.60 3.54 27.35
C ASN A 170 -6.02 3.46 25.96
N GLU A 171 -5.22 4.46 25.60
CA GLU A 171 -4.67 4.59 24.24
C GLU A 171 -3.79 3.39 23.90
N VAL A 172 -3.26 2.75 24.92
CA VAL A 172 -2.36 1.63 24.75
C VAL A 172 -3.09 0.45 24.10
N SER A 173 -4.28 0.19 24.58
CA SER A 173 -5.09 -0.91 24.07
C SER A 173 -6.40 -0.37 23.47
N GLN A 174 -6.38 0.92 23.15
CA GLN A 174 -7.55 1.67 22.71
C GLN A 174 -8.84 1.23 23.42
N LYS A 175 -8.76 1.04 24.73
CA LYS A 175 -9.94 0.60 25.46
C LYS A 175 -10.70 1.81 25.97
N CYS A 176 -11.99 1.67 26.17
CA CYS A 176 -12.77 2.72 26.77
C CYS A 176 -13.96 2.11 27.48
N GLU A 177 -13.74 1.72 28.71
CA GLU A 177 -14.72 0.98 29.47
C GLU A 177 -14.81 1.55 30.87
N SER A 1 16.61 0.43 -39.83
CA SER A 1 15.80 0.34 -38.58
C SER A 1 14.33 0.52 -38.90
N ALA A 2 13.75 -0.49 -39.54
CA ALA A 2 12.36 -0.43 -39.95
C ALA A 2 11.76 -1.83 -39.99
N SER A 3 10.52 -1.95 -39.55
CA SER A 3 9.80 -3.21 -39.63
C SER A 3 9.12 -3.31 -41.00
N ARG A 4 9.94 -3.28 -42.04
CA ARG A 4 9.46 -3.22 -43.41
C ARG A 4 9.11 -4.61 -43.92
N SER A 5 7.95 -4.73 -44.56
CA SER A 5 7.48 -5.99 -45.10
C SER A 5 8.31 -6.41 -46.31
N ILE A 6 8.82 -5.42 -47.04
CA ILE A 6 9.74 -5.66 -48.13
C ILE A 6 11.09 -6.13 -47.58
N GLN A 7 11.59 -7.25 -48.09
CA GLN A 7 12.83 -7.85 -47.59
C GLN A 7 12.63 -8.27 -46.13
N HIS A 8 11.61 -9.09 -45.92
CA HIS A 8 11.22 -9.55 -44.59
C HIS A 8 12.29 -10.45 -43.98
N CYS A 9 12.50 -10.33 -42.68
CA CYS A 9 13.48 -11.15 -41.97
C CYS A 9 12.97 -12.59 -41.86
N ASN A 10 13.75 -13.45 -41.19
CA ASN A 10 13.42 -14.86 -41.09
C ASN A 10 13.16 -15.22 -39.63
N ILE A 11 13.66 -14.38 -38.72
CA ILE A 11 13.40 -14.60 -37.32
C ILE A 11 12.27 -13.70 -36.85
N ARG A 12 11.27 -14.32 -36.25
CA ARG A 12 10.15 -13.63 -35.66
C ARG A 12 10.59 -12.54 -34.68
N CYS A 13 10.05 -11.35 -34.90
CA CYS A 13 10.32 -10.20 -34.04
C CYS A 13 9.04 -9.76 -33.36
N MET A 14 9.01 -9.86 -32.04
CA MET A 14 7.83 -9.46 -31.28
C MET A 14 7.94 -8.00 -30.86
N ASN A 15 6.80 -7.37 -30.61
CA ASN A 15 6.76 -6.01 -30.04
C ASN A 15 7.31 -4.98 -31.03
N GLY A 16 6.84 -5.08 -32.27
CA GLY A 16 7.15 -4.09 -33.29
C GLY A 16 8.58 -4.14 -33.76
N GLY A 17 9.26 -5.26 -33.50
CA GLY A 17 10.66 -5.42 -33.88
C GLY A 17 10.91 -5.16 -35.37
N SER A 18 11.91 -4.34 -35.64
CA SER A 18 12.30 -4.01 -37.01
C SER A 18 13.12 -5.14 -37.62
N CYS A 19 13.16 -5.17 -38.94
CA CYS A 19 13.85 -6.24 -39.63
C CYS A 19 15.34 -5.91 -39.81
N SER A 20 16.17 -6.46 -38.93
CA SER A 20 17.59 -6.32 -39.05
C SER A 20 18.20 -7.66 -39.38
N ASP A 21 19.19 -7.62 -40.28
CA ASP A 21 19.93 -8.77 -40.79
C ASP A 21 20.33 -9.83 -39.75
N ASP A 22 19.33 -10.57 -39.30
CA ASP A 22 19.47 -11.85 -38.57
C ASP A 22 19.06 -11.65 -37.11
N HIS A 23 19.18 -10.44 -36.63
CA HIS A 23 18.70 -10.11 -35.30
C HIS A 23 17.63 -9.03 -35.40
N CYS A 24 16.67 -9.05 -34.51
CA CYS A 24 15.62 -8.06 -34.53
C CYS A 24 16.07 -6.77 -33.89
N LEU A 25 15.38 -5.68 -34.24
CA LEU A 25 15.65 -4.38 -33.65
C LEU A 25 14.36 -3.85 -33.03
N CYS A 26 14.30 -3.91 -31.73
CA CYS A 26 13.07 -3.70 -31.01
C CYS A 26 12.60 -2.25 -31.06
N GLN A 27 11.44 -2.03 -30.48
CA GLN A 27 10.91 -0.68 -30.33
C GLN A 27 11.39 -0.21 -28.98
N LYS A 28 11.74 1.05 -28.89
CA LYS A 28 12.45 1.51 -27.70
C LYS A 28 11.60 1.36 -26.47
N GLY A 29 12.02 0.42 -25.68
CA GLY A 29 11.36 0.07 -24.46
C GLY A 29 11.42 -1.41 -24.25
N TYR A 30 11.75 -2.14 -25.31
CA TYR A 30 12.03 -3.56 -25.17
C TYR A 30 13.46 -3.87 -25.61
N ILE A 31 14.02 -4.92 -25.06
CA ILE A 31 15.33 -5.39 -25.48
C ILE A 31 15.28 -6.90 -25.71
N GLY A 32 16.37 -7.43 -26.25
CA GLY A 32 16.44 -8.84 -26.56
C GLY A 32 16.31 -9.09 -28.05
N THR A 33 16.78 -10.25 -28.51
CA THR A 33 16.73 -10.57 -29.93
C THR A 33 15.31 -10.85 -30.38
N HIS A 34 14.45 -11.28 -29.46
CA HIS A 34 13.05 -11.50 -29.75
C HIS A 34 12.22 -10.33 -29.25
N CYS A 35 12.88 -9.43 -28.52
CA CYS A 35 12.26 -8.22 -28.00
C CYS A 35 11.24 -8.53 -26.92
N GLY A 36 11.57 -9.47 -26.06
CA GLY A 36 10.63 -9.89 -25.05
C GLY A 36 10.96 -9.33 -23.67
N GLN A 37 11.99 -8.49 -23.58
CA GLN A 37 12.35 -7.91 -22.28
C GLN A 37 11.98 -6.42 -22.24
N PRO A 38 10.99 -6.07 -21.40
CA PRO A 38 10.52 -4.69 -21.27
C PRO A 38 11.37 -3.86 -20.31
N VAL A 39 11.55 -2.60 -20.65
CA VAL A 39 12.34 -1.67 -19.87
C VAL A 39 11.62 -1.29 -18.58
N CYS A 40 12.22 -1.65 -17.46
CA CYS A 40 11.75 -1.22 -16.17
C CYS A 40 12.27 0.18 -15.92
N GLU A 41 11.61 1.15 -16.55
CA GLU A 41 12.02 2.54 -16.55
C GLU A 41 12.27 3.09 -15.15
N SER A 42 11.25 3.09 -14.32
CA SER A 42 11.35 3.67 -13.01
C SER A 42 11.69 2.61 -11.97
N GLY A 43 12.13 1.46 -12.43
CA GLY A 43 12.45 0.40 -11.56
C GLY A 43 11.43 -0.70 -11.62
N CYS A 44 10.84 -0.86 -10.50
CA CYS A 44 9.91 -1.92 -10.14
C CYS A 44 9.88 -1.90 -8.64
N LEU A 45 8.73 -2.10 -8.04
CA LEU A 45 8.56 -1.75 -6.65
C LEU A 45 7.90 -2.93 -5.97
N ASN A 46 7.82 -2.91 -4.63
CA ASN A 46 7.30 -4.05 -3.85
C ASN A 46 7.85 -5.41 -4.29
N GLY A 47 9.00 -5.43 -4.97
CA GLY A 47 9.52 -6.67 -5.51
C GLY A 47 8.65 -7.20 -6.64
N GLY A 48 8.13 -6.29 -7.46
CA GLY A 48 7.23 -6.66 -8.53
C GLY A 48 7.95 -7.29 -9.70
N ARG A 49 7.46 -7.05 -10.90
CA ARG A 49 8.05 -7.64 -12.09
C ARG A 49 7.69 -6.84 -13.34
N CYS A 50 8.69 -6.40 -14.08
CA CYS A 50 8.46 -5.68 -15.32
C CYS A 50 7.70 -6.53 -16.34
N VAL A 51 6.58 -6.03 -16.84
CA VAL A 51 5.83 -6.74 -17.86
C VAL A 51 5.88 -6.00 -19.19
N ALA A 52 5.65 -4.71 -19.15
CA ALA A 52 5.87 -3.87 -20.33
C ALA A 52 6.74 -2.66 -19.95
N PRO A 53 7.15 -1.78 -20.90
CA PRO A 53 7.97 -0.59 -20.59
C PRO A 53 7.40 0.25 -19.45
N ASN A 54 8.04 0.11 -18.29
CA ASN A 54 7.64 0.79 -17.05
C ASN A 54 6.30 0.30 -16.54
N ARG A 55 5.76 -0.72 -17.21
CA ARG A 55 4.60 -1.42 -16.70
C ARG A 55 5.10 -2.53 -15.83
N CYS A 56 5.40 -2.18 -14.60
CA CYS A 56 5.78 -3.17 -13.63
C CYS A 56 4.51 -3.73 -13.00
N ALA A 57 4.50 -5.03 -12.82
CA ALA A 57 3.37 -5.69 -12.23
C ALA A 57 3.58 -5.71 -10.72
N CYS A 58 2.57 -5.24 -10.00
CA CYS A 58 2.69 -4.95 -8.58
C CYS A 58 1.90 -5.94 -7.72
N THR A 59 2.56 -6.43 -6.67
CA THR A 59 2.09 -7.58 -5.92
C THR A 59 0.67 -7.46 -5.38
N TYR A 60 0.39 -6.44 -4.59
CA TYR A 60 -0.85 -6.45 -3.82
C TYR A 60 -1.26 -5.08 -3.32
N GLY A 61 -0.76 -4.71 -2.16
CA GLY A 61 -1.30 -3.59 -1.44
C GLY A 61 -0.72 -2.27 -1.85
N PHE A 62 -0.63 -2.03 -3.15
CA PHE A 62 -0.27 -0.70 -3.62
C PHE A 62 -1.35 -0.14 -4.51
N THR A 63 -1.72 1.08 -4.21
CA THR A 63 -2.65 1.80 -5.05
C THR A 63 -1.86 2.70 -5.97
N GLY A 64 -2.26 2.74 -7.20
CA GLY A 64 -1.48 3.38 -8.22
C GLY A 64 -0.73 2.34 -8.98
N PRO A 65 -0.84 2.31 -10.30
CA PRO A 65 -0.31 1.22 -11.09
C PRO A 65 1.22 1.15 -11.09
N GLN A 66 1.86 2.09 -10.40
CA GLN A 66 3.30 2.08 -10.27
C GLN A 66 3.70 1.77 -8.83
N CYS A 67 2.82 1.08 -8.10
CA CYS A 67 3.06 0.59 -6.72
C CYS A 67 4.12 1.30 -5.88
N GLU A 68 3.94 2.59 -5.63
CA GLU A 68 4.77 3.28 -4.65
C GLU A 68 3.93 3.69 -3.46
N ARG A 69 2.86 2.93 -3.27
CA ARG A 69 1.94 3.13 -2.18
C ARG A 69 1.91 1.88 -1.35
N ASP A 70 2.84 1.78 -0.44
CA ASP A 70 3.04 0.56 0.33
C ASP A 70 2.08 0.54 1.50
N TYR A 71 0.85 0.22 1.18
CA TYR A 71 -0.17 0.01 2.18
C TYR A 71 -0.54 -1.48 2.16
N ARG A 72 0.21 -2.32 2.85
CA ARG A 72 -0.06 -3.73 2.76
C ARG A 72 -1.15 -4.05 3.77
N THR A 73 -2.03 -4.98 3.47
CA THR A 73 -3.14 -5.23 4.37
C THR A 73 -2.80 -6.30 5.39
N GLY A 74 -3.16 -6.02 6.63
CA GLY A 74 -2.95 -6.96 7.71
C GLY A 74 -3.86 -6.64 8.90
N PRO A 75 -4.07 -7.60 9.82
CA PRO A 75 -4.88 -7.35 11.02
C PRO A 75 -4.12 -6.52 12.06
N CYS A 76 -4.74 -5.45 12.53
CA CYS A 76 -4.10 -4.58 13.51
C CYS A 76 -4.32 -5.12 14.93
N PHE A 77 -3.22 -5.51 15.55
CA PHE A 77 -3.26 -6.13 16.87
C PHE A 77 -2.90 -5.15 17.96
N THR A 78 -3.43 -5.36 19.17
CA THR A 78 -3.32 -4.39 20.23
C THR A 78 -2.48 -4.89 21.42
N VAL A 79 -2.38 -6.21 21.61
CA VAL A 79 -1.75 -6.75 22.83
C VAL A 79 -1.23 -8.15 22.54
N ILE A 80 0.07 -8.35 22.63
CA ILE A 80 0.62 -9.61 22.17
C ILE A 80 1.53 -10.29 23.17
N SER A 81 1.13 -11.46 23.58
CA SER A 81 2.02 -12.42 24.20
C SER A 81 2.18 -13.62 23.27
N ASN A 82 2.74 -14.72 23.76
CA ASN A 82 2.79 -15.95 22.97
C ASN A 82 1.38 -16.51 22.78
N GLN A 83 0.42 -15.88 23.43
CA GLN A 83 -0.95 -16.38 23.45
C GLN A 83 -1.78 -15.78 22.32
N MET A 84 -2.18 -14.54 22.51
CA MET A 84 -3.11 -13.89 21.60
C MET A 84 -2.64 -12.47 21.30
N CYS A 85 -2.70 -12.09 20.03
CA CYS A 85 -2.32 -10.75 19.62
C CYS A 85 -3.47 -9.76 19.79
N GLN A 86 -4.68 -10.34 19.96
CA GLN A 86 -5.92 -9.62 20.25
C GLN A 86 -6.74 -9.32 19.00
N GLY A 87 -7.71 -8.42 19.16
CA GLY A 87 -8.59 -8.03 18.08
C GLY A 87 -9.54 -9.13 17.67
N GLN A 88 -9.41 -10.31 18.28
CA GLN A 88 -10.15 -11.50 17.85
C GLN A 88 -9.98 -11.73 16.36
N LEU A 89 -8.76 -11.49 15.87
CA LEU A 89 -8.45 -11.60 14.46
C LEU A 89 -9.36 -10.68 13.66
N SER A 90 -9.28 -9.38 13.97
CA SER A 90 -10.13 -8.38 13.35
C SER A 90 -9.67 -8.12 11.91
N GLY A 91 -10.62 -7.80 11.04
CA GLY A 91 -10.31 -7.49 9.66
C GLY A 91 -10.06 -6.01 9.47
N ILE A 92 -9.63 -5.35 10.53
CA ILE A 92 -9.23 -3.95 10.43
C ILE A 92 -8.05 -3.84 9.49
N VAL A 93 -8.33 -3.32 8.32
CA VAL A 93 -7.30 -3.11 7.33
C VAL A 93 -6.77 -1.69 7.42
N SER A 94 -5.51 -1.63 7.71
CA SER A 94 -4.74 -0.42 7.88
C SER A 94 -3.33 -0.82 7.59
N THR A 95 -2.35 0.06 7.66
CA THR A 95 -1.01 -0.36 7.38
C THR A 95 -0.26 -0.54 8.66
N LYS A 96 0.82 -1.29 8.60
CA LYS A 96 1.64 -1.48 9.76
C LYS A 96 2.15 -0.13 10.24
N THR A 97 2.54 0.68 9.28
CA THR A 97 2.95 2.05 9.53
C THR A 97 1.97 2.73 10.48
N LEU A 98 0.68 2.74 10.08
CA LEU A 98 -0.37 3.30 10.91
C LEU A 98 -0.38 2.70 12.29
N CYS A 99 -0.43 1.39 12.38
CA CYS A 99 -0.56 0.72 13.66
C CYS A 99 0.69 0.86 14.54
N CYS A 100 1.85 1.12 13.96
CA CYS A 100 3.06 1.26 14.75
C CYS A 100 3.33 2.73 15.09
N ALA A 101 3.01 3.65 14.17
CA ALA A 101 3.20 5.07 14.45
C ALA A 101 2.15 5.49 15.44
N THR A 102 0.91 5.29 15.04
CA THR A 102 -0.22 5.59 15.88
C THR A 102 -0.67 4.30 16.54
N VAL A 103 -1.41 4.39 17.63
CA VAL A 103 -1.88 3.22 18.37
C VAL A 103 -0.72 2.44 19.02
N GLY A 104 0.35 2.15 18.27
CA GLY A 104 1.56 1.58 18.85
C GLY A 104 1.36 0.25 19.53
N ARG A 105 0.77 -0.70 18.82
CA ARG A 105 0.55 -2.01 19.40
C ARG A 105 1.18 -3.09 18.54
N ALA A 106 0.52 -3.46 17.43
CA ALA A 106 1.05 -4.45 16.51
C ALA A 106 0.17 -4.52 15.26
N TRP A 107 0.64 -5.18 14.20
CA TRP A 107 -0.12 -5.30 12.99
C TRP A 107 0.41 -6.49 12.18
N GLY A 108 -0.47 -7.14 11.43
CA GLY A 108 -0.03 -8.12 10.45
C GLY A 108 0.05 -9.54 10.97
N HIS A 109 0.40 -10.45 10.06
CA HIS A 109 0.56 -11.85 10.38
C HIS A 109 1.73 -12.44 9.59
N PRO A 110 2.65 -13.17 10.25
CA PRO A 110 2.65 -13.37 11.70
C PRO A 110 2.69 -12.04 12.44
N CYS A 111 2.07 -12.00 13.61
CA CYS A 111 1.90 -10.78 14.37
C CYS A 111 3.20 -9.99 14.47
N GLU A 112 3.16 -8.75 14.02
CA GLU A 112 4.30 -7.86 14.06
C GLU A 112 4.05 -6.79 15.12
N MET A 113 4.82 -6.82 16.19
CA MET A 113 4.52 -5.94 17.32
C MET A 113 5.34 -4.65 17.23
N CYS A 114 4.66 -3.54 17.46
CA CYS A 114 5.16 -2.22 17.09
C CYS A 114 5.88 -1.50 18.23
N PRO A 115 7.12 -1.08 17.98
CA PRO A 115 7.84 -0.15 18.85
C PRO A 115 7.19 1.22 18.90
N ALA A 116 7.44 1.91 20.01
CA ALA A 116 7.22 3.34 20.10
C ALA A 116 7.60 4.04 18.82
N GLN A 117 6.53 4.39 18.14
CA GLN A 117 6.47 5.19 16.89
C GLN A 117 7.80 5.29 16.13
N PRO A 118 8.07 4.32 15.23
CA PRO A 118 9.21 4.33 14.32
C PRO A 118 9.55 5.72 13.79
N HIS A 119 8.59 6.39 13.15
CA HIS A 119 8.73 7.80 12.79
C HIS A 119 8.47 8.68 13.99
N PRO A 120 9.52 9.25 14.58
CA PRO A 120 9.39 9.95 15.84
C PRO A 120 9.11 11.45 15.70
N CYS A 121 8.31 11.82 14.69
CA CYS A 121 7.80 13.18 14.61
C CYS A 121 6.80 13.36 15.73
N ARG A 122 5.64 12.76 15.53
CA ARG A 122 4.67 12.55 16.58
C ARG A 122 3.92 11.28 16.25
N ARG A 123 3.64 10.49 17.26
CA ARG A 123 2.95 9.19 17.08
C ARG A 123 1.89 9.20 15.97
N GLY A 124 1.04 10.24 15.94
CA GLY A 124 -0.05 10.25 14.99
C GLY A 124 0.36 10.64 13.58
N PHE A 125 1.66 10.72 13.31
CA PHE A 125 2.16 11.30 12.08
C PHE A 125 2.89 10.32 11.20
N ILE A 126 2.61 10.42 9.92
CA ILE A 126 3.31 9.67 8.90
C ILE A 126 3.83 10.66 7.86
N PRO A 127 5.07 10.51 7.40
CA PRO A 127 5.68 11.42 6.43
C PRO A 127 4.88 11.55 5.14
N ASN A 128 4.52 12.78 4.80
CA ASN A 128 3.88 13.10 3.56
C ASN A 128 4.76 12.66 2.40
N ILE A 129 4.12 12.15 1.38
CA ILE A 129 4.83 11.59 0.23
C ILE A 129 5.29 12.68 -0.73
N ARG A 130 4.76 13.88 -0.55
CA ARG A 130 5.09 14.99 -1.42
C ARG A 130 6.12 15.88 -0.77
N THR A 131 5.76 16.38 0.40
CA THR A 131 6.59 17.32 1.13
C THR A 131 7.58 16.58 2.02
N GLY A 132 7.15 15.44 2.52
CA GLY A 132 7.98 14.66 3.42
C GLY A 132 7.72 15.07 4.85
N ALA A 133 6.74 15.94 5.02
CA ALA A 133 6.40 16.48 6.31
C ALA A 133 5.48 15.53 7.05
N CYS A 134 5.80 15.32 8.29
CA CYS A 134 5.04 14.47 9.18
C CYS A 134 3.61 14.99 9.30
N GLN A 135 2.64 14.18 8.89
CA GLN A 135 1.25 14.59 8.93
C GLN A 135 0.45 13.66 9.81
N ASP A 136 -0.51 14.21 10.53
CA ASP A 136 -1.29 13.42 11.46
C ASP A 136 -2.35 12.65 10.70
N VAL A 137 -2.65 11.47 11.19
CA VAL A 137 -3.63 10.65 10.56
C VAL A 137 -4.95 10.79 11.28
N ASP A 138 -6.01 10.68 10.54
CA ASP A 138 -7.30 10.52 11.14
C ASP A 138 -7.38 9.10 11.63
N GLU A 139 -6.73 8.84 12.76
CA GLU A 139 -6.50 7.49 13.22
C GLU A 139 -7.81 6.68 13.31
N CYS A 140 -8.90 7.35 13.72
CA CYS A 140 -10.23 6.71 13.73
C CYS A 140 -10.53 6.07 12.38
N GLN A 141 -10.16 6.76 11.30
CA GLN A 141 -10.51 6.36 9.97
C GLN A 141 -9.41 5.52 9.36
N ALA A 142 -8.19 5.94 9.65
CA ALA A 142 -6.99 5.30 9.14
C ALA A 142 -6.82 3.93 9.77
N ILE A 143 -7.41 3.74 10.94
CA ILE A 143 -7.47 2.43 11.59
C ILE A 143 -8.96 2.10 11.79
N PRO A 144 -9.58 1.56 10.74
CA PRO A 144 -11.05 1.39 10.64
C PRO A 144 -11.69 0.44 11.63
N GLY A 145 -10.93 -0.01 12.58
CA GLY A 145 -11.46 -0.91 13.60
C GLY A 145 -11.13 -0.44 14.99
N LEU A 146 -10.58 0.77 15.07
CA LEU A 146 -10.10 1.32 16.31
C LEU A 146 -11.07 2.34 16.91
N CYS A 147 -11.26 2.23 18.23
CA CYS A 147 -12.11 3.14 18.98
C CYS A 147 -13.53 3.16 18.40
N GLN A 148 -14.12 1.98 18.29
CA GLN A 148 -15.49 1.84 17.83
C GLN A 148 -16.45 1.80 19.01
N GLY A 149 -15.90 1.52 20.19
CA GLY A 149 -16.72 1.42 21.40
C GLY A 149 -16.90 2.76 22.08
N GLY A 150 -17.09 3.79 21.28
CA GLY A 150 -17.24 5.14 21.78
C GLY A 150 -17.07 6.15 20.67
N ASN A 151 -16.79 7.39 21.03
CA ASN A 151 -16.54 8.43 20.04
C ASN A 151 -15.12 8.35 19.54
N CYS A 152 -14.90 8.87 18.35
CA CYS A 152 -13.58 8.93 17.77
C CYS A 152 -13.42 10.29 17.09
N ILE A 153 -12.43 11.04 17.54
CA ILE A 153 -12.23 12.38 17.07
C ILE A 153 -10.74 12.52 16.83
N ASN A 154 -10.29 13.53 16.11
CA ASN A 154 -8.87 13.57 15.81
C ASN A 154 -8.24 14.90 16.01
N THR A 155 -7.13 14.87 16.68
CA THR A 155 -6.22 15.97 16.64
C THR A 155 -4.89 15.52 16.04
N VAL A 156 -4.12 16.47 15.57
CA VAL A 156 -2.81 16.14 15.11
C VAL A 156 -1.96 15.84 16.33
N GLY A 157 -1.32 14.69 16.32
CA GLY A 157 -0.61 14.26 17.47
C GLY A 157 -1.23 13.05 18.10
N SER A 158 -2.53 12.82 17.83
CA SER A 158 -3.25 11.69 18.44
C SER A 158 -4.75 11.86 18.22
N PHE A 159 -5.50 10.81 18.43
CA PHE A 159 -6.94 10.90 18.28
C PHE A 159 -7.59 11.01 19.64
N GLU A 160 -8.77 11.59 19.66
CA GLU A 160 -9.47 11.82 20.90
C GLU A 160 -10.67 10.90 20.97
N CYS A 161 -10.75 10.11 22.02
CA CYS A 161 -11.86 9.20 22.17
C CYS A 161 -12.70 9.59 23.36
N LYS A 162 -13.99 9.72 23.13
CA LYS A 162 -14.90 10.06 24.17
C LYS A 162 -15.63 8.81 24.62
N CYS A 163 -15.38 8.45 25.83
CA CYS A 163 -15.90 7.23 26.41
C CYS A 163 -17.22 7.54 27.11
N PRO A 164 -18.16 6.59 27.12
CA PRO A 164 -19.40 6.73 27.89
C PRO A 164 -19.10 7.09 29.35
N ALA A 165 -20.03 7.77 30.00
CA ALA A 165 -19.86 8.13 31.39
C ALA A 165 -19.48 6.94 32.24
N GLY A 166 -18.57 7.13 33.17
CA GLY A 166 -18.11 6.03 33.97
C GLY A 166 -16.96 5.32 33.30
N HIS A 167 -16.99 5.26 31.97
CA HIS A 167 -15.99 4.54 31.22
C HIS A 167 -14.72 5.38 31.06
N LYS A 168 -13.63 4.71 30.71
CA LYS A 168 -12.32 5.34 30.66
C LYS A 168 -11.51 4.73 29.52
N LEU A 169 -10.87 5.57 28.73
CA LEU A 169 -10.13 5.10 27.57
C LEU A 169 -8.92 4.25 27.98
N ASN A 170 -8.65 3.21 27.22
CA ASN A 170 -7.48 2.40 27.43
C ASN A 170 -6.77 2.21 26.10
N GLU A 171 -5.73 3.00 25.88
CA GLU A 171 -4.99 2.99 24.61
C GLU A 171 -4.36 1.63 24.32
N VAL A 172 -4.24 0.80 25.34
CA VAL A 172 -3.72 -0.54 25.16
C VAL A 172 -4.56 -1.32 24.15
N SER A 173 -5.86 -1.14 24.21
CA SER A 173 -6.74 -1.78 23.26
C SER A 173 -7.88 -0.83 22.84
N GLN A 174 -7.51 0.47 22.72
CA GLN A 174 -8.45 1.56 22.43
C GLN A 174 -9.86 1.30 22.95
N LYS A 175 -9.95 0.91 24.21
CA LYS A 175 -11.22 0.56 24.80
C LYS A 175 -11.73 1.69 25.71
N CYS A 176 -12.97 1.57 26.14
CA CYS A 176 -13.61 2.53 27.01
C CYS A 176 -14.48 1.77 27.98
N GLU A 177 -14.00 1.57 29.20
CA GLU A 177 -14.67 0.73 30.18
C GLU A 177 -14.33 1.23 31.58
N SER A 1 10.20 5.73 -44.72
CA SER A 1 9.28 6.47 -45.62
C SER A 1 8.26 5.51 -46.24
N ALA A 2 8.70 4.65 -47.16
CA ALA A 2 7.82 3.67 -47.76
C ALA A 2 7.48 2.56 -46.77
N SER A 3 8.52 2.06 -46.11
CA SER A 3 8.36 1.06 -45.08
C SER A 3 8.96 1.55 -43.78
N ARG A 4 8.71 0.85 -42.67
CA ARG A 4 9.26 1.24 -41.38
C ARG A 4 10.77 1.30 -41.47
N SER A 5 11.37 0.21 -41.88
CA SER A 5 12.79 0.17 -42.15
C SER A 5 13.02 0.17 -43.67
N ILE A 6 13.94 1.03 -44.11
CA ILE A 6 14.24 1.21 -45.53
C ILE A 6 14.68 -0.12 -46.18
N GLN A 7 15.29 -0.98 -45.39
CA GLN A 7 15.71 -2.29 -45.87
C GLN A 7 14.49 -3.21 -45.93
N HIS A 8 14.25 -3.83 -47.08
CA HIS A 8 13.10 -4.71 -47.23
C HIS A 8 13.29 -5.97 -46.38
N CYS A 9 12.48 -6.11 -45.35
CA CYS A 9 12.59 -7.25 -44.45
C CYS A 9 11.34 -8.11 -44.56
N ASN A 10 11.24 -9.13 -43.72
CA ASN A 10 10.13 -10.05 -43.79
C ASN A 10 9.35 -10.03 -42.48
N ILE A 11 10.08 -10.18 -41.37
CA ILE A 11 9.48 -10.16 -40.05
C ILE A 11 8.87 -8.80 -39.67
N ARG A 12 8.35 -8.74 -38.45
CA ARG A 12 7.65 -7.57 -37.96
C ARG A 12 8.29 -7.08 -36.67
N CYS A 13 8.36 -5.77 -36.51
CA CYS A 13 8.98 -5.20 -35.33
C CYS A 13 7.98 -4.42 -34.49
N MET A 14 8.06 -4.63 -33.19
CA MET A 14 7.30 -3.83 -32.24
C MET A 14 8.29 -3.29 -31.21
N ASN A 15 7.90 -2.25 -30.47
CA ASN A 15 8.70 -1.72 -29.37
C ASN A 15 10.00 -1.09 -29.87
N GLY A 16 9.89 -0.32 -30.96
CA GLY A 16 11.04 0.37 -31.50
C GLY A 16 12.10 -0.55 -32.07
N GLY A 17 11.70 -1.70 -32.58
CA GLY A 17 12.66 -2.62 -33.16
C GLY A 17 12.95 -2.27 -34.61
N SER A 18 14.20 -2.45 -35.02
CA SER A 18 14.58 -2.20 -36.40
C SER A 18 14.49 -3.51 -37.19
N CYS A 19 13.90 -3.42 -38.37
CA CYS A 19 13.59 -4.60 -39.15
C CYS A 19 14.63 -4.81 -40.24
N SER A 20 15.41 -5.88 -40.14
CA SER A 20 16.40 -6.20 -41.15
C SER A 20 16.25 -7.66 -41.58
N ASP A 21 16.09 -7.87 -42.88
CA ASP A 21 15.91 -9.22 -43.46
C ASP A 21 14.94 -10.08 -42.65
N ASP A 22 15.48 -11.00 -41.87
CA ASP A 22 14.66 -11.93 -41.11
C ASP A 22 14.97 -11.87 -39.61
N HIS A 23 15.29 -10.68 -39.12
CA HIS A 23 15.54 -10.51 -37.69
C HIS A 23 15.31 -9.07 -37.28
N CYS A 24 14.75 -8.89 -36.11
CA CYS A 24 14.44 -7.56 -35.62
C CYS A 24 15.46 -7.10 -34.59
N LEU A 25 15.97 -5.90 -34.75
CA LEU A 25 16.96 -5.35 -33.84
C LEU A 25 16.24 -4.58 -32.75
N CYS A 26 16.08 -5.27 -31.64
CA CYS A 26 15.31 -4.77 -30.52
C CYS A 26 16.06 -3.69 -29.74
N GLN A 27 15.31 -2.86 -29.03
CA GLN A 27 15.88 -1.82 -28.17
C GLN A 27 16.21 -2.43 -26.81
N LYS A 28 17.15 -1.81 -26.10
CA LYS A 28 17.54 -2.34 -24.81
C LYS A 28 16.45 -2.18 -23.79
N GLY A 29 15.92 -3.31 -23.47
CA GLY A 29 14.84 -3.41 -22.52
C GLY A 29 13.80 -4.38 -23.01
N TYR A 30 13.97 -4.84 -24.23
CA TYR A 30 13.19 -5.95 -24.73
C TYR A 30 14.10 -6.99 -25.34
N ILE A 31 13.58 -8.19 -25.50
CA ILE A 31 14.31 -9.25 -26.14
C ILE A 31 13.36 -10.03 -27.06
N GLY A 32 13.90 -11.08 -27.66
CA GLY A 32 13.18 -11.84 -28.64
C GLY A 32 13.38 -11.30 -30.04
N THR A 33 12.95 -12.07 -31.04
CA THR A 33 13.12 -11.69 -32.42
C THR A 33 12.08 -10.66 -32.84
N HIS A 34 11.07 -10.44 -32.00
CA HIS A 34 10.04 -9.45 -32.29
C HIS A 34 10.17 -8.25 -31.35
N CYS A 35 11.12 -8.32 -30.41
CA CYS A 35 11.33 -7.26 -29.41
C CYS A 35 10.12 -7.17 -28.51
N GLY A 36 9.42 -8.29 -28.37
CA GLY A 36 8.17 -8.30 -27.65
C GLY A 36 8.32 -8.73 -26.21
N GLN A 37 9.55 -8.97 -25.77
CA GLN A 37 9.74 -9.43 -24.38
C GLN A 37 10.41 -8.35 -23.54
N PRO A 38 9.65 -7.72 -22.62
CA PRO A 38 10.15 -6.65 -21.75
C PRO A 38 11.07 -7.15 -20.64
N VAL A 39 12.12 -6.40 -20.38
CA VAL A 39 13.08 -6.76 -19.35
C VAL A 39 12.53 -6.42 -17.95
N CYS A 40 12.10 -7.45 -17.24
CA CYS A 40 11.68 -7.29 -15.88
C CYS A 40 12.90 -7.30 -14.96
N GLU A 41 13.55 -6.14 -14.83
CA GLU A 41 14.80 -6.01 -14.11
C GLU A 41 14.75 -6.48 -12.67
N SER A 42 14.02 -5.77 -11.83
CA SER A 42 14.17 -5.91 -10.40
C SER A 42 13.35 -7.08 -9.90
N GLY A 43 12.86 -7.84 -10.83
CA GLY A 43 11.92 -8.87 -10.55
C GLY A 43 10.57 -8.31 -10.19
N CYS A 44 9.58 -8.86 -10.81
CA CYS A 44 8.21 -8.51 -10.53
C CYS A 44 7.85 -8.96 -9.14
N LEU A 45 6.93 -8.26 -8.53
CA LEU A 45 6.58 -8.45 -7.14
C LEU A 45 5.09 -8.52 -7.04
N ASN A 46 4.57 -8.80 -5.85
CA ASN A 46 3.14 -8.69 -5.59
C ASN A 46 2.34 -9.74 -6.37
N GLY A 47 3.04 -10.69 -6.96
CA GLY A 47 2.41 -11.65 -7.85
C GLY A 47 1.82 -10.96 -9.04
N GLY A 48 2.46 -9.87 -9.45
CA GLY A 48 1.96 -9.03 -10.52
C GLY A 48 2.20 -9.60 -11.90
N ARG A 49 2.44 -8.71 -12.86
CA ARG A 49 2.62 -9.11 -14.24
C ARG A 49 3.56 -8.14 -14.96
N CYS A 50 4.72 -8.63 -15.35
CA CYS A 50 5.65 -7.84 -16.14
C CYS A 50 5.01 -7.39 -17.45
N VAL A 51 4.82 -6.10 -17.59
CA VAL A 51 4.20 -5.55 -18.79
C VAL A 51 5.23 -4.84 -19.66
N ALA A 52 6.07 -4.02 -19.06
CA ALA A 52 7.16 -3.36 -19.79
C ALA A 52 8.47 -3.45 -19.00
N PRO A 53 9.63 -2.94 -19.51
CA PRO A 53 10.91 -2.99 -18.78
C PRO A 53 10.81 -2.50 -17.34
N ASN A 54 10.81 -3.46 -16.41
CA ASN A 54 10.72 -3.22 -14.97
C ASN A 54 9.36 -2.64 -14.62
N ARG A 55 8.48 -2.63 -15.61
CA ARG A 55 7.10 -2.21 -15.44
C ARG A 55 6.27 -3.43 -15.13
N CYS A 56 6.30 -3.83 -13.89
CA CYS A 56 5.42 -4.88 -13.43
C CYS A 56 4.08 -4.27 -13.02
N ALA A 57 3.02 -4.96 -13.38
CA ALA A 57 1.68 -4.52 -13.08
C ALA A 57 1.29 -5.05 -11.70
N CYS A 58 0.62 -4.20 -10.92
CA CYS A 58 0.37 -4.45 -9.51
C CYS A 58 -0.97 -5.13 -9.30
N THR A 59 -0.92 -6.40 -8.90
CA THR A 59 -2.09 -7.23 -8.72
C THR A 59 -3.03 -6.78 -7.60
N TYR A 60 -2.51 -6.64 -6.39
CA TYR A 60 -3.42 -6.47 -5.26
C TYR A 60 -3.17 -5.17 -4.51
N GLY A 61 -2.77 -5.30 -3.26
CA GLY A 61 -2.79 -4.18 -2.37
C GLY A 61 -1.49 -3.46 -2.36
N PHE A 62 -1.01 -3.09 -3.54
CA PHE A 62 0.21 -2.32 -3.57
C PHE A 62 0.01 -0.97 -4.22
N THR A 63 0.44 0.04 -3.51
CA THR A 63 0.67 1.33 -4.08
C THR A 63 2.12 1.36 -4.53
N GLY A 64 2.49 2.28 -5.40
CA GLY A 64 3.85 2.32 -5.86
C GLY A 64 3.96 1.49 -7.11
N PRO A 65 4.57 2.02 -8.16
CA PRO A 65 4.47 1.42 -9.47
C PRO A 65 5.24 0.10 -9.60
N GLN A 66 6.11 -0.19 -8.62
CA GLN A 66 6.89 -1.42 -8.62
C GLN A 66 6.33 -2.37 -7.55
N CYS A 67 5.12 -2.04 -7.07
CA CYS A 67 4.37 -2.82 -6.08
C CYS A 67 5.26 -3.58 -5.09
N GLU A 68 6.05 -2.82 -4.35
CA GLU A 68 6.88 -3.36 -3.28
C GLU A 68 6.44 -2.80 -1.93
N ARG A 69 5.64 -1.76 -2.03
CA ARG A 69 5.13 -1.08 -0.84
C ARG A 69 4.42 -2.10 0.02
N ASP A 70 3.37 -2.69 -0.53
CA ASP A 70 2.86 -3.96 -0.03
C ASP A 70 2.13 -3.74 1.27
N TYR A 71 0.99 -3.09 1.18
CA TYR A 71 0.18 -2.92 2.36
C TYR A 71 -0.85 -4.06 2.37
N ARG A 72 -0.33 -5.26 2.53
CA ARG A 72 -1.19 -6.41 2.75
C ARG A 72 -2.04 -6.13 3.97
N THR A 73 -3.34 -6.21 3.82
CA THR A 73 -4.24 -5.65 4.79
C THR A 73 -4.22 -6.52 6.03
N GLY A 74 -4.20 -5.89 7.18
CA GLY A 74 -3.81 -6.58 8.38
C GLY A 74 -4.66 -6.18 9.56
N PRO A 75 -5.00 -7.13 10.44
CA PRO A 75 -5.69 -6.81 11.69
C PRO A 75 -4.74 -6.14 12.67
N CYS A 76 -5.16 -5.01 13.22
CA CYS A 76 -4.34 -4.27 14.17
C CYS A 76 -4.52 -4.83 15.58
N PHE A 77 -3.47 -5.42 16.11
CA PHE A 77 -3.51 -6.02 17.43
C PHE A 77 -3.01 -5.04 18.48
N THR A 78 -3.56 -5.13 19.69
CA THR A 78 -3.15 -4.25 20.76
C THR A 78 -2.47 -5.02 21.89
N VAL A 79 -2.39 -6.35 21.76
CA VAL A 79 -1.71 -7.16 22.77
C VAL A 79 -0.72 -8.10 22.09
N ILE A 80 0.26 -8.60 22.83
CA ILE A 80 1.17 -9.60 22.29
C ILE A 80 1.39 -10.74 23.26
N SER A 81 1.02 -11.94 22.83
CA SER A 81 1.19 -13.14 23.62
C SER A 81 1.57 -14.31 22.68
N ASN A 82 1.97 -15.44 23.26
CA ASN A 82 2.09 -16.68 22.51
C ASN A 82 0.70 -17.27 22.37
N GLN A 83 -0.22 -16.64 23.07
CA GLN A 83 -1.61 -17.04 23.08
C GLN A 83 -2.37 -16.27 22.02
N MET A 84 -2.57 -14.98 22.25
CA MET A 84 -3.24 -14.11 21.29
C MET A 84 -2.62 -12.72 21.29
N CYS A 85 -2.42 -12.17 20.10
CA CYS A 85 -2.07 -10.77 19.95
C CYS A 85 -3.37 -9.95 19.94
N GLN A 86 -4.36 -10.54 19.27
CA GLN A 86 -5.72 -10.02 19.12
C GLN A 86 -6.32 -10.67 17.87
N GLY A 87 -7.21 -9.99 17.18
CA GLY A 87 -7.69 -10.51 15.91
C GLY A 87 -8.97 -11.31 16.06
N GLN A 88 -9.64 -11.12 17.18
CA GLN A 88 -10.88 -11.82 17.44
C GLN A 88 -12.07 -10.99 16.96
N LEU A 89 -11.76 -9.82 16.42
CA LEU A 89 -12.77 -8.88 15.95
C LEU A 89 -12.15 -7.87 14.98
N SER A 90 -10.91 -8.12 14.60
CA SER A 90 -10.13 -7.12 13.87
C SER A 90 -10.33 -7.22 12.37
N GLY A 91 -11.36 -6.54 11.89
CA GLY A 91 -11.55 -6.36 10.46
C GLY A 91 -11.08 -5.00 10.04
N ILE A 92 -10.52 -4.29 11.02
CA ILE A 92 -9.87 -3.01 10.78
C ILE A 92 -8.73 -3.20 9.80
N VAL A 93 -8.87 -2.61 8.63
CA VAL A 93 -7.80 -2.66 7.66
C VAL A 93 -7.07 -1.34 7.60
N SER A 94 -5.95 -1.35 8.25
CA SER A 94 -4.99 -0.26 8.27
C SER A 94 -3.66 -0.87 7.94
N THR A 95 -2.60 -0.09 7.94
CA THR A 95 -1.30 -0.68 7.70
C THR A 95 -0.50 -0.72 8.97
N LYS A 96 0.57 -1.47 8.98
CA LYS A 96 1.45 -1.46 10.13
C LYS A 96 2.17 -0.14 10.22
N THR A 97 2.26 0.57 9.09
CA THR A 97 2.78 1.93 9.11
C THR A 97 1.92 2.75 10.05
N LEU A 98 0.62 2.69 9.80
CA LEU A 98 -0.34 3.33 10.67
C LEU A 98 -0.21 2.81 12.09
N CYS A 99 -0.33 1.50 12.26
CA CYS A 99 -0.40 0.94 13.61
C CYS A 99 0.92 1.08 14.35
N CYS A 100 2.04 1.20 13.64
CA CYS A 100 3.34 1.28 14.31
C CYS A 100 3.89 2.71 14.37
N ALA A 101 3.27 3.65 13.66
CA ALA A 101 3.52 5.06 13.93
C ALA A 101 2.65 5.49 15.09
N THR A 102 1.37 5.17 14.96
CA THR A 102 0.36 5.53 15.94
C THR A 102 0.41 4.59 17.15
N VAL A 103 -0.73 4.51 17.84
CA VAL A 103 -0.96 3.69 19.05
C VAL A 103 0.02 2.52 19.29
N GLY A 104 0.53 1.87 18.24
CA GLY A 104 1.44 0.76 18.46
C GLY A 104 0.77 -0.54 18.77
N ARG A 105 1.59 -1.46 19.26
CA ARG A 105 1.22 -2.79 19.77
C ARG A 105 1.56 -3.85 18.73
N ALA A 106 0.73 -4.03 17.70
CA ALA A 106 1.05 -4.97 16.63
C ALA A 106 0.04 -4.88 15.51
N TRP A 107 0.34 -5.49 14.39
CA TRP A 107 -0.55 -5.46 13.23
C TRP A 107 -0.16 -6.54 12.23
N GLY A 108 -1.15 -7.13 11.57
CA GLY A 108 -0.89 -8.10 10.53
C GLY A 108 -0.49 -9.45 11.06
N HIS A 109 -0.11 -10.35 10.16
CA HIS A 109 0.35 -11.68 10.55
C HIS A 109 1.59 -12.05 9.75
N PRO A 110 2.65 -12.54 10.42
CA PRO A 110 2.72 -12.64 11.89
C PRO A 110 2.60 -11.27 12.56
N CYS A 111 2.35 -11.26 13.87
CA CYS A 111 2.05 -10.03 14.61
C CYS A 111 3.23 -9.05 14.59
N GLU A 112 3.37 -8.28 13.50
CA GLU A 112 4.28 -7.13 13.48
C GLU A 112 4.04 -6.25 14.69
N MET A 113 4.86 -6.44 15.70
CA MET A 113 4.69 -5.78 16.98
C MET A 113 5.61 -4.57 17.08
N CYS A 114 5.04 -3.47 17.50
CA CYS A 114 5.75 -2.20 17.50
C CYS A 114 5.40 -1.37 18.73
N PRO A 115 6.39 -0.63 19.27
CA PRO A 115 6.13 0.52 20.15
C PRO A 115 5.31 1.58 19.42
N ALA A 116 4.79 2.56 20.14
CA ALA A 116 3.93 3.56 19.51
C ALA A 116 4.71 4.39 18.49
N GLN A 117 5.17 5.56 18.92
CA GLN A 117 5.96 6.42 18.03
C GLN A 117 7.43 5.98 17.99
N PRO A 118 7.91 5.48 16.86
CA PRO A 118 9.30 5.03 16.71
C PRO A 118 10.29 6.16 16.41
N HIS A 119 9.89 7.09 15.53
CA HIS A 119 10.78 8.15 15.08
C HIS A 119 10.41 9.46 15.77
N PRO A 120 11.20 10.53 15.58
CA PRO A 120 10.85 11.86 16.11
C PRO A 120 9.53 12.36 15.53
N CYS A 121 9.11 11.76 14.44
CA CYS A 121 7.79 12.02 13.88
C CYS A 121 6.75 11.54 14.88
N ARG A 122 5.86 12.44 15.27
CA ARG A 122 4.90 12.16 16.34
C ARG A 122 3.98 11.01 15.95
N ARG A 123 3.78 10.09 16.89
CA ARG A 123 2.96 8.90 16.67
C ARG A 123 1.80 9.09 15.68
N GLY A 124 1.07 10.19 15.77
CA GLY A 124 -0.10 10.35 14.94
C GLY A 124 0.20 10.78 13.51
N PHE A 125 1.46 10.72 13.10
CA PHE A 125 1.85 11.22 11.79
C PHE A 125 2.59 10.17 10.98
N ILE A 126 2.55 10.41 9.67
CA ILE A 126 3.35 9.67 8.73
C ILE A 126 4.02 10.68 7.80
N PRO A 127 5.34 10.58 7.58
CA PRO A 127 6.06 11.49 6.70
C PRO A 127 5.56 11.38 5.27
N ASN A 128 4.93 12.45 4.79
CA ASN A 128 4.45 12.53 3.42
C ASN A 128 5.50 12.08 2.44
N ILE A 129 5.11 11.20 1.56
CA ILE A 129 6.00 10.66 0.53
C ILE A 129 6.23 11.71 -0.56
N ARG A 130 5.55 12.83 -0.42
CA ARG A 130 5.63 13.90 -1.40
C ARG A 130 6.47 15.03 -0.84
N THR A 131 6.03 15.58 0.27
CA THR A 131 6.69 16.70 0.88
C THR A 131 7.80 16.23 1.80
N GLY A 132 7.48 15.21 2.59
CA GLY A 132 8.40 14.68 3.56
C GLY A 132 8.01 15.11 4.95
N ALA A 133 6.87 15.77 5.03
CA ALA A 133 6.37 16.31 6.27
C ALA A 133 5.40 15.35 6.89
N CYS A 134 5.65 15.11 8.14
CA CYS A 134 4.76 14.38 9.00
C CYS A 134 3.34 14.92 8.89
N GLN A 135 2.41 14.07 8.50
CA GLN A 135 1.02 14.46 8.42
C GLN A 135 0.20 13.57 9.32
N ASP A 136 -0.70 14.18 10.06
CA ASP A 136 -1.47 13.46 11.05
C ASP A 136 -2.48 12.61 10.37
N VAL A 137 -2.67 11.44 10.91
CA VAL A 137 -3.65 10.56 10.40
C VAL A 137 -4.91 10.77 11.16
N ASP A 138 -6.01 10.68 10.48
CA ASP A 138 -7.26 10.58 11.15
C ASP A 138 -7.34 9.19 11.72
N GLU A 139 -6.61 8.95 12.81
CA GLU A 139 -6.42 7.63 13.37
C GLU A 139 -7.77 6.89 13.52
N CYS A 140 -8.79 7.66 13.90
CA CYS A 140 -10.17 7.16 14.00
C CYS A 140 -10.63 6.49 12.70
N GLN A 141 -10.12 6.98 11.57
CA GLN A 141 -10.51 6.53 10.24
C GLN A 141 -9.42 5.66 9.62
N ALA A 142 -8.21 6.20 9.65
CA ALA A 142 -7.02 5.56 9.12
C ALA A 142 -6.77 4.23 9.79
N ILE A 143 -7.22 4.10 11.04
CA ILE A 143 -7.24 2.82 11.71
C ILE A 143 -8.69 2.52 12.01
N PRO A 144 -9.42 2.03 10.98
CA PRO A 144 -10.87 1.87 11.00
C PRO A 144 -11.47 1.42 12.31
N GLY A 145 -12.04 2.38 12.99
CA GLY A 145 -12.80 2.14 14.20
C GLY A 145 -12.00 1.48 15.30
N LEU A 146 -10.74 1.88 15.45
CA LEU A 146 -9.94 1.33 16.54
C LEU A 146 -10.50 1.78 17.88
N CYS A 147 -11.08 2.97 17.91
CA CYS A 147 -11.69 3.51 19.12
C CYS A 147 -13.17 3.77 18.87
N GLN A 148 -13.97 2.71 18.97
CA GLN A 148 -15.40 2.82 18.75
C GLN A 148 -16.18 2.47 20.00
N GLY A 149 -15.55 2.66 21.15
CA GLY A 149 -16.24 2.52 22.42
C GLY A 149 -17.23 3.66 22.62
N GLY A 150 -16.89 4.78 22.01
CA GLY A 150 -17.76 5.94 22.02
C GLY A 150 -17.57 6.74 20.75
N ASN A 151 -17.10 7.96 20.87
CA ASN A 151 -16.79 8.79 19.71
C ASN A 151 -15.29 9.00 19.63
N CYS A 152 -14.68 8.79 18.46
CA CYS A 152 -13.27 9.13 18.29
C CYS A 152 -13.19 10.42 17.51
N ILE A 153 -12.26 11.28 17.89
CA ILE A 153 -12.10 12.57 17.26
C ILE A 153 -10.62 12.71 16.94
N ASN A 154 -10.21 13.62 16.09
CA ASN A 154 -8.81 13.61 15.73
C ASN A 154 -8.16 14.95 15.83
N THR A 155 -7.06 14.97 16.56
CA THR A 155 -6.14 16.07 16.47
C THR A 155 -4.82 15.60 15.86
N VAL A 156 -4.02 16.55 15.47
CA VAL A 156 -2.75 16.22 14.87
C VAL A 156 -1.81 15.66 15.94
N GLY A 157 -1.30 14.47 15.68
CA GLY A 157 -0.44 13.82 16.64
C GLY A 157 -1.16 12.81 17.49
N SER A 158 -2.49 12.79 17.50
CA SER A 158 -3.22 11.91 18.40
C SER A 158 -4.72 12.10 18.22
N PHE A 159 -5.50 11.11 18.59
CA PHE A 159 -6.93 11.23 18.49
C PHE A 159 -7.54 11.42 19.86
N GLU A 160 -8.75 11.96 19.91
CA GLU A 160 -9.39 12.22 21.17
C GLU A 160 -10.62 11.34 21.28
N CYS A 161 -10.67 10.52 22.31
CA CYS A 161 -11.80 9.63 22.47
C CYS A 161 -12.64 10.00 23.65
N LYS A 162 -13.89 9.69 23.51
CA LYS A 162 -14.84 9.87 24.56
C LYS A 162 -15.74 8.66 24.66
N CYS A 163 -15.55 7.91 25.73
CA CYS A 163 -16.36 6.75 25.99
C CYS A 163 -17.64 7.19 26.69
N PRO A 164 -18.67 6.32 26.73
CA PRO A 164 -19.89 6.62 27.48
C PRO A 164 -19.60 7.00 28.92
N ALA A 165 -20.52 7.73 29.54
CA ALA A 165 -20.35 8.20 30.91
C ALA A 165 -20.05 7.03 31.84
N GLY A 166 -19.14 7.26 32.79
CA GLY A 166 -18.74 6.20 33.68
C GLY A 166 -17.60 5.38 33.10
N HIS A 167 -17.55 5.32 31.77
CA HIS A 167 -16.55 4.53 31.08
C HIS A 167 -15.22 5.26 30.98
N LYS A 168 -14.18 4.51 30.64
CA LYS A 168 -12.81 5.02 30.66
C LYS A 168 -12.04 4.51 29.45
N LEU A 169 -11.26 5.37 28.81
CA LEU A 169 -10.48 4.92 27.66
C LEU A 169 -9.16 4.32 28.11
N ASN A 170 -8.79 3.25 27.43
CA ASN A 170 -7.50 2.62 27.63
C ASN A 170 -6.84 2.37 26.28
N GLU A 171 -5.93 3.27 25.90
CA GLU A 171 -5.28 3.23 24.58
C GLU A 171 -4.58 1.91 24.33
N VAL A 172 -4.11 1.28 25.40
CA VAL A 172 -3.36 0.04 25.30
C VAL A 172 -4.16 -1.03 24.57
N SER A 173 -5.47 -0.96 24.67
CA SER A 173 -6.35 -1.89 23.97
C SER A 173 -7.62 -1.20 23.52
N GLN A 174 -7.48 0.09 23.18
CA GLN A 174 -8.60 0.97 22.82
C GLN A 174 -9.89 0.65 23.56
N LYS A 175 -9.81 0.41 24.86
CA LYS A 175 -10.98 0.02 25.63
C LYS A 175 -11.76 1.22 26.15
N CYS A 176 -13.04 1.00 26.39
CA CYS A 176 -13.93 2.02 26.92
C CYS A 176 -14.86 1.42 27.94
N GLU A 177 -14.39 1.25 29.16
CA GLU A 177 -15.17 0.67 30.22
C GLU A 177 -14.59 1.08 31.57
N SER A 1 -5.00 -20.84 -39.10
CA SER A 1 -4.18 -20.12 -40.08
C SER A 1 -3.88 -18.72 -39.58
N ALA A 2 -2.63 -18.30 -39.74
CA ALA A 2 -2.21 -16.96 -39.36
C ALA A 2 -1.69 -16.22 -40.59
N SER A 3 -1.49 -16.95 -41.67
CA SER A 3 -1.00 -16.37 -42.91
C SER A 3 -2.14 -16.17 -43.89
N ARG A 4 -2.28 -14.96 -44.41
CA ARG A 4 -3.33 -14.63 -45.35
C ARG A 4 -2.77 -14.62 -46.78
N SER A 5 -3.60 -14.29 -47.75
CA SER A 5 -3.16 -14.27 -49.14
C SER A 5 -2.09 -13.20 -49.35
N ILE A 6 -2.36 -11.99 -48.89
CA ILE A 6 -1.40 -10.90 -49.04
C ILE A 6 -0.44 -10.87 -47.85
N GLN A 7 -0.99 -10.92 -46.66
CA GLN A 7 -0.19 -10.88 -45.44
C GLN A 7 0.25 -12.28 -45.04
N HIS A 8 1.45 -12.64 -45.45
CA HIS A 8 2.01 -13.95 -45.10
C HIS A 8 2.57 -13.92 -43.69
N CYS A 9 2.75 -15.10 -43.09
CA CYS A 9 3.23 -15.20 -41.72
C CYS A 9 3.47 -16.67 -41.37
N ASN A 10 4.56 -16.94 -40.67
CA ASN A 10 4.89 -18.30 -40.28
C ASN A 10 5.05 -18.40 -38.77
N ILE A 11 5.43 -17.29 -38.14
CA ILE A 11 5.69 -17.27 -36.72
C ILE A 11 4.39 -17.23 -35.91
N ARG A 12 4.50 -16.97 -34.61
CA ARG A 12 3.35 -16.97 -33.73
C ARG A 12 3.20 -15.61 -33.05
N CYS A 13 1.98 -15.12 -33.03
CA CYS A 13 1.71 -13.81 -32.48
C CYS A 13 1.00 -13.91 -31.14
N MET A 14 1.58 -13.30 -30.13
CA MET A 14 0.95 -13.21 -28.83
C MET A 14 0.61 -11.76 -28.49
N ASN A 15 -0.45 -11.54 -27.71
CA ASN A 15 -0.82 -10.21 -27.24
C ASN A 15 -1.38 -9.36 -28.38
N GLY A 16 -2.37 -9.92 -29.06
CA GLY A 16 -3.05 -9.19 -30.13
C GLY A 16 -2.15 -8.86 -31.29
N GLY A 17 -1.16 -9.70 -31.54
CA GLY A 17 -0.23 -9.43 -32.58
C GLY A 17 -0.79 -9.72 -33.93
N SER A 18 -0.60 -8.79 -34.85
CA SER A 18 -0.99 -8.99 -36.24
C SER A 18 0.18 -9.61 -37.00
N CYS A 19 -0.07 -10.75 -37.63
CA CYS A 19 0.98 -11.56 -38.25
C CYS A 19 1.71 -10.81 -39.37
N SER A 20 3.00 -11.12 -39.54
CA SER A 20 3.81 -10.57 -40.60
C SER A 20 4.78 -11.63 -41.09
N ASP A 21 5.44 -11.34 -42.21
CA ASP A 21 6.40 -12.27 -42.80
C ASP A 21 7.29 -12.97 -41.77
N ASP A 22 8.30 -12.26 -41.36
CA ASP A 22 9.22 -12.80 -40.37
C ASP A 22 8.79 -12.45 -38.97
N HIS A 23 8.30 -11.23 -38.76
CA HIS A 23 7.94 -10.81 -37.39
C HIS A 23 6.45 -10.65 -37.23
N CYS A 24 6.05 -10.09 -36.11
CA CYS A 24 4.65 -9.81 -35.87
C CYS A 24 4.45 -8.33 -35.57
N LEU A 25 3.28 -7.82 -35.92
CA LEU A 25 2.94 -6.44 -35.63
C LEU A 25 2.04 -6.38 -34.41
N CYS A 26 2.67 -6.14 -33.27
CA CYS A 26 2.00 -6.13 -31.98
C CYS A 26 0.92 -5.06 -31.93
N GLN A 27 0.03 -5.18 -30.94
CA GLN A 27 -0.92 -4.11 -30.66
C GLN A 27 -0.16 -2.88 -30.17
N LYS A 28 -0.75 -1.71 -30.34
CA LYS A 28 -0.08 -0.50 -29.92
C LYS A 28 0.07 -0.46 -28.42
N GLY A 29 1.30 -0.52 -28.03
CA GLY A 29 1.67 -0.59 -26.64
C GLY A 29 2.34 -1.90 -26.31
N TYR A 30 2.58 -2.71 -27.34
CA TYR A 30 3.38 -3.92 -27.19
C TYR A 30 4.52 -3.91 -28.18
N ILE A 31 5.59 -4.63 -27.83
CA ILE A 31 6.74 -4.75 -28.71
C ILE A 31 7.27 -6.18 -28.70
N GLY A 32 8.36 -6.38 -29.45
CA GLY A 32 8.94 -7.69 -29.63
C GLY A 32 8.68 -8.24 -31.02
N THR A 33 9.43 -9.28 -31.39
CA THR A 33 9.28 -9.91 -32.70
C THR A 33 8.07 -10.84 -32.72
N HIS A 34 7.87 -11.56 -31.63
CA HIS A 34 6.71 -12.43 -31.50
C HIS A 34 5.65 -11.72 -30.69
N CYS A 35 6.06 -10.59 -30.10
CA CYS A 35 5.19 -9.69 -29.38
C CYS A 35 4.86 -10.16 -27.97
N GLY A 36 4.55 -9.17 -27.17
CA GLY A 36 4.11 -9.44 -25.83
C GLY A 36 4.80 -8.60 -24.79
N GLN A 37 5.67 -7.69 -25.21
CA GLN A 37 6.28 -6.79 -24.24
C GLN A 37 5.47 -5.50 -24.18
N PRO A 38 4.67 -5.30 -23.13
CA PRO A 38 3.78 -4.15 -23.03
C PRO A 38 4.50 -2.91 -22.52
N VAL A 39 4.02 -1.77 -22.96
CA VAL A 39 4.60 -0.48 -22.61
C VAL A 39 4.19 -0.02 -21.22
N CYS A 40 5.13 -0.10 -20.31
CA CYS A 40 4.94 0.33 -18.93
C CYS A 40 5.09 1.85 -18.86
N GLU A 41 4.03 2.54 -19.24
CA GLU A 41 4.05 4.00 -19.39
C GLU A 41 4.47 4.76 -18.13
N SER A 42 3.65 4.71 -17.10
CA SER A 42 3.83 5.58 -15.95
C SER A 42 4.75 4.96 -14.90
N GLY A 43 5.33 3.83 -15.28
CA GLY A 43 6.10 3.03 -14.37
C GLY A 43 5.24 2.31 -13.39
N CYS A 44 5.47 1.04 -13.32
CA CYS A 44 4.80 0.18 -12.38
C CYS A 44 5.30 0.48 -10.97
N LEU A 45 4.57 0.03 -9.97
CA LEU A 45 4.82 0.47 -8.61
C LEU A 45 4.70 -0.67 -7.63
N ASN A 46 5.24 -0.47 -6.43
CA ASN A 46 5.45 -1.55 -5.47
C ASN A 46 6.23 -2.70 -6.11
N GLY A 47 7.01 -2.39 -7.12
CA GLY A 47 7.70 -3.42 -7.86
C GLY A 47 6.72 -4.33 -8.59
N GLY A 48 5.65 -3.74 -9.11
CA GLY A 48 4.65 -4.50 -9.85
C GLY A 48 5.17 -4.96 -11.20
N ARG A 49 4.31 -5.04 -12.19
CA ARG A 49 4.72 -5.50 -13.50
C ARG A 49 3.75 -5.02 -14.57
N CYS A 50 4.26 -4.53 -15.67
CA CYS A 50 3.41 -4.14 -16.78
C CYS A 50 2.91 -5.37 -17.53
N VAL A 51 1.61 -5.63 -17.42
CA VAL A 51 0.99 -6.77 -18.06
C VAL A 51 0.38 -6.37 -19.40
N ALA A 52 -0.04 -5.11 -19.46
CA ALA A 52 -0.60 -4.52 -20.67
C ALA A 52 -0.06 -3.10 -20.81
N PRO A 53 -0.32 -2.39 -21.92
CA PRO A 53 0.12 -1.00 -22.08
C PRO A 53 -0.35 -0.11 -20.92
N ASN A 54 0.59 0.24 -20.04
CA ASN A 54 0.35 1.07 -18.87
C ASN A 54 -0.57 0.34 -17.88
N ARG A 55 -0.81 -0.92 -18.15
CA ARG A 55 -1.58 -1.77 -17.26
C ARG A 55 -0.63 -2.57 -16.43
N CYS A 56 -0.14 -1.96 -15.37
CA CYS A 56 0.68 -2.67 -14.44
C CYS A 56 -0.18 -3.45 -13.46
N ALA A 57 0.35 -4.56 -13.03
CA ALA A 57 -0.25 -5.37 -12.00
C ALA A 57 0.45 -5.04 -10.70
N CYS A 58 -0.35 -4.79 -9.67
CA CYS A 58 0.17 -4.26 -8.44
C CYS A 58 0.26 -5.35 -7.37
N THR A 59 1.42 -5.38 -6.72
CA THR A 59 1.82 -6.46 -5.85
C THR A 59 0.78 -6.90 -4.82
N TYR A 60 0.24 -6.01 -4.01
CA TYR A 60 -0.59 -6.46 -2.90
C TYR A 60 -1.53 -5.38 -2.40
N GLY A 61 -1.04 -4.52 -1.55
CA GLY A 61 -1.91 -3.64 -0.80
C GLY A 61 -2.02 -2.29 -1.42
N PHE A 62 -2.29 -2.22 -2.72
CA PHE A 62 -2.48 -0.93 -3.32
C PHE A 62 -3.87 -0.72 -3.88
N THR A 63 -4.44 0.40 -3.49
CA THR A 63 -5.71 0.83 -4.02
C THR A 63 -5.44 1.83 -5.12
N GLY A 64 -6.26 1.77 -6.13
CA GLY A 64 -6.06 2.60 -7.29
C GLY A 64 -5.27 1.82 -8.29
N PRO A 65 -5.70 1.78 -9.55
CA PRO A 65 -5.12 0.88 -10.52
C PRO A 65 -3.72 1.32 -10.97
N GLN A 66 -3.10 2.17 -10.18
CA GLN A 66 -1.77 2.69 -10.46
C GLN A 66 -0.85 2.50 -9.25
N CYS A 67 -1.31 1.70 -8.27
CA CYS A 67 -0.56 1.40 -7.03
C CYS A 67 0.45 2.44 -6.56
N GLU A 68 -0.02 3.64 -6.30
CA GLU A 68 0.81 4.64 -5.63
C GLU A 68 0.28 4.88 -4.21
N ARG A 69 -0.54 3.94 -3.78
CA ARG A 69 -1.17 4.00 -2.47
C ARG A 69 -0.75 2.78 -1.69
N ASP A 70 0.33 2.92 -0.94
CA ASP A 70 0.96 1.77 -0.30
C ASP A 70 0.38 1.51 1.07
N TYR A 71 -0.69 0.75 1.10
CA TYR A 71 -1.29 0.33 2.35
C TYR A 71 -1.21 -1.19 2.44
N ARG A 72 -0.21 -1.74 3.10
CA ARG A 72 -0.16 -3.18 3.21
C ARG A 72 -1.22 -3.62 4.22
N THR A 73 -2.05 -4.60 3.87
CA THR A 73 -3.09 -5.05 4.79
C THR A 73 -2.50 -5.99 5.84
N GLY A 74 -3.27 -6.27 6.86
CA GLY A 74 -2.73 -6.87 8.07
C GLY A 74 -3.61 -6.64 9.27
N PRO A 75 -3.63 -7.57 10.23
CA PRO A 75 -4.37 -7.38 11.49
C PRO A 75 -3.61 -6.45 12.44
N CYS A 76 -4.32 -5.49 13.01
CA CYS A 76 -3.71 -4.53 13.94
C CYS A 76 -3.77 -5.09 15.35
N PHE A 77 -2.60 -5.33 15.93
CA PHE A 77 -2.49 -5.86 17.28
C PHE A 77 -2.12 -4.78 18.27
N THR A 78 -2.52 -4.96 19.53
CA THR A 78 -2.22 -3.97 20.53
C THR A 78 -1.07 -4.40 21.47
N VAL A 79 -1.15 -5.56 22.10
CA VAL A 79 -0.11 -5.95 23.05
C VAL A 79 0.24 -7.43 22.98
N ILE A 80 1.49 -7.70 22.67
CA ILE A 80 1.94 -9.07 22.56
C ILE A 80 2.63 -9.54 23.83
N SER A 81 2.03 -10.52 24.48
CA SER A 81 2.72 -11.35 25.41
C SER A 81 2.91 -12.73 24.76
N ASN A 82 3.31 -13.72 25.52
CA ASN A 82 3.38 -15.09 25.01
C ASN A 82 1.95 -15.64 24.83
N GLN A 83 0.99 -14.83 25.28
CA GLN A 83 -0.40 -15.24 25.33
C GLN A 83 -1.13 -14.95 24.03
N MET A 84 -1.34 -13.66 23.76
CA MET A 84 -2.08 -13.22 22.59
C MET A 84 -1.81 -11.75 22.32
N CYS A 85 -1.58 -11.43 21.06
CA CYS A 85 -1.28 -10.09 20.61
C CYS A 85 -2.52 -9.17 20.75
N GLN A 86 -3.69 -9.83 20.85
CA GLN A 86 -4.99 -9.21 21.13
C GLN A 86 -5.76 -8.86 19.88
N GLY A 87 -6.87 -9.54 19.73
CA GLY A 87 -7.80 -9.24 18.66
C GLY A 87 -8.03 -10.43 17.75
N GLN A 88 -7.24 -11.48 17.95
CA GLN A 88 -7.37 -12.72 17.17
C GLN A 88 -7.31 -12.43 15.68
N LEU A 89 -6.31 -11.66 15.28
CA LEU A 89 -6.18 -11.20 13.90
C LEU A 89 -7.44 -10.48 13.47
N SER A 90 -7.66 -9.31 14.03
CA SER A 90 -8.85 -8.52 13.73
C SER A 90 -8.76 -7.93 12.32
N GLY A 91 -9.92 -7.78 11.68
CA GLY A 91 -9.98 -7.25 10.33
C GLY A 91 -10.00 -5.74 10.29
N ILE A 92 -9.52 -5.11 11.36
CA ILE A 92 -9.16 -3.70 11.30
C ILE A 92 -8.00 -3.58 10.35
N VAL A 93 -8.34 -3.22 9.14
CA VAL A 93 -7.37 -3.16 8.11
C VAL A 93 -6.79 -1.75 8.06
N SER A 94 -5.51 -1.73 8.29
CA SER A 94 -4.70 -0.54 8.40
C SER A 94 -3.31 -1.01 8.11
N THR A 95 -2.30 -0.15 8.16
CA THR A 95 -0.99 -0.64 7.90
C THR A 95 -0.17 -0.70 9.15
N LYS A 96 0.96 -1.36 9.03
CA LYS A 96 1.91 -1.40 10.10
C LYS A 96 2.33 0.01 10.47
N THR A 97 2.56 0.79 9.43
CA THR A 97 2.89 2.19 9.56
C THR A 97 1.92 2.89 10.52
N LEU A 98 0.63 2.79 10.21
CA LEU A 98 -0.39 3.37 11.05
C LEU A 98 -0.36 2.83 12.47
N CYS A 99 -0.43 1.51 12.62
CA CYS A 99 -0.58 0.92 13.95
C CYS A 99 0.66 1.11 14.82
N CYS A 100 1.82 1.32 14.22
CA CYS A 100 3.02 1.41 14.98
C CYS A 100 3.51 2.86 15.09
N ALA A 101 3.17 3.71 14.12
CA ALA A 101 3.45 5.13 14.29
C ALA A 101 2.49 5.67 15.31
N THR A 102 1.23 5.48 15.00
CA THR A 102 0.15 5.90 15.85
C THR A 102 -0.33 4.70 16.61
N VAL A 103 -0.95 4.90 17.75
CA VAL A 103 -1.39 3.79 18.60
C VAL A 103 -0.20 3.02 19.20
N GLY A 104 0.88 2.80 18.45
CA GLY A 104 2.14 2.34 19.05
C GLY A 104 2.04 0.97 19.65
N ARG A 105 1.51 0.01 18.90
CA ARG A 105 1.30 -1.32 19.43
C ARG A 105 1.92 -2.39 18.53
N ALA A 106 1.16 -2.93 17.57
CA ALA A 106 1.66 -3.99 16.70
C ALA A 106 0.73 -4.14 15.51
N TRP A 107 1.18 -4.83 14.48
CA TRP A 107 0.39 -5.03 13.30
C TRP A 107 1.06 -6.08 12.45
N GLY A 108 0.29 -6.98 11.85
CA GLY A 108 0.89 -7.90 10.90
C GLY A 108 0.58 -9.36 11.17
N HIS A 109 0.90 -10.18 10.18
CA HIS A 109 0.69 -11.62 10.29
C HIS A 109 1.94 -12.36 9.82
N PRO A 110 2.41 -13.35 10.61
CA PRO A 110 1.81 -13.67 11.90
C PRO A 110 2.32 -12.76 13.00
N CYS A 111 1.40 -11.99 13.59
CA CYS A 111 1.67 -11.11 14.75
C CYS A 111 3.03 -10.41 14.67
N GLU A 112 3.04 -9.18 14.12
CA GLU A 112 4.27 -8.40 14.04
C GLU A 112 4.22 -7.28 15.10
N MET A 113 5.05 -7.37 16.14
CA MET A 113 4.98 -6.47 17.25
C MET A 113 5.90 -5.28 17.01
N CYS A 114 5.45 -4.08 17.35
CA CYS A 114 6.18 -2.88 16.94
C CYS A 114 6.84 -2.12 18.09
N PRO A 115 8.13 -1.83 17.93
CA PRO A 115 8.85 -0.88 18.80
C PRO A 115 8.57 0.56 18.40
N ALA A 116 8.65 1.44 19.39
CA ALA A 116 8.54 2.89 19.24
C ALA A 116 7.52 3.32 18.20
N GLN A 117 7.97 3.39 16.96
CA GLN A 117 7.27 3.99 15.85
C GLN A 117 8.11 3.66 14.60
N PRO A 118 7.61 3.83 13.37
CA PRO A 118 8.39 3.57 12.16
C PRO A 118 9.34 4.73 11.83
N HIS A 119 8.84 5.72 11.11
CA HIS A 119 9.62 6.92 10.79
C HIS A 119 9.73 7.84 12.00
N PRO A 120 10.78 8.66 12.06
CA PRO A 120 11.03 9.52 13.20
C PRO A 120 10.21 10.82 13.17
N CYS A 121 8.91 10.67 13.01
CA CYS A 121 7.99 11.80 13.15
C CYS A 121 7.27 11.66 14.47
N ARG A 122 6.38 12.58 14.78
CA ARG A 122 5.53 12.39 15.93
C ARG A 122 4.59 11.23 15.65
N ARG A 123 4.37 10.43 16.67
CA ARG A 123 3.57 9.21 16.56
C ARG A 123 2.34 9.32 15.64
N GLY A 124 1.53 10.34 15.84
CA GLY A 124 0.29 10.45 15.07
C GLY A 124 0.49 10.79 13.60
N PHE A 125 1.73 10.76 13.13
CA PHE A 125 2.06 11.25 11.79
C PHE A 125 2.75 10.21 10.92
N ILE A 126 2.57 10.39 9.64
CA ILE A 126 3.32 9.68 8.63
C ILE A 126 3.86 10.69 7.64
N PRO A 127 5.15 10.60 7.28
CA PRO A 127 5.77 11.53 6.33
C PRO A 127 5.13 11.46 4.94
N ASN A 128 4.52 12.57 4.54
CA ASN A 128 3.87 12.70 3.26
C ASN A 128 4.79 12.23 2.14
N ILE A 129 4.23 11.42 1.28
CA ILE A 129 4.96 10.81 0.17
C ILE A 129 5.25 11.84 -0.93
N ARG A 130 4.83 13.08 -0.69
CA ARG A 130 5.02 14.15 -1.65
C ARG A 130 5.99 15.17 -1.11
N THR A 131 5.68 15.68 0.07
CA THR A 131 6.47 16.74 0.68
C THR A 131 7.53 16.17 1.62
N GLY A 132 7.13 15.13 2.32
CA GLY A 132 8.01 14.53 3.31
C GLY A 132 7.64 15.03 4.68
N ALA A 133 6.58 15.82 4.73
CA ALA A 133 6.11 16.39 5.96
C ALA A 133 5.24 15.39 6.67
N CYS A 134 5.62 15.15 7.89
CA CYS A 134 4.87 14.32 8.80
C CYS A 134 3.48 14.90 8.98
N GLN A 135 2.47 14.16 8.54
CA GLN A 135 1.10 14.61 8.63
C GLN A 135 0.31 13.68 9.52
N ASP A 136 -0.58 14.24 10.34
CA ASP A 136 -1.32 13.45 11.30
C ASP A 136 -2.39 12.68 10.60
N VAL A 137 -2.65 11.49 11.10
CA VAL A 137 -3.64 10.65 10.53
C VAL A 137 -4.92 10.81 11.29
N ASP A 138 -6.01 10.61 10.62
CA ASP A 138 -7.25 10.47 11.32
C ASP A 138 -7.26 9.07 11.86
N GLU A 139 -6.58 8.88 12.99
CA GLU A 139 -6.39 7.56 13.57
C GLU A 139 -7.73 6.84 13.73
N CYS A 140 -8.76 7.64 13.99
CA CYS A 140 -10.15 7.16 14.02
C CYS A 140 -10.53 6.45 12.71
N GLN A 141 -10.13 7.02 11.59
CA GLN A 141 -10.50 6.51 10.28
C GLN A 141 -9.47 5.50 9.81
N ALA A 142 -8.25 5.77 10.21
CA ALA A 142 -7.11 5.00 9.78
C ALA A 142 -7.00 3.69 10.56
N ILE A 143 -7.59 3.66 11.74
CA ILE A 143 -7.63 2.46 12.57
C ILE A 143 -9.05 2.25 13.07
N PRO A 144 -9.94 1.72 12.23
CA PRO A 144 -11.32 1.43 12.65
C PRO A 144 -11.37 0.54 13.87
N GLY A 145 -12.46 0.65 14.61
CA GLY A 145 -12.57 -0.07 15.86
C GLY A 145 -11.79 0.60 16.98
N LEU A 146 -10.84 1.46 16.62
CA LEU A 146 -10.01 2.13 17.60
C LEU A 146 -10.80 3.24 18.27
N CYS A 147 -11.04 3.08 19.58
CA CYS A 147 -11.82 4.02 20.36
C CYS A 147 -13.27 4.07 19.84
N GLN A 148 -13.66 3.04 19.11
CA GLN A 148 -15.00 2.99 18.53
C GLN A 148 -15.99 2.43 19.57
N GLY A 149 -16.05 3.10 20.70
CA GLY A 149 -17.03 2.78 21.72
C GLY A 149 -17.90 3.98 22.02
N GLY A 150 -17.71 5.02 21.21
CA GLY A 150 -18.45 6.24 21.36
C GLY A 150 -18.04 7.24 20.30
N ASN A 151 -17.50 8.36 20.71
CA ASN A 151 -17.02 9.38 19.77
C ASN A 151 -15.52 9.56 19.93
N CYS A 152 -14.77 9.24 18.90
CA CYS A 152 -13.35 9.57 18.93
C CYS A 152 -13.13 10.71 17.95
N ILE A 153 -12.06 11.43 18.13
CA ILE A 153 -11.83 12.66 17.39
C ILE A 153 -10.34 12.77 17.15
N ASN A 154 -9.90 13.48 16.15
CA ASN A 154 -8.47 13.46 15.85
C ASN A 154 -7.84 14.81 15.76
N THR A 155 -6.80 14.98 16.57
CA THR A 155 -5.91 16.08 16.38
C THR A 155 -4.53 15.59 15.96
N VAL A 156 -3.68 16.51 15.59
CA VAL A 156 -2.38 16.15 15.11
C VAL A 156 -1.55 15.56 16.23
N GLY A 157 -0.99 14.39 15.98
CA GLY A 157 -0.17 13.74 16.95
C GLY A 157 -0.93 12.87 17.90
N SER A 158 -2.25 13.01 17.96
CA SER A 158 -3.03 12.31 18.97
C SER A 158 -4.51 12.43 18.69
N PHE A 159 -5.27 11.44 19.06
CA PHE A 159 -6.71 11.54 18.92
C PHE A 159 -7.35 11.75 20.27
N GLU A 160 -8.50 12.39 20.27
CA GLU A 160 -9.22 12.71 21.48
C GLU A 160 -10.41 11.77 21.61
N CYS A 161 -10.52 11.09 22.72
CA CYS A 161 -11.59 10.12 22.87
C CYS A 161 -12.69 10.58 23.78
N LYS A 162 -13.86 10.06 23.50
CA LYS A 162 -15.00 10.23 24.36
C LYS A 162 -15.80 8.95 24.42
N CYS A 163 -15.56 8.16 25.45
CA CYS A 163 -16.31 6.94 25.67
C CYS A 163 -17.62 7.29 26.39
N PRO A 164 -18.61 6.38 26.43
CA PRO A 164 -19.85 6.63 27.17
C PRO A 164 -19.58 6.93 28.64
N ALA A 165 -20.59 7.45 29.33
CA ALA A 165 -20.47 7.80 30.75
C ALA A 165 -19.97 6.61 31.56
N GLY A 166 -19.04 6.89 32.48
CA GLY A 166 -18.48 5.84 33.28
C GLY A 166 -17.35 5.11 32.57
N HIS A 167 -17.44 5.03 31.26
CA HIS A 167 -16.45 4.31 30.48
C HIS A 167 -15.15 5.09 30.39
N LYS A 168 -14.08 4.39 30.01
CA LYS A 168 -12.75 4.98 29.90
C LYS A 168 -11.98 4.28 28.77
N LEU A 169 -11.10 5.01 28.09
CA LEU A 169 -10.34 4.44 26.99
C LEU A 169 -9.13 3.67 27.50
N ASN A 170 -8.86 2.56 26.87
CA ASN A 170 -7.69 1.76 27.17
C ASN A 170 -6.98 1.39 25.89
N GLU A 171 -5.93 2.14 25.56
CA GLU A 171 -5.21 1.98 24.29
C GLU A 171 -4.59 0.59 24.16
N VAL A 172 -4.37 -0.05 25.29
CA VAL A 172 -3.81 -1.40 25.33
C VAL A 172 -4.74 -2.38 24.61
N SER A 173 -5.98 -1.97 24.43
CA SER A 173 -6.96 -2.74 23.67
C SER A 173 -8.00 -1.80 23.06
N GLN A 174 -7.54 -0.58 22.72
CA GLN A 174 -8.37 0.53 22.22
C GLN A 174 -9.83 0.45 22.67
N LYS A 175 -10.04 0.17 23.94
CA LYS A 175 -11.36 -0.11 24.46
C LYS A 175 -11.97 1.12 25.12
N CYS A 176 -13.27 1.04 25.39
CA CYS A 176 -14.02 2.09 26.04
C CYS A 176 -15.06 1.46 26.95
N GLU A 177 -14.66 1.08 28.15
CA GLU A 177 -15.51 0.31 29.03
C GLU A 177 -15.31 0.76 30.47
N SER A 1 7.77 -11.99 -52.44
CA SER A 1 6.47 -12.08 -53.13
C SER A 1 5.83 -10.70 -53.22
N ALA A 2 5.14 -10.46 -54.32
CA ALA A 2 4.54 -9.15 -54.58
C ALA A 2 3.26 -8.96 -53.78
N SER A 3 2.69 -10.07 -53.31
CA SER A 3 1.47 -10.03 -52.52
C SER A 3 1.79 -9.57 -51.09
N ARG A 4 3.06 -9.64 -50.71
CA ARG A 4 3.49 -9.21 -49.38
C ARG A 4 4.11 -7.82 -49.44
N SER A 5 3.83 -7.02 -48.44
CA SER A 5 4.43 -5.69 -48.32
C SER A 5 5.86 -5.80 -47.83
N ILE A 6 6.76 -6.10 -48.75
CA ILE A 6 8.17 -6.24 -48.45
C ILE A 6 8.79 -4.90 -48.10
N GLN A 7 9.74 -4.93 -47.18
CA GLN A 7 10.39 -3.72 -46.70
C GLN A 7 11.88 -3.79 -46.97
N HIS A 8 12.60 -2.72 -46.69
CA HIS A 8 14.05 -2.73 -46.80
C HIS A 8 14.65 -3.55 -45.66
N CYS A 9 13.99 -3.48 -44.52
CA CYS A 9 14.37 -4.28 -43.37
C CYS A 9 13.46 -5.49 -43.27
N ASN A 10 13.61 -6.29 -42.23
CA ASN A 10 12.79 -7.47 -42.05
C ASN A 10 12.06 -7.41 -40.73
N ILE A 11 12.80 -7.10 -39.66
CA ILE A 11 12.26 -7.11 -38.32
C ILE A 11 11.08 -6.16 -38.11
N ARG A 12 10.52 -6.25 -36.92
CA ARG A 12 9.30 -5.55 -36.56
C ARG A 12 9.60 -4.46 -35.53
N CYS A 13 8.95 -3.32 -35.66
CA CYS A 13 9.21 -2.19 -34.77
C CYS A 13 8.00 -1.86 -33.92
N MET A 14 8.25 -1.72 -32.62
CA MET A 14 7.20 -1.31 -31.69
C MET A 14 7.79 -0.32 -30.69
N ASN A 15 6.94 0.43 -30.00
CA ASN A 15 7.36 1.31 -28.91
C ASN A 15 8.19 2.48 -29.43
N GLY A 16 7.67 3.17 -30.43
CA GLY A 16 8.37 4.29 -30.99
C GLY A 16 9.55 3.87 -31.81
N GLY A 17 9.46 2.72 -32.45
CA GLY A 17 10.58 2.19 -33.18
C GLY A 17 10.59 2.60 -34.65
N SER A 18 11.79 2.79 -35.20
CA SER A 18 11.96 3.03 -36.62
C SER A 18 12.88 1.97 -37.21
N CYS A 19 12.47 1.40 -38.32
CA CYS A 19 13.15 0.24 -38.89
C CYS A 19 14.27 0.66 -39.84
N SER A 20 15.51 0.33 -39.51
CA SER A 20 16.65 0.69 -40.33
C SER A 20 17.69 -0.42 -40.31
N ASP A 21 18.28 -0.74 -41.46
CA ASP A 21 19.41 -1.70 -41.54
C ASP A 21 19.10 -3.03 -40.85
N ASP A 22 17.84 -3.39 -40.92
CA ASP A 22 17.31 -4.62 -40.31
C ASP A 22 17.68 -4.70 -38.83
N HIS A 23 17.48 -3.58 -38.14
CA HIS A 23 17.59 -3.50 -36.69
C HIS A 23 16.99 -2.18 -36.24
N CYS A 24 15.94 -2.28 -35.46
CA CYS A 24 15.10 -1.14 -35.18
C CYS A 24 15.80 -0.10 -34.31
N LEU A 25 15.72 1.14 -34.77
CA LEU A 25 16.26 2.28 -34.06
C LEU A 25 15.10 3.05 -33.47
N CYS A 26 14.92 2.93 -32.18
CA CYS A 26 13.65 3.28 -31.60
C CYS A 26 13.68 4.54 -30.76
N GLN A 27 13.82 4.35 -29.45
CA GLN A 27 13.59 5.40 -28.49
C GLN A 27 14.42 5.18 -27.25
N LYS A 28 14.87 6.26 -26.65
CA LYS A 28 15.67 6.17 -25.45
C LYS A 28 14.86 5.64 -24.32
N GLY A 29 15.25 4.47 -23.91
CA GLY A 29 14.60 3.80 -22.83
C GLY A 29 13.89 2.55 -23.28
N TYR A 30 14.02 2.21 -24.56
CA TYR A 30 13.52 0.94 -25.05
C TYR A 30 14.63 0.16 -25.73
N ILE A 31 14.61 -1.16 -25.57
CA ILE A 31 15.70 -1.99 -26.06
C ILE A 31 15.17 -3.28 -26.67
N GLY A 32 16.11 -4.07 -27.17
CA GLY A 32 15.78 -5.23 -27.97
C GLY A 32 15.57 -4.87 -29.43
N THR A 33 15.54 -5.86 -30.32
CA THR A 33 15.41 -5.63 -31.75
C THR A 33 14.00 -5.14 -32.09
N HIS A 34 13.02 -5.60 -31.33
CA HIS A 34 11.63 -5.15 -31.51
C HIS A 34 11.38 -3.93 -30.64
N CYS A 35 12.36 -3.64 -29.79
CA CYS A 35 12.27 -2.57 -28.80
C CYS A 35 11.07 -2.78 -27.89
N GLY A 36 10.85 -4.02 -27.50
CA GLY A 36 9.74 -4.34 -26.64
C GLY A 36 10.15 -4.43 -25.19
N GLN A 37 11.43 -4.17 -24.92
CA GLN A 37 11.91 -4.20 -23.55
C GLN A 37 12.23 -2.78 -23.08
N PRO A 38 11.36 -2.20 -22.24
CA PRO A 38 11.58 -0.87 -21.67
C PRO A 38 12.59 -0.91 -20.53
N VAL A 39 13.42 0.11 -20.48
CA VAL A 39 14.53 0.17 -19.53
C VAL A 39 14.04 0.26 -18.09
N CYS A 40 14.20 -0.86 -17.41
CA CYS A 40 13.94 -0.93 -15.99
C CYS A 40 15.12 -0.37 -15.22
N GLU A 41 15.35 0.92 -15.36
CA GLU A 41 16.55 1.58 -14.84
C GLU A 41 16.79 1.32 -13.37
N SER A 42 15.78 1.57 -12.55
CA SER A 42 15.94 1.56 -11.10
C SER A 42 15.59 0.20 -10.54
N GLY A 43 15.40 -0.74 -11.43
CA GLY A 43 14.90 -2.02 -11.07
C GLY A 43 13.43 -1.99 -10.82
N CYS A 44 12.76 -2.95 -11.37
CA CYS A 44 11.35 -3.12 -11.12
C CYS A 44 11.15 -3.56 -9.68
N LEU A 45 9.99 -3.28 -9.15
CA LEU A 45 9.72 -3.51 -7.75
C LEU A 45 8.46 -4.33 -7.65
N ASN A 46 8.17 -4.82 -6.44
CA ASN A 46 7.07 -5.76 -6.17
C ASN A 46 6.86 -6.79 -7.29
N GLY A 47 7.97 -7.22 -7.90
CA GLY A 47 7.92 -8.21 -8.97
C GLY A 47 7.05 -7.75 -10.12
N GLY A 48 7.06 -6.45 -10.36
CA GLY A 48 6.17 -5.85 -11.33
C GLY A 48 6.56 -6.10 -12.77
N ARG A 49 6.19 -5.17 -13.63
CA ARG A 49 6.48 -5.29 -15.04
C ARG A 49 6.75 -3.92 -15.63
N CYS A 50 7.90 -3.75 -16.21
CA CYS A 50 8.21 -2.51 -16.84
C CYS A 50 7.35 -2.33 -18.08
N VAL A 51 6.45 -1.35 -18.03
CA VAL A 51 5.58 -1.07 -19.14
C VAL A 51 6.20 0.02 -20.03
N ALA A 52 6.93 0.93 -19.40
CA ALA A 52 7.65 1.98 -20.11
C ALA A 52 9.02 2.19 -19.45
N PRO A 53 9.91 3.07 -19.97
CA PRO A 53 11.20 3.34 -19.32
C PRO A 53 11.05 3.73 -17.85
N ASN A 54 11.51 2.84 -16.95
CA ASN A 54 11.44 3.03 -15.49
C ASN A 54 9.99 3.15 -15.04
N ARG A 55 9.09 2.80 -15.93
CA ARG A 55 7.68 2.80 -15.66
C ARG A 55 7.22 1.38 -15.45
N CYS A 56 7.49 0.88 -14.28
CA CYS A 56 6.95 -0.39 -13.89
C CYS A 56 5.46 -0.28 -13.62
N ALA A 57 4.80 -1.39 -13.81
CA ALA A 57 3.42 -1.52 -13.40
C ALA A 57 3.39 -2.41 -12.16
N CYS A 58 2.52 -2.05 -11.24
CA CYS A 58 2.57 -2.54 -9.86
C CYS A 58 1.64 -3.71 -9.64
N THR A 59 2.20 -4.78 -9.07
CA THR A 59 1.47 -5.98 -8.74
C THR A 59 0.38 -5.78 -7.70
N TYR A 60 0.73 -5.23 -6.53
CA TYR A 60 -0.23 -5.24 -5.44
C TYR A 60 -0.42 -3.86 -4.83
N GLY A 61 -0.12 -3.75 -3.56
CA GLY A 61 -0.50 -2.58 -2.82
C GLY A 61 0.53 -1.50 -2.91
N PHE A 62 0.90 -1.10 -4.11
CA PHE A 62 1.78 0.04 -4.23
C PHE A 62 1.16 1.17 -5.01
N THR A 63 1.08 2.31 -4.37
CA THR A 63 0.76 3.54 -5.05
C THR A 63 2.07 4.13 -5.55
N GLY A 64 2.02 4.97 -6.56
CA GLY A 64 3.23 5.50 -7.11
C GLY A 64 3.72 4.59 -8.20
N PRO A 65 4.00 5.12 -9.38
CA PRO A 65 4.21 4.30 -10.55
C PRO A 65 5.52 3.51 -10.52
N GLN A 66 6.29 3.67 -9.45
CA GLN A 66 7.54 2.93 -9.28
C GLN A 66 7.38 1.90 -8.15
N CYS A 67 6.15 1.74 -7.67
CA CYS A 67 5.77 0.76 -6.64
C CYS A 67 6.85 0.49 -5.59
N GLU A 68 7.30 1.54 -4.94
CA GLU A 68 8.23 1.41 -3.82
C GLU A 68 7.55 1.85 -2.53
N ARG A 69 6.43 2.53 -2.71
CA ARG A 69 5.69 3.11 -1.59
C ARG A 69 5.32 1.98 -0.64
N ASP A 70 4.41 1.12 -1.09
CA ASP A 70 4.19 -0.16 -0.45
C ASP A 70 3.35 0.01 0.80
N TYR A 71 2.05 -0.13 0.63
CA TYR A 71 1.17 -0.13 1.76
C TYR A 71 0.58 -1.53 1.87
N ARG A 72 1.46 -2.48 2.14
CA ARG A 72 1.06 -3.85 2.47
C ARG A 72 -0.13 -3.81 3.42
N THR A 73 -1.23 -4.40 3.01
CA THR A 73 -2.45 -4.36 3.78
C THR A 73 -2.43 -5.41 4.88
N GLY A 74 -2.85 -5.03 6.08
CA GLY A 74 -2.81 -5.92 7.21
C GLY A 74 -3.76 -5.50 8.32
N PRO A 75 -4.21 -6.44 9.17
CA PRO A 75 -5.00 -6.10 10.35
C PRO A 75 -4.11 -5.73 11.54
N CYS A 76 -4.71 -5.18 12.59
CA CYS A 76 -3.94 -4.77 13.77
C CYS A 76 -4.38 -5.55 15.00
N PHE A 77 -3.41 -6.25 15.59
CA PHE A 77 -3.64 -6.96 16.83
C PHE A 77 -3.23 -6.05 17.98
N THR A 78 -4.08 -5.93 18.99
CA THR A 78 -3.98 -4.85 19.94
C THR A 78 -3.08 -5.15 21.14
N VAL A 79 -2.76 -6.42 21.39
CA VAL A 79 -2.01 -6.76 22.60
C VAL A 79 -1.42 -8.16 22.52
N ILE A 80 -0.10 -8.26 22.55
CA ILE A 80 0.54 -9.53 22.27
C ILE A 80 1.46 -9.99 23.39
N SER A 81 1.12 -11.13 23.95
CA SER A 81 2.05 -11.92 24.72
C SER A 81 2.29 -13.24 23.99
N ASN A 82 2.92 -14.21 24.64
CA ASN A 82 3.04 -15.56 24.06
C ASN A 82 1.67 -16.23 23.97
N GLN A 83 0.69 -15.54 24.50
CA GLN A 83 -0.68 -16.05 24.55
C GLN A 83 -1.33 -15.96 23.17
N MET A 84 -1.59 -14.75 22.76
CA MET A 84 -2.23 -14.48 21.48
C MET A 84 -2.15 -12.99 21.23
N CYS A 85 -2.13 -12.60 19.97
CA CYS A 85 -1.95 -11.21 19.59
C CYS A 85 -3.23 -10.40 19.80
N GLN A 86 -4.34 -11.11 19.78
CA GLN A 86 -5.66 -10.55 20.10
C GLN A 86 -6.71 -11.62 19.88
N GLY A 87 -7.27 -11.63 18.68
CA GLY A 87 -8.15 -12.71 18.29
C GLY A 87 -9.50 -12.23 17.83
N GLN A 88 -9.62 -10.93 17.63
CA GLN A 88 -10.83 -10.34 17.07
C GLN A 88 -10.74 -10.31 15.55
N LEU A 89 -9.54 -10.56 15.04
CA LEU A 89 -9.23 -10.52 13.61
C LEU A 89 -9.38 -9.11 13.05
N SER A 90 -10.62 -8.75 12.68
CA SER A 90 -10.94 -7.40 12.19
C SER A 90 -10.32 -7.13 10.80
N GLY A 91 -11.17 -6.74 9.86
CA GLY A 91 -10.71 -6.40 8.53
C GLY A 91 -10.25 -4.97 8.43
N ILE A 92 -9.73 -4.46 9.53
CA ILE A 92 -9.12 -3.15 9.54
C ILE A 92 -7.88 -3.17 8.68
N VAL A 93 -8.00 -2.67 7.47
CA VAL A 93 -6.84 -2.58 6.63
C VAL A 93 -6.21 -1.21 6.78
N SER A 94 -5.19 -1.23 7.60
CA SER A 94 -4.28 -0.12 7.76
C SER A 94 -2.93 -0.65 7.34
N THR A 95 -1.91 0.18 7.40
CA THR A 95 -0.61 -0.28 7.04
C THR A 95 0.23 -0.42 8.28
N LYS A 96 1.31 -1.16 8.19
CA LYS A 96 2.17 -1.31 9.33
C LYS A 96 2.73 0.02 9.76
N THR A 97 3.16 0.80 8.78
CA THR A 97 3.61 2.16 8.99
C THR A 97 2.63 2.86 9.91
N LEU A 98 1.39 2.82 9.48
CA LEU A 98 0.31 3.48 10.15
C LEU A 98 0.06 2.92 11.53
N CYS A 99 -0.10 1.60 11.63
CA CYS A 99 -0.44 0.97 12.89
C CYS A 99 0.68 1.16 13.90
N CYS A 100 1.92 1.11 13.42
CA CYS A 100 3.08 1.23 14.28
C CYS A 100 3.45 2.69 14.53
N ALA A 101 3.07 3.62 13.63
CA ALA A 101 3.28 5.02 13.93
C ALA A 101 2.34 5.41 15.04
N THR A 102 1.09 5.10 14.79
CA THR A 102 -0.01 5.34 15.70
C THR A 102 0.13 4.51 16.98
N VAL A 103 -0.98 4.26 17.65
CA VAL A 103 -1.05 3.55 18.93
C VAL A 103 -0.19 2.25 19.04
N GLY A 104 0.51 1.83 18.00
CA GLY A 104 1.38 0.67 18.17
C GLY A 104 0.67 -0.64 17.96
N ARG A 105 0.34 -1.31 19.07
CA ARG A 105 -0.16 -2.68 19.04
C ARG A 105 0.77 -3.57 18.22
N ALA A 106 0.21 -4.17 17.18
CA ALA A 106 0.97 -4.91 16.20
C ALA A 106 0.15 -4.98 14.92
N TRP A 107 0.78 -5.24 13.82
CA TRP A 107 0.09 -5.22 12.53
C TRP A 107 0.50 -6.42 11.70
N GLY A 108 -0.43 -6.94 10.90
CA GLY A 108 -0.10 -7.98 9.94
C GLY A 108 -0.06 -9.37 10.54
N HIS A 109 0.19 -10.35 9.69
CA HIS A 109 0.28 -11.75 10.10
C HIS A 109 1.36 -12.47 9.31
N PRO A 110 2.24 -13.24 9.99
CA PRO A 110 2.25 -13.36 11.47
C PRO A 110 2.44 -12.01 12.15
N CYS A 111 1.94 -11.91 13.37
CA CYS A 111 1.87 -10.66 14.12
C CYS A 111 3.20 -9.90 14.10
N GLU A 112 3.16 -8.67 13.62
CA GLU A 112 4.33 -7.82 13.63
C GLU A 112 4.16 -6.76 14.72
N MET A 113 4.83 -6.97 15.84
CA MET A 113 4.59 -6.18 17.04
C MET A 113 5.41 -4.89 17.02
N CYS A 114 4.80 -3.78 17.42
CA CYS A 114 5.43 -2.47 17.26
C CYS A 114 5.31 -1.60 18.50
N PRO A 115 6.36 -0.83 18.78
CA PRO A 115 6.26 0.40 19.56
C PRO A 115 5.42 1.42 18.82
N ALA A 116 5.06 2.49 19.49
CA ALA A 116 4.46 3.62 18.80
C ALA A 116 5.49 4.30 17.88
N GLN A 117 5.60 5.60 18.00
CA GLN A 117 6.30 6.47 17.03
C GLN A 117 7.68 5.93 16.61
N PRO A 118 7.76 5.35 15.39
CA PRO A 118 9.02 4.86 14.83
C PRO A 118 9.82 5.98 14.16
N HIS A 119 9.23 6.62 13.15
CA HIS A 119 9.87 7.73 12.48
C HIS A 119 9.88 8.94 13.40
N PRO A 120 10.75 9.91 13.15
CA PRO A 120 10.92 11.03 14.04
C PRO A 120 9.83 12.09 13.90
N CYS A 121 8.60 11.67 14.08
CA CYS A 121 7.46 12.55 14.09
C CYS A 121 6.57 12.17 15.28
N ARG A 122 5.40 12.77 15.40
CA ARG A 122 4.48 12.35 16.44
C ARG A 122 3.87 11.01 16.07
N ARG A 123 3.62 10.16 17.06
CA ARG A 123 2.97 8.86 16.82
C ARG A 123 1.85 8.96 15.77
N GLY A 124 1.04 10.00 15.86
CA GLY A 124 -0.10 10.12 14.96
C GLY A 124 0.28 10.61 13.57
N PHE A 125 1.58 10.70 13.29
CA PHE A 125 2.05 11.32 12.06
C PHE A 125 2.86 10.37 11.21
N ILE A 126 2.68 10.51 9.92
CA ILE A 126 3.44 9.75 8.96
C ILE A 126 4.16 10.70 8.03
N PRO A 127 5.46 10.50 7.80
CA PRO A 127 6.22 11.29 6.83
C PRO A 127 5.73 11.03 5.41
N ASN A 128 5.15 12.06 4.80
CA ASN A 128 4.64 12.01 3.45
C ASN A 128 5.65 11.42 2.50
N ILE A 129 5.17 10.55 1.64
CA ILE A 129 6.01 9.91 0.62
C ILE A 129 6.32 10.87 -0.52
N ARG A 130 5.83 12.09 -0.39
CA ARG A 130 6.04 13.12 -1.39
C ARG A 130 6.94 14.23 -0.83
N THR A 131 6.50 14.80 0.28
CA THR A 131 7.17 15.94 0.87
C THR A 131 8.14 15.48 1.97
N GLY A 132 7.68 14.50 2.76
CA GLY A 132 8.44 14.04 3.88
C GLY A 132 7.92 14.67 5.16
N ALA A 133 6.83 15.40 5.04
CA ALA A 133 6.23 16.08 6.16
C ALA A 133 5.42 15.11 6.97
N CYS A 134 5.62 15.21 8.25
CA CYS A 134 4.84 14.46 9.20
C CYS A 134 3.42 15.00 9.22
N GLN A 135 2.46 14.20 8.79
CA GLN A 135 1.07 14.60 8.84
C GLN A 135 0.32 13.69 9.78
N ASP A 136 -0.59 14.24 10.56
CA ASP A 136 -1.34 13.42 11.49
C ASP A 136 -2.40 12.66 10.74
N VAL A 137 -2.66 11.45 11.17
CA VAL A 137 -3.62 10.63 10.53
C VAL A 137 -4.93 10.78 11.24
N ASP A 138 -5.99 10.70 10.49
CA ASP A 138 -7.29 10.60 11.08
C ASP A 138 -7.40 9.20 11.61
N GLU A 139 -6.74 8.95 12.75
CA GLU A 139 -6.54 7.61 13.27
C GLU A 139 -7.87 6.87 13.38
N CYS A 140 -8.90 7.61 13.75
CA CYS A 140 -10.27 7.11 13.80
C CYS A 140 -10.66 6.37 12.50
N GLN A 141 -10.20 6.91 11.38
CA GLN A 141 -10.55 6.39 10.06
C GLN A 141 -9.40 5.56 9.51
N ALA A 142 -8.20 6.00 9.82
CA ALA A 142 -6.97 5.37 9.35
C ALA A 142 -6.77 4.03 10.02
N ILE A 143 -7.44 3.85 11.15
CA ILE A 143 -7.55 2.58 11.81
C ILE A 143 -9.01 2.46 12.27
N PRO A 144 -9.90 2.12 11.31
CA PRO A 144 -11.36 2.23 11.49
C PRO A 144 -11.88 1.62 12.77
N GLY A 145 -12.37 2.51 13.60
CA GLY A 145 -13.00 2.13 14.85
C GLY A 145 -12.07 1.40 15.79
N LEU A 146 -10.80 1.79 15.81
CA LEU A 146 -9.85 1.19 16.75
C LEU A 146 -10.22 1.56 18.19
N CYS A 147 -10.94 2.67 18.36
CA CYS A 147 -11.45 3.06 19.67
C CYS A 147 -12.74 2.28 19.93
N GLN A 148 -12.76 1.53 21.02
CA GLN A 148 -13.85 0.61 21.29
C GLN A 148 -14.98 1.27 22.10
N GLY A 149 -16.12 1.45 21.45
CA GLY A 149 -17.32 1.89 22.14
C GLY A 149 -17.26 3.34 22.58
N GLY A 150 -17.24 4.25 21.62
CA GLY A 150 -17.24 5.66 21.96
C GLY A 150 -17.07 6.54 20.75
N ASN A 151 -16.86 7.83 21.00
CA ASN A 151 -16.62 8.79 19.93
C ASN A 151 -15.13 8.84 19.64
N CYS A 152 -14.78 9.29 18.45
CA CYS A 152 -13.38 9.38 18.07
C CYS A 152 -13.17 10.65 17.27
N ILE A 153 -12.23 11.46 17.73
CA ILE A 153 -12.07 12.80 17.18
C ILE A 153 -10.60 13.09 16.97
N ASN A 154 -10.21 13.14 15.72
CA ASN A 154 -8.80 13.29 15.39
C ASN A 154 -8.31 14.67 15.70
N THR A 155 -7.39 14.76 16.61
CA THR A 155 -6.52 15.90 16.64
C THR A 155 -5.17 15.48 16.10
N VAL A 156 -4.38 16.44 15.68
CA VAL A 156 -3.10 16.09 15.17
C VAL A 156 -2.19 15.78 16.33
N GLY A 157 -1.55 14.63 16.27
CA GLY A 157 -0.81 14.14 17.42
C GLY A 157 -1.47 12.93 18.02
N SER A 158 -2.82 12.82 17.94
CA SER A 158 -3.56 11.82 18.71
C SER A 158 -5.05 11.92 18.40
N PHE A 159 -5.81 10.87 18.63
CA PHE A 159 -7.24 10.98 18.46
C PHE A 159 -7.88 11.05 19.82
N GLU A 160 -9.03 11.68 19.89
CA GLU A 160 -9.70 11.87 21.17
C GLU A 160 -10.90 10.96 21.24
N CYS A 161 -11.01 10.19 22.29
CA CYS A 161 -12.17 9.34 22.44
C CYS A 161 -13.10 9.85 23.49
N LYS A 162 -14.35 9.52 23.31
CA LYS A 162 -15.36 9.85 24.28
C LYS A 162 -16.08 8.59 24.71
N CYS A 163 -15.70 8.09 25.86
CA CYS A 163 -16.33 6.93 26.44
C CYS A 163 -17.59 7.36 27.16
N PRO A 164 -18.61 6.49 27.21
CA PRO A 164 -19.84 6.77 27.96
C PRO A 164 -19.54 7.08 29.42
N ALA A 165 -20.49 7.70 30.11
CA ALA A 165 -20.31 8.04 31.51
C ALA A 165 -19.89 6.83 32.33
N GLY A 166 -19.02 7.04 33.30
CA GLY A 166 -18.52 5.95 34.09
C GLY A 166 -17.33 5.27 33.43
N HIS A 167 -17.33 5.26 32.09
CA HIS A 167 -16.30 4.59 31.35
C HIS A 167 -15.01 5.43 31.29
N LYS A 168 -13.94 4.83 30.80
CA LYS A 168 -12.63 5.49 30.72
C LYS A 168 -11.87 4.92 29.53
N LEU A 169 -11.03 5.75 28.91
CA LEU A 169 -10.25 5.30 27.76
C LEU A 169 -8.97 4.62 28.22
N ASN A 170 -8.66 3.51 27.59
CA ASN A 170 -7.43 2.80 27.83
C ASN A 170 -6.71 2.60 26.52
N GLU A 171 -5.72 3.45 26.25
CA GLU A 171 -5.00 3.45 24.97
C GLU A 171 -4.31 2.13 24.69
N VAL A 172 -4.07 1.35 25.74
CA VAL A 172 -3.45 0.05 25.61
C VAL A 172 -4.30 -0.87 24.74
N SER A 173 -5.60 -0.70 24.83
CA SER A 173 -6.55 -1.49 24.05
C SER A 173 -7.60 -0.58 23.42
N GLN A 174 -7.22 0.71 23.26
CA GLN A 174 -8.14 1.79 22.85
C GLN A 174 -9.57 1.52 23.29
N LYS A 175 -9.71 1.13 24.55
CA LYS A 175 -10.99 0.69 25.06
C LYS A 175 -11.67 1.78 25.88
N CYS A 176 -12.95 1.60 26.13
CA CYS A 176 -13.75 2.56 26.85
C CYS A 176 -14.71 1.80 27.77
N GLU A 177 -14.27 1.51 28.98
CA GLU A 177 -15.02 0.68 29.89
C GLU A 177 -14.62 1.00 31.32
N SER A 1 -1.54 -6.29 -53.85
CA SER A 1 -0.62 -5.76 -52.82
C SER A 1 -0.74 -4.25 -52.72
N ALA A 2 -1.88 -3.70 -53.12
CA ALA A 2 -2.10 -2.26 -53.06
C ALA A 2 -2.32 -1.83 -51.61
N SER A 3 -3.06 -2.65 -50.88
CA SER A 3 -3.36 -2.37 -49.50
C SER A 3 -2.39 -3.11 -48.58
N ARG A 4 -2.12 -2.53 -47.42
CA ARG A 4 -1.23 -3.15 -46.44
C ARG A 4 -2.03 -3.99 -45.46
N SER A 5 -3.32 -3.67 -45.33
CA SER A 5 -4.20 -4.39 -44.43
C SER A 5 -4.70 -5.68 -45.07
N ILE A 6 -4.12 -6.03 -46.21
CA ILE A 6 -4.50 -7.23 -46.92
C ILE A 6 -3.66 -8.41 -46.40
N GLN A 7 -2.74 -8.11 -45.51
CA GLN A 7 -1.93 -9.15 -44.87
C GLN A 7 -2.83 -10.06 -44.04
N HIS A 8 -2.85 -11.33 -44.43
CA HIS A 8 -3.67 -12.32 -43.74
C HIS A 8 -3.10 -12.63 -42.36
N CYS A 9 -1.79 -12.39 -42.21
CA CYS A 9 -1.08 -12.62 -40.96
C CYS A 9 -0.86 -14.10 -40.74
N ASN A 10 0.27 -14.44 -40.14
CA ASN A 10 0.61 -15.84 -39.90
C ASN A 10 0.66 -16.12 -38.40
N ILE A 11 1.07 -15.13 -37.64
CA ILE A 11 1.28 -15.31 -36.22
C ILE A 11 0.05 -14.96 -35.40
N ARG A 12 0.24 -14.88 -34.08
CA ARG A 12 -0.82 -14.59 -33.16
C ARG A 12 -0.45 -13.36 -32.33
N CYS A 13 -1.33 -12.38 -32.29
CA CYS A 13 -1.04 -11.15 -31.59
C CYS A 13 -2.02 -10.94 -30.44
N MET A 14 -1.55 -10.29 -29.39
CA MET A 14 -2.37 -10.04 -28.22
C MET A 14 -2.33 -8.55 -27.87
N ASN A 15 -3.25 -8.13 -27.01
CA ASN A 15 -3.24 -6.76 -26.48
C ASN A 15 -3.54 -5.74 -27.57
N GLY A 16 -4.55 -6.02 -28.39
CA GLY A 16 -4.95 -5.08 -29.41
C GLY A 16 -4.01 -5.05 -30.58
N GLY A 17 -3.24 -6.11 -30.72
CA GLY A 17 -2.25 -6.15 -31.77
C GLY A 17 -2.87 -6.49 -33.11
N SER A 18 -2.81 -5.54 -34.03
CA SER A 18 -3.33 -5.73 -35.37
C SER A 18 -2.41 -6.67 -36.13
N CYS A 19 -2.98 -7.72 -36.67
CA CYS A 19 -2.18 -8.76 -37.31
C CYS A 19 -1.49 -8.25 -38.58
N SER A 20 -0.28 -8.74 -38.83
CA SER A 20 0.49 -8.34 -39.99
C SER A 20 1.25 -9.54 -40.48
N ASP A 21 1.85 -9.40 -41.65
CA ASP A 21 2.65 -10.44 -42.28
C ASP A 21 3.32 -11.42 -41.30
N ASP A 22 4.54 -11.11 -40.97
CA ASP A 22 5.28 -11.88 -40.00
C ASP A 22 5.04 -11.37 -38.60
N HIS A 23 4.94 -10.05 -38.47
CA HIS A 23 4.79 -9.46 -37.13
C HIS A 23 3.69 -8.42 -37.08
N CYS A 24 2.86 -8.52 -36.05
CA CYS A 24 1.68 -7.67 -35.91
C CYS A 24 2.05 -6.25 -35.47
N LEU A 25 1.14 -5.30 -35.69
CA LEU A 25 1.33 -3.93 -35.26
C LEU A 25 0.63 -3.72 -33.92
N CYS A 26 1.28 -3.01 -33.03
CA CYS A 26 0.78 -2.83 -31.68
C CYS A 26 -0.08 -1.57 -31.57
N GLN A 27 -0.96 -1.56 -30.59
CA GLN A 27 -1.64 -0.34 -30.21
C GLN A 27 -0.68 0.45 -29.34
N LYS A 28 -0.70 1.77 -29.44
CA LYS A 28 0.30 2.57 -28.78
C LYS A 28 0.22 2.39 -27.28
N GLY A 29 1.27 1.79 -26.78
CA GLY A 29 1.37 1.47 -25.39
C GLY A 29 1.73 0.03 -25.19
N TYR A 30 1.86 -0.74 -26.27
CA TYR A 30 2.38 -2.09 -26.19
C TYR A 30 3.63 -2.24 -27.03
N ILE A 31 4.51 -3.12 -26.58
CA ILE A 31 5.72 -3.41 -27.31
C ILE A 31 5.95 -4.92 -27.43
N GLY A 32 6.99 -5.26 -28.18
CA GLY A 32 7.27 -6.64 -28.47
C GLY A 32 6.74 -7.05 -29.83
N THR A 33 7.06 -8.27 -30.24
CA THR A 33 6.65 -8.77 -31.54
C THR A 33 5.17 -9.15 -31.56
N HIS A 34 4.66 -9.57 -30.41
CA HIS A 34 3.27 -9.95 -30.30
C HIS A 34 2.51 -8.96 -29.44
N CYS A 35 3.15 -7.82 -29.18
CA CYS A 35 2.56 -6.75 -28.39
C CYS A 35 2.20 -7.23 -26.99
N GLY A 36 3.04 -8.11 -26.47
CA GLY A 36 2.75 -8.72 -25.19
C GLY A 36 3.20 -7.90 -24.01
N GLN A 37 4.00 -6.88 -24.25
CA GLN A 37 4.54 -6.08 -23.16
C GLN A 37 3.93 -4.68 -23.15
N PRO A 38 3.09 -4.38 -22.17
CA PRO A 38 2.47 -3.07 -22.03
C PRO A 38 3.39 -2.03 -21.41
N VAL A 39 3.23 -0.80 -21.82
CA VAL A 39 4.07 0.29 -21.38
C VAL A 39 3.73 0.70 -19.95
N CYS A 40 4.62 0.40 -19.05
CA CYS A 40 4.49 0.86 -17.67
C CYS A 40 4.94 2.31 -17.57
N GLU A 41 4.05 3.20 -18.01
CA GLU A 41 4.37 4.61 -18.17
C GLU A 41 4.88 5.27 -16.90
N SER A 42 4.10 5.25 -15.84
CA SER A 42 4.43 6.02 -14.66
C SER A 42 5.27 5.22 -13.69
N GLY A 43 5.74 4.08 -14.16
CA GLY A 43 6.52 3.20 -13.35
C GLY A 43 5.68 2.32 -12.48
N CYS A 44 5.95 1.06 -12.61
CA CYS A 44 5.37 0.07 -11.72
C CYS A 44 6.01 0.18 -10.35
N LEU A 45 5.27 -0.23 -9.35
CA LEU A 45 5.63 0.00 -7.97
C LEU A 45 5.28 -1.23 -7.17
N ASN A 46 5.68 -1.25 -5.90
CA ASN A 46 5.52 -2.42 -5.00
C ASN A 46 5.87 -3.74 -5.68
N GLY A 47 6.71 -3.69 -6.70
CA GLY A 47 7.08 -4.89 -7.42
C GLY A 47 5.89 -5.53 -8.13
N GLY A 48 5.00 -4.68 -8.65
CA GLY A 48 3.81 -5.17 -9.35
C GLY A 48 4.12 -5.75 -10.73
N ARG A 49 3.19 -5.58 -11.66
CA ARG A 49 3.38 -6.11 -13.01
C ARG A 49 2.54 -5.34 -14.03
N CYS A 50 3.18 -4.79 -15.05
CA CYS A 50 2.50 -4.07 -16.10
C CYS A 50 1.52 -4.98 -16.84
N VAL A 51 0.22 -4.69 -16.76
CA VAL A 51 -0.76 -5.49 -17.47
C VAL A 51 -1.24 -4.77 -18.74
N ALA A 52 -1.62 -3.51 -18.62
CA ALA A 52 -1.92 -2.69 -19.78
C ALA A 52 -1.13 -1.37 -19.71
N PRO A 53 -1.15 -0.52 -20.76
CA PRO A 53 -0.42 0.76 -20.74
C PRO A 53 -0.72 1.58 -19.50
N ASN A 54 0.27 1.65 -18.61
CA ASN A 54 0.20 2.37 -17.35
C ASN A 54 -0.64 1.61 -16.32
N ARG A 55 -1.38 0.62 -16.78
CA ARG A 55 -2.13 -0.23 -15.89
C ARG A 55 -1.21 -1.27 -15.31
N CYS A 56 -0.55 -0.90 -14.25
CA CYS A 56 0.24 -1.83 -13.52
C CYS A 56 -0.66 -2.60 -12.57
N ALA A 57 -0.36 -3.86 -12.39
CA ALA A 57 -1.08 -4.68 -11.46
C ALA A 57 -0.41 -4.58 -10.11
N CYS A 58 -1.19 -4.13 -9.14
CA CYS A 58 -0.67 -3.76 -7.83
C CYS A 58 -0.77 -4.92 -6.85
N THR A 59 0.40 -5.26 -6.29
CA THR A 59 0.60 -6.45 -5.49
C THR A 59 -0.39 -6.56 -4.33
N TYR A 60 -0.54 -5.49 -3.58
CA TYR A 60 -1.41 -5.55 -2.40
C TYR A 60 -1.38 -4.23 -1.66
N GLY A 61 -2.53 -3.59 -1.61
CA GLY A 61 -2.68 -2.46 -0.73
C GLY A 61 -2.06 -1.19 -1.28
N PHE A 62 -2.26 -0.91 -2.56
CA PHE A 62 -1.90 0.40 -3.08
C PHE A 62 -3.07 1.09 -3.76
N THR A 63 -3.32 2.32 -3.35
CA THR A 63 -4.37 3.12 -3.95
C THR A 63 -3.81 3.89 -5.13
N GLY A 64 -4.58 3.91 -6.19
CA GLY A 64 -4.19 4.59 -7.38
C GLY A 64 -3.77 3.58 -8.40
N PRO A 65 -4.10 3.80 -9.67
CA PRO A 65 -3.92 2.78 -10.69
C PRO A 65 -2.44 2.54 -11.01
N GLN A 66 -1.57 3.19 -10.26
CA GLN A 66 -0.14 3.01 -10.42
C GLN A 66 0.51 2.70 -9.07
N CYS A 67 -0.26 2.15 -8.11
CA CYS A 67 0.24 1.71 -6.80
C CYS A 67 1.39 2.49 -6.17
N GLU A 68 1.10 3.68 -5.67
CA GLU A 68 2.12 4.47 -4.97
C GLU A 68 1.70 4.76 -3.54
N ARG A 69 0.71 4.03 -3.06
CA ARG A 69 0.24 4.21 -1.71
C ARG A 69 0.34 2.91 -0.97
N ASP A 70 1.43 2.75 -0.24
CA ASP A 70 1.72 1.49 0.42
C ASP A 70 0.91 1.38 1.70
N TYR A 71 -0.30 0.93 1.54
CA TYR A 71 -1.16 0.66 2.65
C TYR A 71 -1.41 -0.84 2.68
N ARG A 72 -0.53 -1.63 3.27
CA ARG A 72 -0.80 -3.05 3.32
C ARG A 72 -1.84 -3.29 4.40
N THR A 73 -2.93 -3.98 4.08
CA THR A 73 -3.98 -4.20 5.07
C THR A 73 -3.63 -5.38 5.97
N GLY A 74 -3.81 -5.19 7.27
CA GLY A 74 -3.53 -6.24 8.23
C GLY A 74 -4.37 -6.10 9.49
N PRO A 75 -4.62 -7.19 10.23
CA PRO A 75 -5.28 -7.13 11.54
C PRO A 75 -4.36 -6.50 12.60
N CYS A 76 -4.89 -5.62 13.41
CA CYS A 76 -4.06 -4.88 14.36
C CYS A 76 -4.30 -5.35 15.80
N PHE A 77 -3.26 -5.94 16.40
CA PHE A 77 -3.35 -6.46 17.76
C PHE A 77 -2.86 -5.44 18.77
N THR A 78 -3.24 -5.61 20.05
CA THR A 78 -3.07 -4.56 21.04
C THR A 78 -2.02 -4.87 22.12
N VAL A 79 -1.61 -6.13 22.30
CA VAL A 79 -0.71 -6.44 23.42
C VAL A 79 -0.02 -7.79 23.27
N ILE A 80 1.30 -7.77 23.31
CA ILE A 80 2.05 -9.01 23.15
C ILE A 80 3.03 -9.26 24.28
N SER A 81 2.78 -10.31 25.00
CA SER A 81 3.78 -10.97 25.81
C SER A 81 3.99 -12.37 25.25
N ASN A 82 4.60 -13.28 26.00
CA ASN A 82 4.67 -14.68 25.58
C ASN A 82 3.26 -15.28 25.45
N GLN A 83 2.27 -14.48 25.84
CA GLN A 83 0.87 -14.90 25.80
C GLN A 83 0.41 -15.00 24.35
N MET A 84 0.20 -13.85 23.72
CA MET A 84 -0.16 -13.77 22.31
C MET A 84 -0.29 -12.29 21.95
N CYS A 85 -0.78 -11.98 20.76
CA CYS A 85 -0.93 -10.59 20.33
C CYS A 85 -2.27 -10.01 20.76
N GLN A 86 -3.25 -10.90 20.95
CA GLN A 86 -4.64 -10.53 21.22
C GLN A 86 -5.54 -11.75 21.04
N GLY A 87 -4.93 -12.83 20.61
CA GLY A 87 -5.68 -14.00 20.24
C GLY A 87 -5.76 -14.13 18.73
N GLN A 88 -5.05 -13.22 18.05
CA GLN A 88 -5.07 -13.12 16.59
C GLN A 88 -6.48 -12.81 16.12
N LEU A 89 -7.06 -11.76 16.68
CA LEU A 89 -8.46 -11.41 16.43
C LEU A 89 -8.59 -9.98 15.97
N SER A 90 -9.85 -9.57 15.72
CA SER A 90 -10.18 -8.22 15.29
C SER A 90 -9.79 -7.98 13.84
N GLY A 91 -10.78 -7.66 13.02
CA GLY A 91 -10.53 -7.37 11.63
C GLY A 91 -10.35 -5.90 11.39
N ILE A 92 -9.76 -5.21 12.38
CA ILE A 92 -9.35 -3.83 12.21
C ILE A 92 -8.27 -3.76 11.16
N VAL A 93 -8.69 -3.44 9.96
CA VAL A 93 -7.78 -3.30 8.86
C VAL A 93 -7.28 -1.88 8.76
N SER A 94 -5.98 -1.79 8.90
CA SER A 94 -5.25 -0.55 8.90
C SER A 94 -3.89 -0.98 8.43
N THR A 95 -2.91 -0.10 8.33
CA THR A 95 -1.63 -0.55 7.86
C THR A 95 -0.65 -0.61 8.99
N LYS A 96 0.44 -1.31 8.79
CA LYS A 96 1.44 -1.42 9.80
C LYS A 96 2.02 -0.06 10.09
N THR A 97 2.19 0.71 9.03
CA THR A 97 2.57 2.11 9.15
C THR A 97 1.67 2.81 10.17
N LEU A 98 0.37 2.73 9.93
CA LEU A 98 -0.60 3.31 10.86
C LEU A 98 -0.46 2.73 12.26
N CYS A 99 -0.49 1.41 12.37
CA CYS A 99 -0.46 0.77 13.68
C CYS A 99 0.86 0.97 14.41
N CYS A 100 1.95 1.24 13.71
CA CYS A 100 3.23 1.38 14.38
C CYS A 100 3.72 2.83 14.47
N ALA A 101 3.09 3.77 13.75
CA ALA A 101 3.30 5.19 14.05
C ALA A 101 2.37 5.60 15.18
N THR A 102 1.11 5.28 15.00
CA THR A 102 0.07 5.61 15.94
C THR A 102 -0.27 4.38 16.76
N VAL A 103 -0.74 4.60 17.98
CA VAL A 103 -1.15 3.55 18.93
C VAL A 103 -0.12 2.42 19.21
N GLY A 104 0.65 1.96 18.23
CA GLY A 104 1.61 0.90 18.51
C GLY A 104 0.97 -0.47 18.58
N ARG A 105 1.67 -1.40 19.22
CA ARG A 105 1.11 -2.67 19.73
C ARG A 105 1.53 -3.81 18.81
N ALA A 106 0.76 -4.14 17.77
CA ALA A 106 1.19 -5.09 16.74
C ALA A 106 0.23 -5.08 15.56
N TRP A 107 0.67 -5.56 14.41
CA TRP A 107 -0.15 -5.53 13.22
C TRP A 107 0.25 -6.68 12.29
N GLY A 108 -0.72 -7.21 11.54
CA GLY A 108 -0.42 -8.11 10.45
C GLY A 108 -0.10 -9.55 10.85
N HIS A 109 0.02 -10.40 9.83
CA HIS A 109 0.50 -11.77 10.00
C HIS A 109 1.65 -12.03 9.05
N PRO A 110 2.75 -12.64 9.52
CA PRO A 110 2.94 -13.00 10.93
C PRO A 110 2.85 -11.78 11.84
N CYS A 111 2.44 -12.02 13.07
CA CYS A 111 2.22 -10.95 14.04
C CYS A 111 3.47 -10.11 14.21
N GLU A 112 3.36 -8.83 13.89
CA GLU A 112 4.50 -7.92 13.97
C GLU A 112 4.24 -6.86 15.03
N MET A 113 5.10 -6.80 16.03
CA MET A 113 4.87 -5.91 17.17
C MET A 113 5.63 -4.61 17.02
N CYS A 114 5.05 -3.52 17.52
CA CYS A 114 5.65 -2.20 17.41
C CYS A 114 5.39 -1.37 18.67
N PRO A 115 6.32 -0.49 19.05
CA PRO A 115 6.05 0.58 20.00
C PRO A 115 5.13 1.60 19.37
N ALA A 116 4.58 2.52 20.17
CA ALA A 116 3.71 3.55 19.64
C ALA A 116 4.44 4.39 18.59
N GLN A 117 5.00 5.51 19.02
CA GLN A 117 5.85 6.29 18.13
C GLN A 117 7.32 5.84 18.22
N PRO A 118 7.82 5.14 17.20
CA PRO A 118 9.20 4.67 17.18
C PRO A 118 10.17 5.67 16.53
N HIS A 119 9.76 6.25 15.41
CA HIS A 119 10.61 7.16 14.65
C HIS A 119 10.21 8.60 14.96
N PRO A 120 10.93 9.60 14.43
CA PRO A 120 10.50 10.99 14.52
C PRO A 120 9.15 11.22 13.86
N CYS A 121 8.66 12.47 13.96
CA CYS A 121 7.26 12.83 13.65
C CYS A 121 6.38 12.36 14.81
N ARG A 122 5.31 13.11 15.09
CA ARG A 122 4.42 12.75 16.17
C ARG A 122 3.77 11.41 15.87
N ARG A 123 3.60 10.57 16.89
CA ARG A 123 2.90 9.28 16.74
C ARG A 123 1.75 9.34 15.72
N GLY A 124 0.95 10.40 15.77
CA GLY A 124 -0.22 10.48 14.92
C GLY A 124 0.10 10.83 13.48
N PHE A 125 1.38 10.85 13.12
CA PHE A 125 1.81 11.32 11.81
C PHE A 125 2.59 10.27 11.05
N ILE A 126 2.63 10.48 9.76
CA ILE A 126 3.47 9.69 8.88
C ILE A 126 4.26 10.63 8.00
N PRO A 127 5.57 10.43 7.87
CA PRO A 127 6.38 11.25 6.98
C PRO A 127 5.95 11.05 5.53
N ASN A 128 5.38 12.10 4.95
CA ASN A 128 4.88 12.07 3.61
C ASN A 128 5.93 11.56 2.65
N ILE A 129 5.51 10.68 1.80
CA ILE A 129 6.41 9.99 0.88
C ILE A 129 6.79 10.87 -0.32
N ARG A 130 6.24 12.07 -0.36
CA ARG A 130 6.50 13.00 -1.45
C ARG A 130 7.33 14.17 -0.94
N THR A 131 6.80 14.84 0.05
CA THR A 131 7.46 15.99 0.62
C THR A 131 8.47 15.55 1.67
N GLY A 132 8.03 14.65 2.52
CA GLY A 132 8.83 14.20 3.64
C GLY A 132 8.32 14.81 4.92
N ALA A 133 7.20 15.50 4.83
CA ALA A 133 6.62 16.18 5.95
C ALA A 133 5.64 15.29 6.65
N CYS A 134 5.87 15.16 7.92
CA CYS A 134 4.98 14.44 8.82
C CYS A 134 3.56 14.97 8.71
N GLN A 135 2.62 14.08 8.41
CA GLN A 135 1.22 14.44 8.31
C GLN A 135 0.38 13.58 9.25
N ASP A 136 -0.54 14.20 9.96
CA ASP A 136 -1.33 13.49 10.96
C ASP A 136 -2.41 12.68 10.29
N VAL A 137 -2.71 11.55 10.87
CA VAL A 137 -3.72 10.70 10.34
C VAL A 137 -4.99 10.93 11.08
N ASP A 138 -6.09 10.82 10.39
CA ASP A 138 -7.37 10.76 11.05
C ASP A 138 -7.47 9.38 11.64
N GLU A 139 -6.77 9.16 12.75
CA GLU A 139 -6.60 7.85 13.34
C GLU A 139 -7.97 7.18 13.55
N CYS A 140 -8.94 7.99 13.95
CA CYS A 140 -10.33 7.53 14.12
C CYS A 140 -10.88 6.89 12.84
N GLN A 141 -10.41 7.35 11.70
CA GLN A 141 -10.87 6.88 10.42
C GLN A 141 -9.92 5.82 9.89
N ALA A 142 -8.64 6.11 10.08
CA ALA A 142 -7.56 5.27 9.61
C ALA A 142 -7.51 3.95 10.36
N ILE A 143 -8.20 3.90 11.50
CA ILE A 143 -8.35 2.68 12.25
C ILE A 143 -9.85 2.38 12.38
N PRO A 144 -10.32 1.38 11.59
CA PRO A 144 -11.74 1.02 11.40
C PRO A 144 -12.68 1.31 12.57
N GLY A 145 -12.30 0.92 13.76
CA GLY A 145 -13.20 1.05 14.89
C GLY A 145 -12.45 1.50 16.11
N LEU A 146 -11.56 2.46 15.89
CA LEU A 146 -10.74 3.04 16.95
C LEU A 146 -11.60 3.52 18.10
N CYS A 147 -11.30 3.04 19.30
CA CYS A 147 -12.10 3.38 20.49
C CYS A 147 -13.53 2.89 20.31
N GLN A 148 -13.66 1.59 20.08
CA GLN A 148 -14.94 0.96 19.84
C GLN A 148 -15.88 1.16 21.02
N GLY A 149 -17.01 1.78 20.78
CA GLY A 149 -17.94 2.05 21.85
C GLY A 149 -17.85 3.48 22.32
N GLY A 150 -17.70 4.38 21.37
CA GLY A 150 -17.63 5.79 21.69
C GLY A 150 -17.28 6.63 20.48
N ASN A 151 -16.73 7.80 20.71
CA ASN A 151 -16.33 8.68 19.63
C ASN A 151 -14.81 8.79 19.59
N CYS A 152 -14.28 9.14 18.43
CA CYS A 152 -12.88 9.48 18.30
C CYS A 152 -12.75 10.70 17.39
N ILE A 153 -11.96 11.67 17.83
CA ILE A 153 -11.90 12.97 17.17
C ILE A 153 -10.46 13.37 16.90
N ASN A 154 -10.10 13.47 15.63
CA ASN A 154 -8.71 13.67 15.25
C ASN A 154 -8.25 15.07 15.55
N THR A 155 -7.23 15.19 16.34
CA THR A 155 -6.36 16.33 16.25
C THR A 155 -5.02 15.89 15.69
N VAL A 156 -4.30 16.79 15.10
CA VAL A 156 -3.04 16.41 14.56
C VAL A 156 -2.08 16.23 15.73
N GLY A 157 -1.46 15.09 15.80
CA GLY A 157 -0.66 14.77 16.97
C GLY A 157 -1.25 13.64 17.75
N SER A 158 -2.56 13.45 17.66
CA SER A 158 -3.25 12.45 18.48
C SER A 158 -4.75 12.58 18.28
N PHE A 159 -5.46 11.52 18.56
CA PHE A 159 -6.90 11.56 18.45
C PHE A 159 -7.50 11.71 19.84
N GLU A 160 -8.66 12.29 19.92
CA GLU A 160 -9.33 12.51 21.17
C GLU A 160 -10.52 11.57 21.24
N CYS A 161 -10.51 10.62 22.14
CA CYS A 161 -11.59 9.66 22.21
C CYS A 161 -12.58 10.00 23.29
N LYS A 162 -13.76 9.43 23.17
CA LYS A 162 -14.83 9.67 24.09
C LYS A 162 -15.49 8.36 24.48
N CYS A 163 -15.32 7.99 25.73
CA CYS A 163 -15.95 6.78 26.26
C CYS A 163 -17.30 7.11 26.87
N PRO A 164 -18.18 6.11 27.01
CA PRO A 164 -19.44 6.26 27.75
C PRO A 164 -19.19 6.63 29.20
N ALA A 165 -20.18 7.25 29.83
CA ALA A 165 -20.06 7.63 31.23
C ALA A 165 -19.70 6.43 32.10
N GLY A 166 -18.82 6.65 33.05
CA GLY A 166 -18.39 5.58 33.91
C GLY A 166 -17.27 4.76 33.28
N HIS A 167 -17.24 4.73 31.96
CA HIS A 167 -16.24 3.98 31.25
C HIS A 167 -14.89 4.70 31.26
N LYS A 168 -13.86 3.95 30.97
CA LYS A 168 -12.50 4.48 30.96
C LYS A 168 -11.81 4.05 29.68
N LEU A 169 -10.99 4.93 29.13
CA LEU A 169 -10.26 4.61 27.91
C LEU A 169 -8.96 3.91 28.23
N ASN A 170 -8.71 2.82 27.52
CA ASN A 170 -7.45 2.13 27.59
C ASN A 170 -6.76 2.25 26.25
N GLU A 171 -5.73 3.09 26.19
CA GLU A 171 -5.06 3.42 24.94
C GLU A 171 -4.34 2.22 24.35
N VAL A 172 -4.07 1.23 25.20
CA VAL A 172 -3.44 -0.03 24.78
C VAL A 172 -4.34 -0.77 23.79
N SER A 173 -5.61 -0.89 24.13
CA SER A 173 -6.56 -1.61 23.29
C SER A 173 -7.74 -0.72 22.91
N GLN A 174 -7.46 0.59 22.78
CA GLN A 174 -8.49 1.62 22.59
C GLN A 174 -9.83 1.22 23.23
N LYS A 175 -9.76 0.75 24.46
CA LYS A 175 -10.92 0.15 25.11
C LYS A 175 -11.70 1.19 25.91
N CYS A 176 -12.96 1.36 25.56
CA CYS A 176 -13.87 2.22 26.32
C CYS A 176 -14.79 1.37 27.18
N GLU A 177 -14.28 0.93 28.31
CA GLU A 177 -15.03 0.07 29.23
C GLU A 177 -14.64 0.41 30.65
N SER A 1 10.54 3.24 -49.70
CA SER A 1 11.56 3.45 -48.67
C SER A 1 10.90 3.82 -47.36
N ALA A 2 11.57 3.56 -46.25
CA ALA A 2 11.01 3.82 -44.93
C ALA A 2 11.06 5.30 -44.59
N SER A 3 9.89 5.89 -44.37
CA SER A 3 9.80 7.31 -44.05
C SER A 3 9.79 7.53 -42.54
N ARG A 4 9.30 6.54 -41.80
CA ARG A 4 9.30 6.60 -40.34
C ARG A 4 10.72 6.61 -39.81
N SER A 5 11.58 5.82 -40.43
CA SER A 5 12.98 5.76 -40.06
C SER A 5 13.73 6.92 -40.69
N ILE A 6 14.40 7.70 -39.83
CA ILE A 6 15.23 8.80 -40.29
C ILE A 6 16.36 8.25 -41.15
N GLN A 7 16.94 7.17 -40.68
CA GLN A 7 17.91 6.42 -41.47
C GLN A 7 17.21 5.24 -42.14
N HIS A 8 17.28 5.19 -43.46
CA HIS A 8 16.62 4.14 -44.21
C HIS A 8 17.15 2.77 -43.80
N CYS A 9 16.25 1.92 -43.36
CA CYS A 9 16.62 0.63 -42.79
C CYS A 9 15.56 -0.41 -43.11
N ASN A 10 15.58 -1.53 -42.41
CA ASN A 10 14.69 -2.62 -42.69
C ASN A 10 13.49 -2.62 -41.77
N ILE A 11 13.78 -2.64 -40.48
CA ILE A 11 12.81 -3.02 -39.50
C ILE A 11 11.96 -1.85 -38.99
N ARG A 12 11.26 -2.09 -37.90
CA ARG A 12 10.25 -1.18 -37.36
C ARG A 12 10.51 -0.89 -35.90
N CYS A 13 10.18 0.30 -35.44
CA CYS A 13 10.44 0.70 -34.07
C CYS A 13 9.16 1.02 -33.30
N MET A 14 9.25 0.87 -31.99
CA MET A 14 8.22 1.31 -31.05
C MET A 14 8.92 1.88 -29.83
N ASN A 15 8.20 2.60 -28.97
CA ASN A 15 8.72 2.98 -27.65
C ASN A 15 9.87 3.98 -27.77
N GLY A 16 9.64 5.05 -28.54
CA GLY A 16 10.66 6.06 -28.72
C GLY A 16 11.87 5.55 -29.47
N GLY A 17 11.66 4.55 -30.32
CA GLY A 17 12.76 3.97 -31.05
C GLY A 17 12.98 4.63 -32.39
N SER A 18 14.23 4.66 -32.81
CA SER A 18 14.59 5.16 -34.12
C SER A 18 15.43 4.11 -34.85
N CYS A 19 14.99 3.71 -36.03
CA CYS A 19 15.63 2.60 -36.73
C CYS A 19 16.82 3.08 -37.56
N SER A 20 17.97 2.45 -37.35
CA SER A 20 19.18 2.77 -38.06
C SER A 20 19.97 1.50 -38.36
N ASP A 21 20.56 1.46 -39.55
CA ASP A 21 21.46 0.38 -39.97
C ASP A 21 20.72 -0.91 -40.35
N ASP A 22 19.60 -1.19 -39.66
CA ASP A 22 18.91 -2.48 -39.73
C ASP A 22 18.19 -2.72 -38.43
N HIS A 23 18.85 -2.43 -37.32
CA HIS A 23 18.22 -2.55 -36.02
C HIS A 23 17.58 -1.25 -35.58
N CYS A 24 17.06 -1.23 -34.36
CA CYS A 24 16.40 -0.05 -33.85
C CYS A 24 17.23 0.58 -32.71
N LEU A 25 17.38 1.89 -32.76
CA LEU A 25 18.03 2.65 -31.70
C LEU A 25 16.99 3.01 -30.66
N CYS A 26 17.25 2.66 -29.42
CA CYS A 26 16.22 2.71 -28.41
C CYS A 26 16.19 4.00 -27.61
N GLN A 27 14.98 4.36 -27.19
CA GLN A 27 14.77 5.39 -26.19
C GLN A 27 15.53 5.03 -24.93
N LYS A 28 15.88 6.02 -24.14
CA LYS A 28 16.63 5.75 -22.93
C LYS A 28 15.83 4.91 -21.95
N GLY A 29 16.35 3.73 -21.75
CA GLY A 29 15.73 2.78 -20.88
C GLY A 29 14.94 1.76 -21.65
N TYR A 30 15.21 1.64 -22.93
CA TYR A 30 14.59 0.60 -23.72
C TYR A 30 15.65 -0.27 -24.40
N ILE A 31 15.28 -1.53 -24.62
CA ILE A 31 16.16 -2.48 -25.27
C ILE A 31 15.35 -3.37 -26.23
N GLY A 32 16.03 -4.36 -26.80
CA GLY A 32 15.41 -5.20 -27.80
C GLY A 32 15.68 -4.74 -29.22
N THR A 33 15.54 -5.66 -30.17
CA THR A 33 15.77 -5.36 -31.59
C THR A 33 14.80 -4.32 -32.09
N HIS A 34 13.54 -4.43 -31.69
CA HIS A 34 12.51 -3.49 -32.11
C HIS A 34 12.12 -2.60 -30.95
N CYS A 35 12.99 -2.55 -29.94
CA CYS A 35 12.84 -1.64 -28.81
C CYS A 35 11.61 -1.95 -27.98
N GLY A 36 11.20 -3.20 -27.97
CA GLY A 36 9.98 -3.54 -27.28
C GLY A 36 10.14 -3.83 -25.80
N GLN A 37 11.31 -3.57 -25.22
CA GLN A 37 11.49 -3.90 -23.80
C GLN A 37 12.01 -2.70 -22.99
N PRO A 38 11.26 -2.25 -21.96
CA PRO A 38 11.67 -1.14 -21.09
C PRO A 38 12.49 -1.61 -19.87
N VAL A 39 13.34 -0.73 -19.33
CA VAL A 39 14.18 -1.10 -18.21
C VAL A 39 13.59 -0.66 -16.87
N CYS A 40 13.02 -1.60 -16.16
CA CYS A 40 12.60 -1.36 -14.81
C CYS A 40 13.77 -1.52 -13.86
N GLU A 41 14.37 -0.39 -13.53
CA GLU A 41 15.65 -0.31 -12.83
C GLU A 41 15.72 -1.09 -11.53
N SER A 42 14.81 -0.81 -10.62
CA SER A 42 14.96 -1.26 -9.25
C SER A 42 14.25 -2.57 -9.03
N GLY A 43 13.94 -3.23 -10.12
CA GLY A 43 13.18 -4.44 -10.10
C GLY A 43 11.74 -4.19 -9.81
N CYS A 44 10.91 -4.77 -10.62
CA CYS A 44 9.47 -4.72 -10.43
C CYS A 44 9.05 -5.51 -9.20
N LEU A 45 7.96 -5.09 -8.59
CA LEU A 45 7.55 -5.62 -7.29
C LEU A 45 6.08 -5.94 -7.31
N ASN A 46 5.59 -6.57 -6.25
CA ASN A 46 4.17 -6.89 -6.13
C ASN A 46 3.76 -7.96 -7.17
N GLY A 47 4.75 -8.55 -7.83
CA GLY A 47 4.48 -9.36 -9.01
C GLY A 47 3.81 -8.55 -10.09
N GLY A 48 4.24 -7.29 -10.19
CA GLY A 48 3.64 -6.35 -11.12
C GLY A 48 4.06 -6.59 -12.56
N ARG A 49 4.19 -5.50 -13.32
CA ARG A 49 4.49 -5.60 -14.75
C ARG A 49 5.26 -4.38 -15.23
N CYS A 50 6.46 -4.62 -15.71
CA CYS A 50 7.28 -3.55 -16.28
C CYS A 50 6.58 -2.92 -17.48
N VAL A 51 6.40 -1.61 -17.44
CA VAL A 51 5.74 -0.92 -18.55
C VAL A 51 6.70 0.08 -19.21
N ALA A 52 7.36 0.92 -18.42
CA ALA A 52 8.34 1.86 -18.96
C ALA A 52 9.61 1.83 -18.08
N PRO A 53 10.69 2.53 -18.48
CA PRO A 53 11.92 2.59 -17.67
C PRO A 53 11.64 3.05 -16.24
N ASN A 54 11.73 2.09 -15.31
CA ASN A 54 11.56 2.33 -13.88
C ASN A 54 10.09 2.57 -13.57
N ARG A 55 9.25 2.22 -14.53
CA ARG A 55 7.82 2.26 -14.34
C ARG A 55 7.26 0.85 -14.37
N CYS A 56 7.21 0.23 -13.21
CA CYS A 56 6.49 -1.01 -13.06
C CYS A 56 5.05 -0.70 -12.71
N ALA A 57 4.15 -1.49 -13.26
CA ALA A 57 2.74 -1.34 -12.96
C ALA A 57 2.39 -2.20 -11.77
N CYS A 58 1.71 -1.61 -10.80
CA CYS A 58 1.48 -2.25 -9.50
C CYS A 58 0.05 -2.78 -9.35
N THR A 59 -0.01 -4.03 -8.92
CA THR A 59 -1.23 -4.83 -8.88
C THR A 59 -2.27 -4.42 -7.85
N TYR A 60 -1.93 -4.40 -6.56
CA TYR A 60 -2.99 -4.32 -5.56
C TYR A 60 -2.68 -3.35 -4.43
N GLY A 61 -2.24 -3.89 -3.32
CA GLY A 61 -2.22 -3.11 -2.10
C GLY A 61 -0.93 -2.39 -1.89
N PHE A 62 -0.43 -1.73 -2.93
CA PHE A 62 0.73 -0.90 -2.76
C PHE A 62 0.46 0.54 -3.13
N THR A 63 0.78 1.42 -2.20
CA THR A 63 0.85 2.82 -2.50
C THR A 63 2.29 3.12 -2.87
N GLY A 64 2.49 4.15 -3.65
CA GLY A 64 3.83 4.43 -4.10
C GLY A 64 4.10 3.68 -5.37
N PRO A 65 4.48 4.37 -6.43
CA PRO A 65 4.48 3.80 -7.77
C PRO A 65 5.62 2.80 -8.03
N GLN A 66 6.15 2.20 -6.98
CA GLN A 66 7.18 1.19 -7.11
C GLN A 66 6.77 -0.09 -6.38
N CYS A 67 5.53 -0.04 -5.87
CA CYS A 67 4.91 -1.11 -5.09
C CYS A 67 5.87 -1.84 -4.15
N GLU A 68 6.60 -1.07 -3.35
CA GLU A 68 7.46 -1.64 -2.32
C GLU A 68 6.89 -1.37 -0.93
N ARG A 69 5.96 -0.45 -0.89
CA ARG A 69 5.34 -0.07 0.38
C ARG A 69 4.68 -1.30 0.96
N ASP A 70 3.76 -1.89 0.19
CA ASP A 70 3.36 -3.28 0.40
C ASP A 70 2.53 -3.37 1.66
N TYR A 71 1.39 -2.69 1.66
CA TYR A 71 0.53 -2.78 2.80
C TYR A 71 -0.46 -3.93 2.58
N ARG A 72 0.10 -5.12 2.53
CA ARG A 72 -0.71 -6.33 2.58
C ARG A 72 -1.60 -6.22 3.81
N THR A 73 -2.91 -6.36 3.65
CA THR A 73 -3.83 -5.86 4.66
C THR A 73 -3.78 -6.74 5.89
N GLY A 74 -3.90 -6.11 7.05
CA GLY A 74 -3.61 -6.78 8.30
C GLY A 74 -4.47 -6.21 9.41
N PRO A 75 -4.85 -7.03 10.39
CA PRO A 75 -5.55 -6.54 11.57
C PRO A 75 -4.58 -5.96 12.60
N CYS A 76 -5.00 -4.89 13.28
CA CYS A 76 -4.18 -4.32 14.33
C CYS A 76 -4.24 -5.15 15.59
N PHE A 77 -3.09 -5.68 15.97
CA PHE A 77 -2.95 -6.45 17.18
C PHE A 77 -2.72 -5.52 18.34
N THR A 78 -3.25 -5.84 19.52
CA THR A 78 -3.19 -4.94 20.64
C THR A 78 -2.48 -5.59 21.84
N VAL A 79 -2.37 -6.92 21.85
CA VAL A 79 -1.77 -7.63 22.99
C VAL A 79 -0.90 -8.76 22.48
N ILE A 80 0.40 -8.68 22.70
CA ILE A 80 1.32 -9.58 22.03
C ILE A 80 1.46 -10.92 22.72
N SER A 81 1.11 -11.94 21.96
CA SER A 81 1.34 -13.32 22.31
C SER A 81 1.68 -14.07 21.03
N ASN A 82 2.66 -14.97 21.07
CA ASN A 82 2.93 -15.82 19.92
C ASN A 82 1.70 -16.68 19.68
N GLN A 83 1.06 -17.01 20.78
CA GLN A 83 -0.24 -17.67 20.79
C GLN A 83 -1.24 -16.84 19.97
N MET A 84 -1.52 -15.63 20.44
CA MET A 84 -2.40 -14.69 19.74
C MET A 84 -2.08 -13.24 20.10
N CYS A 85 -1.69 -12.43 19.11
CA CYS A 85 -1.41 -11.01 19.33
C CYS A 85 -2.73 -10.21 19.36
N GLN A 86 -3.85 -10.94 19.21
CA GLN A 86 -5.22 -10.39 19.03
C GLN A 86 -5.57 -10.35 17.55
N GLY A 87 -6.20 -9.28 17.10
CA GLY A 87 -6.52 -9.13 15.69
C GLY A 87 -7.66 -10.03 15.21
N GLN A 88 -7.75 -11.26 15.72
CA GLN A 88 -8.75 -12.22 15.28
C GLN A 88 -10.16 -11.73 15.61
N LEU A 89 -10.24 -10.72 16.47
CA LEU A 89 -11.51 -10.15 16.87
C LEU A 89 -11.71 -8.78 16.23
N SER A 90 -11.09 -8.57 15.09
CA SER A 90 -11.21 -7.30 14.38
C SER A 90 -10.92 -7.46 12.89
N GLY A 91 -11.47 -6.55 12.09
CA GLY A 91 -11.22 -6.53 10.65
C GLY A 91 -10.73 -5.17 10.23
N ILE A 92 -10.17 -4.44 11.19
CA ILE A 92 -9.56 -3.16 10.91
C ILE A 92 -8.42 -3.34 9.94
N VAL A 93 -8.58 -2.81 8.74
CA VAL A 93 -7.51 -2.85 7.77
C VAL A 93 -6.87 -1.47 7.64
N SER A 94 -5.77 -1.37 8.32
CA SER A 94 -4.87 -0.24 8.27
C SER A 94 -3.52 -0.80 7.91
N THR A 95 -2.50 0.01 7.89
CA THR A 95 -1.19 -0.53 7.68
C THR A 95 -0.46 -0.64 8.99
N LYS A 96 0.59 -1.42 9.03
CA LYS A 96 1.37 -1.50 10.25
C LYS A 96 2.09 -0.18 10.48
N THR A 97 2.29 0.59 9.42
CA THR A 97 2.86 1.92 9.55
C THR A 97 1.96 2.75 10.44
N LEU A 98 0.68 2.76 10.07
CA LEU A 98 -0.31 3.42 10.89
C LEU A 98 -0.33 2.85 12.30
N CYS A 99 -0.35 1.54 12.39
CA CYS A 99 -0.49 0.90 13.70
C CYS A 99 0.80 1.04 14.53
N CYS A 100 1.94 1.27 13.88
CA CYS A 100 3.20 1.34 14.59
C CYS A 100 3.66 2.77 14.80
N ALA A 101 3.12 3.73 14.06
CA ALA A 101 3.30 5.12 14.41
C ALA A 101 2.30 5.50 15.49
N THR A 102 1.06 5.15 15.24
CA THR A 102 -0.03 5.52 16.12
C THR A 102 -0.43 4.32 16.96
N VAL A 103 -0.76 4.58 18.23
CA VAL A 103 -1.13 3.55 19.20
C VAL A 103 -0.08 2.45 19.45
N GLY A 104 0.65 1.98 18.44
CA GLY A 104 1.61 0.91 18.66
C GLY A 104 0.97 -0.45 18.67
N ARG A 105 1.70 -1.41 19.24
CA ARG A 105 1.19 -2.73 19.62
C ARG A 105 1.65 -3.75 18.59
N ALA A 106 0.86 -4.04 17.56
CA ALA A 106 1.30 -4.90 16.48
C ALA A 106 0.25 -4.90 15.38
N TRP A 107 0.56 -5.51 14.23
CA TRP A 107 -0.34 -5.51 13.11
C TRP A 107 0.05 -6.61 12.12
N GLY A 108 -0.96 -7.13 11.40
CA GLY A 108 -0.72 -8.03 10.29
C GLY A 108 -0.23 -9.42 10.68
N HIS A 109 -0.14 -10.31 9.69
CA HIS A 109 0.42 -11.64 9.89
C HIS A 109 1.56 -11.85 8.89
N PRO A 110 2.73 -12.33 9.35
CA PRO A 110 3.00 -12.64 10.76
C PRO A 110 2.93 -11.41 11.67
N CYS A 111 2.89 -11.66 12.97
CA CYS A 111 2.74 -10.59 13.98
C CYS A 111 3.89 -9.58 13.88
N GLU A 112 3.58 -8.36 13.43
CA GLU A 112 4.56 -7.30 13.31
C GLU A 112 4.33 -6.30 14.44
N MET A 113 5.18 -6.39 15.46
CA MET A 113 4.94 -5.66 16.71
C MET A 113 5.81 -4.43 16.81
N CYS A 114 5.26 -3.36 17.35
CA CYS A 114 5.97 -2.10 17.46
C CYS A 114 5.62 -1.37 18.76
N PRO A 115 6.48 -0.43 19.18
CA PRO A 115 6.15 0.56 20.19
C PRO A 115 5.14 1.55 19.63
N ALA A 116 4.53 2.36 20.48
CA ALA A 116 3.59 3.39 20.00
C ALA A 116 4.29 4.30 18.98
N GLN A 117 4.85 5.39 19.46
CA GLN A 117 5.72 6.21 18.61
C GLN A 117 7.19 5.73 18.70
N PRO A 118 7.67 5.00 17.68
CA PRO A 118 9.03 4.49 17.66
C PRO A 118 10.03 5.41 16.94
N HIS A 119 9.62 5.93 15.78
CA HIS A 119 10.52 6.70 14.92
C HIS A 119 10.20 8.18 15.07
N PRO A 120 10.90 9.08 14.36
CA PRO A 120 10.53 10.50 14.34
C PRO A 120 9.11 10.72 13.81
N CYS A 121 8.66 11.97 13.87
CA CYS A 121 7.25 12.32 13.64
C CYS A 121 6.41 11.80 14.81
N ARG A 122 5.60 12.68 15.39
CA ARG A 122 4.82 12.33 16.57
C ARG A 122 3.91 11.15 16.23
N ARG A 123 3.64 10.33 17.24
CA ARG A 123 2.80 9.12 17.10
C ARG A 123 1.70 9.25 16.04
N GLY A 124 0.95 10.34 16.05
CA GLY A 124 -0.18 10.47 15.14
C GLY A 124 0.20 10.86 13.72
N PHE A 125 1.49 10.81 13.39
CA PHE A 125 1.96 11.29 12.09
C PHE A 125 2.71 10.23 11.30
N ILE A 126 2.71 10.44 10.00
CA ILE A 126 3.47 9.61 9.09
C ILE A 126 4.17 10.52 8.10
N PRO A 127 5.45 10.29 7.83
CA PRO A 127 6.18 11.07 6.82
C PRO A 127 5.53 10.92 5.46
N ASN A 128 4.96 12.00 4.97
CA ASN A 128 4.32 12.04 3.69
C ASN A 128 5.26 11.53 2.60
N ILE A 129 4.71 10.70 1.76
CA ILE A 129 5.47 10.05 0.69
C ILE A 129 5.87 11.06 -0.38
N ARG A 130 5.26 12.24 -0.32
CA ARG A 130 5.50 13.26 -1.33
C ARG A 130 6.41 14.33 -0.77
N THR A 131 5.95 14.97 0.30
CA THR A 131 6.66 16.07 0.89
C THR A 131 7.72 15.58 1.87
N GLY A 132 7.37 14.55 2.62
CA GLY A 132 8.25 14.01 3.63
C GLY A 132 7.90 14.57 4.98
N ALA A 133 6.82 15.33 5.01
CA ALA A 133 6.34 15.97 6.21
C ALA A 133 5.51 15.03 7.03
N CYS A 134 5.81 15.03 8.30
CA CYS A 134 5.02 14.36 9.30
C CYS A 134 3.59 14.88 9.25
N GLN A 135 2.68 14.06 8.76
CA GLN A 135 1.28 14.44 8.63
C GLN A 135 0.43 13.59 9.53
N ASP A 136 -0.49 14.22 10.25
CA ASP A 136 -1.31 13.51 11.20
C ASP A 136 -2.35 12.73 10.48
N VAL A 137 -2.59 11.54 10.96
CA VAL A 137 -3.55 10.70 10.36
C VAL A 137 -4.85 10.90 11.07
N ASP A 138 -5.93 10.81 10.37
CA ASP A 138 -7.19 10.72 11.02
C ASP A 138 -7.26 9.30 11.51
N GLU A 139 -6.56 8.99 12.61
CA GLU A 139 -6.39 7.64 13.09
C GLU A 139 -7.74 6.91 13.17
N CYS A 140 -8.76 7.68 13.54
CA CYS A 140 -10.16 7.21 13.53
C CYS A 140 -10.55 6.57 12.20
N GLN A 141 -10.00 7.08 11.11
CA GLN A 141 -10.32 6.66 9.76
C GLN A 141 -9.21 5.80 9.20
N ALA A 142 -7.99 6.29 9.36
CA ALA A 142 -6.79 5.66 8.87
C ALA A 142 -6.58 4.31 9.52
N ILE A 143 -7.10 4.16 10.73
CA ILE A 143 -7.12 2.88 11.41
C ILE A 143 -8.59 2.55 11.70
N PRO A 144 -9.31 2.07 10.66
CA PRO A 144 -10.78 2.02 10.66
C PRO A 144 -11.39 1.23 11.80
N GLY A 145 -12.06 1.97 12.64
CA GLY A 145 -12.79 1.40 13.75
C GLY A 145 -11.90 0.93 14.88
N LEU A 146 -10.70 1.50 15.00
CA LEU A 146 -9.83 1.13 16.11
C LEU A 146 -10.40 1.60 17.43
N CYS A 147 -11.10 2.74 17.40
CA CYS A 147 -11.75 3.25 18.60
C CYS A 147 -13.24 2.99 18.52
N GLN A 148 -13.62 1.79 18.90
CA GLN A 148 -15.00 1.37 18.84
C GLN A 148 -15.65 1.51 20.21
N GLY A 149 -14.85 1.92 21.18
CA GLY A 149 -15.35 2.09 22.54
C GLY A 149 -16.45 3.14 22.61
N GLY A 150 -16.27 4.23 21.88
CA GLY A 150 -17.27 5.27 21.86
C GLY A 150 -17.04 6.24 20.72
N ASN A 151 -16.65 7.46 21.06
CA ASN A 151 -16.39 8.50 20.07
C ASN A 151 -14.97 8.43 19.54
N CYS A 152 -14.76 9.07 18.42
CA CYS A 152 -13.44 9.19 17.86
C CYS A 152 -13.33 10.51 17.12
N ILE A 153 -12.40 11.31 17.55
CA ILE A 153 -12.19 12.63 17.02
C ILE A 153 -10.72 12.72 16.68
N ASN A 154 -10.29 13.69 15.91
CA ASN A 154 -8.89 13.69 15.55
C ASN A 154 -8.23 15.02 15.75
N THR A 155 -7.16 14.98 16.50
CA THR A 155 -6.22 16.07 16.50
C THR A 155 -4.89 15.62 15.93
N VAL A 156 -4.09 16.58 15.54
CA VAL A 156 -2.80 16.26 15.00
C VAL A 156 -1.90 15.78 16.10
N GLY A 157 -1.34 14.60 15.94
CA GLY A 157 -0.56 14.02 16.98
C GLY A 157 -1.25 12.91 17.70
N SER A 158 -2.58 12.83 17.57
CA SER A 158 -3.34 11.83 18.32
C SER A 158 -4.83 12.01 18.07
N PHE A 159 -5.58 10.96 18.25
CA PHE A 159 -7.02 11.05 18.10
C PHE A 159 -7.67 11.09 19.46
N GLU A 160 -8.85 11.64 19.53
CA GLU A 160 -9.51 11.87 20.78
C GLU A 160 -10.75 10.98 20.90
N CYS A 161 -10.74 10.10 21.87
CA CYS A 161 -11.86 9.20 22.07
C CYS A 161 -12.66 9.66 23.27
N LYS A 162 -13.95 9.43 23.22
CA LYS A 162 -14.84 9.86 24.28
C LYS A 162 -15.67 8.66 24.73
N CYS A 163 -15.76 8.48 26.02
CA CYS A 163 -16.44 7.34 26.59
C CYS A 163 -17.69 7.77 27.33
N PRO A 164 -18.65 6.86 27.49
CA PRO A 164 -19.79 7.08 28.38
C PRO A 164 -19.32 7.41 29.79
N ALA A 165 -20.17 8.07 30.55
CA ALA A 165 -19.85 8.43 31.93
C ALA A 165 -19.49 7.21 32.73
N GLY A 166 -18.54 7.34 33.64
CA GLY A 166 -18.09 6.20 34.40
C GLY A 166 -17.03 5.42 33.64
N HIS A 167 -17.17 5.36 32.31
CA HIS A 167 -16.28 4.56 31.49
C HIS A 167 -14.92 5.25 31.34
N LYS A 168 -13.92 4.49 30.90
CA LYS A 168 -12.57 5.00 30.79
C LYS A 168 -11.93 4.48 29.51
N LEU A 169 -11.14 5.31 28.85
CA LEU A 169 -10.51 4.90 27.61
C LEU A 169 -9.39 3.91 27.85
N ASN A 170 -9.50 2.77 27.18
CA ASN A 170 -8.46 1.75 27.20
C ASN A 170 -7.68 1.83 25.91
N GLU A 171 -6.56 2.55 25.96
CA GLU A 171 -5.78 2.86 24.78
C GLU A 171 -5.11 1.63 24.18
N VAL A 172 -5.06 0.57 24.96
CA VAL A 172 -4.59 -0.72 24.46
C VAL A 172 -5.41 -1.16 23.25
N SER A 173 -6.73 -1.10 23.38
CA SER A 173 -7.61 -1.50 22.29
C SER A 173 -8.74 -0.49 22.10
N GLN A 174 -8.36 0.79 22.22
CA GLN A 174 -9.26 1.95 22.21
C GLN A 174 -10.68 1.61 22.65
N LYS A 175 -10.79 1.07 23.85
CA LYS A 175 -12.09 0.71 24.40
C LYS A 175 -12.56 1.74 25.40
N CYS A 176 -13.76 1.56 25.91
CA CYS A 176 -14.36 2.49 26.86
C CYS A 176 -15.25 1.72 27.82
N GLU A 177 -14.73 1.39 28.99
CA GLU A 177 -15.45 0.55 29.94
C GLU A 177 -15.09 0.96 31.36
N SER A 1 11.63 3.28 -53.54
CA SER A 1 11.96 3.04 -52.12
C SER A 1 12.07 1.55 -51.84
N ALA A 2 13.28 1.01 -51.90
CA ALA A 2 13.49 -0.40 -51.67
C ALA A 2 13.79 -0.69 -50.20
N SER A 3 14.11 0.36 -49.45
CA SER A 3 14.38 0.20 -48.02
C SER A 3 13.07 0.28 -47.24
N ARG A 4 12.57 -0.87 -46.84
CA ARG A 4 11.29 -0.93 -46.17
C ARG A 4 11.44 -1.56 -44.80
N SER A 5 10.58 -1.14 -43.87
CA SER A 5 10.56 -1.70 -42.53
C SER A 5 9.81 -3.03 -42.53
N ILE A 6 8.98 -3.21 -43.55
CA ILE A 6 8.21 -4.44 -43.72
C ILE A 6 9.02 -5.48 -44.47
N GLN A 7 10.18 -5.81 -43.92
CA GLN A 7 11.08 -6.78 -44.54
C GLN A 7 10.48 -8.18 -44.49
N HIS A 8 11.11 -9.11 -45.19
CA HIS A 8 10.59 -10.46 -45.28
C HIS A 8 11.32 -11.38 -44.32
N CYS A 9 11.23 -11.05 -43.03
CA CYS A 9 11.83 -11.86 -41.99
C CYS A 9 11.06 -13.15 -41.83
N ASN A 10 11.62 -14.13 -41.12
CA ASN A 10 11.00 -15.44 -41.01
C ASN A 10 10.53 -15.71 -39.60
N ILE A 11 10.94 -14.87 -38.66
CA ILE A 11 10.61 -15.05 -37.25
C ILE A 11 9.33 -14.31 -36.87
N ARG A 12 9.14 -14.14 -35.56
CA ARG A 12 7.94 -13.56 -35.01
C ARG A 12 8.27 -12.27 -34.28
N CYS A 13 7.71 -11.17 -34.74
CA CYS A 13 7.99 -9.86 -34.18
C CYS A 13 6.82 -9.35 -33.36
N MET A 14 6.89 -9.51 -32.05
CA MET A 14 5.83 -9.06 -31.16
C MET A 14 6.27 -7.83 -30.37
N ASN A 15 5.30 -7.15 -29.75
CA ASN A 15 5.57 -6.03 -28.84
C ASN A 15 6.09 -4.82 -29.62
N GLY A 16 5.54 -4.62 -30.81
CA GLY A 16 5.93 -3.52 -31.64
C GLY A 16 7.19 -3.80 -32.42
N GLY A 17 7.62 -5.05 -32.39
CA GLY A 17 8.86 -5.43 -33.05
C GLY A 17 8.82 -5.21 -34.55
N SER A 18 9.78 -4.45 -35.05
CA SER A 18 9.92 -4.19 -36.47
C SER A 18 10.81 -5.26 -37.11
N CYS A 19 10.84 -5.30 -38.43
CA CYS A 19 11.54 -6.35 -39.14
C CYS A 19 13.02 -6.00 -39.39
N SER A 20 13.89 -6.87 -38.93
CA SER A 20 15.32 -6.77 -39.21
C SER A 20 15.88 -8.16 -39.50
N ASP A 21 16.87 -8.21 -40.41
CA ASP A 21 17.57 -9.43 -40.82
C ASP A 21 16.69 -10.67 -40.65
N ASP A 22 16.83 -11.34 -39.51
CA ASP A 22 15.88 -12.36 -39.10
C ASP A 22 15.70 -12.26 -37.59
N HIS A 23 16.13 -11.13 -37.04
CA HIS A 23 15.84 -10.79 -35.65
C HIS A 23 15.07 -9.47 -35.60
N CYS A 24 14.04 -9.42 -34.78
CA CYS A 24 13.14 -8.27 -34.75
C CYS A 24 13.77 -7.06 -34.08
N LEU A 25 13.23 -5.89 -34.41
CA LEU A 25 13.68 -4.64 -33.84
C LEU A 25 12.66 -4.19 -32.80
N CYS A 26 13.06 -4.29 -31.56
CA CYS A 26 12.15 -4.05 -30.45
C CYS A 26 11.74 -2.59 -30.39
N GLN A 27 10.65 -2.34 -29.70
CA GLN A 27 10.27 -0.99 -29.36
C GLN A 27 10.92 -0.68 -28.03
N LYS A 28 11.33 0.57 -27.84
CA LYS A 28 12.15 0.88 -26.68
C LYS A 28 11.43 0.60 -25.38
N GLY A 29 11.95 -0.41 -24.76
CA GLY A 29 11.45 -0.88 -23.51
C GLY A 29 11.25 -2.37 -23.49
N TYR A 30 11.45 -3.02 -24.63
CA TYR A 30 11.46 -4.47 -24.65
C TYR A 30 12.78 -4.98 -25.22
N ILE A 31 13.22 -6.14 -24.76
CA ILE A 31 14.44 -6.77 -25.27
C ILE A 31 14.14 -8.21 -25.72
N GLY A 32 15.10 -8.84 -26.36
CA GLY A 32 14.92 -10.18 -26.86
C GLY A 32 14.79 -10.20 -28.37
N THR A 33 15.07 -11.34 -28.98
CA THR A 33 14.98 -11.47 -30.43
C THR A 33 13.55 -11.29 -30.92
N HIS A 34 12.59 -11.76 -30.11
CA HIS A 34 11.18 -11.55 -30.41
C HIS A 34 10.62 -10.40 -29.58
N CYS A 35 11.50 -9.79 -28.80
CA CYS A 35 11.19 -8.57 -28.05
C CYS A 35 10.07 -8.79 -27.04
N GLY A 36 10.13 -9.88 -26.32
CA GLY A 36 9.06 -10.19 -25.40
C GLY A 36 9.43 -9.95 -23.95
N GLN A 37 10.61 -9.42 -23.70
CA GLN A 37 11.04 -9.15 -22.32
C GLN A 37 10.99 -7.65 -22.06
N PRO A 38 10.05 -7.19 -21.23
CA PRO A 38 9.88 -5.78 -20.93
C PRO A 38 10.88 -5.26 -19.89
N VAL A 39 11.36 -4.05 -20.12
CA VAL A 39 12.32 -3.40 -19.26
C VAL A 39 11.73 -3.06 -17.89
N CYS A 40 12.22 -3.75 -16.89
CA CYS A 40 11.92 -3.44 -15.52
C CYS A 40 12.80 -2.28 -15.08
N GLU A 41 12.45 -1.11 -15.59
CA GLU A 41 13.24 0.10 -15.45
C GLU A 41 13.66 0.42 -14.04
N SER A 42 12.72 0.74 -13.19
CA SER A 42 13.02 1.33 -11.91
C SER A 42 13.02 0.29 -10.79
N GLY A 43 13.03 -0.97 -11.19
CA GLY A 43 12.92 -2.05 -10.24
C GLY A 43 11.52 -2.27 -9.80
N CYS A 44 11.07 -3.48 -10.01
CA CYS A 44 9.69 -3.88 -9.75
C CYS A 44 9.39 -4.10 -8.27
N LEU A 45 10.41 -4.27 -7.44
CA LEU A 45 10.23 -4.65 -6.04
C LEU A 45 9.24 -5.81 -5.85
N ASN A 46 8.93 -6.08 -4.57
CA ASN A 46 7.88 -7.02 -4.13
C ASN A 46 7.99 -8.42 -4.77
N GLY A 47 9.11 -8.69 -5.44
CA GLY A 47 9.25 -9.93 -6.16
C GLY A 47 8.17 -10.10 -7.21
N GLY A 48 7.78 -9.00 -7.85
CA GLY A 48 6.70 -9.05 -8.83
C GLY A 48 7.15 -9.58 -10.17
N ARG A 49 6.58 -9.07 -11.25
CA ARG A 49 6.88 -9.59 -12.57
C ARG A 49 6.67 -8.52 -13.63
N CYS A 50 7.73 -8.17 -14.34
CA CYS A 50 7.66 -7.17 -15.42
C CYS A 50 6.73 -7.64 -16.54
N VAL A 51 5.67 -6.86 -16.81
CA VAL A 51 4.72 -7.21 -17.87
C VAL A 51 4.90 -6.29 -19.08
N ALA A 52 5.21 -5.03 -18.79
CA ALA A 52 5.46 -4.03 -19.82
C ALA A 52 6.64 -3.17 -19.37
N PRO A 53 7.18 -2.26 -20.21
CA PRO A 53 8.26 -1.36 -19.81
C PRO A 53 7.91 -0.58 -18.54
N ASN A 54 8.54 -0.98 -17.44
CA ASN A 54 8.36 -0.37 -16.12
C ASN A 54 6.96 -0.67 -15.57
N ARG A 55 6.18 -1.40 -16.35
CA ARG A 55 4.89 -1.88 -15.88
C ARG A 55 5.10 -3.22 -15.25
N CYS A 56 5.48 -3.20 -14.00
CA CYS A 56 5.63 -4.40 -13.26
C CYS A 56 4.28 -4.83 -12.69
N ALA A 57 4.06 -6.12 -12.62
CA ALA A 57 2.86 -6.66 -12.01
C ALA A 57 3.14 -6.93 -10.55
N CYS A 58 2.31 -6.35 -9.70
CA CYS A 58 2.57 -6.31 -8.27
C CYS A 58 1.72 -7.30 -7.49
N THR A 59 2.34 -8.02 -6.56
CA THR A 59 1.67 -9.11 -5.85
C THR A 59 0.31 -8.71 -5.31
N TYR A 60 0.25 -7.63 -4.56
CA TYR A 60 -1.01 -7.28 -3.91
C TYR A 60 -0.99 -5.88 -3.34
N GLY A 61 -0.55 -5.77 -2.11
CA GLY A 61 -0.73 -4.57 -1.37
C GLY A 61 0.34 -3.55 -1.62
N PHE A 62 0.54 -3.16 -2.88
CA PHE A 62 1.45 -2.07 -3.15
C PHE A 62 0.78 -0.94 -3.90
N THR A 63 0.92 0.26 -3.38
CA THR A 63 0.37 1.42 -4.01
C THR A 63 1.35 1.97 -5.03
N GLY A 64 0.90 2.01 -6.26
CA GLY A 64 1.78 2.40 -7.34
C GLY A 64 2.13 1.19 -8.15
N PRO A 65 2.05 1.29 -9.48
CA PRO A 65 2.24 0.13 -10.32
C PRO A 65 3.69 -0.34 -10.36
N GLN A 66 4.54 0.39 -9.62
CA GLN A 66 5.94 0.03 -9.47
C GLN A 66 6.19 -0.48 -8.05
N CYS A 67 5.10 -0.89 -7.38
CA CYS A 67 5.11 -1.50 -6.04
C CYS A 67 6.36 -1.32 -5.18
N GLU A 68 6.48 -0.14 -4.54
CA GLU A 68 7.47 0.04 -3.48
C GLU A 68 6.78 0.57 -2.23
N ARG A 69 5.55 0.10 -2.06
CA ARG A 69 4.75 0.43 -0.90
C ARG A 69 4.18 -0.86 -0.37
N ASP A 70 4.92 -1.52 0.49
CA ASP A 70 4.57 -2.88 0.91
C ASP A 70 3.50 -2.88 1.98
N TYR A 71 2.43 -2.15 1.69
CA TYR A 71 1.31 -2.12 2.58
C TYR A 71 0.51 -3.41 2.41
N ARG A 72 0.77 -4.43 3.21
CA ARG A 72 -0.06 -5.60 3.12
C ARG A 72 -1.34 -5.28 3.87
N THR A 73 -2.34 -6.15 3.85
CA THR A 73 -3.46 -5.95 4.75
C THR A 73 -3.28 -6.84 5.96
N GLY A 74 -3.59 -6.32 7.12
CA GLY A 74 -3.31 -7.03 8.34
C GLY A 74 -4.15 -6.52 9.49
N PRO A 75 -4.49 -7.38 10.45
CA PRO A 75 -5.14 -6.96 11.69
C PRO A 75 -4.15 -6.28 12.63
N CYS A 76 -4.52 -5.13 13.18
CA CYS A 76 -3.66 -4.41 14.10
C CYS A 76 -3.66 -5.09 15.45
N PHE A 77 -2.49 -5.47 15.89
CA PHE A 77 -2.33 -6.22 17.12
C PHE A 77 -1.73 -5.38 18.21
N THR A 78 -2.05 -5.74 19.45
CA THR A 78 -1.56 -5.02 20.60
C THR A 78 -0.36 -5.72 21.26
N VAL A 79 -0.51 -6.98 21.67
CA VAL A 79 0.56 -7.62 22.45
C VAL A 79 0.86 -9.01 21.94
N ILE A 80 2.09 -9.22 21.48
CA ILE A 80 2.52 -10.53 21.02
C ILE A 80 3.38 -11.23 22.05
N SER A 81 2.90 -12.35 22.53
CA SER A 81 3.74 -13.32 23.17
C SER A 81 3.81 -14.55 22.26
N ASN A 82 4.34 -15.64 22.76
CA ASN A 82 4.27 -16.91 22.02
C ASN A 82 2.84 -17.42 21.95
N GLN A 83 1.96 -16.70 22.64
CA GLN A 83 0.57 -17.13 22.80
C GLN A 83 -0.28 -16.54 21.68
N MET A 84 -0.58 -15.26 21.81
CA MET A 84 -1.41 -14.56 20.84
C MET A 84 -0.88 -13.16 20.65
N CYS A 85 -1.25 -12.55 19.53
CA CYS A 85 -0.90 -11.18 19.25
C CYS A 85 -1.98 -10.23 19.77
N GLN A 86 -3.09 -10.86 20.21
CA GLN A 86 -4.30 -10.18 20.66
C GLN A 86 -5.11 -9.69 19.47
N GLY A 87 -5.67 -8.50 19.58
CA GLY A 87 -6.32 -7.87 18.45
C GLY A 87 -7.74 -8.36 18.25
N GLN A 88 -8.14 -9.38 19.02
CA GLN A 88 -9.48 -9.92 18.98
C GLN A 88 -9.83 -10.44 17.58
N LEU A 89 -8.80 -10.86 16.85
CA LEU A 89 -8.94 -11.35 15.47
C LEU A 89 -9.71 -10.33 14.62
N SER A 90 -9.35 -9.07 14.77
CA SER A 90 -10.06 -7.98 14.12
C SER A 90 -9.82 -7.97 12.61
N GLY A 91 -10.77 -7.38 11.89
CA GLY A 91 -10.67 -7.25 10.46
C GLY A 91 -10.41 -5.81 10.05
N ILE A 92 -9.94 -5.02 10.99
CA ILE A 92 -9.52 -3.67 10.70
C ILE A 92 -8.35 -3.69 9.73
N VAL A 93 -8.58 -3.20 8.52
CA VAL A 93 -7.51 -3.17 7.55
C VAL A 93 -6.94 -1.77 7.44
N SER A 94 -5.84 -1.62 8.13
CA SER A 94 -4.97 -0.47 8.05
C SER A 94 -3.59 -1.01 7.78
N THR A 95 -2.56 -0.20 7.75
CA THR A 95 -1.24 -0.74 7.51
C THR A 95 -0.48 -0.83 8.82
N LYS A 96 0.61 -1.57 8.82
CA LYS A 96 1.41 -1.63 10.01
C LYS A 96 2.03 -0.25 10.25
N THR A 97 2.16 0.54 9.17
CA THR A 97 2.65 1.89 9.28
C THR A 97 1.73 2.67 10.20
N LEU A 98 0.46 2.68 9.83
CA LEU A 98 -0.56 3.33 10.64
C LEU A 98 -0.54 2.82 12.08
N CYS A 99 -0.65 1.51 12.25
CA CYS A 99 -0.83 0.97 13.58
C CYS A 99 0.46 0.94 14.39
N CYS A 100 1.63 1.00 13.75
CA CYS A 100 2.86 1.11 14.50
C CYS A 100 3.12 2.58 14.83
N ALA A 101 2.89 3.49 13.87
CA ALA A 101 3.16 4.89 14.11
C ALA A 101 2.24 5.37 15.21
N THR A 102 0.96 5.22 14.92
CA THR A 102 -0.08 5.57 15.85
C THR A 102 -0.43 4.36 16.70
N VAL A 103 -0.67 4.59 17.98
CA VAL A 103 -0.96 3.53 18.95
C VAL A 103 0.13 2.45 19.12
N GLY A 104 0.92 2.13 18.08
CA GLY A 104 1.98 1.15 18.26
C GLY A 104 1.51 -0.29 18.33
N ARG A 105 2.40 -1.15 18.85
CA ARG A 105 2.09 -2.52 19.28
C ARG A 105 2.47 -3.55 18.22
N ALA A 106 1.60 -3.78 17.23
CA ALA A 106 1.89 -4.75 16.18
C ALA A 106 0.80 -4.72 15.11
N TRP A 107 1.02 -5.44 14.02
CA TRP A 107 0.04 -5.49 12.95
C TRP A 107 0.34 -6.65 11.97
N GLY A 108 -0.71 -7.19 11.33
CA GLY A 108 -0.50 -8.16 10.25
C GLY A 108 -0.14 -9.56 10.71
N HIS A 109 -0.07 -10.45 9.72
CA HIS A 109 0.38 -11.83 9.93
C HIS A 109 1.39 -12.20 8.84
N PRO A 110 2.54 -12.79 9.22
CA PRO A 110 2.91 -13.00 10.62
C PRO A 110 3.01 -11.68 11.38
N CYS A 111 2.59 -11.71 12.64
CA CYS A 111 2.46 -10.49 13.44
C CYS A 111 3.74 -9.65 13.38
N GLU A 112 3.58 -8.41 12.92
CA GLU A 112 4.67 -7.46 12.85
C GLU A 112 4.65 -6.65 14.14
N MET A 113 5.47 -7.08 15.10
CA MET A 113 5.44 -6.53 16.42
C MET A 113 6.42 -5.36 16.48
N CYS A 114 5.93 -4.20 16.85
CA CYS A 114 6.66 -2.96 16.66
C CYS A 114 6.45 -1.98 17.82
N PRO A 115 7.46 -1.13 18.11
CA PRO A 115 7.28 0.07 18.92
C PRO A 115 6.33 1.04 18.23
N ALA A 116 5.88 2.04 18.95
CA ALA A 116 5.07 3.09 18.35
C ALA A 116 5.84 3.88 17.29
N GLN A 117 5.96 5.16 17.54
CA GLN A 117 6.52 6.11 16.58
C GLN A 117 7.93 5.72 16.13
N PRO A 118 8.08 5.25 14.88
CA PRO A 118 9.37 4.85 14.32
C PRO A 118 10.16 6.02 13.77
N HIS A 119 9.55 6.76 12.85
CA HIS A 119 10.19 7.92 12.26
C HIS A 119 10.13 9.07 13.22
N PRO A 120 10.94 10.12 13.03
CA PRO A 120 10.94 11.28 13.92
C PRO A 120 9.70 12.15 13.70
N CYS A 121 8.55 11.55 13.90
CA CYS A 121 7.27 12.24 13.81
C CYS A 121 6.46 11.88 15.04
N ARG A 122 5.43 12.66 15.34
CA ARG A 122 4.53 12.33 16.44
C ARG A 122 3.80 11.06 16.10
N ARG A 123 3.62 10.19 17.07
CA ARG A 123 2.94 8.92 16.86
C ARG A 123 1.77 8.99 15.86
N GLY A 124 0.98 10.06 15.93
CA GLY A 124 -0.19 10.16 15.07
C GLY A 124 0.14 10.55 13.63
N PHE A 125 1.43 10.58 13.28
CA PHE A 125 1.85 11.12 11.99
C PHE A 125 2.62 10.13 11.15
N ILE A 126 2.46 10.31 9.86
CA ILE A 126 3.22 9.56 8.88
C ILE A 126 3.93 10.54 7.96
N PRO A 127 5.26 10.44 7.84
CA PRO A 127 6.03 11.31 6.95
C PRO A 127 5.66 11.10 5.50
N ASN A 128 5.24 12.17 4.86
CA ASN A 128 4.88 12.16 3.45
C ASN A 128 6.02 11.60 2.62
N ILE A 129 5.66 10.67 1.76
CA ILE A 129 6.61 10.08 0.82
C ILE A 129 6.89 11.03 -0.34
N ARG A 130 6.37 12.24 -0.21
CA ARG A 130 6.55 13.26 -1.22
C ARG A 130 7.39 14.39 -0.65
N THR A 131 6.88 14.99 0.41
CA THR A 131 7.50 16.15 0.99
C THR A 131 8.47 15.74 2.09
N GLY A 132 8.04 14.81 2.92
CA GLY A 132 8.84 14.39 4.05
C GLY A 132 8.27 14.95 5.32
N ALA A 133 7.09 15.56 5.20
CA ALA A 133 6.44 16.18 6.31
C ALA A 133 5.49 15.22 6.95
N CYS A 134 5.70 15.07 8.22
CA CYS A 134 4.85 14.27 9.07
C CYS A 134 3.44 14.83 9.06
N GLN A 135 2.47 14.01 8.68
CA GLN A 135 1.07 14.42 8.72
C GLN A 135 0.29 13.52 9.64
N ASP A 136 -0.61 14.09 10.42
CA ASP A 136 -1.40 13.31 11.35
C ASP A 136 -2.45 12.54 10.61
N VAL A 137 -2.72 11.35 11.06
CA VAL A 137 -3.72 10.55 10.43
C VAL A 137 -5.02 10.74 11.14
N ASP A 138 -6.07 10.70 10.38
CA ASP A 138 -7.37 10.57 10.97
C ASP A 138 -7.46 9.14 11.42
N GLU A 139 -6.81 8.85 12.56
CA GLU A 139 -6.72 7.50 13.07
C GLU A 139 -8.13 6.89 13.18
N CYS A 140 -9.09 7.75 13.52
CA CYS A 140 -10.51 7.39 13.55
C CYS A 140 -10.99 6.78 12.24
N GLN A 141 -10.36 7.18 11.15
CA GLN A 141 -10.76 6.76 9.82
C GLN A 141 -9.80 5.70 9.31
N ALA A 142 -8.54 5.93 9.62
CA ALA A 142 -7.45 5.07 9.19
C ALA A 142 -7.47 3.75 9.92
N ILE A 143 -8.15 3.71 11.08
CA ILE A 143 -8.23 2.52 11.90
C ILE A 143 -9.66 2.45 12.47
N PRO A 144 -10.62 2.07 11.59
CA PRO A 144 -12.07 2.21 11.74
C PRO A 144 -12.56 2.58 13.15
N GLY A 145 -12.65 1.62 14.05
CA GLY A 145 -13.03 1.94 15.40
C GLY A 145 -12.09 1.32 16.40
N LEU A 146 -10.83 1.75 16.38
CA LEU A 146 -9.81 1.18 17.24
C LEU A 146 -10.02 1.50 18.72
N CYS A 147 -11.16 2.10 19.07
CA CYS A 147 -11.53 2.27 20.47
C CYS A 147 -12.77 1.44 20.78
N GLN A 148 -12.69 0.61 21.83
CA GLN A 148 -13.78 -0.31 22.17
C GLN A 148 -15.01 0.42 22.71
N GLY A 149 -15.92 0.77 21.81
CA GLY A 149 -17.15 1.41 22.22
C GLY A 149 -16.99 2.90 22.48
N GLY A 150 -16.09 3.53 21.73
CA GLY A 150 -15.84 4.95 21.92
C GLY A 150 -15.89 5.71 20.61
N ASN A 151 -16.00 7.04 20.68
CA ASN A 151 -16.06 7.87 19.49
C ASN A 151 -14.71 8.52 19.27
N CYS A 152 -13.92 8.01 18.32
CA CYS A 152 -12.65 8.63 18.00
C CYS A 152 -12.85 9.99 17.35
N ILE A 153 -12.27 11.00 17.95
CA ILE A 153 -12.34 12.37 17.46
C ILE A 153 -10.92 12.88 17.30
N ASN A 154 -10.45 12.93 16.08
CA ASN A 154 -9.02 13.01 15.83
C ASN A 154 -8.44 14.39 15.98
N THR A 155 -7.38 14.47 16.77
CA THR A 155 -6.49 15.61 16.74
C THR A 155 -5.15 15.21 16.12
N VAL A 156 -4.41 16.18 15.62
CA VAL A 156 -3.11 15.86 15.10
C VAL A 156 -2.18 15.59 16.27
N GLY A 157 -1.50 14.46 16.23
CA GLY A 157 -0.69 14.05 17.35
C GLY A 157 -1.34 12.94 18.11
N SER A 158 -2.67 12.86 18.05
CA SER A 158 -3.40 11.88 18.86
C SER A 158 -4.91 12.05 18.68
N PHE A 159 -5.64 10.99 18.83
CA PHE A 159 -7.09 11.08 18.70
C PHE A 159 -7.72 11.16 20.07
N GLU A 160 -8.96 11.59 20.09
CA GLU A 160 -9.72 11.72 21.32
C GLU A 160 -10.90 10.76 21.30
N CYS A 161 -10.84 9.67 22.05
CA CYS A 161 -11.95 8.75 22.04
C CYS A 161 -12.88 9.05 23.18
N LYS A 162 -14.05 9.49 22.80
CA LYS A 162 -15.08 9.87 23.75
C LYS A 162 -15.78 8.66 24.31
N CYS A 163 -15.91 8.63 25.62
CA CYS A 163 -16.57 7.57 26.32
C CYS A 163 -17.81 8.11 27.02
N PRO A 164 -18.89 7.31 27.08
CA PRO A 164 -20.08 7.65 27.85
C PRO A 164 -19.74 7.81 29.33
N ALA A 165 -20.66 8.37 30.10
CA ALA A 165 -20.42 8.62 31.51
C ALA A 165 -20.12 7.32 32.24
N GLY A 166 -19.23 7.40 33.21
CA GLY A 166 -18.84 6.23 33.95
C GLY A 166 -17.74 5.47 33.24
N HIS A 167 -17.69 5.59 31.92
CA HIS A 167 -16.70 4.90 31.13
C HIS A 167 -15.34 5.58 31.23
N LYS A 168 -14.31 4.82 30.89
CA LYS A 168 -12.93 5.26 31.04
C LYS A 168 -12.07 4.70 29.93
N LEU A 169 -11.43 5.56 29.15
CA LEU A 169 -10.55 5.09 28.09
C LEU A 169 -9.23 4.62 28.65
N ASN A 170 -8.72 3.54 28.08
CA ASN A 170 -7.42 3.00 28.43
C ASN A 170 -6.65 2.70 27.17
N GLU A 171 -5.74 3.61 26.81
CA GLU A 171 -4.97 3.53 25.58
C GLU A 171 -4.11 2.26 25.54
N VAL A 172 -3.77 1.76 26.71
CA VAL A 172 -2.97 0.55 26.83
C VAL A 172 -3.66 -0.61 26.12
N SER A 173 -4.98 -0.58 26.08
CA SER A 173 -5.75 -1.63 25.46
C SER A 173 -7.04 -1.10 24.83
N GLN A 174 -6.94 0.14 24.30
CA GLN A 174 -8.08 0.89 23.72
C GLN A 174 -9.42 0.59 24.41
N LYS A 175 -9.41 0.43 25.72
CA LYS A 175 -10.62 0.05 26.44
C LYS A 175 -11.43 1.27 26.80
N CYS A 176 -12.74 1.10 26.85
CA CYS A 176 -13.65 2.17 27.22
C CYS A 176 -14.74 1.62 28.11
N GLU A 177 -14.43 1.53 29.39
CA GLU A 177 -15.33 0.99 30.39
C GLU A 177 -15.04 1.66 31.73
N SER A 1 1.24 -10.80 -51.51
CA SER A 1 0.50 -9.88 -50.62
C SER A 1 -0.53 -9.05 -51.37
N ALA A 2 -0.06 -8.18 -52.27
CA ALA A 2 -0.94 -7.27 -53.01
C ALA A 2 -1.53 -7.94 -54.25
N SER A 3 -1.85 -9.22 -54.14
CA SER A 3 -2.48 -9.95 -55.22
C SER A 3 -4.00 -9.77 -55.18
N ARG A 4 -4.45 -9.01 -54.19
CA ARG A 4 -5.86 -8.75 -53.98
C ARG A 4 -6.01 -7.50 -53.14
N SER A 5 -7.22 -7.18 -52.72
CA SER A 5 -7.46 -6.02 -51.88
C SER A 5 -7.14 -6.33 -50.42
N ILE A 6 -7.63 -7.47 -49.95
CA ILE A 6 -7.37 -7.90 -48.59
C ILE A 6 -5.89 -8.24 -48.41
N GLN A 7 -5.20 -7.47 -47.61
CA GLN A 7 -3.79 -7.72 -47.36
C GLN A 7 -3.62 -8.55 -46.10
N HIS A 8 -3.39 -9.84 -46.28
CA HIS A 8 -3.15 -10.75 -45.17
C HIS A 8 -1.78 -10.51 -44.55
N CYS A 9 -1.77 -10.17 -43.28
CA CYS A 9 -0.55 -9.91 -42.55
C CYS A 9 0.28 -11.18 -42.40
N ASN A 10 1.56 -11.04 -42.05
CA ASN A 10 2.45 -12.18 -41.97
C ASN A 10 2.68 -12.54 -40.52
N ILE A 11 3.28 -11.61 -39.77
CA ILE A 11 3.53 -11.84 -38.37
C ILE A 11 2.36 -11.40 -37.49
N ARG A 12 2.60 -11.46 -36.18
CA ARG A 12 1.52 -11.32 -35.21
C ARG A 12 1.49 -9.93 -34.62
N CYS A 13 0.31 -9.39 -34.48
CA CYS A 13 0.14 -8.09 -33.86
C CYS A 13 -0.72 -8.17 -32.60
N MET A 14 -0.17 -7.66 -31.50
CA MET A 14 -0.88 -7.64 -30.24
C MET A 14 -0.82 -6.24 -29.67
N ASN A 15 -1.71 -5.93 -28.72
CA ASN A 15 -1.65 -4.67 -27.97
C ASN A 15 -2.02 -3.47 -28.84
N GLY A 16 -3.03 -3.65 -29.70
CA GLY A 16 -3.45 -2.57 -30.59
C GLY A 16 -2.59 -2.48 -31.83
N GLY A 17 -1.99 -3.60 -32.19
CA GLY A 17 -1.12 -3.62 -33.34
C GLY A 17 -1.87 -3.95 -34.62
N SER A 18 -1.71 -3.11 -35.63
CA SER A 18 -2.30 -3.38 -36.93
C SER A 18 -1.35 -4.26 -37.73
N CYS A 19 -1.84 -5.41 -38.18
CA CYS A 19 -0.97 -6.39 -38.77
C CYS A 19 -0.68 -6.09 -40.23
N SER A 20 0.59 -5.84 -40.51
CA SER A 20 1.06 -5.60 -41.87
C SER A 20 1.90 -6.77 -42.35
N ASP A 21 2.43 -6.62 -43.55
CA ASP A 21 3.17 -7.68 -44.19
C ASP A 21 4.66 -7.51 -43.89
N ASP A 22 5.16 -8.36 -42.97
CA ASP A 22 6.59 -8.49 -42.67
C ASP A 22 6.94 -7.58 -41.48
N HIS A 23 5.98 -6.78 -41.07
CA HIS A 23 6.10 -5.95 -39.86
C HIS A 23 4.75 -5.51 -39.34
N CYS A 24 4.74 -4.90 -38.15
CA CYS A 24 3.51 -4.54 -37.48
C CYS A 24 3.46 -3.06 -37.19
N LEU A 25 2.33 -2.43 -37.51
CA LEU A 25 2.09 -1.04 -37.18
C LEU A 25 1.59 -0.91 -35.74
N CYS A 26 2.34 -0.17 -34.95
CA CYS A 26 2.07 -0.04 -33.52
C CYS A 26 1.18 1.16 -33.21
N GLN A 27 0.38 1.03 -32.16
CA GLN A 27 -0.31 2.17 -31.57
C GLN A 27 0.70 3.13 -30.95
N LYS A 28 0.35 4.42 -30.89
CA LYS A 28 1.23 5.38 -30.29
C LYS A 28 1.38 5.14 -28.81
N GLY A 29 2.58 4.77 -28.47
CA GLY A 29 2.90 4.38 -27.11
C GLY A 29 3.12 2.89 -27.00
N TYR A 30 3.23 2.22 -28.14
CA TYR A 30 3.63 0.82 -28.16
C TYR A 30 4.84 0.65 -29.04
N ILE A 31 5.72 -0.25 -28.65
CA ILE A 31 6.95 -0.48 -29.37
C ILE A 31 7.20 -1.98 -29.49
N GLY A 32 8.34 -2.31 -30.07
CA GLY A 32 8.69 -3.68 -30.34
C GLY A 32 8.33 -4.10 -31.75
N THR A 33 8.73 -5.30 -32.14
CA THR A 33 8.50 -5.78 -33.49
C THR A 33 7.03 -6.21 -33.67
N HIS A 34 6.40 -6.66 -32.60
CA HIS A 34 5.00 -7.09 -32.66
C HIS A 34 4.12 -6.11 -31.89
N CYS A 35 4.72 -4.97 -31.52
CA CYS A 35 4.02 -3.90 -30.81
C CYS A 35 3.54 -4.38 -29.44
N GLY A 36 4.28 -5.31 -28.86
CA GLY A 36 3.87 -5.90 -27.61
C GLY A 36 4.46 -5.22 -26.40
N GLN A 37 5.19 -4.12 -26.61
CA GLN A 37 5.81 -3.43 -25.49
C GLN A 37 5.31 -1.98 -25.42
N PRO A 38 4.32 -1.72 -24.56
CA PRO A 38 3.81 -0.36 -24.35
C PRO A 38 4.78 0.50 -23.54
N VAL A 39 4.76 1.77 -23.84
CA VAL A 39 5.72 2.71 -23.29
C VAL A 39 5.46 2.98 -21.80
N CYS A 40 6.34 2.47 -20.97
CA CYS A 40 6.31 2.75 -19.55
C CYS A 40 6.93 4.11 -19.29
N GLU A 41 6.14 5.16 -19.58
CA GLU A 41 6.57 6.54 -19.55
C GLU A 41 7.24 6.96 -18.25
N SER A 42 6.49 6.97 -17.16
CA SER A 42 6.94 7.57 -15.93
C SER A 42 7.73 6.59 -15.08
N GLY A 43 8.10 5.49 -15.70
CA GLY A 43 8.74 4.42 -14.98
C GLY A 43 7.76 3.56 -14.26
N CYS A 44 7.87 2.30 -14.51
CA CYS A 44 7.12 1.30 -13.77
C CYS A 44 7.71 1.16 -12.39
N LEU A 45 6.89 0.76 -11.44
CA LEU A 45 7.26 0.82 -10.05
C LEU A 45 6.87 -0.47 -9.35
N ASN A 46 7.46 -0.69 -8.18
CA ASN A 46 7.40 -1.99 -7.48
C ASN A 46 7.75 -3.16 -8.41
N GLY A 47 8.51 -2.87 -9.46
CA GLY A 47 8.82 -3.91 -10.44
C GLY A 47 7.57 -4.42 -11.16
N GLY A 48 6.64 -3.50 -11.46
CA GLY A 48 5.39 -3.88 -12.11
C GLY A 48 5.60 -4.17 -13.59
N ARG A 49 4.65 -3.75 -14.41
CA ARG A 49 4.76 -3.99 -15.86
C ARG A 49 3.95 -2.97 -16.63
N CYS A 50 4.55 -2.37 -17.64
CA CYS A 50 3.82 -1.50 -18.54
C CYS A 50 2.90 -2.33 -19.43
N VAL A 51 1.61 -2.20 -19.21
CA VAL A 51 0.63 -2.96 -19.98
C VAL A 51 0.04 -2.10 -21.09
N ALA A 52 0.02 -0.79 -20.86
CA ALA A 52 -0.42 0.17 -21.86
C ALA A 52 0.51 1.38 -21.75
N PRO A 53 0.43 2.39 -22.66
CA PRO A 53 1.27 3.59 -22.56
C PRO A 53 1.10 4.32 -21.22
N ASN A 54 2.10 4.16 -20.34
CA ASN A 54 2.10 4.71 -19.00
C ASN A 54 1.06 4.04 -18.13
N ARG A 55 0.49 2.97 -18.65
CA ARG A 55 -0.42 2.15 -17.87
C ARG A 55 0.32 0.96 -17.36
N CYS A 56 0.99 1.16 -16.26
CA CYS A 56 1.69 0.10 -15.59
C CYS A 56 0.74 -0.63 -14.66
N ALA A 57 0.99 -1.93 -14.52
CA ALA A 57 0.26 -2.77 -13.60
C ALA A 57 1.13 -3.02 -12.38
N CYS A 58 0.56 -2.82 -11.21
CA CYS A 58 1.35 -2.73 -10.00
C CYS A 58 1.19 -3.97 -9.12
N THR A 59 2.31 -4.45 -8.60
CA THR A 59 2.39 -5.75 -7.95
C THR A 59 1.36 -5.99 -6.85
N TYR A 60 1.31 -5.14 -5.84
CA TYR A 60 0.49 -5.46 -4.68
C TYR A 60 0.02 -4.24 -3.92
N GLY A 61 0.84 -3.80 -2.99
CA GLY A 61 0.40 -2.84 -2.02
C GLY A 61 0.67 -1.42 -2.44
N PHE A 62 0.24 -1.07 -3.63
CA PHE A 62 0.27 0.33 -3.99
C PHE A 62 -1.09 0.81 -4.42
N THR A 63 -1.57 1.85 -3.75
CA THR A 63 -2.79 2.49 -4.13
C THR A 63 -2.47 3.63 -5.07
N GLY A 64 -3.34 3.87 -6.01
CA GLY A 64 -3.04 4.82 -7.05
C GLY A 64 -2.34 4.12 -8.17
N PRO A 65 -2.82 4.27 -9.40
CA PRO A 65 -2.36 3.45 -10.50
C PRO A 65 -0.96 3.83 -11.00
N GLN A 66 -0.17 4.44 -10.13
CA GLN A 66 1.20 4.80 -10.46
C GLN A 66 2.16 4.14 -9.47
N CYS A 67 1.61 3.27 -8.63
CA CYS A 67 2.35 2.54 -7.58
C CYS A 67 3.64 3.20 -7.07
N GLU A 68 3.50 4.40 -6.52
CA GLU A 68 4.63 5.06 -5.84
C GLU A 68 4.33 5.16 -4.35
N ARG A 69 3.34 4.38 -3.95
CA ARG A 69 2.82 4.45 -2.59
C ARG A 69 3.61 3.55 -1.65
N ASP A 70 3.43 2.24 -1.74
CA ASP A 70 4.34 1.28 -1.07
C ASP A 70 3.81 1.03 0.34
N TYR A 71 2.80 0.21 0.40
CA TYR A 71 2.12 -0.12 1.63
C TYR A 71 1.58 -1.55 1.51
N ARG A 72 2.14 -2.52 2.21
CA ARG A 72 1.53 -3.83 2.20
C ARG A 72 0.27 -3.82 3.05
N THR A 73 -0.72 -4.61 2.67
CA THR A 73 -1.95 -4.69 3.44
C THR A 73 -1.82 -5.74 4.52
N GLY A 74 -2.30 -5.43 5.71
CA GLY A 74 -2.21 -6.35 6.81
C GLY A 74 -3.34 -6.18 7.80
N PRO A 75 -3.71 -7.24 8.54
CA PRO A 75 -4.62 -7.14 9.66
C PRO A 75 -3.91 -6.60 10.89
N CYS A 76 -4.52 -5.64 11.56
CA CYS A 76 -3.88 -4.98 12.69
C CYS A 76 -4.39 -5.53 14.01
N PHE A 77 -3.48 -6.13 14.76
CA PHE A 77 -3.78 -6.68 16.07
C PHE A 77 -3.34 -5.69 17.14
N THR A 78 -3.63 -5.98 18.41
CA THR A 78 -3.28 -5.04 19.48
C THR A 78 -2.51 -5.69 20.64
N VAL A 79 -3.12 -6.67 21.29
CA VAL A 79 -2.54 -7.21 22.52
C VAL A 79 -2.09 -8.63 22.34
N ILE A 80 -0.80 -8.87 22.49
CA ILE A 80 -0.23 -10.14 22.10
C ILE A 80 0.65 -10.76 23.16
N SER A 81 0.22 -11.92 23.63
CA SER A 81 1.04 -12.83 24.38
C SER A 81 1.13 -14.13 23.61
N ASN A 82 1.58 -15.21 24.25
CA ASN A 82 1.58 -16.54 23.63
C ASN A 82 0.15 -16.97 23.24
N GLN A 83 -0.84 -16.15 23.61
CA GLN A 83 -2.23 -16.52 23.45
C GLN A 83 -2.74 -16.13 22.07
N MET A 84 -3.02 -14.84 21.89
CA MET A 84 -3.53 -14.32 20.63
C MET A 84 -3.03 -12.91 20.43
N CYS A 85 -3.20 -12.39 19.23
CA CYS A 85 -2.73 -11.06 18.92
C CYS A 85 -3.81 -9.99 19.17
N GLN A 86 -5.08 -10.38 19.07
CA GLN A 86 -6.18 -9.46 19.31
C GLN A 86 -7.51 -10.20 19.52
N GLY A 87 -7.45 -11.51 19.57
CA GLY A 87 -8.66 -12.32 19.61
C GLY A 87 -9.45 -12.28 18.31
N GLN A 88 -9.76 -11.08 17.84
CA GLN A 88 -10.49 -10.89 16.60
C GLN A 88 -9.62 -10.17 15.56
N LEU A 89 -9.44 -10.82 14.42
CA LEU A 89 -8.70 -10.24 13.32
C LEU A 89 -9.50 -9.12 12.68
N SER A 90 -8.83 -8.01 12.41
CA SER A 90 -9.48 -6.85 11.81
C SER A 90 -9.19 -6.77 10.32
N GLY A 91 -10.24 -6.58 9.52
CA GLY A 91 -10.08 -6.43 8.09
C GLY A 91 -9.83 -5.00 7.70
N ILE A 92 -9.48 -4.18 8.67
CA ILE A 92 -8.96 -2.86 8.38
C ILE A 92 -7.68 -3.01 7.57
N VAL A 93 -7.67 -2.45 6.40
CA VAL A 93 -6.45 -2.44 5.67
C VAL A 93 -5.78 -1.10 5.85
N SER A 94 -4.86 -1.13 6.78
CA SER A 94 -4.01 -0.02 7.13
C SER A 94 -2.62 -0.55 7.12
N THR A 95 -1.64 0.27 7.42
CA THR A 95 -0.30 -0.23 7.42
C THR A 95 0.18 -0.48 8.83
N LYS A 96 1.24 -1.25 8.90
CA LYS A 96 1.94 -1.41 10.14
C LYS A 96 2.37 -0.07 10.68
N THR A 97 2.78 0.79 9.75
CA THR A 97 3.12 2.17 10.04
C THR A 97 2.07 2.82 10.93
N LEU A 98 0.82 2.79 10.48
CA LEU A 98 -0.27 3.32 11.31
C LEU A 98 -0.29 2.62 12.65
N CYS A 99 -0.32 1.30 12.61
CA CYS A 99 -0.38 0.50 13.84
C CYS A 99 0.72 0.86 14.86
N CYS A 100 1.92 1.16 14.36
CA CYS A 100 3.03 1.45 15.26
C CYS A 100 3.21 2.96 15.54
N ALA A 101 2.91 3.86 14.59
CA ALA A 101 3.06 5.30 14.87
C ALA A 101 2.00 5.71 15.89
N THR A 102 0.80 5.24 15.63
CA THR A 102 -0.33 5.52 16.48
C THR A 102 -0.71 4.30 17.31
N VAL A 103 -1.25 4.57 18.50
CA VAL A 103 -1.72 3.55 19.44
C VAL A 103 -0.65 2.51 19.87
N GLY A 104 0.04 1.83 18.95
CA GLY A 104 0.84 0.70 19.36
C GLY A 104 0.03 -0.57 19.43
N ARG A 105 0.68 -1.70 19.11
CA ARG A 105 -0.02 -2.95 18.75
C ARG A 105 0.84 -3.82 17.84
N ALA A 106 0.23 -4.38 16.79
CA ALA A 106 0.93 -5.25 15.86
C ALA A 106 0.13 -5.29 14.58
N TRP A 107 0.71 -5.79 13.50
CA TRP A 107 0.05 -5.73 12.24
C TRP A 107 0.67 -6.73 11.27
N GLY A 108 -0.13 -7.31 10.40
CA GLY A 108 0.40 -8.14 9.34
C GLY A 108 0.34 -9.63 9.61
N HIS A 109 0.92 -10.41 8.70
CA HIS A 109 1.00 -11.85 8.87
C HIS A 109 2.41 -12.35 8.58
N PRO A 110 2.98 -13.16 9.49
CA PRO A 110 2.39 -13.44 10.80
C PRO A 110 2.40 -12.19 11.68
N CYS A 111 1.70 -12.22 12.82
CA CYS A 111 1.61 -11.07 13.70
C CYS A 111 2.95 -10.36 13.86
N GLU A 112 3.05 -9.14 13.37
CA GLU A 112 4.26 -8.35 13.50
C GLU A 112 4.06 -7.34 14.60
N MET A 113 4.69 -7.59 15.73
CA MET A 113 4.37 -6.93 16.96
C MET A 113 5.33 -5.78 17.23
N CYS A 114 4.80 -4.62 17.61
CA CYS A 114 5.63 -3.44 17.84
C CYS A 114 5.17 -2.63 19.05
N PRO A 115 6.10 -1.91 19.69
CA PRO A 115 5.78 -0.85 20.63
C PRO A 115 4.88 0.20 20.01
N ALA A 116 4.37 1.11 20.82
CA ALA A 116 3.70 2.27 20.29
C ALA A 116 4.64 3.10 19.43
N GLN A 117 4.74 4.36 19.74
CA GLN A 117 5.54 5.29 18.95
C GLN A 117 7.02 5.05 19.20
N PRO A 118 7.75 4.49 18.21
CA PRO A 118 9.18 4.22 18.36
C PRO A 118 10.01 5.47 18.10
N HIS A 119 10.45 5.66 16.86
CA HIS A 119 11.11 6.90 16.50
C HIS A 119 10.41 7.53 15.29
N PRO A 120 9.38 8.32 15.52
CA PRO A 120 8.75 9.11 14.49
C PRO A 120 9.07 10.59 14.64
N CYS A 121 8.36 11.43 13.91
CA CYS A 121 8.42 12.85 14.16
C CYS A 121 7.38 13.19 15.23
N ARG A 122 6.14 12.73 14.99
CA ARG A 122 5.06 12.84 15.94
C ARG A 122 4.20 11.58 15.83
N ARG A 123 3.85 10.99 16.96
CA ARG A 123 3.14 9.69 16.97
C ARG A 123 1.99 9.66 15.96
N GLY A 124 1.11 10.66 16.01
CA GLY A 124 -0.07 10.65 15.14
C GLY A 124 0.21 11.04 13.70
N PHE A 125 1.49 11.10 13.32
CA PHE A 125 1.86 11.52 11.97
C PHE A 125 2.69 10.48 11.29
N ILE A 126 2.58 10.50 9.98
CA ILE A 126 3.44 9.72 9.14
C ILE A 126 4.10 10.64 8.14
N PRO A 127 5.44 10.66 8.11
CA PRO A 127 6.20 11.48 7.16
C PRO A 127 5.97 11.05 5.71
N ASN A 128 5.52 11.99 4.89
CA ASN A 128 5.36 11.76 3.48
C ASN A 128 6.68 11.34 2.89
N ILE A 129 6.65 10.22 2.21
CA ILE A 129 7.84 9.67 1.57
C ILE A 129 8.17 10.43 0.29
N ARG A 130 7.44 11.51 0.06
CA ARG A 130 7.67 12.37 -1.09
C ARG A 130 8.21 13.72 -0.63
N THR A 131 7.41 14.40 0.18
CA THR A 131 7.74 15.74 0.63
C THR A 131 8.59 15.67 1.89
N GLY A 132 8.15 14.84 2.81
CA GLY A 132 8.81 14.71 4.08
C GLY A 132 7.95 15.30 5.17
N ALA A 133 6.73 15.69 4.81
CA ALA A 133 5.83 16.31 5.73
C ALA A 133 5.05 15.28 6.48
N CYS A 134 5.21 15.34 7.76
CA CYS A 134 4.43 14.54 8.68
C CYS A 134 2.96 14.92 8.57
N GLN A 135 2.12 13.95 8.27
CA GLN A 135 0.70 14.19 8.20
C GLN A 135 -0.01 13.42 9.29
N ASP A 136 -0.95 14.06 9.96
CA ASP A 136 -1.70 13.40 11.02
C ASP A 136 -2.68 12.45 10.41
N VAL A 137 -2.95 11.37 11.11
CA VAL A 137 -3.83 10.39 10.59
C VAL A 137 -5.18 10.57 11.22
N ASP A 138 -6.21 10.26 10.47
CA ASP A 138 -7.52 10.13 11.05
C ASP A 138 -7.56 8.78 11.72
N GLU A 139 -6.96 8.73 12.91
CA GLU A 139 -6.76 7.50 13.63
C GLU A 139 -8.07 6.73 13.77
N CYS A 140 -9.15 7.49 13.96
CA CYS A 140 -10.51 6.93 13.93
C CYS A 140 -10.71 5.93 12.78
N GLN A 141 -10.14 6.23 11.61
CA GLN A 141 -10.32 5.42 10.44
C GLN A 141 -9.11 4.52 10.23
N ALA A 142 -7.97 5.01 10.68
CA ALA A 142 -6.70 4.37 10.41
C ALA A 142 -6.36 3.30 11.45
N ILE A 143 -7.18 3.20 12.49
CA ILE A 143 -7.00 2.16 13.50
C ILE A 143 -8.29 1.34 13.65
N PRO A 144 -8.17 0.00 13.52
CA PRO A 144 -9.29 -0.93 13.32
C PRO A 144 -10.58 -0.53 14.03
N GLY A 145 -10.66 -0.85 15.32
CA GLY A 145 -11.77 -0.41 16.12
C GLY A 145 -11.31 0.53 17.20
N LEU A 146 -10.58 1.56 16.80
CA LEU A 146 -9.96 2.50 17.73
C LEU A 146 -10.93 2.91 18.85
N CYS A 147 -12.00 3.60 18.50
CA CYS A 147 -13.00 4.01 19.47
C CYS A 147 -14.39 3.71 18.93
N GLN A 148 -14.86 2.50 19.21
CA GLN A 148 -16.17 2.06 18.75
C GLN A 148 -17.27 2.57 19.68
N GLY A 149 -17.18 2.19 20.95
CA GLY A 149 -18.15 2.60 21.93
C GLY A 149 -17.89 4.01 22.42
N GLY A 150 -18.54 4.97 21.80
CA GLY A 150 -18.36 6.35 22.18
C GLY A 150 -17.93 7.21 21.01
N ASN A 151 -17.63 8.46 21.28
CA ASN A 151 -17.24 9.40 20.24
C ASN A 151 -15.74 9.24 19.95
N CYS A 152 -15.35 9.65 18.77
CA CYS A 152 -13.95 9.61 18.37
C CYS A 152 -13.70 10.77 17.44
N ILE A 153 -12.64 11.50 17.69
CA ILE A 153 -12.38 12.72 16.96
C ILE A 153 -10.90 12.78 16.61
N ASN A 154 -10.54 13.51 15.58
CA ASN A 154 -9.15 13.54 15.16
C ASN A 154 -8.58 14.94 15.18
N THR A 155 -7.59 15.11 16.01
CA THR A 155 -6.72 16.25 15.91
C THR A 155 -5.34 15.81 15.45
N VAL A 156 -4.53 16.76 15.06
CA VAL A 156 -3.23 16.41 14.56
C VAL A 156 -2.37 15.91 15.72
N GLY A 157 -1.74 14.77 15.50
CA GLY A 157 -0.92 14.18 16.52
C GLY A 157 -1.68 13.38 17.55
N SER A 158 -3.01 13.42 17.53
CA SER A 158 -3.78 12.78 18.58
C SER A 158 -5.25 12.65 18.19
N PHE A 159 -5.93 11.69 18.75
CA PHE A 159 -7.36 11.64 18.55
C PHE A 159 -8.07 11.89 19.86
N GLU A 160 -9.25 12.47 19.78
CA GLU A 160 -9.99 12.77 20.98
C GLU A 160 -11.14 11.78 21.11
N CYS A 161 -11.11 10.94 22.11
CA CYS A 161 -12.15 9.95 22.26
C CYS A 161 -12.85 10.10 23.58
N LYS A 162 -14.08 9.63 23.61
CA LYS A 162 -14.88 9.71 24.79
C LYS A 162 -15.95 8.63 24.77
N CYS A 163 -15.75 7.61 25.60
CA CYS A 163 -16.72 6.54 25.76
C CYS A 163 -17.85 7.04 26.64
N PRO A 164 -18.94 6.27 26.82
CA PRO A 164 -19.94 6.58 27.84
C PRO A 164 -19.28 6.77 29.20
N ALA A 165 -19.89 7.57 30.05
CA ALA A 165 -19.29 7.96 31.31
C ALA A 165 -18.97 6.76 32.18
N GLY A 166 -18.05 6.96 33.09
CA GLY A 166 -17.59 5.88 33.91
C GLY A 166 -16.48 5.11 33.24
N HIS A 167 -16.57 4.93 31.93
CA HIS A 167 -15.59 4.15 31.21
C HIS A 167 -14.36 5.00 30.91
N LYS A 168 -13.29 4.35 30.48
CA LYS A 168 -12.01 5.01 30.25
C LYS A 168 -11.27 4.34 29.11
N LEU A 169 -10.65 5.14 28.25
CA LEU A 169 -9.87 4.62 27.13
C LEU A 169 -8.40 4.51 27.53
N ASN A 170 -7.74 3.45 27.07
CA ASN A 170 -6.30 3.29 27.29
C ASN A 170 -5.60 3.14 25.96
N GLU A 171 -4.89 4.18 25.56
CA GLU A 171 -4.26 4.25 24.25
C GLU A 171 -3.17 3.21 24.05
N VAL A 172 -2.74 2.60 25.14
CA VAL A 172 -1.72 1.55 25.06
C VAL A 172 -2.19 0.39 24.19
N SER A 173 -3.47 0.06 24.28
CA SER A 173 -4.06 -0.99 23.47
C SER A 173 -5.49 -0.63 23.09
N GLN A 174 -5.70 0.67 22.81
CA GLN A 174 -7.03 1.26 22.53
C GLN A 174 -8.15 0.66 23.41
N LYS A 175 -7.82 0.30 24.64
CA LYS A 175 -8.75 -0.43 25.48
C LYS A 175 -9.60 0.51 26.30
N CYS A 176 -10.86 0.67 25.92
CA CYS A 176 -11.80 1.45 26.71
C CYS A 176 -12.81 0.53 27.36
N GLU A 177 -13.52 1.06 28.36
CA GLU A 177 -14.61 0.35 29.04
C GLU A 177 -14.04 -0.70 30.00
N SER A 1 18.17 18.41 -37.50
CA SER A 1 16.74 18.01 -37.54
C SER A 1 16.63 16.50 -37.75
N ALA A 2 15.75 15.86 -37.00
CA ALA A 2 15.55 14.43 -37.13
C ALA A 2 14.51 14.13 -38.19
N SER A 3 14.95 14.15 -39.45
CA SER A 3 14.07 13.87 -40.57
C SER A 3 13.63 12.42 -40.53
N ARG A 4 12.37 12.20 -40.23
CA ARG A 4 11.81 10.87 -40.14
C ARG A 4 11.40 10.37 -41.53
N SER A 5 12.38 10.22 -42.40
CA SER A 5 12.14 9.77 -43.76
C SER A 5 11.86 8.27 -43.78
N ILE A 6 10.71 7.90 -44.31
CA ILE A 6 10.38 6.50 -44.49
C ILE A 6 11.27 5.88 -45.56
N GLN A 7 12.27 5.12 -45.11
CA GLN A 7 13.26 4.53 -46.00
C GLN A 7 12.71 3.27 -46.67
N HIS A 8 11.63 3.45 -47.43
CA HIS A 8 10.95 2.35 -48.12
C HIS A 8 10.86 1.12 -47.22
N CYS A 9 10.16 1.28 -46.12
CA CYS A 9 10.07 0.22 -45.11
C CYS A 9 8.92 -0.73 -45.41
N ASN A 10 8.97 -1.89 -44.80
CA ASN A 10 7.94 -2.90 -45.00
C ASN A 10 7.20 -3.12 -43.68
N ILE A 11 7.97 -3.09 -42.60
CA ILE A 11 7.43 -3.22 -41.26
C ILE A 11 6.54 -2.04 -40.87
N ARG A 12 5.98 -2.11 -39.68
CA ARG A 12 5.01 -1.14 -39.20
C ARG A 12 5.45 -0.61 -37.84
N CYS A 13 5.39 0.70 -37.66
CA CYS A 13 5.92 1.32 -36.46
C CYS A 13 4.85 2.05 -35.67
N MET A 14 4.99 2.03 -34.34
CA MET A 14 4.11 2.75 -33.44
C MET A 14 4.94 3.41 -32.35
N ASN A 15 4.31 4.24 -31.51
CA ASN A 15 4.98 4.83 -30.36
C ASN A 15 6.13 5.74 -30.79
N GLY A 16 5.82 6.68 -31.69
CA GLY A 16 6.83 7.62 -32.16
C GLY A 16 7.96 6.95 -32.89
N GLY A 17 7.69 5.78 -33.44
CA GLY A 17 8.74 5.05 -34.13
C GLY A 17 8.67 5.26 -35.62
N SER A 18 9.79 5.61 -36.23
CA SER A 18 9.85 5.78 -37.68
C SER A 18 10.63 4.64 -38.29
N CYS A 19 10.10 4.06 -39.35
CA CYS A 19 10.70 2.86 -39.93
C CYS A 19 11.97 3.20 -40.67
N SER A 20 13.00 2.40 -40.45
CA SER A 20 14.28 2.62 -41.07
C SER A 20 14.82 1.27 -41.53
N ASP A 21 14.75 1.05 -42.83
CA ASP A 21 14.99 -0.26 -43.44
C ASP A 21 14.16 -1.35 -42.75
N ASP A 22 14.83 -2.22 -42.03
CA ASP A 22 14.20 -3.39 -41.46
C ASP A 22 13.46 -3.07 -40.17
N HIS A 23 14.05 -2.26 -39.31
CA HIS A 23 13.42 -1.99 -38.03
C HIS A 23 12.84 -0.58 -37.96
N CYS A 24 12.25 -0.28 -36.82
CA CYS A 24 11.72 1.04 -36.56
C CYS A 24 12.64 1.79 -35.61
N LEU A 25 12.74 3.09 -35.79
CA LEU A 25 13.50 3.94 -34.88
C LEU A 25 12.59 4.43 -33.78
N CYS A 26 12.63 3.72 -32.68
CA CYS A 26 11.75 3.97 -31.57
C CYS A 26 12.13 5.25 -30.83
N GLN A 27 11.16 5.81 -30.10
CA GLN A 27 11.47 6.88 -29.18
C GLN A 27 12.02 6.26 -27.92
N LYS A 28 12.96 6.94 -27.29
CA LYS A 28 13.64 6.38 -26.15
C LYS A 28 12.68 6.15 -25.00
N GLY A 29 12.49 4.89 -24.79
CA GLY A 29 11.57 4.42 -23.77
C GLY A 29 10.68 3.34 -24.33
N TYR A 30 10.79 3.06 -25.62
CA TYR A 30 10.09 1.94 -26.20
C TYR A 30 11.07 1.06 -26.95
N ILE A 31 10.79 -0.23 -26.99
CA ILE A 31 11.66 -1.18 -27.64
C ILE A 31 10.83 -2.16 -28.48
N GLY A 32 11.51 -3.18 -28.99
CA GLY A 32 10.89 -4.09 -29.93
C GLY A 32 11.15 -3.69 -31.36
N THR A 33 10.71 -4.52 -32.30
CA THR A 33 10.87 -4.23 -33.72
C THR A 33 9.94 -3.09 -34.15
N HIS A 34 8.73 -3.11 -33.61
CA HIS A 34 7.72 -2.13 -33.99
C HIS A 34 7.49 -1.12 -32.87
N CYS A 35 8.43 -1.09 -31.93
CA CYS A 35 8.43 -0.11 -30.84
C CYS A 35 7.20 -0.24 -29.94
N GLY A 36 6.67 -1.45 -29.85
CA GLY A 36 5.44 -1.66 -29.12
C GLY A 36 5.65 -1.96 -27.64
N GLN A 37 6.89 -2.12 -27.21
CA GLN A 37 7.15 -2.50 -25.82
C GLN A 37 7.73 -1.32 -25.04
N PRO A 38 7.11 -0.96 -23.91
CA PRO A 38 7.54 0.18 -23.09
C PRO A 38 8.62 -0.20 -22.06
N VAL A 39 9.61 0.66 -21.92
CA VAL A 39 10.74 0.39 -21.04
C VAL A 39 10.32 0.44 -19.58
N CYS A 40 10.55 -0.65 -18.89
CA CYS A 40 10.44 -0.67 -17.47
C CYS A 40 11.71 -0.07 -16.88
N GLU A 41 11.56 1.02 -16.14
CA GLU A 41 12.72 1.75 -15.68
C GLU A 41 13.15 1.34 -14.28
N SER A 42 12.29 1.55 -13.31
CA SER A 42 12.65 1.36 -11.91
C SER A 42 12.69 -0.12 -11.48
N GLY A 43 12.95 -1.01 -12.43
CA GLY A 43 13.03 -2.43 -12.14
C GLY A 43 11.68 -3.07 -12.04
N CYS A 44 10.72 -2.23 -11.83
CA CYS A 44 9.35 -2.60 -11.61
C CYS A 44 9.17 -3.42 -10.33
N LEU A 45 8.16 -3.01 -9.58
CA LEU A 45 7.89 -3.55 -8.25
C LEU A 45 6.45 -3.98 -8.20
N ASN A 46 6.09 -4.71 -7.14
CA ASN A 46 4.70 -5.10 -6.90
C ASN A 46 4.21 -6.12 -7.95
N GLY A 47 5.13 -6.68 -8.71
CA GLY A 47 4.75 -7.46 -9.88
C GLY A 47 4.23 -6.54 -10.97
N GLY A 48 4.83 -5.35 -11.03
CA GLY A 48 4.40 -4.32 -11.94
C GLY A 48 4.41 -4.76 -13.38
N ARG A 49 3.31 -4.50 -14.04
CA ARG A 49 3.20 -4.77 -15.47
C ARG A 49 3.53 -3.52 -16.28
N CYS A 50 4.60 -3.59 -17.07
CA CYS A 50 5.09 -2.42 -17.77
C CYS A 50 4.09 -1.97 -18.84
N VAL A 51 3.47 -0.82 -18.62
CA VAL A 51 2.45 -0.32 -19.52
C VAL A 51 3.00 0.83 -20.37
N ALA A 52 3.80 1.70 -19.78
CA ALA A 52 4.48 2.76 -20.52
C ALA A 52 5.91 2.91 -20.00
N PRO A 53 6.79 3.73 -20.64
CA PRO A 53 8.13 3.98 -20.10
C PRO A 53 8.12 4.34 -18.62
N ASN A 54 8.61 3.40 -17.81
CA ASN A 54 8.69 3.50 -16.35
C ASN A 54 7.32 3.28 -15.71
N ARG A 55 6.27 3.42 -16.50
CA ARG A 55 4.92 3.23 -16.02
C ARG A 55 4.63 1.76 -15.91
N CYS A 56 5.07 1.17 -14.84
CA CYS A 56 4.67 -0.17 -14.53
C CYS A 56 3.33 -0.09 -13.80
N ALA A 57 2.47 -1.05 -14.08
CA ALA A 57 1.13 -1.02 -13.53
C ALA A 57 1.11 -1.72 -12.18
N CYS A 58 0.52 -1.06 -11.21
CA CYS A 58 0.50 -1.52 -9.82
C CYS A 58 -0.69 -2.44 -9.57
N THR A 59 -0.34 -3.70 -9.27
CA THR A 59 -1.28 -4.80 -9.10
C THR A 59 -2.42 -4.53 -8.12
N TYR A 60 -2.12 -4.13 -6.90
CA TYR A 60 -3.17 -4.09 -5.88
C TYR A 60 -2.96 -2.99 -4.86
N GLY A 61 -2.33 -3.36 -3.75
CA GLY A 61 -2.29 -2.48 -2.62
C GLY A 61 -1.12 -1.55 -2.63
N PHE A 62 -0.87 -0.90 -3.76
CA PHE A 62 0.18 0.07 -3.80
C PHE A 62 -0.29 1.45 -4.21
N THR A 63 -0.05 2.40 -3.33
CA THR A 63 -0.08 3.79 -3.71
C THR A 63 1.34 4.16 -4.13
N GLY A 64 1.51 5.27 -4.80
CA GLY A 64 2.83 5.65 -5.23
C GLY A 64 3.08 5.11 -6.60
N PRO A 65 3.59 5.93 -7.53
CA PRO A 65 3.60 5.56 -8.93
C PRO A 65 4.48 4.36 -9.25
N GLN A 66 5.46 4.11 -8.39
CA GLN A 66 6.40 3.00 -8.58
C GLN A 66 5.93 1.75 -7.85
N CYS A 67 4.77 1.90 -7.17
CA CYS A 67 4.22 0.86 -6.31
C CYS A 67 5.29 0.22 -5.43
N GLU A 68 6.00 1.06 -4.69
CA GLU A 68 7.02 0.62 -3.75
C GLU A 68 6.49 0.77 -2.33
N ARG A 69 5.41 1.53 -2.23
CA ARG A 69 4.81 1.83 -0.94
C ARG A 69 4.41 0.53 -0.28
N ASP A 70 3.48 -0.17 -0.91
CA ASP A 70 3.25 -1.57 -0.60
C ASP A 70 2.59 -1.69 0.76
N TYR A 71 1.38 -1.19 0.85
CA TYR A 71 0.66 -1.29 2.08
C TYR A 71 -0.10 -2.62 2.08
N ARG A 72 0.67 -3.69 2.20
CA ARG A 72 0.10 -5.00 2.39
C ARG A 72 -0.93 -4.92 3.51
N THR A 73 -2.12 -5.45 3.29
CA THR A 73 -3.17 -5.33 4.28
C THR A 73 -2.96 -6.36 5.39
N GLY A 74 -3.19 -5.95 6.62
CA GLY A 74 -2.91 -6.79 7.77
C GLY A 74 -3.73 -6.38 8.97
N PRO A 75 -3.99 -7.30 9.90
CA PRO A 75 -4.69 -6.97 11.14
C PRO A 75 -3.79 -6.27 12.14
N CYS A 76 -4.30 -5.20 12.72
CA CYS A 76 -3.54 -4.44 13.71
C CYS A 76 -3.77 -5.02 15.11
N PHE A 77 -2.67 -5.40 15.75
CA PHE A 77 -2.74 -5.96 17.09
C PHE A 77 -2.53 -4.87 18.13
N THR A 78 -3.35 -4.94 19.17
CA THR A 78 -3.60 -3.81 20.05
C THR A 78 -3.01 -4.02 21.45
N VAL A 79 -2.59 -5.26 21.76
CA VAL A 79 -1.90 -5.52 23.04
C VAL A 79 -1.31 -6.92 23.03
N ILE A 80 0.02 -7.01 23.10
CA ILE A 80 0.69 -8.28 22.90
C ILE A 80 1.48 -8.75 24.10
N SER A 81 1.09 -9.89 24.62
CA SER A 81 1.99 -10.71 25.41
C SER A 81 2.25 -12.00 24.63
N ASN A 82 2.91 -12.97 25.25
CA ASN A 82 3.06 -14.29 24.63
C ASN A 82 1.70 -14.99 24.55
N GLN A 83 0.70 -14.33 25.12
CA GLN A 83 -0.65 -14.88 25.20
C GLN A 83 -1.46 -14.49 23.98
N MET A 84 -1.74 -13.21 23.85
CA MET A 84 -2.54 -12.71 22.74
C MET A 84 -1.94 -11.43 22.19
N CYS A 85 -2.05 -11.25 20.89
CA CYS A 85 -1.62 -10.02 20.26
C CYS A 85 -2.75 -8.99 20.33
N GLN A 86 -3.96 -9.51 20.50
CA GLN A 86 -5.10 -8.72 20.96
C GLN A 86 -6.16 -9.69 21.45
N GLY A 87 -6.80 -10.38 20.52
CA GLY A 87 -7.57 -11.55 20.87
C GLY A 87 -8.99 -11.46 20.36
N GLN A 88 -9.23 -10.52 19.45
CA GLN A 88 -10.53 -10.40 18.77
C GLN A 88 -10.32 -10.46 17.25
N LEU A 89 -9.06 -10.64 16.85
CA LEU A 89 -8.67 -10.71 15.43
C LEU A 89 -8.89 -9.37 14.71
N SER A 90 -10.15 -9.06 14.42
CA SER A 90 -10.55 -7.78 13.78
C SER A 90 -10.16 -7.74 12.30
N GLY A 91 -11.06 -7.18 11.50
CA GLY A 91 -10.82 -7.01 10.08
C GLY A 91 -10.37 -5.62 9.75
N ILE A 92 -9.77 -4.96 10.74
CA ILE A 92 -9.16 -3.66 10.54
C ILE A 92 -8.04 -3.78 9.53
N VAL A 93 -8.30 -3.33 8.31
CA VAL A 93 -7.24 -3.24 7.35
C VAL A 93 -6.68 -1.83 7.34
N SER A 94 -5.59 -1.69 8.07
CA SER A 94 -4.79 -0.50 8.10
C SER A 94 -3.40 -0.94 7.73
N THR A 95 -2.44 -0.04 7.70
CA THR A 95 -1.12 -0.44 7.29
C THR A 95 -0.24 -0.56 8.51
N LYS A 96 0.85 -1.26 8.36
CA LYS A 96 1.78 -1.41 9.46
C LYS A 96 2.32 -0.07 9.87
N THR A 97 2.68 0.73 8.88
CA THR A 97 3.12 2.09 9.12
C THR A 97 2.16 2.80 10.05
N LEU A 98 0.92 2.75 9.66
CA LEU A 98 -0.15 3.44 10.35
C LEU A 98 -0.38 2.90 11.75
N CYS A 99 -0.57 1.58 11.87
CA CYS A 99 -0.91 0.99 13.16
C CYS A 99 0.30 0.95 14.09
N CYS A 100 1.47 1.07 13.53
CA CYS A 100 2.67 1.11 14.34
C CYS A 100 3.12 2.54 14.61
N ALA A 101 2.78 3.50 13.74
CA ALA A 101 3.06 4.90 14.05
C ALA A 101 2.08 5.36 15.10
N THR A 102 0.82 5.29 14.76
CA THR A 102 -0.23 5.57 15.69
C THR A 102 -0.63 4.26 16.34
N VAL A 103 -1.33 4.32 17.47
CA VAL A 103 -1.77 3.12 18.20
C VAL A 103 -0.61 2.30 18.77
N GLY A 104 0.36 1.92 17.93
CA GLY A 104 1.52 1.20 18.44
C GLY A 104 1.39 -0.31 18.35
N ARG A 105 1.51 -0.95 19.51
CA ARG A 105 1.54 -2.41 19.66
C ARG A 105 2.09 -3.18 18.47
N ALA A 106 1.26 -3.53 17.47
CA ALA A 106 1.71 -4.40 16.41
C ALA A 106 0.73 -4.42 15.25
N TRP A 107 1.15 -4.98 14.13
CA TRP A 107 0.32 -5.11 12.94
C TRP A 107 0.85 -6.27 12.11
N GLY A 108 -0.04 -7.01 11.45
CA GLY A 108 0.40 -7.99 10.48
C GLY A 108 0.37 -9.41 10.97
N HIS A 109 0.72 -10.33 10.08
CA HIS A 109 0.66 -11.75 10.37
C HIS A 109 1.98 -12.44 10.00
N PRO A 110 2.50 -13.29 10.91
CA PRO A 110 1.90 -13.52 12.21
C PRO A 110 2.45 -12.56 13.27
N CYS A 111 1.57 -11.74 13.81
CA CYS A 111 1.91 -10.77 14.86
C CYS A 111 3.26 -10.07 14.62
N GLU A 112 3.23 -8.97 13.90
CA GLU A 112 4.44 -8.20 13.64
C GLU A 112 4.43 -6.99 14.56
N MET A 113 5.34 -6.98 15.53
CA MET A 113 5.24 -6.03 16.64
C MET A 113 6.20 -4.86 16.44
N CYS A 114 5.73 -3.65 16.72
CA CYS A 114 6.45 -2.44 16.32
C CYS A 114 6.84 -1.58 17.52
N PRO A 115 7.99 -0.88 17.41
CA PRO A 115 8.39 0.19 18.33
C PRO A 115 7.42 1.35 18.35
N ALA A 116 7.41 2.05 19.47
CA ALA A 116 6.89 3.39 19.54
C ALA A 116 7.34 4.19 18.34
N GLN A 117 6.34 4.49 17.56
CA GLN A 117 6.42 5.22 16.28
C GLN A 117 7.79 5.12 15.59
N PRO A 118 7.90 4.22 14.60
CA PRO A 118 9.15 3.96 13.87
C PRO A 118 9.79 5.20 13.27
N HIS A 119 9.10 5.85 12.34
CA HIS A 119 9.62 7.05 11.67
C HIS A 119 9.67 8.21 12.64
N PRO A 120 10.55 9.18 12.40
CA PRO A 120 10.74 10.27 13.34
C PRO A 120 9.69 11.37 13.23
N CYS A 121 8.45 10.99 13.42
CA CYS A 121 7.36 11.93 13.53
C CYS A 121 6.53 11.53 14.74
N ARG A 122 5.93 12.49 15.43
CA ARG A 122 5.10 12.16 16.58
C ARG A 122 4.01 11.17 16.19
N ARG A 123 3.81 10.18 17.06
CA ARG A 123 3.05 8.95 16.77
C ARG A 123 1.90 9.12 15.76
N GLY A 124 1.07 10.15 15.92
CA GLY A 124 -0.10 10.31 15.07
C GLY A 124 0.20 10.65 13.62
N PHE A 125 1.48 10.65 13.23
CA PHE A 125 1.87 11.19 11.93
C PHE A 125 2.61 10.19 11.08
N ILE A 126 2.45 10.37 9.78
CA ILE A 126 3.19 9.61 8.81
C ILE A 126 3.86 10.59 7.85
N PRO A 127 5.19 10.50 7.69
CA PRO A 127 5.93 11.39 6.78
C PRO A 127 5.49 11.22 5.34
N ASN A 128 5.06 12.32 4.72
CA ASN A 128 4.66 12.31 3.33
C ASN A 128 5.76 11.76 2.46
N ILE A 129 5.38 10.78 1.67
CA ILE A 129 6.29 10.14 0.73
C ILE A 129 6.75 11.10 -0.36
N ARG A 130 6.17 12.29 -0.37
CA ARG A 130 6.51 13.30 -1.35
C ARG A 130 7.33 14.39 -0.69
N THR A 131 6.68 15.14 0.19
CA THR A 131 7.26 16.31 0.81
C THR A 131 8.19 15.88 1.95
N GLY A 132 7.71 14.93 2.73
CA GLY A 132 8.44 14.49 3.89
C GLY A 132 7.85 15.07 5.15
N ALA A 133 6.70 15.72 4.99
CA ALA A 133 6.03 16.34 6.09
C ALA A 133 5.22 15.32 6.83
N CYS A 134 5.47 15.28 8.10
CA CYS A 134 4.72 14.47 9.01
C CYS A 134 3.26 14.92 9.06
N GLN A 135 2.36 14.06 8.60
CA GLN A 135 0.94 14.40 8.62
C GLN A 135 0.22 13.51 9.60
N ASP A 136 -0.65 14.10 10.41
CA ASP A 136 -1.36 13.35 11.43
C ASP A 136 -2.56 12.69 10.80
N VAL A 137 -2.87 11.51 11.25
CA VAL A 137 -3.90 10.75 10.65
C VAL A 137 -5.18 10.89 11.44
N ASP A 138 -6.29 10.78 10.75
CA ASP A 138 -7.57 10.67 11.41
C ASP A 138 -7.63 9.26 11.95
N GLU A 139 -6.91 9.02 13.05
CA GLU A 139 -6.65 7.68 13.54
C GLU A 139 -7.96 6.89 13.72
N CYS A 140 -9.01 7.55 14.22
CA CYS A 140 -10.33 6.90 14.35
C CYS A 140 -10.77 6.25 13.02
N GLN A 141 -10.38 6.87 11.91
CA GLN A 141 -10.81 6.45 10.59
C GLN A 141 -9.73 5.61 9.94
N ALA A 142 -8.52 6.12 10.03
CA ALA A 142 -7.34 5.51 9.44
C ALA A 142 -7.02 4.19 10.11
N ILE A 143 -7.51 4.01 11.33
CA ILE A 143 -7.37 2.77 12.05
C ILE A 143 -8.80 2.26 12.35
N PRO A 144 -9.39 1.65 11.28
CA PRO A 144 -10.83 1.34 11.09
C PRO A 144 -11.76 1.25 12.30
N GLY A 145 -11.28 0.87 13.48
CA GLY A 145 -12.19 0.70 14.58
C GLY A 145 -11.45 0.44 15.88
N LEU A 146 -10.34 1.14 16.07
CA LEU A 146 -9.56 0.92 17.30
C LEU A 146 -10.29 1.48 18.53
N CYS A 147 -10.75 2.72 18.44
CA CYS A 147 -11.45 3.36 19.55
C CYS A 147 -12.80 3.85 19.10
N GLN A 148 -13.82 3.57 19.90
CA GLN A 148 -15.15 4.03 19.62
C GLN A 148 -15.79 4.60 20.88
N GLY A 149 -16.44 3.74 21.65
CA GLY A 149 -17.15 4.18 22.84
C GLY A 149 -18.38 4.99 22.51
N GLY A 150 -18.16 6.19 22.01
CA GLY A 150 -19.23 7.04 21.57
C GLY A 150 -18.76 7.99 20.50
N ASN A 151 -18.08 9.03 20.93
CA ASN A 151 -17.51 9.99 19.98
C ASN A 151 -16.03 9.74 19.82
N CYS A 152 -15.51 10.00 18.62
CA CYS A 152 -14.09 9.87 18.36
C CYS A 152 -13.67 11.08 17.52
N ILE A 153 -12.51 11.63 17.79
CA ILE A 153 -12.11 12.89 17.19
C ILE A 153 -10.64 12.83 16.94
N ASN A 154 -10.09 13.74 16.15
CA ASN A 154 -8.67 13.71 15.94
C ASN A 154 -8.02 15.05 16.13
N THR A 155 -6.95 15.05 16.87
CA THR A 155 -6.03 16.15 16.83
C THR A 155 -4.68 15.69 16.27
N VAL A 156 -3.89 16.64 15.82
CA VAL A 156 -2.59 16.32 15.32
C VAL A 156 -1.70 15.95 16.50
N GLY A 157 -1.12 14.77 16.44
CA GLY A 157 -0.43 14.25 17.60
C GLY A 157 -1.09 13.03 18.19
N SER A 158 -2.42 12.92 18.06
CA SER A 158 -3.18 11.89 18.77
C SER A 158 -4.67 12.12 18.57
N PHE A 159 -5.45 11.08 18.72
CA PHE A 159 -6.89 11.21 18.56
C PHE A 159 -7.55 11.35 19.91
N GLU A 160 -8.76 11.85 19.91
CA GLU A 160 -9.50 12.02 21.13
C GLU A 160 -10.73 11.11 21.11
N CYS A 161 -11.05 10.51 22.23
CA CYS A 161 -12.26 9.72 22.31
C CYS A 161 -13.16 10.19 23.42
N LYS A 162 -14.41 9.78 23.33
CA LYS A 162 -15.37 10.02 24.36
C LYS A 162 -16.25 8.79 24.53
N CYS A 163 -16.07 8.11 25.63
CA CYS A 163 -16.84 6.91 25.94
C CYS A 163 -18.08 7.29 26.73
N PRO A 164 -19.08 6.39 26.81
CA PRO A 164 -20.28 6.62 27.63
C PRO A 164 -19.90 6.93 29.08
N ALA A 165 -20.81 7.55 29.80
CA ALA A 165 -20.57 7.91 31.20
C ALA A 165 -20.23 6.68 32.02
N GLY A 166 -19.36 6.87 32.99
CA GLY A 166 -18.84 5.75 33.74
C GLY A 166 -17.65 5.13 33.06
N HIS A 167 -17.63 5.21 31.73
CA HIS A 167 -16.57 4.61 30.96
C HIS A 167 -15.42 5.59 30.77
N LYS A 168 -14.33 5.08 30.19
CA LYS A 168 -13.09 5.82 30.03
C LYS A 168 -12.25 5.13 28.98
N LEU A 169 -11.39 5.89 28.31
CA LEU A 169 -10.54 5.30 27.28
C LEU A 169 -9.26 4.76 27.90
N ASN A 170 -8.87 3.58 27.46
CA ASN A 170 -7.62 2.99 27.87
C ASN A 170 -6.84 2.62 26.64
N GLU A 171 -5.86 3.47 26.31
CA GLU A 171 -5.08 3.33 25.08
C GLU A 171 -4.28 2.04 25.08
N VAL A 172 -4.11 1.46 26.25
CA VAL A 172 -3.40 0.20 26.41
C VAL A 172 -4.05 -0.88 25.55
N SER A 173 -5.37 -0.79 25.42
CA SER A 173 -6.13 -1.72 24.60
C SER A 173 -7.33 -1.03 23.95
N GLN A 174 -7.12 0.25 23.59
CA GLN A 174 -8.16 1.14 23.02
C GLN A 174 -9.57 0.82 23.51
N LYS A 175 -9.73 0.68 24.81
CA LYS A 175 -11.02 0.24 25.36
C LYS A 175 -11.75 1.39 26.06
N CYS A 176 -13.05 1.20 26.26
CA CYS A 176 -13.89 2.15 26.98
C CYS A 176 -14.68 1.40 28.04
N GLU A 177 -14.28 1.48 29.29
CA GLU A 177 -14.91 0.69 30.33
C GLU A 177 -14.82 1.43 31.67
N SER A 1 5.31 -26.49 -49.79
CA SER A 1 4.83 -25.15 -49.37
C SER A 1 5.22 -24.08 -50.40
N ALA A 2 4.22 -23.50 -51.05
CA ALA A 2 4.47 -22.45 -52.03
C ALA A 2 4.19 -21.08 -51.44
N SER A 3 3.46 -21.06 -50.34
CA SER A 3 3.09 -19.82 -49.69
C SER A 3 4.10 -19.49 -48.59
N ARG A 4 5.11 -18.71 -48.92
CA ARG A 4 6.11 -18.28 -47.96
C ARG A 4 5.63 -17.02 -47.24
N SER A 5 4.76 -17.19 -46.26
CA SER A 5 4.17 -16.05 -45.56
C SER A 5 5.08 -15.56 -44.42
N ILE A 6 5.24 -16.41 -43.41
CA ILE A 6 6.01 -16.04 -42.23
C ILE A 6 7.33 -16.78 -42.17
N GLN A 7 7.28 -18.08 -42.45
CA GLN A 7 8.44 -18.95 -42.36
C GLN A 7 9.51 -18.57 -43.37
N HIS A 8 10.49 -17.81 -42.89
CA HIS A 8 11.68 -17.46 -43.66
C HIS A 8 12.88 -17.58 -42.72
N CYS A 9 12.82 -18.56 -41.84
CA CYS A 9 13.70 -18.60 -40.70
C CYS A 9 13.81 -20.01 -40.14
N ASN A 10 14.59 -20.15 -39.08
CA ASN A 10 14.69 -21.39 -38.35
C ASN A 10 14.05 -21.22 -36.99
N ILE A 11 14.30 -20.05 -36.42
CA ILE A 11 13.81 -19.70 -35.08
C ILE A 11 12.29 -19.51 -35.04
N ARG A 12 11.83 -19.02 -33.89
CA ARG A 12 10.41 -18.89 -33.63
C ARG A 12 10.08 -17.49 -33.14
N CYS A 13 8.92 -16.98 -33.51
CA CYS A 13 8.55 -15.62 -33.19
C CYS A 13 7.33 -15.56 -32.28
N MET A 14 7.18 -14.40 -31.65
CA MET A 14 6.06 -14.08 -30.76
C MET A 14 6.01 -12.59 -30.63
N ASN A 15 4.89 -12.04 -30.18
CA ASN A 15 4.81 -10.61 -29.84
C ASN A 15 5.02 -9.73 -31.07
N GLY A 16 4.26 -10.05 -32.13
CA GLY A 16 4.33 -9.30 -33.38
C GLY A 16 5.69 -9.37 -34.05
N GLY A 17 6.36 -10.50 -33.91
CA GLY A 17 7.69 -10.63 -34.45
C GLY A 17 7.70 -11.08 -35.90
N SER A 18 8.70 -10.62 -36.64
CA SER A 18 8.95 -11.09 -38.00
C SER A 18 10.30 -11.80 -38.05
N CYS A 19 10.44 -12.78 -38.95
CA CYS A 19 11.65 -13.61 -39.00
C CYS A 19 12.83 -12.93 -39.67
N SER A 20 13.47 -12.03 -38.92
CA SER A 20 14.72 -11.40 -39.31
C SER A 20 15.84 -12.44 -39.47
N ASP A 21 17.01 -11.94 -39.86
CA ASP A 21 18.16 -12.74 -40.33
C ASP A 21 18.60 -13.91 -39.45
N ASP A 22 18.01 -14.06 -38.27
CA ASP A 22 18.45 -15.05 -37.28
C ASP A 22 17.67 -14.84 -35.99
N HIS A 23 17.32 -13.58 -35.74
CA HIS A 23 16.48 -13.24 -34.61
C HIS A 23 15.08 -12.92 -35.09
N CYS A 24 14.30 -12.38 -34.21
CA CYS A 24 12.97 -11.95 -34.56
C CYS A 24 12.86 -10.43 -34.39
N LEU A 25 11.98 -9.81 -35.15
CA LEU A 25 11.81 -8.35 -35.11
C LEU A 25 10.78 -8.00 -34.05
N CYS A 26 11.24 -7.37 -33.00
CA CYS A 26 10.44 -7.16 -31.81
C CYS A 26 9.69 -5.83 -31.85
N GLN A 27 8.48 -5.82 -31.28
CA GLN A 27 7.63 -4.64 -31.28
C GLN A 27 7.74 -3.86 -29.97
N LYS A 28 6.77 -2.96 -29.78
CA LYS A 28 6.77 -1.98 -28.72
C LYS A 28 7.04 -2.57 -27.34
N GLY A 29 7.91 -1.86 -26.64
CA GLY A 29 8.29 -2.18 -25.28
C GLY A 29 8.79 -3.59 -25.08
N TYR A 30 9.15 -4.28 -26.14
CA TYR A 30 9.67 -5.62 -25.97
C TYR A 30 11.10 -5.72 -26.43
N ILE A 31 11.84 -6.63 -25.79
CA ILE A 31 13.18 -6.99 -26.19
C ILE A 31 13.31 -8.52 -26.20
N GLY A 32 14.52 -8.98 -26.51
CA GLY A 32 14.77 -10.39 -26.61
C GLY A 32 14.65 -10.93 -28.03
N THR A 33 15.18 -12.11 -28.24
CA THR A 33 15.14 -12.75 -29.56
C THR A 33 13.75 -13.32 -29.86
N HIS A 34 13.00 -13.60 -28.81
CA HIS A 34 11.63 -14.11 -28.98
C HIS A 34 10.64 -12.96 -28.86
N CYS A 35 11.17 -11.78 -28.51
CA CYS A 35 10.37 -10.56 -28.33
C CYS A 35 9.45 -10.68 -27.12
N GLY A 36 9.72 -11.67 -26.30
CA GLY A 36 8.82 -11.96 -25.21
C GLY A 36 9.17 -11.21 -23.95
N GLN A 37 10.15 -10.31 -24.01
CA GLN A 37 10.57 -9.60 -22.81
C GLN A 37 10.09 -8.16 -22.82
N PRO A 38 9.26 -7.80 -21.83
CA PRO A 38 8.72 -6.45 -21.73
C PRO A 38 9.63 -5.51 -20.95
N VAL A 39 9.73 -4.29 -21.43
CA VAL A 39 10.61 -3.29 -20.87
C VAL A 39 10.15 -2.83 -19.49
N CYS A 40 10.86 -3.28 -18.49
CA CYS A 40 10.63 -2.87 -17.11
C CYS A 40 11.25 -1.50 -16.88
N GLU A 41 10.54 -0.49 -17.34
CA GLU A 41 11.03 0.89 -17.37
C GLU A 41 11.53 1.40 -16.02
N SER A 42 10.62 1.61 -15.09
CA SER A 42 10.96 2.30 -13.86
C SER A 42 11.40 1.32 -12.79
N GLY A 43 11.64 0.11 -13.23
CA GLY A 43 11.96 -0.98 -12.35
C GLY A 43 10.77 -1.44 -11.56
N CYS A 44 10.54 -2.71 -11.62
CA CYS A 44 9.49 -3.34 -10.85
C CYS A 44 9.91 -3.39 -9.39
N LEU A 45 8.96 -3.64 -8.52
CA LEU A 45 9.13 -3.44 -7.08
C LEU A 45 8.38 -4.53 -6.37
N ASN A 46 8.40 -4.50 -5.03
CA ASN A 46 7.69 -5.45 -4.15
C ASN A 46 7.82 -6.93 -4.57
N GLY A 47 8.89 -7.25 -5.29
CA GLY A 47 9.11 -8.61 -5.76
C GLY A 47 8.11 -9.03 -6.83
N GLY A 48 7.64 -8.06 -7.60
CA GLY A 48 6.70 -8.34 -8.66
C GLY A 48 7.38 -8.82 -9.93
N ARG A 49 6.92 -8.35 -11.09
CA ARG A 49 7.50 -8.77 -12.36
C ARG A 49 7.05 -7.84 -13.47
N CYS A 50 7.92 -7.51 -14.40
CA CYS A 50 7.50 -6.79 -15.58
C CYS A 50 6.85 -7.74 -16.57
N VAL A 51 5.54 -7.58 -16.74
CA VAL A 51 4.76 -8.47 -17.58
C VAL A 51 4.53 -7.84 -18.95
N ALA A 52 4.46 -6.52 -18.96
CA ALA A 52 4.26 -5.78 -20.19
C ALA A 52 5.14 -4.53 -20.15
N PRO A 53 5.26 -3.75 -21.25
CA PRO A 53 6.05 -2.50 -21.25
C PRO A 53 5.72 -1.58 -20.07
N ASN A 54 6.54 -1.68 -19.02
CA ASN A 54 6.40 -0.87 -17.81
C ASN A 54 5.14 -1.26 -17.05
N ARG A 55 4.61 -2.41 -17.42
CA ARG A 55 3.51 -3.02 -16.70
C ARG A 55 4.06 -4.11 -15.81
N CYS A 56 4.47 -3.71 -14.64
CA CYS A 56 4.85 -4.67 -13.62
C CYS A 56 3.60 -5.18 -12.90
N ALA A 57 3.58 -6.47 -12.65
CA ALA A 57 2.57 -7.07 -11.83
C ALA A 57 3.06 -6.99 -10.41
N CYS A 58 2.21 -6.54 -9.52
CA CYS A 58 2.61 -6.23 -8.17
C CYS A 58 1.94 -7.14 -7.16
N THR A 59 2.72 -7.57 -6.19
CA THR A 59 2.34 -8.63 -5.26
C THR A 59 0.99 -8.41 -4.63
N TYR A 60 0.78 -7.28 -4.00
CA TYR A 60 -0.43 -7.13 -3.23
C TYR A 60 -0.76 -5.69 -2.90
N GLY A 61 -0.20 -5.22 -1.80
CA GLY A 61 -0.67 -4.01 -1.20
C GLY A 61 0.05 -2.80 -1.65
N PHE A 62 0.18 -2.59 -2.95
CA PHE A 62 0.76 -1.34 -3.41
C PHE A 62 -0.17 -0.54 -4.30
N THR A 63 -0.25 0.76 -4.03
CA THR A 63 -1.05 1.65 -4.83
C THR A 63 -0.23 2.18 -5.99
N GLY A 64 -0.73 1.96 -7.18
CA GLY A 64 -0.02 2.34 -8.36
C GLY A 64 0.55 1.10 -8.99
N PRO A 65 0.40 0.94 -10.30
CA PRO A 65 0.74 -0.31 -10.97
C PRO A 65 2.24 -0.57 -11.02
N GLN A 66 2.99 0.21 -10.25
CA GLN A 66 4.43 0.07 -10.16
C GLN A 66 4.86 -0.21 -8.73
N CYS A 67 3.91 -0.61 -7.87
CA CYS A 67 4.17 -1.00 -6.48
C CYS A 67 5.30 -0.27 -5.74
N GLU A 68 5.09 1.00 -5.44
CA GLU A 68 6.04 1.75 -4.60
C GLU A 68 5.37 2.20 -3.31
N ARG A 69 4.15 1.73 -3.13
CA ARG A 69 3.37 2.10 -1.97
C ARG A 69 3.07 0.88 -1.16
N ASP A 70 3.98 0.59 -0.24
CA ASP A 70 3.96 -0.67 0.48
C ASP A 70 2.95 -0.63 1.60
N TYR A 71 1.71 -0.29 1.26
CA TYR A 71 0.63 -0.32 2.21
C TYR A 71 0.09 -1.77 2.26
N ARG A 72 0.76 -2.66 2.96
CA ARG A 72 0.26 -4.02 2.98
C ARG A 72 -0.92 -4.08 3.94
N THR A 73 -1.97 -4.80 3.61
CA THR A 73 -3.09 -4.89 4.53
C THR A 73 -2.84 -5.95 5.58
N GLY A 74 -3.14 -5.63 6.82
CA GLY A 74 -2.94 -6.55 7.91
C GLY A 74 -3.86 -6.24 9.06
N PRO A 75 -4.08 -7.19 9.98
CA PRO A 75 -4.86 -6.96 11.19
C PRO A 75 -4.03 -6.27 12.26
N CYS A 76 -4.55 -5.19 12.82
CA CYS A 76 -3.86 -4.49 13.90
C CYS A 76 -4.19 -5.11 15.24
N PHE A 77 -3.16 -5.62 15.90
CA PHE A 77 -3.31 -6.23 17.21
C PHE A 77 -3.02 -5.21 18.30
N THR A 78 -3.64 -5.37 19.45
CA THR A 78 -3.48 -4.43 20.54
C THR A 78 -2.66 -5.02 21.69
N VAL A 79 -2.26 -6.29 21.56
CA VAL A 79 -1.39 -6.93 22.54
C VAL A 79 -0.41 -7.82 21.81
N ILE A 80 0.55 -8.41 22.52
CA ILE A 80 1.46 -9.34 21.87
C ILE A 80 1.43 -10.69 22.54
N SER A 81 0.95 -11.66 21.77
CA SER A 81 0.92 -13.04 22.18
C SER A 81 1.21 -13.91 20.97
N ASN A 82 2.18 -14.82 21.09
CA ASN A 82 2.39 -15.82 20.04
C ASN A 82 1.15 -16.70 19.95
N GLN A 83 0.40 -16.70 21.03
CA GLN A 83 -0.92 -17.28 21.06
C GLN A 83 -1.89 -16.42 20.24
N MET A 84 -2.20 -15.22 20.74
CA MET A 84 -3.05 -14.27 20.00
C MET A 84 -2.72 -12.81 20.37
N CYS A 85 -1.99 -12.13 19.49
CA CYS A 85 -1.75 -10.70 19.63
C CYS A 85 -3.06 -9.91 19.50
N GLN A 86 -4.03 -10.53 18.80
CA GLN A 86 -5.41 -10.04 18.54
C GLN A 86 -5.79 -10.44 17.11
N GLY A 87 -6.46 -9.55 16.37
CA GLY A 87 -6.67 -9.78 14.95
C GLY A 87 -7.85 -10.65 14.60
N GLN A 88 -7.95 -11.82 15.24
CA GLN A 88 -8.94 -12.84 14.88
C GLN A 88 -10.37 -12.47 15.27
N LEU A 89 -10.65 -11.17 15.30
CA LEU A 89 -11.98 -10.68 15.65
C LEU A 89 -12.18 -9.28 15.09
N SER A 90 -11.36 -8.93 14.10
CA SER A 90 -11.39 -7.59 13.54
C SER A 90 -10.89 -7.59 12.09
N GLY A 91 -11.60 -6.87 11.24
CA GLY A 91 -11.17 -6.67 9.88
C GLY A 91 -10.59 -5.29 9.70
N ILE A 92 -10.02 -4.76 10.78
CA ILE A 92 -9.36 -3.48 10.71
C ILE A 92 -8.17 -3.56 9.78
N VAL A 93 -8.33 -3.02 8.60
CA VAL A 93 -7.24 -2.97 7.67
C VAL A 93 -6.61 -1.59 7.65
N SER A 94 -5.53 -1.51 8.39
CA SER A 94 -4.62 -0.38 8.36
C SER A 94 -3.26 -0.92 8.00
N THR A 95 -2.25 -0.07 7.95
CA THR A 95 -0.94 -0.57 7.66
C THR A 95 -0.15 -0.69 8.93
N LYS A 96 0.94 -1.42 8.88
CA LYS A 96 1.77 -1.55 10.05
C LYS A 96 2.27 -0.18 10.47
N THR A 97 2.74 0.57 9.49
CA THR A 97 3.15 1.94 9.68
C THR A 97 2.14 2.69 10.54
N LEU A 98 0.89 2.68 10.10
CA LEU A 98 -0.17 3.34 10.83
C LEU A 98 -0.27 2.83 12.26
N CYS A 99 -0.46 1.54 12.43
CA CYS A 99 -0.77 0.98 13.73
C CYS A 99 0.46 0.99 14.66
N CYS A 100 1.66 1.14 14.10
CA CYS A 100 2.84 1.25 14.93
C CYS A 100 3.15 2.72 15.23
N ALA A 101 2.84 3.63 14.29
CA ALA A 101 3.03 5.06 14.54
C ALA A 101 2.00 5.50 15.55
N THR A 102 0.76 5.36 15.17
CA THR A 102 -0.36 5.61 16.04
C THR A 102 -0.76 4.33 16.73
N VAL A 103 -1.34 4.44 17.92
CA VAL A 103 -1.83 3.30 18.67
C VAL A 103 -0.68 2.41 19.22
N GLY A 104 0.35 2.14 18.41
CA GLY A 104 1.55 1.49 18.93
C GLY A 104 1.34 0.18 19.64
N ARG A 105 0.83 -0.82 18.93
CA ARG A 105 0.67 -2.13 19.54
C ARG A 105 1.34 -3.22 18.70
N ALA A 106 0.65 -3.71 17.65
CA ALA A 106 1.26 -4.65 16.70
C ALA A 106 0.35 -4.80 15.50
N TRP A 107 0.84 -5.41 14.42
CA TRP A 107 0.07 -5.51 13.20
C TRP A 107 0.62 -6.66 12.34
N GLY A 108 -0.24 -7.30 11.55
CA GLY A 108 0.24 -8.22 10.52
C GLY A 108 0.47 -9.64 11.00
N HIS A 109 0.42 -10.57 10.05
CA HIS A 109 0.63 -11.98 10.36
C HIS A 109 1.67 -12.58 9.40
N PRO A 110 2.62 -13.38 9.91
CA PRO A 110 2.75 -13.72 11.35
C PRO A 110 2.93 -12.48 12.20
N CYS A 111 2.33 -12.51 13.39
CA CYS A 111 2.24 -11.34 14.26
C CYS A 111 3.53 -10.53 14.32
N GLU A 112 3.44 -9.28 13.88
CA GLU A 112 4.56 -8.37 13.88
C GLU A 112 4.31 -7.32 14.94
N MET A 113 5.20 -7.22 15.91
CA MET A 113 5.03 -6.31 16.99
C MET A 113 5.47 -4.90 16.56
N CYS A 114 4.84 -3.87 17.11
CA CYS A 114 5.06 -2.52 16.63
C CYS A 114 6.26 -1.84 17.26
N PRO A 115 7.20 -1.39 16.41
CA PRO A 115 8.29 -0.50 16.81
C PRO A 115 7.75 0.88 17.20
N ALA A 116 8.61 1.68 17.82
CA ALA A 116 8.23 3.01 18.32
C ALA A 116 7.32 3.78 17.38
N GLN A 117 7.80 4.01 16.17
CA GLN A 117 7.12 4.82 15.21
C GLN A 117 7.74 4.48 13.85
N PRO A 118 7.41 5.18 12.76
CA PRO A 118 8.10 4.98 11.50
C PRO A 118 9.38 5.82 11.44
N HIS A 119 9.32 6.98 10.78
CA HIS A 119 10.41 7.94 10.85
C HIS A 119 10.22 8.78 12.08
N PRO A 120 11.24 9.55 12.50
CA PRO A 120 11.16 10.33 13.73
C PRO A 120 10.24 11.54 13.61
N CYS A 121 8.96 11.27 13.44
CA CYS A 121 7.93 12.29 13.51
C CYS A 121 7.16 12.10 14.81
N ARG A 122 6.10 12.86 15.01
CA ARG A 122 5.24 12.61 16.15
C ARG A 122 4.54 11.27 15.95
N ARG A 123 4.28 10.57 17.03
CA ARG A 123 3.57 9.28 17.00
C ARG A 123 2.45 9.26 15.96
N GLY A 124 1.59 10.28 15.97
CA GLY A 124 0.42 10.27 15.11
C GLY A 124 0.70 10.66 13.67
N PHE A 125 1.97 10.72 13.30
CA PHE A 125 2.35 11.25 12.00
C PHE A 125 3.15 10.27 11.17
N ILE A 126 2.94 10.36 9.88
CA ILE A 126 3.74 9.65 8.90
C ILE A 126 4.31 10.67 7.92
N PRO A 127 5.61 10.61 7.63
CA PRO A 127 6.25 11.56 6.71
C PRO A 127 5.62 11.49 5.31
N ASN A 128 5.06 12.62 4.89
CA ASN A 128 4.44 12.73 3.59
C ASN A 128 5.39 12.28 2.50
N ILE A 129 4.85 11.53 1.58
CA ILE A 129 5.61 10.91 0.50
C ILE A 129 6.10 11.96 -0.51
N ARG A 130 5.50 13.14 -0.46
CA ARG A 130 5.82 14.18 -1.42
C ARG A 130 6.73 15.22 -0.77
N THR A 131 6.19 15.88 0.24
CA THR A 131 6.86 16.96 0.91
C THR A 131 7.89 16.44 1.88
N GLY A 132 7.53 15.35 2.55
CA GLY A 132 8.38 14.78 3.57
C GLY A 132 7.97 15.29 4.93
N ALA A 133 6.90 16.04 4.94
CA ALA A 133 6.38 16.64 6.14
C ALA A 133 5.45 15.66 6.80
N CYS A 134 5.77 15.40 8.02
CA CYS A 134 5.00 14.51 8.87
C CYS A 134 3.57 15.01 8.99
N GLN A 135 2.63 14.16 8.63
CA GLN A 135 1.22 14.51 8.72
C GLN A 135 0.52 13.56 9.65
N ASP A 136 -0.43 14.08 10.42
CA ASP A 136 -1.18 13.25 11.35
C ASP A 136 -2.21 12.48 10.58
N VAL A 137 -2.50 11.30 11.06
CA VAL A 137 -3.44 10.47 10.41
C VAL A 137 -4.78 10.68 11.03
N ASP A 138 -5.81 10.65 10.21
CA ASP A 138 -7.15 10.51 10.71
C ASP A 138 -7.28 9.10 11.22
N GLU A 139 -6.73 8.86 12.41
CA GLU A 139 -6.67 7.52 12.97
C GLU A 139 -8.05 6.86 12.98
N CYS A 140 -9.09 7.68 13.20
CA CYS A 140 -10.48 7.22 13.14
C CYS A 140 -10.81 6.57 11.78
N GLN A 141 -10.12 7.01 10.73
CA GLN A 141 -10.40 6.55 9.38
C GLN A 141 -9.34 5.56 8.96
N ALA A 142 -8.11 5.92 9.28
CA ALA A 142 -6.94 5.17 8.88
C ALA A 142 -6.89 3.83 9.60
N ILE A 143 -7.57 3.73 10.74
CA ILE A 143 -7.57 2.51 11.53
C ILE A 143 -9.02 2.18 11.87
N PRO A 144 -9.77 1.67 10.86
CA PRO A 144 -11.23 1.60 10.81
C PRO A 144 -11.95 1.88 12.13
N GLY A 145 -12.23 0.85 12.91
CA GLY A 145 -12.85 1.07 14.18
C GLY A 145 -12.01 0.58 15.32
N LEU A 146 -10.80 1.12 15.44
CA LEU A 146 -9.93 0.74 16.55
C LEU A 146 -10.55 1.17 17.88
N CYS A 147 -11.17 2.34 17.89
CA CYS A 147 -11.79 2.88 19.08
C CYS A 147 -13.30 2.76 19.01
N GLN A 148 -13.84 1.85 19.81
CA GLN A 148 -15.29 1.62 19.83
C GLN A 148 -15.87 1.95 21.20
N GLY A 149 -15.32 2.97 21.85
CA GLY A 149 -15.79 3.35 23.16
C GLY A 149 -16.95 4.34 23.09
N GLY A 150 -17.21 4.85 21.90
CA GLY A 150 -18.25 5.84 21.72
C GLY A 150 -17.88 6.83 20.64
N ASN A 151 -17.40 7.99 21.05
CA ASN A 151 -16.98 9.01 20.10
C ASN A 151 -15.52 8.83 19.74
N CYS A 152 -15.15 9.38 18.60
CA CYS A 152 -13.77 9.37 18.15
C CYS A 152 -13.57 10.59 17.26
N ILE A 153 -12.49 11.31 17.51
CA ILE A 153 -12.24 12.57 16.85
C ILE A 153 -10.74 12.62 16.60
N ASN A 154 -10.27 13.52 15.77
CA ASN A 154 -8.85 13.50 15.46
C ASN A 154 -8.18 14.82 15.67
N THR A 155 -7.12 14.78 16.45
CA THR A 155 -6.19 15.87 16.42
C THR A 155 -4.84 15.39 15.91
N VAL A 156 -3.98 16.33 15.61
CA VAL A 156 -2.68 15.99 15.11
C VAL A 156 -1.84 15.38 16.22
N GLY A 157 -1.22 14.25 15.93
CA GLY A 157 -0.43 13.57 16.88
C GLY A 157 -1.21 12.59 17.71
N SER A 158 -2.53 12.61 17.62
CA SER A 158 -3.35 11.79 18.51
C SER A 158 -4.83 11.95 18.21
N PHE A 159 -5.60 10.93 18.45
CA PHE A 159 -7.04 11.05 18.27
C PHE A 159 -7.72 11.09 19.61
N GLU A 160 -8.90 11.66 19.62
CA GLU A 160 -9.64 11.84 20.85
C GLU A 160 -10.82 10.89 20.90
N CYS A 161 -10.95 10.15 21.99
CA CYS A 161 -12.10 9.27 22.15
C CYS A 161 -12.89 9.64 23.37
N LYS A 162 -14.12 9.18 23.39
CA LYS A 162 -15.00 9.44 24.50
C LYS A 162 -15.83 8.20 24.80
N CYS A 163 -15.76 7.75 26.04
CA CYS A 163 -16.58 6.65 26.49
C CYS A 163 -17.79 7.21 27.24
N PRO A 164 -18.79 6.39 27.60
CA PRO A 164 -19.86 6.83 28.48
C PRO A 164 -19.31 7.31 29.82
N ALA A 165 -20.06 8.16 30.52
CA ALA A 165 -19.61 8.67 31.81
C ALA A 165 -19.39 7.53 32.78
N GLY A 166 -18.47 7.70 33.71
CA GLY A 166 -18.11 6.61 34.59
C GLY A 166 -17.09 5.69 33.96
N HIS A 167 -17.16 5.53 32.65
CA HIS A 167 -16.25 4.67 31.93
C HIS A 167 -14.91 5.36 31.73
N LYS A 168 -13.91 4.59 31.32
CA LYS A 168 -12.57 5.11 31.09
C LYS A 168 -11.95 4.49 29.86
N LEU A 169 -11.26 5.30 29.06
CA LEU A 169 -10.64 4.84 27.83
C LEU A 169 -9.30 4.17 28.13
N ASN A 170 -8.99 3.13 27.37
CA ASN A 170 -7.72 2.44 27.48
C ASN A 170 -7.06 2.41 26.11
N GLU A 171 -6.13 3.34 25.88
CA GLU A 171 -5.49 3.50 24.58
C GLU A 171 -4.61 2.31 24.23
N VAL A 172 -4.33 1.48 25.21
CA VAL A 172 -3.52 0.28 25.02
C VAL A 172 -4.26 -0.71 24.12
N SER A 173 -5.59 -0.61 24.11
CA SER A 173 -6.40 -1.48 23.26
C SER A 173 -7.65 -0.74 22.80
N GLN A 174 -7.53 0.58 22.70
CA GLN A 174 -8.65 1.51 22.46
C GLN A 174 -9.98 1.00 23.02
N LYS A 175 -9.95 0.59 24.28
CA LYS A 175 -11.14 0.08 24.97
C LYS A 175 -11.72 1.13 25.89
N CYS A 176 -12.85 0.80 26.48
CA CYS A 176 -13.47 1.63 27.50
C CYS A 176 -14.05 0.69 28.56
N GLU A 177 -14.49 1.28 29.68
CA GLU A 177 -15.27 0.58 30.72
C GLU A 177 -14.36 0.25 31.89
N SER A 1 -10.39 -6.36 -37.52
CA SER A 1 -9.49 -5.77 -38.53
C SER A 1 -8.81 -6.86 -39.34
N ALA A 2 -9.49 -7.34 -40.38
CA ALA A 2 -8.98 -8.44 -41.18
C ALA A 2 -8.70 -8.03 -42.62
N SER A 3 -8.34 -6.77 -42.82
CA SER A 3 -8.00 -6.27 -44.15
C SER A 3 -6.55 -6.60 -44.47
N ARG A 4 -6.00 -7.51 -43.69
CA ARG A 4 -4.62 -7.95 -43.83
C ARG A 4 -4.60 -9.47 -43.88
N SER A 5 -3.79 -10.03 -44.76
CA SER A 5 -3.71 -11.48 -44.91
C SER A 5 -2.89 -12.09 -43.79
N ILE A 6 -3.42 -13.14 -43.18
CA ILE A 6 -2.71 -13.84 -42.11
C ILE A 6 -1.56 -14.67 -42.69
N GLN A 7 -1.55 -14.81 -44.01
CA GLN A 7 -0.45 -15.49 -44.70
C GLN A 7 0.79 -14.60 -44.69
N HIS A 8 0.58 -13.35 -44.31
CA HIS A 8 1.65 -12.35 -44.22
C HIS A 8 2.13 -12.25 -42.77
N CYS A 9 2.14 -13.39 -42.10
CA CYS A 9 2.51 -13.47 -40.70
C CYS A 9 2.92 -14.87 -40.34
N ASN A 10 3.95 -15.02 -39.52
CA ASN A 10 4.35 -16.35 -39.06
C ASN A 10 4.33 -16.41 -37.54
N ILE A 11 4.60 -15.28 -36.91
CA ILE A 11 4.68 -15.20 -35.46
C ILE A 11 3.36 -14.84 -34.80
N ARG A 12 3.46 -14.44 -33.53
CA ARG A 12 2.30 -14.09 -32.73
C ARG A 12 2.38 -12.62 -32.38
N CYS A 13 1.31 -11.90 -32.68
CA CYS A 13 1.25 -10.48 -32.41
C CYS A 13 0.15 -10.15 -31.41
N MET A 14 0.54 -9.63 -30.25
CA MET A 14 -0.41 -9.35 -29.18
C MET A 14 -0.53 -7.86 -28.92
N ASN A 15 -1.58 -7.46 -28.18
CA ASN A 15 -1.73 -6.08 -27.72
C ASN A 15 -1.99 -5.14 -28.92
N GLY A 16 -2.84 -5.60 -29.83
CA GLY A 16 -3.12 -4.81 -31.02
C GLY A 16 -1.98 -4.88 -32.01
N GLY A 17 -1.19 -5.92 -31.90
CA GLY A 17 -0.01 -6.06 -32.73
C GLY A 17 -0.38 -6.43 -34.14
N SER A 18 0.06 -5.64 -35.09
CA SER A 18 -0.19 -5.91 -36.50
C SER A 18 0.96 -6.73 -37.08
N CYS A 19 0.63 -7.86 -37.68
CA CYS A 19 1.63 -8.80 -38.15
C CYS A 19 2.62 -8.21 -39.16
N SER A 20 3.84 -8.73 -39.09
CA SER A 20 4.89 -8.42 -40.03
C SER A 20 5.66 -9.70 -40.25
N ASP A 21 6.55 -9.69 -41.23
CA ASP A 21 7.40 -10.83 -41.51
C ASP A 21 7.89 -11.51 -40.25
N ASP A 22 9.01 -11.05 -39.74
CA ASP A 22 9.58 -11.62 -38.51
C ASP A 22 8.95 -11.04 -37.27
N HIS A 23 8.73 -9.73 -37.26
CA HIS A 23 8.20 -9.09 -36.05
C HIS A 23 6.76 -8.62 -36.22
N CYS A 24 6.31 -7.81 -35.26
CA CYS A 24 4.97 -7.23 -35.30
C CYS A 24 5.03 -5.70 -35.24
N LEU A 25 4.03 -5.06 -35.80
CA LEU A 25 3.91 -3.61 -35.70
C LEU A 25 3.04 -3.27 -34.49
N CYS A 26 3.61 -2.53 -33.57
CA CYS A 26 3.01 -2.31 -32.28
C CYS A 26 2.01 -1.18 -32.28
N GLN A 27 1.06 -1.25 -31.36
CA GLN A 27 0.18 -0.13 -31.10
C GLN A 27 0.89 0.84 -30.19
N LYS A 28 0.61 2.13 -30.33
CA LYS A 28 1.35 3.11 -29.57
C LYS A 28 1.12 2.96 -28.09
N GLY A 29 2.19 2.55 -27.47
CA GLY A 29 2.22 2.31 -26.06
C GLY A 29 2.71 0.92 -25.75
N TYR A 30 2.95 0.15 -26.78
CA TYR A 30 3.56 -1.16 -26.62
C TYR A 30 4.87 -1.22 -27.38
N ILE A 31 5.82 -1.95 -26.82
CA ILE A 31 7.12 -2.12 -27.42
C ILE A 31 7.50 -3.60 -27.46
N GLY A 32 8.63 -3.86 -28.09
CA GLY A 32 9.11 -5.21 -28.27
C GLY A 32 8.84 -5.73 -29.67
N THR A 33 9.34 -6.92 -29.98
CA THR A 33 9.17 -7.51 -31.30
C THR A 33 7.75 -8.01 -31.50
N HIS A 34 7.13 -8.45 -30.42
CA HIS A 34 5.78 -8.96 -30.47
C HIS A 34 4.83 -8.01 -29.76
N CYS A 35 5.36 -6.85 -29.37
CA CYS A 35 4.58 -5.77 -28.80
C CYS A 35 3.95 -6.19 -27.46
N GLY A 36 4.70 -6.95 -26.69
CA GLY A 36 4.20 -7.48 -25.44
C GLY A 36 4.53 -6.61 -24.26
N GLN A 37 5.35 -5.58 -24.47
CA GLN A 37 5.75 -4.73 -23.35
C GLN A 37 5.00 -3.41 -23.38
N PRO A 38 4.13 -3.18 -22.39
CA PRO A 38 3.35 -1.94 -22.27
C PRO A 38 4.16 -0.81 -21.66
N VAL A 39 3.94 0.39 -22.16
CA VAL A 39 4.66 1.55 -21.69
C VAL A 39 4.17 1.98 -20.30
N CYS A 40 5.02 1.74 -19.33
CA CYS A 40 4.77 2.17 -17.98
C CYS A 40 5.11 3.65 -17.85
N GLU A 41 4.15 4.50 -18.15
CA GLU A 41 4.34 5.95 -18.17
C GLU A 41 4.85 6.53 -16.86
N SER A 42 4.02 6.50 -15.84
CA SER A 42 4.27 7.27 -14.64
C SER A 42 4.96 6.44 -13.57
N GLY A 43 5.46 5.27 -13.98
CA GLY A 43 6.10 4.37 -13.07
C GLY A 43 5.14 3.50 -12.33
N CYS A 44 5.37 2.24 -12.46
CA CYS A 44 4.65 1.23 -11.70
C CYS A 44 5.29 1.15 -10.32
N LEU A 45 4.60 0.58 -9.34
CA LEU A 45 4.97 0.79 -7.95
C LEU A 45 4.64 -0.44 -7.12
N ASN A 46 5.19 -0.45 -5.90
CA ASN A 46 5.27 -1.66 -5.06
C ASN A 46 5.83 -2.85 -5.84
N GLY A 47 6.58 -2.56 -6.91
CA GLY A 47 7.09 -3.63 -7.74
C GLY A 47 5.99 -4.37 -8.45
N GLY A 48 4.98 -3.63 -8.92
CA GLY A 48 3.87 -4.26 -9.64
C GLY A 48 4.30 -4.72 -11.02
N ARG A 49 3.47 -4.51 -12.02
CA ARG A 49 3.79 -4.91 -13.38
C ARG A 49 2.96 -4.14 -14.39
N CYS A 50 3.61 -3.55 -15.38
CA CYS A 50 2.90 -2.91 -16.49
C CYS A 50 2.10 -3.94 -17.28
N VAL A 51 0.78 -3.74 -17.35
CA VAL A 51 -0.06 -4.65 -18.10
C VAL A 51 -0.51 -3.99 -19.41
N ALA A 52 -0.74 -2.69 -19.35
CA ALA A 52 -1.11 -1.92 -20.53
C ALA A 52 -0.39 -0.58 -20.48
N PRO A 53 -0.41 0.24 -21.55
CA PRO A 53 0.17 1.58 -21.51
C PRO A 53 -0.35 2.39 -20.32
N ASN A 54 0.55 2.62 -19.35
CA ASN A 54 0.26 3.39 -18.14
C ASN A 54 -0.65 2.60 -17.20
N ARG A 55 -1.05 1.42 -17.64
CA ARG A 55 -1.83 0.52 -16.82
C ARG A 55 -0.92 -0.40 -16.07
N CYS A 56 -0.46 0.08 -14.93
CA CYS A 56 0.27 -0.76 -14.01
C CYS A 56 -0.70 -1.66 -13.24
N ALA A 57 -0.29 -2.88 -13.02
CA ALA A 57 -1.01 -3.79 -12.16
C ALA A 57 -0.33 -3.75 -10.81
N CYS A 58 -1.06 -3.32 -9.81
CA CYS A 58 -0.48 -3.05 -8.52
C CYS A 58 -0.75 -4.19 -7.54
N THR A 59 0.24 -4.49 -6.73
CA THR A 59 0.26 -5.68 -5.90
C THR A 59 -1.00 -5.88 -5.08
N TYR A 60 -1.37 -4.88 -4.30
CA TYR A 60 -2.47 -5.08 -3.37
C TYR A 60 -2.98 -3.79 -2.76
N GLY A 61 -2.34 -3.36 -1.71
CA GLY A 61 -2.88 -2.31 -0.89
C GLY A 61 -2.45 -0.94 -1.31
N PHE A 62 -2.70 -0.57 -2.56
CA PHE A 62 -2.51 0.81 -2.97
C PHE A 62 -3.76 1.37 -3.64
N THR A 63 -4.11 2.60 -3.29
CA THR A 63 -5.27 3.25 -3.87
C THR A 63 -4.88 3.96 -5.15
N GLY A 64 -5.57 3.61 -6.20
CA GLY A 64 -5.27 4.17 -7.48
C GLY A 64 -4.50 3.17 -8.28
N PRO A 65 -4.77 3.04 -9.57
CA PRO A 65 -4.18 1.99 -10.37
C PRO A 65 -2.69 2.23 -10.63
N GLN A 66 -2.16 3.25 -9.98
CA GLN A 66 -0.74 3.56 -10.09
C GLN A 66 -0.09 3.47 -8.72
N CYS A 67 -0.67 2.67 -7.82
CA CYS A 67 -0.09 2.30 -6.51
C CYS A 67 0.95 3.22 -5.86
N GLU A 68 0.53 4.38 -5.35
CA GLU A 68 1.45 5.17 -4.52
C GLU A 68 0.84 5.48 -3.16
N ARG A 69 0.00 4.56 -2.72
CA ARG A 69 -0.60 4.63 -1.41
C ARG A 69 -0.41 3.30 -0.74
N ASP A 70 0.65 3.17 0.03
CA ASP A 70 1.07 1.88 0.56
C ASP A 70 0.21 1.47 1.75
N TYR A 71 -1.09 1.48 1.58
CA TYR A 71 -1.99 1.05 2.62
C TYR A 71 -2.12 -0.48 2.55
N ARG A 72 -1.15 -1.21 3.08
CA ARG A 72 -1.20 -2.65 2.98
C ARG A 72 -2.10 -3.18 4.09
N THR A 73 -2.98 -4.11 3.77
CA THR A 73 -3.89 -4.66 4.75
C THR A 73 -3.13 -5.68 5.62
N GLY A 74 -3.75 -6.15 6.68
CA GLY A 74 -2.99 -6.80 7.74
C GLY A 74 -3.71 -6.78 9.06
N PRO A 75 -3.72 -7.90 9.80
CA PRO A 75 -4.26 -7.92 11.16
C PRO A 75 -3.37 -7.16 12.13
N CYS A 76 -3.95 -6.25 12.89
CA CYS A 76 -3.18 -5.44 13.81
C CYS A 76 -3.34 -5.95 15.24
N PHE A 77 -2.26 -6.43 15.79
CA PHE A 77 -2.25 -7.00 17.12
C PHE A 77 -1.86 -5.94 18.12
N THR A 78 -2.45 -5.96 19.29
CA THR A 78 -2.44 -4.78 20.16
C THR A 78 -1.35 -4.79 21.23
N VAL A 79 -0.89 -5.96 21.67
CA VAL A 79 0.03 -6.02 22.81
C VAL A 79 0.72 -7.37 22.87
N ILE A 80 2.05 -7.36 22.77
CA ILE A 80 2.76 -8.60 22.57
C ILE A 80 3.85 -8.83 23.60
N SER A 81 3.68 -9.92 24.33
CA SER A 81 4.73 -10.53 25.10
C SER A 81 4.97 -11.91 24.51
N ASN A 82 5.67 -12.78 25.24
CA ASN A 82 5.77 -14.19 24.84
C ASN A 82 4.39 -14.85 24.87
N GLN A 83 3.42 -14.08 25.36
CA GLN A 83 2.06 -14.54 25.50
C GLN A 83 1.39 -14.72 24.14
N MET A 84 1.03 -13.60 23.52
CA MET A 84 0.42 -13.62 22.20
C MET A 84 0.30 -12.21 21.66
N CYS A 85 0.34 -12.06 20.34
CA CYS A 85 0.28 -10.74 19.72
C CYS A 85 -1.00 -10.00 20.15
N GLN A 86 -2.12 -10.71 20.09
CA GLN A 86 -3.35 -10.26 20.72
C GLN A 86 -4.16 -11.49 21.09
N GLY A 87 -4.87 -12.04 20.12
CA GLY A 87 -5.55 -13.29 20.33
C GLY A 87 -7.04 -13.22 20.08
N GLN A 88 -7.59 -12.03 20.21
CA GLN A 88 -9.02 -11.80 20.04
C GLN A 88 -9.24 -10.62 19.10
N LEU A 89 -8.48 -10.60 18.01
CA LEU A 89 -8.48 -9.47 17.09
C LEU A 89 -7.73 -9.82 15.81
N SER A 90 -8.33 -9.51 14.66
CA SER A 90 -7.71 -9.79 13.38
C SER A 90 -8.11 -8.77 12.31
N GLY A 91 -9.40 -8.47 12.22
CA GLY A 91 -9.90 -7.65 11.12
C GLY A 91 -9.92 -6.16 11.42
N ILE A 92 -9.06 -5.70 12.31
CA ILE A 92 -8.81 -4.27 12.40
C ILE A 92 -7.87 -3.91 11.28
N VAL A 93 -8.46 -3.55 10.17
CA VAL A 93 -7.69 -3.37 8.98
C VAL A 93 -7.13 -1.94 8.92
N SER A 94 -5.84 -1.90 9.04
CA SER A 94 -5.05 -0.68 9.05
C SER A 94 -3.69 -1.14 8.58
N THR A 95 -2.70 -0.29 8.49
CA THR A 95 -1.44 -0.79 8.01
C THR A 95 -0.46 -0.90 9.13
N LYS A 96 0.67 -1.50 8.84
CA LYS A 96 1.73 -1.59 9.81
C LYS A 96 2.16 -0.20 10.22
N THR A 97 2.37 0.63 9.20
CA THR A 97 2.70 2.03 9.39
C THR A 97 1.79 2.66 10.44
N LEU A 98 0.49 2.55 10.21
CA LEU A 98 -0.48 3.08 11.16
C LEU A 98 -0.32 2.46 12.53
N CYS A 99 -0.23 1.13 12.58
CA CYS A 99 -0.11 0.43 13.85
C CYS A 99 1.15 0.83 14.63
N CYS A 100 2.29 1.02 13.94
CA CYS A 100 3.52 1.34 14.62
C CYS A 100 3.63 2.82 14.92
N ALA A 101 3.14 3.67 14.00
CA ALA A 101 3.18 5.11 14.23
C ALA A 101 2.21 5.44 15.35
N THR A 102 0.97 5.06 15.14
CA THR A 102 -0.10 5.39 16.05
C THR A 102 -0.47 4.16 16.86
N VAL A 103 -0.82 4.38 18.13
CA VAL A 103 -1.20 3.33 19.04
C VAL A 103 -0.08 2.31 19.34
N GLY A 104 0.95 2.16 18.49
CA GLY A 104 2.14 1.42 18.88
C GLY A 104 1.89 -0.04 19.19
N ARG A 105 1.26 -0.74 18.27
CA ARG A 105 0.94 -2.14 18.48
C ARG A 105 1.89 -3.05 17.70
N ALA A 106 1.31 -3.89 16.85
CA ALA A 106 2.01 -4.76 15.92
C ALA A 106 1.06 -5.09 14.81
N TRP A 107 1.51 -5.68 13.72
CA TRP A 107 0.66 -5.80 12.57
C TRP A 107 1.19 -6.87 11.61
N GLY A 108 0.27 -7.51 10.89
CA GLY A 108 0.65 -8.40 9.79
C GLY A 108 1.00 -9.82 10.20
N HIS A 109 1.14 -10.68 9.19
CA HIS A 109 1.63 -12.03 9.38
C HIS A 109 2.80 -12.29 8.43
N PRO A 110 3.90 -12.86 8.93
CA PRO A 110 4.07 -13.16 10.37
C PRO A 110 3.96 -11.90 11.24
N CYS A 111 3.65 -12.11 12.51
CA CYS A 111 3.39 -11.03 13.46
C CYS A 111 4.55 -10.05 13.47
N GLU A 112 4.31 -8.81 13.06
CA GLU A 112 5.35 -7.81 13.02
C GLU A 112 5.15 -6.84 14.17
N MET A 113 5.96 -6.99 15.21
CA MET A 113 5.80 -6.21 16.40
C MET A 113 6.42 -4.84 16.16
N CYS A 114 5.70 -3.78 16.51
CA CYS A 114 6.15 -2.42 16.17
C CYS A 114 7.17 -1.88 17.18
N PRO A 115 8.41 -1.69 16.74
CA PRO A 115 9.44 -0.98 17.49
C PRO A 115 9.29 0.52 17.33
N ALA A 116 9.17 1.24 18.44
CA ALA A 116 8.91 2.68 18.47
C ALA A 116 7.76 3.10 17.56
N GLN A 117 8.06 3.20 16.28
CA GLN A 117 7.22 3.80 15.28
C GLN A 117 7.74 3.29 13.92
N PRO A 118 7.26 3.81 12.78
CA PRO A 118 7.85 3.51 11.49
C PRO A 118 9.00 4.48 11.16
N HIS A 119 8.68 5.58 10.50
CA HIS A 119 9.66 6.63 10.27
C HIS A 119 9.65 7.58 11.44
N PRO A 120 10.73 8.35 11.66
CA PRO A 120 10.88 9.16 12.86
C PRO A 120 10.09 10.46 12.85
N CYS A 121 8.77 10.36 12.78
CA CYS A 121 7.90 11.50 12.98
C CYS A 121 7.16 11.32 14.29
N ARG A 122 6.28 12.24 14.63
CA ARG A 122 5.43 12.06 15.79
C ARG A 122 4.54 10.84 15.58
N ARG A 123 4.32 10.05 16.63
CA ARG A 123 3.46 8.85 16.55
C ARG A 123 2.24 9.05 15.66
N GLY A 124 1.51 10.12 15.88
CA GLY A 124 0.26 10.33 15.15
C GLY A 124 0.47 10.67 13.68
N PHE A 125 1.73 10.70 13.23
CA PHE A 125 2.05 11.21 11.91
C PHE A 125 2.78 10.22 11.05
N ILE A 126 2.58 10.38 9.77
CA ILE A 126 3.35 9.67 8.78
C ILE A 126 3.92 10.68 7.80
N PRO A 127 5.24 10.64 7.55
CA PRO A 127 5.89 11.53 6.61
C PRO A 127 5.41 11.31 5.18
N ASN A 128 4.94 12.37 4.55
CA ASN A 128 4.52 12.33 3.17
C ASN A 128 5.71 11.99 2.31
N ILE A 129 5.49 11.12 1.36
CA ILE A 129 6.55 10.67 0.46
C ILE A 129 6.74 11.67 -0.68
N ARG A 130 5.97 12.74 -0.63
CA ARG A 130 6.03 13.79 -1.63
C ARG A 130 6.79 14.98 -1.08
N THR A 131 6.29 15.49 0.03
CA THR A 131 6.86 16.65 0.68
C THR A 131 7.94 16.25 1.67
N GLY A 132 7.61 15.23 2.45
CA GLY A 132 8.49 14.76 3.50
C GLY A 132 8.01 15.25 4.84
N ALA A 133 6.79 15.81 4.84
CA ALA A 133 6.21 16.36 6.03
C ALA A 133 5.31 15.36 6.69
N CYS A 134 5.61 15.14 7.93
CA CYS A 134 4.81 14.33 8.82
C CYS A 134 3.40 14.90 8.92
N GLN A 135 2.41 14.10 8.59
CA GLN A 135 1.03 14.52 8.65
C GLN A 135 0.28 13.55 9.56
N ASP A 136 -0.58 14.08 10.42
CA ASP A 136 -1.27 13.24 11.37
C ASP A 136 -2.36 12.47 10.68
N VAL A 137 -2.61 11.29 11.15
CA VAL A 137 -3.60 10.47 10.59
C VAL A 137 -4.87 10.69 11.35
N ASP A 138 -5.97 10.64 10.64
CA ASP A 138 -7.25 10.59 11.29
C ASP A 138 -7.38 9.18 11.80
N GLU A 139 -6.70 8.88 12.92
CA GLU A 139 -6.60 7.52 13.43
C GLU A 139 -7.98 6.89 13.57
N CYS A 140 -8.93 7.73 13.94
CA CYS A 140 -10.34 7.34 14.05
C CYS A 140 -10.85 6.71 12.76
N GLN A 141 -10.33 7.17 11.63
CA GLN A 141 -10.75 6.71 10.31
C GLN A 141 -9.77 5.68 9.79
N ALA A 142 -8.51 5.94 10.09
CA ALA A 142 -7.39 5.14 9.63
C ALA A 142 -7.40 3.77 10.28
N ILE A 143 -8.12 3.67 11.40
CA ILE A 143 -8.32 2.42 12.08
C ILE A 143 -9.83 2.24 12.27
N PRO A 144 -10.40 1.18 11.67
CA PRO A 144 -11.86 1.00 11.46
C PRO A 144 -12.73 1.51 12.60
N GLY A 145 -13.05 0.66 13.56
CA GLY A 145 -13.71 1.15 14.75
C GLY A 145 -12.71 1.30 15.87
N LEU A 146 -11.67 2.09 15.61
CA LEU A 146 -10.59 2.33 16.56
C LEU A 146 -11.08 2.50 18.00
N CYS A 147 -11.85 3.55 18.25
CA CYS A 147 -12.34 3.80 19.60
C CYS A 147 -13.66 3.07 19.81
N GLN A 148 -13.59 1.74 19.73
CA GLN A 148 -14.75 0.88 19.89
C GLN A 148 -15.38 1.07 21.26
N GLY A 149 -16.49 1.79 21.30
CA GLY A 149 -17.19 2.03 22.54
C GLY A 149 -17.55 3.49 22.70
N GLY A 150 -16.91 4.33 21.91
CA GLY A 150 -17.18 5.75 21.98
C GLY A 150 -16.94 6.46 20.67
N ASN A 151 -16.72 7.77 20.75
CA ASN A 151 -16.49 8.58 19.56
C ASN A 151 -15.02 9.00 19.51
N CYS A 152 -14.32 8.65 18.45
CA CYS A 152 -12.93 9.08 18.29
C CYS A 152 -12.89 10.37 17.50
N ILE A 153 -12.10 11.32 17.99
CA ILE A 153 -12.01 12.64 17.38
C ILE A 153 -10.55 13.04 17.21
N ASN A 154 -10.13 13.12 15.98
CA ASN A 154 -8.72 13.30 15.66
C ASN A 154 -8.22 14.70 15.94
N THR A 155 -7.17 14.78 16.70
CA THR A 155 -6.30 15.91 16.61
C THR A 155 -4.95 15.46 16.07
N VAL A 156 -4.15 16.40 15.63
CA VAL A 156 -2.89 16.02 15.07
C VAL A 156 -2.00 15.50 16.18
N GLY A 157 -1.38 14.36 15.93
CA GLY A 157 -0.49 13.78 16.91
C GLY A 157 -1.21 12.87 17.88
N SER A 158 -2.54 12.88 17.89
CA SER A 158 -3.29 12.11 18.88
C SER A 158 -4.78 12.18 18.59
N PHE A 159 -5.48 11.10 18.82
CA PHE A 159 -6.92 11.14 18.66
C PHE A 159 -7.57 11.21 20.03
N GLU A 160 -8.74 11.80 20.11
CA GLU A 160 -9.38 12.01 21.40
C GLU A 160 -10.65 11.19 21.47
N CYS A 161 -10.80 10.40 22.50
CA CYS A 161 -11.98 9.58 22.61
C CYS A 161 -13.02 10.20 23.50
N LYS A 162 -14.24 9.76 23.30
CA LYS A 162 -15.34 10.13 24.14
C LYS A 162 -16.14 8.89 24.46
N CYS A 163 -16.01 8.44 25.69
CA CYS A 163 -16.74 7.28 26.16
C CYS A 163 -17.99 7.75 26.92
N PRO A 164 -19.03 6.90 27.00
CA PRO A 164 -20.21 7.18 27.82
C PRO A 164 -19.83 7.47 29.28
N ALA A 165 -20.71 8.12 30.02
CA ALA A 165 -20.44 8.48 31.40
C ALA A 165 -20.10 7.26 32.22
N GLY A 166 -19.21 7.43 33.20
CA GLY A 166 -18.76 6.32 34.00
C GLY A 166 -17.65 5.55 33.32
N HIS A 167 -17.66 5.55 31.99
CA HIS A 167 -16.67 4.81 31.23
C HIS A 167 -15.34 5.55 31.16
N LYS A 168 -14.31 4.82 30.76
CA LYS A 168 -12.94 5.35 30.73
C LYS A 168 -12.17 4.75 29.57
N LEU A 169 -11.44 5.58 28.85
CA LEU A 169 -10.62 5.10 27.74
C LEU A 169 -9.41 4.33 28.26
N ASN A 170 -9.08 3.25 27.57
CA ASN A 170 -7.85 2.52 27.82
C ASN A 170 -7.13 2.33 26.50
N GLU A 171 -6.11 3.13 26.27
CA GLU A 171 -5.41 3.15 24.98
C GLU A 171 -4.78 1.79 24.67
N VAL A 172 -4.50 1.02 25.71
CA VAL A 172 -3.92 -0.31 25.55
C VAL A 172 -4.84 -1.23 24.77
N SER A 173 -6.13 -0.91 24.79
CA SER A 173 -7.12 -1.71 24.09
C SER A 173 -8.19 -0.80 23.46
N GLN A 174 -7.79 0.45 23.21
CA GLN A 174 -8.70 1.55 22.83
C GLN A 174 -10.12 1.32 23.34
N LYS A 175 -10.22 0.99 24.62
CA LYS A 175 -11.49 0.57 25.21
C LYS A 175 -12.17 1.73 25.92
N CYS A 176 -13.47 1.60 26.12
CA CYS A 176 -14.28 2.63 26.77
C CYS A 176 -15.24 1.98 27.75
N GLU A 177 -14.75 1.64 28.93
CA GLU A 177 -15.53 0.92 29.92
C GLU A 177 -15.04 1.31 31.32
N SER A 1 -8.31 14.57 -44.75
CA SER A 1 -8.53 13.13 -44.49
C SER A 1 -8.82 12.39 -45.80
N ALA A 2 -8.12 11.29 -46.02
CA ALA A 2 -8.30 10.51 -47.22
C ALA A 2 -9.29 9.38 -46.98
N SER A 3 -10.09 9.06 -47.99
CA SER A 3 -11.08 8.01 -47.88
C SER A 3 -10.43 6.64 -48.07
N ARG A 4 -9.65 6.21 -47.09
CA ARG A 4 -8.95 4.94 -47.16
C ARG A 4 -9.92 3.79 -46.91
N SER A 5 -10.12 2.97 -47.94
CA SER A 5 -10.97 1.81 -47.82
C SER A 5 -10.31 0.75 -46.95
N ILE A 6 -11.09 0.13 -46.08
CA ILE A 6 -10.56 -0.91 -45.20
C ILE A 6 -10.87 -2.29 -45.78
N GLN A 7 -9.83 -2.95 -46.26
CA GLN A 7 -9.98 -4.26 -46.85
C GLN A 7 -10.21 -5.32 -45.78
N HIS A 8 -11.09 -6.27 -46.06
CA HIS A 8 -11.36 -7.36 -45.14
C HIS A 8 -10.10 -8.16 -44.88
N CYS A 9 -9.72 -8.24 -43.62
CA CYS A 9 -8.48 -8.86 -43.22
C CYS A 9 -8.64 -10.36 -43.02
N ASN A 10 -7.59 -11.03 -42.60
CA ASN A 10 -7.64 -12.47 -42.44
C ASN A 10 -7.94 -12.82 -41.02
N ILE A 11 -7.17 -12.22 -40.14
CA ILE A 11 -7.14 -12.61 -38.77
C ILE A 11 -8.03 -11.74 -37.89
N ARG A 12 -7.86 -11.88 -36.58
CA ARG A 12 -8.72 -11.22 -35.63
C ARG A 12 -7.90 -10.45 -34.60
N CYS A 13 -8.39 -9.29 -34.20
CA CYS A 13 -7.62 -8.40 -33.35
C CYS A 13 -8.29 -8.18 -31.99
N MET A 14 -7.53 -7.59 -31.07
CA MET A 14 -8.02 -7.24 -29.75
C MET A 14 -7.36 -5.94 -29.31
N ASN A 15 -7.99 -5.23 -28.37
CA ASN A 15 -7.36 -4.08 -27.72
C ASN A 15 -7.14 -2.94 -28.69
N GLY A 16 -8.16 -2.65 -29.49
CA GLY A 16 -8.07 -1.58 -30.46
C GLY A 16 -7.24 -1.95 -31.66
N GLY A 17 -7.00 -3.24 -31.84
CA GLY A 17 -6.17 -3.69 -32.94
C GLY A 17 -6.80 -3.46 -34.30
N SER A 18 -6.15 -2.67 -35.12
CA SER A 18 -6.61 -2.46 -36.48
C SER A 18 -6.06 -3.60 -37.33
N CYS A 19 -6.94 -4.27 -38.04
CA CYS A 19 -6.56 -5.49 -38.73
C CYS A 19 -5.77 -5.17 -39.98
N SER A 20 -5.04 -6.17 -40.45
CA SER A 20 -4.29 -6.10 -41.68
C SER A 20 -4.38 -7.47 -42.33
N ASP A 21 -3.98 -7.55 -43.58
CA ASP A 21 -3.98 -8.79 -44.35
C ASP A 21 -3.75 -10.03 -43.51
N ASP A 22 -2.50 -10.42 -43.36
CA ASP A 22 -2.16 -11.56 -42.58
C ASP A 22 -2.07 -11.22 -41.12
N HIS A 23 -1.43 -10.11 -40.78
CA HIS A 23 -1.29 -9.77 -39.37
C HIS A 23 -2.12 -8.54 -38.97
N CYS A 24 -1.96 -8.12 -37.72
CA CYS A 24 -2.76 -7.02 -37.16
C CYS A 24 -1.87 -5.87 -36.65
N LEU A 25 -2.41 -4.65 -36.72
CA LEU A 25 -1.70 -3.46 -36.25
C LEU A 25 -2.33 -2.96 -34.95
N CYS A 26 -1.55 -3.02 -33.88
CA CYS A 26 -2.04 -2.71 -32.55
C CYS A 26 -2.22 -1.21 -32.34
N GLN A 27 -2.98 -0.87 -31.30
CA GLN A 27 -3.06 0.51 -30.83
C GLN A 27 -1.83 0.84 -30.01
N LYS A 28 -1.43 2.10 -30.01
CA LYS A 28 -0.23 2.47 -29.31
C LYS A 28 -0.40 2.29 -27.82
N GLY A 29 0.35 1.34 -27.35
CA GLY A 29 0.34 0.99 -25.95
C GLY A 29 0.01 -0.46 -25.74
N TYR A 30 -0.26 -1.18 -26.82
CA TYR A 30 -0.45 -2.60 -26.73
C TYR A 30 0.54 -3.32 -27.62
N ILE A 31 1.04 -4.45 -27.15
CA ILE A 31 2.03 -5.20 -27.88
C ILE A 31 1.60 -6.66 -28.03
N GLY A 32 2.42 -7.41 -28.74
CA GLY A 32 2.11 -8.80 -29.04
C GLY A 32 1.49 -8.95 -30.40
N THR A 33 1.39 -10.18 -30.90
CA THR A 33 0.85 -10.43 -32.23
C THR A 33 -0.67 -10.26 -32.26
N HIS A 34 -1.30 -10.42 -31.11
CA HIS A 34 -2.74 -10.20 -31.00
C HIS A 34 -3.03 -8.94 -30.21
N CYS A 35 -1.98 -8.18 -29.90
CA CYS A 35 -2.11 -6.90 -29.22
C CYS A 35 -2.68 -7.08 -27.81
N GLY A 36 -2.40 -8.23 -27.21
CA GLY A 36 -3.01 -8.57 -25.94
C GLY A 36 -2.25 -8.05 -24.74
N GLN A 37 -1.02 -7.57 -24.94
CA GLN A 37 -0.20 -7.16 -23.81
C GLN A 37 -0.09 -5.63 -23.75
N PRO A 38 -0.73 -5.01 -22.75
CA PRO A 38 -0.68 -3.56 -22.53
C PRO A 38 0.65 -3.10 -21.95
N VAL A 39 1.13 -1.98 -22.43
CA VAL A 39 2.43 -1.46 -22.06
C VAL A 39 2.44 -1.01 -20.60
N CYS A 40 3.16 -1.76 -19.79
CA CYS A 40 3.34 -1.41 -18.39
C CYS A 40 4.41 -0.33 -18.28
N GLU A 41 4.03 0.89 -18.61
CA GLU A 41 4.95 2.02 -18.68
C GLU A 41 5.76 2.24 -17.44
N SER A 42 5.11 2.66 -16.37
CA SER A 42 5.82 3.19 -15.22
C SER A 42 6.21 2.10 -14.25
N GLY A 43 6.11 0.87 -14.71
CA GLY A 43 6.43 -0.27 -13.91
C GLY A 43 5.27 -0.75 -13.12
N CYS A 44 4.97 -1.98 -13.35
CA CYS A 44 4.03 -2.73 -12.52
C CYS A 44 4.74 -3.16 -11.25
N LEU A 45 3.95 -3.37 -10.20
CA LEU A 45 4.51 -3.52 -8.87
C LEU A 45 3.66 -4.43 -8.02
N ASN A 46 4.26 -4.90 -6.93
CA ASN A 46 3.76 -6.03 -6.14
C ASN A 46 3.38 -7.22 -7.04
N GLY A 47 3.99 -7.30 -8.22
CA GLY A 47 3.66 -8.35 -9.15
C GLY A 47 2.25 -8.23 -9.71
N GLY A 48 1.80 -7.00 -9.98
CA GLY A 48 0.48 -6.80 -10.52
C GLY A 48 0.35 -7.30 -11.95
N ARG A 49 -0.57 -6.71 -12.71
CA ARG A 49 -0.80 -7.13 -14.08
C ARG A 49 -1.25 -5.97 -14.96
N CYS A 50 -0.49 -5.72 -16.01
CA CYS A 50 -0.82 -4.68 -16.97
C CYS A 50 -2.14 -4.99 -17.69
N VAL A 51 -3.15 -4.15 -17.46
CA VAL A 51 -4.46 -4.38 -18.07
C VAL A 51 -4.69 -3.42 -19.24
N ALA A 52 -4.17 -2.21 -19.11
CA ALA A 52 -4.20 -1.23 -20.18
C ALA A 52 -2.85 -0.50 -20.19
N PRO A 53 -2.54 0.34 -21.20
CA PRO A 53 -1.29 1.10 -21.21
C PRO A 53 -1.07 1.91 -19.93
N ASN A 54 -0.11 1.44 -19.13
CA ASN A 54 0.25 2.02 -17.84
C ASN A 54 -0.82 1.74 -16.80
N ARG A 55 -1.93 1.16 -17.25
CA ARG A 55 -3.00 0.75 -16.37
C ARG A 55 -2.67 -0.60 -15.81
N CYS A 56 -1.88 -0.62 -14.78
CA CYS A 56 -1.58 -1.85 -14.10
C CYS A 56 -2.72 -2.17 -13.15
N ALA A 57 -2.98 -3.45 -13.00
CA ALA A 57 -3.94 -3.92 -12.02
C ALA A 57 -3.16 -4.31 -10.79
N CYS A 58 -3.44 -3.65 -9.70
CA CYS A 58 -2.61 -3.74 -8.53
C CYS A 58 -3.06 -4.85 -7.61
N THR A 59 -2.11 -5.72 -7.27
CA THR A 59 -2.36 -6.94 -6.53
C THR A 59 -3.33 -6.73 -5.39
N TYR A 60 -3.07 -5.74 -4.54
CA TYR A 60 -3.91 -5.55 -3.39
C TYR A 60 -3.69 -4.20 -2.73
N GLY A 61 -2.76 -4.13 -1.78
CA GLY A 61 -2.68 -2.98 -0.94
C GLY A 61 -1.76 -1.90 -1.47
N PHE A 62 -1.98 -1.46 -2.69
CA PHE A 62 -1.27 -0.28 -3.19
C PHE A 62 -2.22 0.75 -3.78
N THR A 63 -1.99 2.00 -3.44
CA THR A 63 -2.82 3.08 -3.93
C THR A 63 -2.31 3.58 -5.26
N GLY A 64 -3.23 3.72 -6.18
CA GLY A 64 -2.88 4.19 -7.49
C GLY A 64 -2.59 3.03 -8.42
N PRO A 65 -2.91 3.15 -9.70
CA PRO A 65 -2.78 2.04 -10.63
C PRO A 65 -1.32 1.77 -11.02
N GLN A 66 -0.41 2.21 -10.16
CA GLN A 66 1.00 1.96 -10.34
C GLN A 66 1.53 1.20 -9.14
N CYS A 67 0.65 0.84 -8.20
CA CYS A 67 0.97 0.03 -7.01
C CYS A 67 2.38 0.22 -6.44
N GLU A 68 2.73 1.45 -6.07
CA GLU A 68 4.01 1.70 -5.42
C GLU A 68 3.79 2.21 -3.99
N ARG A 69 2.57 2.00 -3.51
CA ARG A 69 2.20 2.45 -2.18
C ARG A 69 1.86 1.24 -1.33
N ASP A 70 2.87 0.71 -0.66
CA ASP A 70 2.75 -0.59 0.00
C ASP A 70 2.00 -0.46 1.31
N TYR A 71 0.69 -0.40 1.20
CA TYR A 71 -0.16 -0.42 2.36
C TYR A 71 -0.95 -1.73 2.33
N ARG A 72 -0.35 -2.83 2.76
CA ARG A 72 -1.06 -4.09 2.68
C ARG A 72 -2.03 -4.15 3.84
N THR A 73 -3.19 -4.74 3.66
CA THR A 73 -4.17 -4.76 4.73
C THR A 73 -3.81 -5.83 5.76
N GLY A 74 -3.96 -5.48 7.02
CA GLY A 74 -3.66 -6.40 8.10
C GLY A 74 -4.49 -6.09 9.31
N PRO A 75 -4.83 -7.10 10.13
CA PRO A 75 -5.52 -6.86 11.39
C PRO A 75 -4.60 -6.19 12.40
N CYS A 76 -5.04 -5.09 12.97
CA CYS A 76 -4.24 -4.37 13.94
C CYS A 76 -4.40 -4.98 15.32
N PHE A 77 -3.30 -5.41 15.89
CA PHE A 77 -3.30 -6.06 17.19
C PHE A 77 -2.74 -5.13 18.25
N THR A 78 -3.24 -5.27 19.47
CA THR A 78 -2.89 -4.37 20.54
C THR A 78 -1.86 -4.95 21.50
N VAL A 79 -2.17 -6.09 22.14
CA VAL A 79 -1.29 -6.61 23.18
C VAL A 79 -0.82 -8.01 22.84
N ILE A 80 0.47 -8.18 22.68
CA ILE A 80 0.98 -9.43 22.14
C ILE A 80 2.00 -10.09 23.04
N SER A 81 1.68 -11.30 23.45
CA SER A 81 2.66 -12.22 23.97
C SER A 81 2.68 -13.43 23.04
N ASN A 82 3.30 -14.53 23.46
CA ASN A 82 3.27 -15.77 22.66
C ASN A 82 1.86 -16.35 22.63
N GLN A 83 0.97 -15.73 23.39
CA GLN A 83 -0.38 -16.24 23.59
C GLN A 83 -1.36 -15.64 22.58
N MET A 84 -1.76 -14.40 22.78
CA MET A 84 -2.73 -13.75 21.91
C MET A 84 -2.37 -12.29 21.69
N CYS A 85 -2.61 -11.83 20.47
CA CYS A 85 -2.37 -10.43 20.12
C CYS A 85 -3.65 -9.61 20.37
N GLN A 86 -4.77 -10.17 19.92
CA GLN A 86 -6.11 -9.72 20.31
C GLN A 86 -7.07 -10.89 20.24
N GLY A 87 -6.53 -12.06 19.93
CA GLY A 87 -7.36 -13.22 19.73
C GLY A 87 -7.73 -13.43 18.28
N GLN A 88 -7.32 -12.47 17.43
CA GLN A 88 -7.48 -12.56 15.97
C GLN A 88 -8.93 -12.33 15.52
N LEU A 89 -9.79 -11.96 16.46
CA LEU A 89 -11.19 -11.67 16.14
C LEU A 89 -11.36 -10.22 15.68
N SER A 90 -10.27 -9.61 15.27
CA SER A 90 -10.26 -8.21 14.90
C SER A 90 -10.25 -8.05 13.38
N GLY A 91 -10.98 -7.06 12.89
CA GLY A 91 -11.02 -6.79 11.47
C GLY A 91 -10.67 -5.35 11.15
N ILE A 92 -10.01 -4.70 12.10
CA ILE A 92 -9.50 -3.36 11.89
C ILE A 92 -8.39 -3.41 10.86
N VAL A 93 -8.76 -3.09 9.64
CA VAL A 93 -7.80 -2.97 8.58
C VAL A 93 -7.23 -1.58 8.54
N SER A 94 -5.93 -1.56 8.64
CA SER A 94 -5.12 -0.36 8.68
C SER A 94 -3.78 -0.80 8.16
N THR A 95 -2.79 0.07 8.10
CA THR A 95 -1.51 -0.38 7.64
C THR A 95 -0.60 -0.53 8.82
N LYS A 96 0.46 -1.28 8.64
CA LYS A 96 1.40 -1.46 9.71
C LYS A 96 1.97 -0.12 10.14
N THR A 97 2.33 0.69 9.14
CA THR A 97 2.76 2.06 9.34
C THR A 97 1.84 2.77 10.34
N LEU A 98 0.54 2.77 10.03
CA LEU A 98 -0.46 3.37 10.91
C LEU A 98 -0.38 2.81 12.31
N CYS A 99 -0.43 1.50 12.44
CA CYS A 99 -0.49 0.87 13.75
C CYS A 99 0.80 1.03 14.55
N CYS A 100 1.94 1.25 13.87
CA CYS A 100 3.19 1.36 14.58
C CYS A 100 3.54 2.83 14.84
N ALA A 101 3.11 3.74 13.98
CA ALA A 101 3.29 5.17 14.25
C ALA A 101 2.29 5.58 15.32
N THR A 102 1.03 5.39 15.01
CA THR A 102 -0.04 5.69 15.91
C THR A 102 -0.45 4.40 16.61
N VAL A 103 -1.12 4.52 17.75
CA VAL A 103 -1.59 3.38 18.52
C VAL A 103 -0.41 2.57 19.11
N GLY A 104 0.67 2.34 18.35
CA GLY A 104 1.89 1.81 18.94
C GLY A 104 1.72 0.44 19.53
N ARG A 105 1.08 -0.45 18.80
CA ARG A 105 0.83 -1.79 19.30
C ARG A 105 1.48 -2.84 18.40
N ALA A 106 0.73 -3.34 17.43
CA ALA A 106 1.24 -4.33 16.50
C ALA A 106 0.23 -4.45 15.36
N TRP A 107 0.61 -5.09 14.29
CA TRP A 107 -0.23 -5.16 13.12
C TRP A 107 0.11 -6.40 12.29
N GLY A 108 -0.89 -6.95 11.61
CA GLY A 108 -0.66 -8.02 10.67
C GLY A 108 -0.63 -9.40 11.30
N HIS A 109 -0.81 -10.42 10.47
CA HIS A 109 -0.74 -11.80 10.90
C HIS A 109 0.07 -12.61 9.90
N PRO A 110 1.04 -13.44 10.36
CA PRO A 110 1.41 -13.56 11.78
C PRO A 110 1.75 -12.20 12.40
N CYS A 111 1.36 -12.05 13.66
CA CYS A 111 1.45 -10.77 14.36
C CYS A 111 2.85 -10.13 14.26
N GLU A 112 2.87 -8.88 13.84
CA GLU A 112 4.10 -8.10 13.79
C GLU A 112 3.98 -6.93 14.76
N MET A 113 4.88 -6.83 15.72
CA MET A 113 4.72 -5.84 16.79
C MET A 113 5.70 -4.69 16.62
N CYS A 114 5.34 -3.51 17.15
CA CYS A 114 6.14 -2.33 16.92
C CYS A 114 6.35 -1.52 18.19
N PRO A 115 7.59 -1.06 18.41
CA PRO A 115 7.93 -0.08 19.44
C PRO A 115 7.18 1.24 19.31
N ALA A 116 7.28 2.03 20.37
CA ALA A 116 6.97 3.44 20.33
C ALA A 116 7.44 4.07 19.05
N GLN A 117 6.43 4.43 18.31
CA GLN A 117 6.46 5.12 17.01
C GLN A 117 7.87 5.30 16.43
N PRO A 118 8.31 4.33 15.59
CA PRO A 118 9.66 4.37 14.98
C PRO A 118 9.92 5.63 14.16
N HIS A 119 8.98 5.96 13.27
CA HIS A 119 9.04 7.16 12.45
C HIS A 119 9.32 8.38 13.32
N PRO A 120 10.24 9.24 12.89
CA PRO A 120 10.69 10.35 13.71
C PRO A 120 9.75 11.55 13.67
N CYS A 121 8.48 11.28 13.78
CA CYS A 121 7.46 12.32 13.81
C CYS A 121 6.59 12.13 15.03
N ARG A 122 5.55 12.94 15.19
CA ARG A 122 4.59 12.69 16.24
C ARG A 122 3.94 11.34 16.01
N ARG A 123 3.73 10.57 17.06
CA ARG A 123 3.06 9.27 16.94
C ARG A 123 1.91 9.30 15.92
N GLY A 124 1.11 10.36 15.95
CA GLY A 124 -0.05 10.46 15.07
C GLY A 124 0.29 10.83 13.63
N PHE A 125 1.58 10.85 13.28
CA PHE A 125 2.01 11.33 11.98
C PHE A 125 2.78 10.31 11.19
N ILE A 126 2.60 10.41 9.90
CA ILE A 126 3.34 9.61 8.96
C ILE A 126 4.07 10.53 7.99
N PRO A 127 5.38 10.32 7.79
CA PRO A 127 6.15 11.10 6.83
C PRO A 127 5.57 10.99 5.43
N ASN A 128 5.05 12.12 4.94
CA ASN A 128 4.47 12.19 3.62
C ASN A 128 5.44 11.66 2.59
N ILE A 129 4.90 10.93 1.66
CA ILE A 129 5.69 10.23 0.66
C ILE A 129 6.08 11.16 -0.49
N ARG A 130 5.55 12.37 -0.45
CA ARG A 130 5.81 13.34 -1.50
C ARG A 130 6.71 14.45 -0.99
N THR A 131 6.27 15.06 0.10
CA THR A 131 6.99 16.18 0.67
C THR A 131 7.99 15.71 1.70
N GLY A 132 7.61 14.70 2.46
CA GLY A 132 8.43 14.21 3.54
C GLY A 132 8.00 14.82 4.85
N ALA A 133 6.90 15.56 4.79
CA ALA A 133 6.37 16.23 5.93
C ALA A 133 5.41 15.32 6.68
N CYS A 134 5.73 15.16 7.92
CA CYS A 134 4.91 14.39 8.84
C CYS A 134 3.48 14.92 8.85
N GLN A 135 2.54 14.05 8.53
CA GLN A 135 1.13 14.44 8.50
C GLN A 135 0.35 13.58 9.49
N ASP A 136 -0.55 14.19 10.25
CA ASP A 136 -1.31 13.44 11.24
C ASP A 136 -2.37 12.64 10.55
N VAL A 137 -2.68 11.50 11.11
CA VAL A 137 -3.67 10.65 10.54
C VAL A 137 -4.96 10.84 11.28
N ASP A 138 -6.04 10.74 10.56
CA ASP A 138 -7.34 10.63 11.19
C ASP A 138 -7.40 9.24 11.77
N GLU A 139 -6.71 9.01 12.89
CA GLU A 139 -6.52 7.69 13.46
C GLU A 139 -7.86 7.00 13.63
N CYS A 140 -8.85 7.80 13.96
CA CYS A 140 -10.25 7.37 14.06
C CYS A 140 -10.68 6.56 12.83
N GLN A 141 -10.25 6.99 11.65
CA GLN A 141 -10.65 6.39 10.40
C GLN A 141 -9.53 5.52 9.85
N ALA A 142 -8.32 6.04 9.98
CA ALA A 142 -7.13 5.39 9.46
C ALA A 142 -6.85 4.11 10.21
N ILE A 143 -7.37 4.02 11.43
CA ILE A 143 -7.34 2.81 12.21
C ILE A 143 -8.78 2.56 12.65
N PRO A 144 -9.60 2.02 11.73
CA PRO A 144 -11.07 2.01 11.83
C PRO A 144 -11.60 1.50 13.14
N GLY A 145 -12.18 2.43 13.86
CA GLY A 145 -12.86 2.13 15.10
C GLY A 145 -11.96 1.51 16.15
N LEU A 146 -10.69 1.90 16.20
CA LEU A 146 -9.81 1.36 17.22
C LEU A 146 -10.28 1.77 18.62
N CYS A 147 -11.05 2.86 18.68
CA CYS A 147 -11.61 3.35 19.94
C CYS A 147 -12.81 2.51 20.37
N GLN A 148 -13.08 1.46 19.60
CA GLN A 148 -14.08 0.44 19.93
C GLN A 148 -15.52 0.98 19.90
N GLY A 149 -15.97 1.53 21.01
CA GLY A 149 -17.36 1.95 21.10
C GLY A 149 -17.50 3.39 21.52
N GLY A 150 -16.39 4.11 21.52
CA GLY A 150 -16.43 5.52 21.82
C GLY A 150 -16.41 6.35 20.54
N ASN A 151 -16.32 7.65 20.70
CA ASN A 151 -16.22 8.54 19.55
C ASN A 151 -14.81 9.06 19.48
N CYS A 152 -14.09 8.76 18.42
CA CYS A 152 -12.74 9.25 18.27
C CYS A 152 -12.75 10.58 17.51
N ILE A 153 -12.00 11.53 18.02
CA ILE A 153 -11.91 12.85 17.41
C ILE A 153 -10.45 13.21 17.18
N ASN A 154 -10.07 13.28 15.91
CA ASN A 154 -8.66 13.47 15.56
C ASN A 154 -8.19 14.88 15.80
N THR A 155 -7.16 14.99 16.59
CA THR A 155 -6.30 16.15 16.52
C THR A 155 -4.96 15.72 15.95
N VAL A 156 -4.22 16.65 15.44
CA VAL A 156 -2.96 16.28 14.89
C VAL A 156 -2.00 16.03 16.03
N GLY A 157 -1.36 14.89 16.01
CA GLY A 157 -0.56 14.50 17.12
C GLY A 157 -1.14 13.31 17.83
N SER A 158 -2.47 13.15 17.74
CA SER A 158 -3.16 12.13 18.52
C SER A 158 -4.68 12.27 18.36
N PHE A 159 -5.42 11.23 18.65
CA PHE A 159 -6.86 11.33 18.59
C PHE A 159 -7.41 11.44 20.00
N GLU A 160 -8.58 12.02 20.12
CA GLU A 160 -9.22 12.20 21.41
C GLU A 160 -10.52 11.41 21.46
N CYS A 161 -10.66 10.55 22.45
CA CYS A 161 -11.84 9.72 22.52
C CYS A 161 -12.80 10.17 23.57
N LYS A 162 -14.05 9.85 23.36
CA LYS A 162 -15.06 9.98 24.37
C LYS A 162 -15.83 8.68 24.49
N CYS A 163 -15.61 7.98 25.59
CA CYS A 163 -16.28 6.72 25.84
C CYS A 163 -17.64 6.95 26.51
N PRO A 164 -18.56 5.99 26.35
CA PRO A 164 -19.85 6.02 27.05
C PRO A 164 -19.70 6.27 28.56
N ALA A 165 -20.77 6.70 29.19
CA ALA A 165 -20.75 6.98 30.61
C ALA A 165 -20.35 5.75 31.40
N GLY A 166 -19.48 5.94 32.39
CA GLY A 166 -18.97 4.83 33.16
C GLY A 166 -17.79 4.18 32.49
N HIS A 167 -17.72 4.31 31.17
CA HIS A 167 -16.64 3.74 30.39
C HIS A 167 -15.38 4.60 30.45
N LYS A 168 -14.33 4.09 29.82
CA LYS A 168 -13.05 4.77 29.77
C LYS A 168 -12.15 4.09 28.74
N LEU A 169 -11.34 4.89 28.04
CA LEU A 169 -10.45 4.34 27.03
C LEU A 169 -9.09 4.00 27.63
N ASN A 170 -8.55 2.85 27.23
CA ASN A 170 -7.22 2.43 27.62
C ASN A 170 -6.42 2.11 26.37
N GLU A 171 -5.60 3.08 25.95
CA GLU A 171 -4.88 3.01 24.68
C GLU A 171 -3.93 1.81 24.62
N VAL A 172 -3.59 1.29 25.78
CA VAL A 172 -2.74 0.10 25.89
C VAL A 172 -3.36 -1.08 25.13
N SER A 173 -4.69 -1.15 25.15
CA SER A 173 -5.42 -2.20 24.44
C SER A 173 -6.66 -1.62 23.78
N GLN A 174 -6.56 -0.33 23.39
CA GLN A 174 -7.69 0.46 22.87
C GLN A 174 -9.03 0.03 23.45
N LYS A 175 -9.06 -0.15 24.77
CA LYS A 175 -10.24 -0.65 25.44
C LYS A 175 -11.12 0.49 25.90
N CYS A 176 -12.26 0.65 25.26
CA CYS A 176 -13.21 1.68 25.64
C CYS A 176 -14.31 1.06 26.48
N GLU A 177 -13.95 0.63 27.67
CA GLU A 177 -14.84 -0.12 28.54
C GLU A 177 -14.51 0.18 29.99
N SER A 1 14.81 -2.86 -55.76
CA SER A 1 14.22 -3.10 -54.43
C SER A 1 14.05 -1.79 -53.67
N ALA A 2 12.96 -1.08 -53.95
CA ALA A 2 12.67 0.18 -53.31
C ALA A 2 12.35 -0.05 -51.83
N SER A 3 11.74 -1.19 -51.56
CA SER A 3 11.43 -1.58 -50.20
C SER A 3 12.50 -2.53 -49.67
N ARG A 4 12.45 -2.83 -48.39
CA ARG A 4 13.46 -3.67 -47.76
C ARG A 4 12.81 -4.87 -47.09
N SER A 5 11.95 -5.56 -47.84
CA SER A 5 11.25 -6.75 -47.35
C SER A 5 10.28 -6.40 -46.22
N ILE A 6 9.64 -7.43 -45.67
CA ILE A 6 8.76 -7.25 -44.54
C ILE A 6 9.32 -8.01 -43.33
N GLN A 7 9.79 -7.25 -42.34
CA GLN A 7 10.39 -7.82 -41.13
C GLN A 7 11.67 -8.59 -41.47
N HIS A 8 12.28 -8.25 -42.60
CA HIS A 8 13.48 -8.94 -43.07
C HIS A 8 14.39 -7.96 -43.80
N CYS A 9 14.74 -6.88 -43.12
CA CYS A 9 15.61 -5.88 -43.73
C CYS A 9 17.05 -6.01 -43.22
N ASN A 10 17.41 -5.11 -42.32
CA ASN A 10 18.71 -5.11 -41.72
C ASN A 10 18.63 -5.95 -40.48
N ILE A 11 17.61 -5.64 -39.71
CA ILE A 11 17.08 -6.52 -38.73
C ILE A 11 15.69 -6.03 -38.32
N ARG A 12 14.80 -6.96 -38.03
CA ARG A 12 13.47 -6.62 -37.57
C ARG A 12 13.52 -5.85 -36.24
N CYS A 13 12.96 -4.64 -36.25
CA CYS A 13 13.04 -3.78 -35.08
C CYS A 13 11.66 -3.47 -34.48
N MET A 14 11.67 -3.20 -33.19
CA MET A 14 10.49 -2.77 -32.45
C MET A 14 10.94 -1.90 -31.30
N ASN A 15 10.01 -1.31 -30.57
CA ASN A 15 10.33 -0.63 -29.30
C ASN A 15 11.29 0.53 -29.52
N GLY A 16 10.91 1.46 -30.41
CA GLY A 16 11.75 2.60 -30.67
C GLY A 16 13.06 2.20 -31.31
N GLY A 17 13.03 1.15 -32.10
CA GLY A 17 14.22 0.68 -32.75
C GLY A 17 14.10 0.82 -34.26
N SER A 18 15.11 1.39 -34.89
CA SER A 18 15.07 1.60 -36.32
C SER A 18 15.95 0.60 -37.06
N CYS A 19 15.36 -0.03 -38.07
CA CYS A 19 16.08 -1.00 -38.89
C CYS A 19 17.27 -0.33 -39.59
N SER A 20 18.47 -0.60 -39.08
CA SER A 20 19.69 -0.02 -39.63
C SER A 20 20.67 -1.14 -39.94
N ASP A 21 21.28 -1.09 -41.09
CA ASP A 21 22.18 -2.16 -41.58
C ASP A 21 22.95 -2.91 -40.50
N ASP A 22 22.43 -4.08 -40.16
CA ASP A 22 23.15 -5.08 -39.38
C ASP A 22 23.11 -4.78 -37.89
N HIS A 23 22.58 -3.62 -37.50
CA HIS A 23 22.42 -3.33 -36.08
C HIS A 23 21.30 -2.32 -35.86
N CYS A 24 20.40 -2.64 -34.98
CA CYS A 24 19.22 -1.85 -34.78
C CYS A 24 19.48 -0.72 -33.79
N LEU A 25 18.99 0.46 -34.12
CA LEU A 25 19.12 1.60 -33.23
C LEU A 25 18.04 1.53 -32.16
N CYS A 26 18.37 0.89 -31.05
CA CYS A 26 17.45 0.72 -29.96
C CYS A 26 17.34 2.02 -29.17
N GLN A 27 16.12 2.37 -28.77
CA GLN A 27 15.88 3.48 -27.87
C GLN A 27 16.74 3.37 -26.61
N LYS A 28 17.05 4.51 -26.01
CA LYS A 28 17.87 4.55 -24.82
C LYS A 28 17.20 3.84 -23.67
N GLY A 29 17.86 2.80 -23.26
CA GLY A 29 17.38 1.96 -22.18
C GLY A 29 16.71 0.70 -22.68
N TYR A 30 16.92 0.41 -23.95
CA TYR A 30 16.34 -0.77 -24.54
C TYR A 30 17.42 -1.70 -25.07
N ILE A 31 17.21 -2.98 -24.85
CA ILE A 31 18.16 -4.02 -25.24
C ILE A 31 17.41 -5.19 -25.87
N GLY A 32 18.10 -6.31 -26.02
CA GLY A 32 17.52 -7.46 -26.68
C GLY A 32 17.61 -7.37 -28.20
N THR A 33 17.09 -8.38 -28.87
CA THR A 33 17.18 -8.51 -30.31
C THR A 33 16.24 -7.56 -31.03
N HIS A 34 15.07 -7.35 -30.48
CA HIS A 34 14.08 -6.47 -31.08
C HIS A 34 14.13 -5.10 -30.42
N CYS A 35 15.13 -4.91 -29.55
CA CYS A 35 15.22 -3.72 -28.72
C CYS A 35 14.01 -3.66 -27.77
N GLY A 36 13.41 -4.82 -27.52
CA GLY A 36 12.15 -4.87 -26.80
C GLY A 36 12.31 -5.09 -25.31
N GLN A 37 13.54 -5.18 -24.83
CA GLN A 37 13.79 -5.39 -23.41
C GLN A 37 14.26 -4.08 -22.78
N PRO A 38 13.38 -3.42 -22.01
CA PRO A 38 13.70 -2.15 -21.35
C PRO A 38 14.53 -2.33 -20.07
N VAL A 39 15.34 -1.34 -19.75
CA VAL A 39 16.26 -1.43 -18.64
C VAL A 39 15.61 -0.99 -17.32
N CYS A 40 15.28 -1.97 -16.51
CA CYS A 40 14.85 -1.72 -15.14
C CYS A 40 16.07 -1.48 -14.26
N GLU A 41 16.45 -0.21 -14.14
CA GLU A 41 17.65 0.21 -13.45
C GLU A 41 17.77 -0.31 -12.04
N SER A 42 16.85 0.09 -11.20
CA SER A 42 16.98 -0.14 -9.78
C SER A 42 16.49 -1.54 -9.44
N GLY A 43 16.20 -2.30 -10.49
CA GLY A 43 15.50 -3.54 -10.34
C GLY A 43 14.07 -3.28 -9.96
N CYS A 44 13.20 -3.93 -10.67
CA CYS A 44 11.77 -3.85 -10.39
C CYS A 44 11.45 -4.49 -9.05
N LEU A 45 10.36 -4.04 -8.46
CA LEU A 45 10.06 -4.38 -7.08
C LEU A 45 8.70 -5.05 -6.98
N ASN A 46 8.46 -5.72 -5.85
CA ASN A 46 7.32 -6.64 -5.69
C ASN A 46 7.22 -7.61 -6.87
N GLY A 47 8.37 -8.08 -7.38
CA GLY A 47 8.34 -8.91 -8.56
C GLY A 47 7.64 -8.22 -9.71
N GLY A 48 7.87 -6.93 -9.82
CA GLY A 48 7.20 -6.11 -10.82
C GLY A 48 7.67 -6.44 -12.22
N ARG A 49 7.56 -5.48 -13.11
CA ARG A 49 7.81 -5.74 -14.51
C ARG A 49 8.45 -4.54 -15.19
N CYS A 50 9.62 -4.69 -15.79
CA CYS A 50 10.19 -3.62 -16.56
C CYS A 50 9.40 -3.40 -17.84
N VAL A 51 8.70 -2.28 -17.95
CA VAL A 51 7.94 -1.98 -19.15
C VAL A 51 8.71 -0.99 -20.03
N ALA A 52 9.28 0.02 -19.40
CA ALA A 52 10.17 0.95 -20.08
C ALA A 52 11.41 1.18 -19.22
N PRO A 53 12.46 1.90 -19.70
CA PRO A 53 13.65 2.19 -18.91
C PRO A 53 13.31 2.84 -17.57
N ASN A 54 13.56 2.11 -16.49
CA ASN A 54 13.30 2.57 -15.13
C ASN A 54 11.79 2.51 -14.84
N ARG A 55 11.03 2.28 -15.89
CA ARG A 55 9.59 2.18 -15.80
C ARG A 55 9.18 0.76 -15.46
N CYS A 56 9.24 0.45 -14.18
CA CYS A 56 8.73 -0.83 -13.71
C CYS A 56 7.25 -0.71 -13.39
N ALA A 57 6.53 -1.72 -13.80
CA ALA A 57 5.13 -1.85 -13.49
C ALA A 57 4.99 -2.53 -12.13
N CYS A 58 4.12 -1.98 -11.30
CA CYS A 58 4.03 -2.37 -9.89
C CYS A 58 2.85 -3.29 -9.65
N THR A 59 3.18 -4.44 -9.08
CA THR A 59 2.26 -5.56 -8.89
C THR A 59 0.99 -5.24 -8.08
N TYR A 60 1.11 -4.68 -6.88
CA TYR A 60 -0.08 -4.58 -6.03
C TYR A 60 -0.06 -3.42 -5.05
N GLY A 61 0.49 -3.64 -3.89
CA GLY A 61 0.31 -2.71 -2.80
C GLY A 61 1.39 -1.67 -2.69
N PHE A 62 1.89 -1.16 -3.80
CA PHE A 62 2.84 -0.06 -3.73
C PHE A 62 2.37 1.15 -4.51
N THR A 63 2.31 2.27 -3.84
CA THR A 63 2.17 3.54 -4.50
C THR A 63 3.57 3.99 -4.83
N GLY A 64 3.71 4.96 -5.72
CA GLY A 64 5.02 5.34 -6.13
C GLY A 64 5.48 4.47 -7.26
N PRO A 65 5.92 5.05 -8.36
CA PRO A 65 6.10 4.30 -9.59
C PRO A 65 7.34 3.40 -9.57
N GLN A 66 7.90 3.15 -8.38
CA GLN A 66 9.06 2.29 -8.27
C GLN A 66 8.75 1.11 -7.34
N CYS A 67 7.50 1.09 -6.88
CA CYS A 67 6.97 0.07 -5.96
C CYS A 67 7.93 -0.30 -4.84
N GLU A 68 8.48 0.71 -4.18
CA GLU A 68 9.36 0.48 -3.03
C GLU A 68 8.65 0.87 -1.73
N ARG A 69 7.61 1.65 -1.90
CA ARG A 69 6.87 2.17 -0.75
C ARG A 69 6.40 1.03 0.12
N ASP A 70 5.39 0.31 -0.37
CA ASP A 70 4.99 -0.97 0.23
C ASP A 70 4.04 -0.73 1.38
N TYR A 71 2.81 -0.39 1.05
CA TYR A 71 1.80 -0.37 2.07
C TYR A 71 1.10 -1.73 2.01
N ARG A 72 1.91 -2.75 2.26
CA ARG A 72 1.40 -4.12 2.35
C ARG A 72 0.22 -4.16 3.30
N THR A 73 -0.90 -4.69 2.85
CA THR A 73 -2.12 -4.65 3.63
C THR A 73 -2.09 -5.77 4.69
N GLY A 74 -2.52 -5.43 5.90
CA GLY A 74 -2.46 -6.38 7.00
C GLY A 74 -3.36 -5.97 8.14
N PRO A 75 -3.74 -6.90 9.03
CA PRO A 75 -4.52 -6.57 10.22
C PRO A 75 -3.63 -6.06 11.35
N CYS A 76 -4.11 -5.07 12.10
CA CYS A 76 -3.33 -4.50 13.18
C CYS A 76 -3.62 -5.22 14.49
N PHE A 77 -2.55 -5.72 15.08
CA PHE A 77 -2.63 -6.38 16.37
C PHE A 77 -2.51 -5.34 17.49
N THR A 78 -3.22 -5.55 18.58
CA THR A 78 -3.45 -4.49 19.54
C THR A 78 -2.67 -4.68 20.85
N VAL A 79 -2.19 -5.89 21.13
CA VAL A 79 -1.37 -6.11 22.33
C VAL A 79 -0.78 -7.52 22.31
N ILE A 80 0.54 -7.60 22.28
CA ILE A 80 1.18 -8.90 22.07
C ILE A 80 1.99 -9.40 23.26
N SER A 81 1.58 -10.55 23.73
CA SER A 81 2.46 -11.47 24.42
C SER A 81 2.64 -12.65 23.46
N ASN A 82 3.51 -13.60 23.77
CA ASN A 82 3.65 -14.78 22.89
C ASN A 82 2.38 -15.62 22.93
N GLN A 83 1.48 -15.22 23.83
CA GLN A 83 0.18 -15.84 23.98
C GLN A 83 -0.76 -15.41 22.87
N MET A 84 -1.24 -14.17 22.97
CA MET A 84 -2.15 -13.62 21.97
C MET A 84 -1.71 -12.24 21.52
N CYS A 85 -1.70 -12.02 20.21
CA CYS A 85 -1.40 -10.71 19.65
C CYS A 85 -2.67 -9.86 19.66
N GLN A 86 -3.82 -10.53 19.52
CA GLN A 86 -5.15 -9.91 19.61
C GLN A 86 -5.43 -8.95 18.46
N GLY A 87 -6.46 -9.29 17.68
CA GLY A 87 -6.75 -8.56 16.47
C GLY A 87 -6.66 -9.46 15.25
N GLN A 88 -6.77 -10.75 15.49
CA GLN A 88 -6.69 -11.76 14.43
C GLN A 88 -7.99 -11.79 13.61
N LEU A 89 -8.88 -10.87 13.93
CA LEU A 89 -10.16 -10.77 13.24
C LEU A 89 -10.33 -9.39 12.64
N SER A 90 -9.24 -8.64 12.56
CA SER A 90 -9.26 -7.26 12.13
C SER A 90 -9.16 -7.15 10.61
N GLY A 91 -10.10 -6.41 10.02
CA GLY A 91 -10.08 -6.18 8.59
C GLY A 91 -9.62 -4.77 8.26
N ILE A 92 -9.04 -4.11 9.24
CA ILE A 92 -8.40 -2.83 9.01
C ILE A 92 -7.27 -3.01 8.02
N VAL A 93 -7.49 -2.61 6.80
CA VAL A 93 -6.40 -2.60 5.87
C VAL A 93 -5.71 -1.25 5.98
N SER A 94 -4.68 -1.31 6.77
CA SER A 94 -3.80 -0.20 7.05
C SER A 94 -2.41 -0.74 7.04
N THR A 95 -1.41 0.08 7.22
CA THR A 95 -0.07 -0.41 7.09
C THR A 95 0.54 -0.64 8.44
N LYS A 96 1.58 -1.42 8.44
CA LYS A 96 2.34 -1.64 9.62
C LYS A 96 2.89 -0.32 10.13
N THR A 97 3.37 0.48 9.18
CA THR A 97 3.87 1.83 9.44
C THR A 97 2.91 2.54 10.34
N LEU A 98 1.70 2.58 9.87
CA LEU A 98 0.63 3.28 10.50
C LEU A 98 0.36 2.78 11.91
N CYS A 99 0.23 1.48 12.05
CA CYS A 99 -0.14 0.91 13.34
C CYS A 99 1.05 0.88 14.31
N CYS A 100 2.25 1.00 13.78
CA CYS A 100 3.43 1.14 14.61
C CYS A 100 3.66 2.63 14.95
N ALA A 101 3.21 3.54 14.07
CA ALA A 101 3.30 4.97 14.37
C ALA A 101 2.26 5.33 15.42
N THR A 102 1.02 5.02 15.09
CA THR A 102 -0.10 5.27 15.95
C THR A 102 -0.57 3.97 16.56
N VAL A 103 -1.12 4.06 17.76
CA VAL A 103 -1.52 2.89 18.52
C VAL A 103 -0.30 2.08 19.00
N GLY A 104 0.72 1.86 18.16
CA GLY A 104 1.97 1.26 18.63
C GLY A 104 1.81 -0.10 19.27
N ARG A 105 1.36 -1.09 18.51
CA ARG A 105 1.20 -2.43 19.06
C ARG A 105 1.86 -3.46 18.18
N ALA A 106 1.18 -3.86 17.10
CA ALA A 106 1.75 -4.79 16.13
C ALA A 106 0.87 -4.83 14.92
N TRP A 107 1.32 -5.46 13.84
CA TRP A 107 0.54 -5.52 12.62
C TRP A 107 1.00 -6.72 11.79
N GLY A 108 0.08 -7.34 11.04
CA GLY A 108 0.43 -8.34 10.06
C GLY A 108 0.49 -9.77 10.59
N HIS A 109 0.60 -10.73 9.65
CA HIS A 109 0.77 -12.14 10.00
C HIS A 109 1.97 -12.73 9.27
N PRO A 110 2.86 -13.44 9.98
CA PRO A 110 2.79 -13.61 11.45
C PRO A 110 2.98 -12.28 12.15
N CYS A 111 2.53 -12.20 13.40
CA CYS A 111 2.57 -10.97 14.18
C CYS A 111 3.91 -10.26 14.05
N GLU A 112 3.88 -9.01 13.58
CA GLU A 112 5.07 -8.18 13.56
C GLU A 112 4.90 -7.12 14.63
N MET A 113 5.74 -7.19 15.64
CA MET A 113 5.58 -6.38 16.82
C MET A 113 6.18 -4.99 16.59
N CYS A 114 5.39 -3.97 16.89
CA CYS A 114 5.76 -2.60 16.56
C CYS A 114 6.80 -2.01 17.52
N PRO A 115 7.85 -1.46 16.95
CA PRO A 115 8.78 -0.57 17.64
C PRO A 115 8.09 0.71 18.08
N ALA A 116 8.80 1.55 18.84
CA ALA A 116 8.20 2.71 19.51
C ALA A 116 7.24 3.51 18.63
N GLN A 117 7.70 3.94 17.44
CA GLN A 117 6.91 4.76 16.56
C GLN A 117 7.47 4.81 15.13
N PRO A 118 8.17 3.74 14.67
CA PRO A 118 9.18 3.76 13.58
C PRO A 118 9.15 4.96 12.62
N HIS A 119 9.39 6.15 13.13
CA HIS A 119 9.35 7.36 12.33
C HIS A 119 10.52 8.25 12.65
N PRO A 120 10.93 9.10 11.71
CA PRO A 120 11.82 10.21 11.99
C PRO A 120 11.02 11.47 12.32
N CYS A 121 9.90 11.27 12.98
CA CYS A 121 8.98 12.34 13.30
C CYS A 121 8.02 11.89 14.40
N ARG A 122 6.96 12.65 14.64
CA ARG A 122 6.04 12.38 15.74
C ARG A 122 5.27 11.08 15.57
N ARG A 123 4.94 10.45 16.69
CA ARG A 123 4.12 9.24 16.74
C ARG A 123 3.03 9.21 15.67
N GLY A 124 2.10 10.15 15.76
CA GLY A 124 0.90 10.07 14.95
C GLY A 124 1.06 10.61 13.55
N PHE A 125 2.30 10.78 13.10
CA PHE A 125 2.56 11.41 11.83
C PHE A 125 3.30 10.50 10.89
N ILE A 126 2.87 10.54 9.65
CA ILE A 126 3.51 9.81 8.59
C ILE A 126 3.92 10.82 7.53
N PRO A 127 5.09 10.64 6.90
CA PRO A 127 5.61 11.59 5.93
C PRO A 127 4.81 11.60 4.64
N ASN A 128 4.32 12.78 4.28
CA ASN A 128 3.68 13.00 3.01
C ASN A 128 4.62 12.59 1.89
N ILE A 129 4.05 11.97 0.89
CA ILE A 129 4.81 11.38 -0.22
C ILE A 129 5.29 12.46 -1.19
N ARG A 130 4.67 13.63 -1.10
CA ARG A 130 4.95 14.71 -2.02
C ARG A 130 5.87 15.71 -1.36
N THR A 131 5.39 16.28 -0.26
CA THR A 131 6.12 17.32 0.44
C THR A 131 7.16 16.70 1.36
N GLY A 132 6.77 15.61 1.98
CA GLY A 132 7.62 14.96 2.94
C GLY A 132 7.30 15.42 4.34
N ALA A 133 6.24 16.22 4.45
CA ALA A 133 5.81 16.78 5.71
C ALA A 133 5.07 15.76 6.53
N CYS A 134 5.35 15.80 7.80
CA CYS A 134 4.67 14.99 8.77
C CYS A 134 3.20 15.34 8.82
N GLN A 135 2.34 14.37 8.58
CA GLN A 135 0.92 14.59 8.70
C GLN A 135 0.35 13.63 9.70
N ASP A 136 -0.47 14.11 10.61
CA ASP A 136 -1.07 13.24 11.61
C ASP A 136 -2.15 12.45 10.96
N VAL A 137 -2.41 11.28 11.48
CA VAL A 137 -3.39 10.44 10.87
C VAL A 137 -4.69 10.60 11.60
N ASP A 138 -5.77 10.52 10.87
CA ASP A 138 -7.07 10.43 11.46
C ASP A 138 -7.22 9.02 11.98
N GLU A 139 -6.56 8.73 13.11
CA GLU A 139 -6.40 7.40 13.62
C GLU A 139 -7.76 6.72 13.76
N CYS A 140 -8.78 7.52 14.08
CA CYS A 140 -10.17 7.04 14.15
C CYS A 140 -10.58 6.29 12.87
N GLN A 141 -10.19 6.83 11.72
CA GLN A 141 -10.54 6.25 10.44
C GLN A 141 -9.41 5.37 9.92
N ALA A 142 -8.21 5.80 10.23
CA ALA A 142 -6.99 5.16 9.78
C ALA A 142 -6.77 3.86 10.53
N ILE A 143 -7.42 3.73 11.69
CA ILE A 143 -7.40 2.49 12.44
C ILE A 143 -8.79 2.27 13.04
N PRO A 144 -9.73 1.73 12.23
CA PRO A 144 -11.12 1.49 12.66
C PRO A 144 -11.25 0.35 13.64
N GLY A 145 -10.23 0.22 14.42
CA GLY A 145 -10.16 -0.79 15.45
C GLY A 145 -9.91 -0.15 16.80
N LEU A 146 -9.86 1.18 16.81
CA LEU A 146 -9.73 1.95 18.05
C LEU A 146 -10.97 1.80 18.95
N CYS A 147 -11.28 2.88 19.69
CA CYS A 147 -12.35 2.89 20.69
C CYS A 147 -13.57 2.09 20.25
N GLN A 148 -14.00 1.19 21.13
CA GLN A 148 -15.07 0.26 20.83
C GLN A 148 -16.45 0.92 20.98
N GLY A 149 -16.74 1.85 20.09
CA GLY A 149 -18.00 2.56 20.17
C GLY A 149 -17.81 4.00 20.63
N GLY A 150 -18.88 4.79 20.56
CA GLY A 150 -18.80 6.17 20.99
C GLY A 150 -18.31 7.08 19.88
N ASN A 151 -17.72 8.21 20.26
CA ASN A 151 -17.19 9.16 19.30
C ASN A 151 -15.67 9.15 19.35
N CYS A 152 -15.01 9.21 18.20
CA CYS A 152 -13.58 9.34 18.15
C CYS A 152 -13.27 10.59 17.35
N ILE A 153 -12.31 11.36 17.81
CA ILE A 153 -12.00 12.64 17.22
C ILE A 153 -10.51 12.67 16.99
N ASN A 154 -9.99 13.58 16.21
CA ASN A 154 -8.57 13.50 15.95
C ASN A 154 -7.84 14.80 16.13
N THR A 155 -6.82 14.75 16.95
CA THR A 155 -5.88 15.82 16.98
C THR A 155 -4.55 15.36 16.39
N VAL A 156 -3.71 16.31 16.06
CA VAL A 156 -2.43 15.98 15.48
C VAL A 156 -1.55 15.42 16.57
N GLY A 157 -1.00 14.26 16.32
CA GLY A 157 -0.20 13.62 17.34
C GLY A 157 -0.98 12.57 18.09
N SER A 158 -2.33 12.52 17.93
CA SER A 158 -3.11 11.52 18.71
C SER A 158 -4.60 11.69 18.45
N PHE A 159 -5.39 10.71 18.77
CA PHE A 159 -6.83 10.82 18.59
C PHE A 159 -7.49 10.96 19.93
N GLU A 160 -8.71 11.43 19.92
CA GLU A 160 -9.50 11.58 21.12
C GLU A 160 -10.72 10.68 21.07
N CYS A 161 -11.26 10.33 22.22
CA CYS A 161 -12.52 9.61 22.26
C CYS A 161 -13.45 10.14 23.31
N LYS A 162 -14.72 9.84 23.12
CA LYS A 162 -15.74 10.22 24.06
C LYS A 162 -16.75 9.09 24.21
N CYS A 163 -17.02 8.74 25.45
CA CYS A 163 -17.95 7.67 25.76
C CYS A 163 -19.08 8.20 26.63
N PRO A 164 -20.12 7.38 26.90
CA PRO A 164 -21.10 7.69 27.92
C PRO A 164 -20.41 7.91 29.26
N ALA A 165 -21.05 8.67 30.14
CA ALA A 165 -20.47 8.98 31.44
C ALA A 165 -20.18 7.72 32.23
N GLY A 166 -19.26 7.82 33.17
CA GLY A 166 -18.84 6.67 33.91
C GLY A 166 -17.73 5.94 33.21
N HIS A 167 -17.82 5.88 31.88
CA HIS A 167 -16.86 5.15 31.07
C HIS A 167 -15.50 5.83 31.07
N LYS A 168 -14.47 5.03 30.86
CA LYS A 168 -13.09 5.51 30.92
C LYS A 168 -12.25 4.77 29.88
N LEU A 169 -11.36 5.49 29.22
CA LEU A 169 -10.58 4.91 28.13
C LEU A 169 -9.47 4.00 28.64
N ASN A 170 -9.26 2.89 27.94
CA ASN A 170 -8.15 2.00 28.21
C ASN A 170 -7.37 1.75 26.93
N GLU A 171 -6.23 2.41 26.82
CA GLU A 171 -5.42 2.36 25.62
C GLU A 171 -5.01 0.93 25.25
N VAL A 172 -4.89 0.07 26.25
CA VAL A 172 -4.42 -1.29 26.02
C VAL A 172 -5.27 -2.02 24.98
N SER A 173 -6.55 -1.71 24.95
CA SER A 173 -7.44 -2.33 23.99
C SER A 173 -8.41 -1.29 23.41
N GLN A 174 -7.94 -0.03 23.36
CA GLN A 174 -8.78 1.12 23.03
C GLN A 174 -10.19 0.93 23.61
N LYS A 175 -10.27 0.46 24.83
CA LYS A 175 -11.54 0.08 25.42
C LYS A 175 -12.10 1.24 26.22
N CYS A 176 -13.35 1.20 26.60
CA CYS A 176 -13.94 2.31 27.33
C CYS A 176 -15.15 1.87 28.14
N GLU A 177 -14.96 1.78 29.44
CA GLU A 177 -16.02 1.41 30.36
C GLU A 177 -15.61 1.82 31.77
N SER A 1 17.05 0.28 -65.71
CA SER A 1 16.28 -0.27 -64.58
C SER A 1 17.22 -0.89 -63.56
N ALA A 2 16.97 -0.63 -62.28
CA ALA A 2 17.80 -1.16 -61.21
C ALA A 2 17.36 -2.57 -60.84
N SER A 3 16.28 -3.02 -61.49
CA SER A 3 15.74 -4.37 -61.30
C SER A 3 15.25 -4.54 -59.85
N ARG A 4 14.80 -3.45 -59.26
CA ARG A 4 14.29 -3.48 -57.90
C ARG A 4 12.90 -2.85 -57.83
N SER A 5 11.91 -3.64 -57.45
CA SER A 5 10.55 -3.14 -57.31
C SER A 5 10.40 -2.40 -55.99
N ILE A 6 10.07 -1.12 -56.06
CA ILE A 6 9.98 -0.28 -54.89
C ILE A 6 8.69 -0.53 -54.13
N GLN A 7 8.82 -0.92 -52.87
CA GLN A 7 7.66 -1.19 -52.03
C GLN A 7 7.13 0.11 -51.44
N HIS A 8 6.05 0.02 -50.68
CA HIS A 8 5.45 1.20 -50.07
C HIS A 8 6.44 1.87 -49.11
N CYS A 9 7.19 1.06 -48.35
CA CYS A 9 8.26 1.57 -47.51
C CYS A 9 9.05 0.41 -46.89
N ASN A 10 8.72 0.05 -45.66
CA ASN A 10 9.49 -0.97 -44.98
C ASN A 10 8.62 -2.07 -44.42
N ILE A 11 7.70 -1.70 -43.55
CA ILE A 11 6.94 -2.65 -42.78
C ILE A 11 5.79 -1.97 -42.06
N ARG A 12 5.20 -2.67 -41.09
CA ARG A 12 4.21 -2.07 -40.21
C ARG A 12 4.83 -1.70 -38.85
N CYS A 13 4.72 -0.44 -38.47
CA CYS A 13 5.28 0.02 -37.20
C CYS A 13 4.19 0.57 -36.27
N MET A 14 4.36 0.33 -34.98
CA MET A 14 3.51 0.92 -33.95
C MET A 14 4.39 1.42 -32.82
N ASN A 15 3.84 2.24 -31.93
CA ASN A 15 4.60 2.77 -30.79
C ASN A 15 5.74 3.66 -31.27
N GLY A 16 5.40 4.58 -32.16
CA GLY A 16 6.35 5.56 -32.65
C GLY A 16 7.45 4.94 -33.50
N GLY A 17 7.14 3.81 -34.09
CA GLY A 17 8.10 3.12 -34.93
C GLY A 17 8.33 3.85 -36.24
N SER A 18 9.58 4.16 -36.53
CA SER A 18 9.93 4.85 -37.76
C SER A 18 10.26 3.84 -38.85
N CYS A 19 10.00 4.21 -40.10
CA CYS A 19 10.26 3.34 -41.24
C CYS A 19 11.77 3.20 -41.45
N SER A 20 12.25 1.97 -41.33
CA SER A 20 13.67 1.71 -41.43
C SER A 20 13.93 0.40 -42.18
N ASP A 21 15.17 0.22 -42.64
CA ASP A 21 15.57 -0.81 -43.62
C ASP A 21 15.05 -2.21 -43.31
N ASP A 22 13.82 -2.42 -43.71
CA ASP A 22 13.15 -3.71 -43.54
C ASP A 22 13.09 -4.07 -42.07
N HIS A 23 12.92 -3.05 -41.23
CA HIS A 23 12.84 -3.21 -39.79
C HIS A 23 12.32 -1.92 -39.17
N CYS A 24 12.08 -1.91 -37.87
CA CYS A 24 11.41 -0.78 -37.26
C CYS A 24 12.27 -0.14 -36.18
N LEU A 25 12.24 1.18 -36.15
CA LEU A 25 12.95 1.96 -35.13
C LEU A 25 11.99 2.29 -33.99
N CYS A 26 12.13 1.58 -32.89
CA CYS A 26 11.23 1.69 -31.77
C CYS A 26 11.44 3.00 -31.01
N GLN A 27 10.35 3.52 -30.45
CA GLN A 27 10.43 4.70 -29.60
C GLN A 27 10.88 4.33 -28.20
N LYS A 28 10.94 5.34 -27.34
CA LYS A 28 11.47 5.17 -26.01
C LYS A 28 10.80 4.04 -25.28
N GLY A 29 11.60 3.05 -25.03
CA GLY A 29 11.22 1.97 -24.18
C GLY A 29 10.41 0.89 -24.85
N TYR A 30 10.45 0.76 -26.17
CA TYR A 30 9.69 -0.32 -26.80
C TYR A 30 10.60 -1.26 -27.57
N ILE A 31 10.25 -2.54 -27.56
CA ILE A 31 11.02 -3.56 -28.25
C ILE A 31 10.11 -4.41 -29.13
N GLY A 32 10.73 -5.33 -29.86
CA GLY A 32 10.02 -6.17 -30.78
C GLY A 32 10.10 -5.66 -32.21
N THR A 33 9.73 -6.50 -33.17
CA THR A 33 9.81 -6.16 -34.58
C THR A 33 8.85 -5.02 -34.94
N HIS A 34 7.66 -5.00 -34.32
CA HIS A 34 6.73 -3.89 -34.52
C HIS A 34 6.70 -3.00 -33.29
N CYS A 35 7.71 -3.16 -32.44
CA CYS A 35 7.93 -2.29 -31.28
C CYS A 35 6.71 -2.25 -30.36
N GLY A 36 6.03 -3.37 -30.21
CA GLY A 36 4.81 -3.40 -29.44
C GLY A 36 5.01 -3.80 -27.99
N GLN A 37 6.25 -4.13 -27.61
CA GLN A 37 6.48 -4.59 -26.24
C GLN A 37 7.22 -3.53 -25.43
N PRO A 38 6.56 -2.97 -24.40
CA PRO A 38 7.14 -1.92 -23.56
C PRO A 38 8.12 -2.48 -22.54
N VAL A 39 9.17 -1.72 -22.29
CA VAL A 39 10.24 -2.15 -21.42
C VAL A 39 9.86 -2.03 -19.94
N CYS A 40 9.69 -3.17 -19.31
CA CYS A 40 9.47 -3.24 -17.87
C CYS A 40 10.81 -3.12 -17.15
N GLU A 41 11.34 -1.90 -17.09
CA GLU A 41 12.70 -1.65 -16.63
C GLU A 41 12.99 -2.14 -15.23
N SER A 42 12.31 -1.61 -14.22
CA SER A 42 12.66 -1.86 -12.85
C SER A 42 12.00 -3.14 -12.37
N GLY A 43 11.41 -3.84 -13.32
CA GLY A 43 10.58 -4.98 -13.02
C GLY A 43 9.26 -4.57 -12.48
N CYS A 44 8.24 -5.14 -13.02
CA CYS A 44 6.90 -4.91 -12.53
C CYS A 44 6.76 -5.62 -11.19
N LEU A 45 5.80 -5.17 -10.40
CA LEU A 45 5.68 -5.63 -9.02
C LEU A 45 4.27 -6.09 -8.75
N ASN A 46 4.11 -6.81 -7.65
CA ASN A 46 2.86 -7.54 -7.36
C ASN A 46 2.44 -8.39 -8.57
N GLY A 47 3.41 -8.86 -9.33
CA GLY A 47 3.12 -9.61 -10.53
C GLY A 47 2.26 -8.81 -11.49
N GLY A 48 2.54 -7.51 -11.54
CA GLY A 48 1.74 -6.60 -12.34
C GLY A 48 1.99 -6.75 -13.82
N ARG A 49 1.91 -5.64 -14.54
CA ARG A 49 2.02 -5.68 -16.00
C ARG A 49 2.66 -4.43 -16.56
N CYS A 50 3.75 -4.56 -17.27
CA CYS A 50 4.32 -3.40 -17.94
C CYS A 50 3.46 -3.04 -19.13
N VAL A 51 2.76 -1.93 -18.99
CA VAL A 51 1.85 -1.48 -20.02
C VAL A 51 2.56 -0.50 -20.92
N ALA A 52 3.41 0.34 -20.33
CA ALA A 52 4.33 1.17 -21.08
C ALA A 52 5.73 1.08 -20.44
N PRO A 53 6.79 1.74 -21.00
CA PRO A 53 8.14 1.70 -20.41
C PRO A 53 8.17 2.01 -18.91
N ASN A 54 8.40 0.97 -18.10
CA ASN A 54 8.44 1.06 -16.64
C ASN A 54 7.08 1.46 -16.09
N ARG A 55 6.10 1.52 -16.97
CA ARG A 55 4.73 1.82 -16.63
C ARG A 55 4.01 0.53 -16.38
N CYS A 56 4.26 -0.06 -15.23
CA CYS A 56 3.57 -1.27 -14.86
C CYS A 56 2.23 -0.93 -14.21
N ALA A 57 1.27 -1.80 -14.43
CA ALA A 57 -0.03 -1.66 -13.85
C ALA A 57 -0.08 -2.56 -12.63
N CYS A 58 -0.78 -2.10 -11.61
CA CYS A 58 -0.69 -2.68 -10.27
C CYS A 58 -1.89 -3.57 -9.95
N THR A 59 -1.58 -4.82 -9.62
CA THR A 59 -2.58 -5.83 -9.33
C THR A 59 -3.48 -5.51 -8.15
N TYR A 60 -2.91 -5.25 -6.99
CA TYR A 60 -3.72 -5.17 -5.79
C TYR A 60 -3.43 -3.94 -4.96
N GLY A 61 -2.94 -4.15 -3.76
CA GLY A 61 -2.89 -3.09 -2.79
C GLY A 61 -1.64 -2.28 -2.89
N PHE A 62 -1.35 -1.73 -4.06
CA PHE A 62 -0.25 -0.81 -4.16
C PHE A 62 -0.71 0.53 -4.73
N THR A 63 -0.49 1.58 -3.99
CA THR A 63 -0.60 2.90 -4.53
C THR A 63 0.74 3.24 -5.14
N GLY A 64 0.81 4.25 -5.97
CA GLY A 64 2.05 4.56 -6.63
C GLY A 64 2.19 3.71 -7.85
N PRO A 65 2.40 4.32 -9.01
CA PRO A 65 2.25 3.63 -10.27
C PRO A 65 3.39 2.67 -10.60
N GLN A 66 4.15 2.27 -9.59
CA GLN A 66 5.21 1.28 -9.77
C GLN A 66 4.98 0.09 -8.83
N CYS A 67 3.83 0.16 -8.13
CA CYS A 67 3.38 -0.84 -7.17
C CYS A 67 4.48 -1.43 -6.30
N GLU A 68 5.27 -0.56 -5.67
CA GLU A 68 6.29 -1.01 -4.73
C GLU A 68 5.86 -0.70 -3.31
N ARG A 69 4.88 0.20 -3.22
CA ARG A 69 4.43 0.70 -1.91
C ARG A 69 4.01 -0.47 -1.06
N ASP A 70 2.90 -1.07 -1.42
CA ASP A 70 2.53 -2.38 -0.89
C ASP A 70 1.99 -2.21 0.51
N TYR A 71 0.81 -1.62 0.58
CA TYR A 71 0.15 -1.54 1.84
C TYR A 71 -0.65 -2.82 2.02
N ARG A 72 0.10 -3.92 2.14
CA ARG A 72 -0.46 -5.21 2.47
C ARG A 72 -1.42 -5.04 3.63
N THR A 73 -2.66 -5.46 3.45
CA THR A 73 -3.67 -5.25 4.45
C THR A 73 -3.47 -6.24 5.58
N GLY A 74 -3.59 -5.77 6.81
CA GLY A 74 -3.30 -6.59 7.96
C GLY A 74 -4.17 -6.22 9.13
N PRO A 75 -4.59 -7.20 9.94
CA PRO A 75 -5.34 -6.92 11.16
C PRO A 75 -4.44 -6.36 12.25
N CYS A 76 -4.83 -5.24 12.84
CA CYS A 76 -4.03 -4.61 13.88
C CYS A 76 -4.31 -5.24 15.22
N PHE A 77 -3.27 -5.80 15.80
CA PHE A 77 -3.35 -6.43 17.10
C PHE A 77 -2.93 -5.44 18.16
N THR A 78 -3.55 -5.50 19.33
CA THR A 78 -3.39 -4.42 20.29
C THR A 78 -2.56 -4.79 21.51
N VAL A 79 -2.16 -6.04 21.65
CA VAL A 79 -1.36 -6.41 22.82
C VAL A 79 -0.75 -7.79 22.66
N ILE A 80 0.57 -7.85 22.61
CA ILE A 80 1.23 -9.10 22.26
C ILE A 80 2.38 -9.45 23.17
N SER A 81 2.30 -10.65 23.68
CA SER A 81 3.44 -11.35 24.22
C SER A 81 3.47 -12.72 23.56
N ASN A 82 4.25 -13.66 24.07
CA ASN A 82 4.18 -15.03 23.54
C ASN A 82 2.79 -15.63 23.77
N GLN A 83 1.95 -14.89 24.48
CA GLN A 83 0.62 -15.34 24.83
C GLN A 83 -0.34 -15.21 23.64
N MET A 84 -0.71 -13.98 23.32
CA MET A 84 -1.72 -13.71 22.29
C MET A 84 -1.42 -12.37 21.63
N CYS A 85 -1.97 -12.15 20.44
CA CYS A 85 -1.68 -10.92 19.69
C CYS A 85 -2.68 -9.82 20.02
N GLN A 86 -3.90 -10.21 20.31
CA GLN A 86 -4.92 -9.24 20.65
C GLN A 86 -5.91 -9.83 21.65
N GLY A 87 -6.77 -10.70 21.17
CA GLY A 87 -7.70 -11.37 22.04
C GLY A 87 -9.12 -11.18 21.56
N GLN A 88 -9.37 -10.08 20.89
CA GLN A 88 -10.66 -9.85 20.25
C GLN A 88 -10.62 -10.24 18.77
N LEU A 89 -9.43 -10.24 18.18
CA LEU A 89 -9.25 -10.65 16.78
C LEU A 89 -10.10 -9.80 15.83
N SER A 90 -9.59 -8.61 15.53
CA SER A 90 -10.31 -7.66 14.70
C SER A 90 -9.78 -7.67 13.26
N GLY A 91 -10.69 -7.48 12.31
CA GLY A 91 -10.34 -7.37 10.91
C GLY A 91 -10.12 -5.94 10.52
N ILE A 92 -9.68 -5.15 11.48
CA ILE A 92 -9.28 -3.79 11.24
C ILE A 92 -8.11 -3.79 10.28
N VAL A 93 -8.41 -3.39 9.06
CA VAL A 93 -7.40 -3.26 8.06
C VAL A 93 -6.89 -1.84 8.02
N SER A 94 -5.61 -1.76 8.19
CA SER A 94 -4.84 -0.54 8.22
C SER A 94 -3.46 -0.97 7.82
N THR A 95 -2.48 -0.08 7.77
CA THR A 95 -1.16 -0.55 7.43
C THR A 95 -0.34 -0.68 8.68
N LYS A 96 0.70 -1.46 8.62
CA LYS A 96 1.57 -1.60 9.75
C LYS A 96 2.09 -0.23 10.17
N THR A 97 2.49 0.54 9.17
CA THR A 97 2.88 1.92 9.37
C THR A 97 1.90 2.66 10.29
N LEU A 98 0.63 2.65 9.91
CA LEU A 98 -0.42 3.30 10.68
C LEU A 98 -0.46 2.80 12.11
N CYS A 99 -0.59 1.49 12.28
CA CYS A 99 -0.82 0.92 13.60
C CYS A 99 0.42 0.92 14.47
N CYS A 100 1.60 1.04 13.85
CA CYS A 100 2.82 1.15 14.62
C CYS A 100 3.14 2.62 14.94
N ALA A 101 2.91 3.53 13.98
CA ALA A 101 3.22 4.94 14.23
C ALA A 101 2.25 5.46 15.28
N THR A 102 0.98 5.33 14.97
CA THR A 102 -0.08 5.65 15.89
C THR A 102 -0.47 4.38 16.61
N VAL A 103 -1.08 4.52 17.78
CA VAL A 103 -1.59 3.38 18.55
C VAL A 103 -0.46 2.49 19.10
N GLY A 104 0.52 2.13 18.27
CA GLY A 104 1.71 1.46 18.78
C GLY A 104 1.45 0.15 19.47
N ARG A 105 0.87 -0.80 18.76
CA ARG A 105 0.62 -2.11 19.34
C ARG A 105 1.24 -3.19 18.48
N ALA A 106 0.53 -3.64 17.45
CA ALA A 106 1.05 -4.61 16.52
C ALA A 106 0.12 -4.72 15.32
N TRP A 107 0.58 -5.35 14.24
CA TRP A 107 -0.19 -5.40 13.02
C TRP A 107 0.17 -6.65 12.21
N GLY A 108 -0.80 -7.18 11.48
CA GLY A 108 -0.54 -8.18 10.45
C GLY A 108 -0.31 -9.58 10.97
N HIS A 109 -0.42 -10.54 10.05
CA HIS A 109 -0.01 -11.91 10.30
C HIS A 109 1.14 -12.26 9.36
N PRO A 110 2.23 -12.84 9.88
CA PRO A 110 2.39 -13.12 11.31
C PRO A 110 2.42 -11.84 12.13
N CYS A 111 1.98 -11.93 13.38
CA CYS A 111 1.86 -10.79 14.27
C CYS A 111 3.18 -10.04 14.39
N GLU A 112 3.15 -8.77 14.01
CA GLU A 112 4.33 -7.93 14.10
C GLU A 112 4.07 -6.81 15.10
N MET A 113 4.89 -6.74 16.11
CA MET A 113 4.65 -5.82 17.22
C MET A 113 5.51 -4.59 17.09
N CYS A 114 5.03 -3.46 17.59
CA CYS A 114 5.74 -2.21 17.41
C CYS A 114 5.61 -1.32 18.65
N PRO A 115 6.64 -0.51 18.93
CA PRO A 115 6.49 0.71 19.69
C PRO A 115 5.60 1.68 18.94
N ALA A 116 5.17 2.75 19.60
CA ALA A 116 4.46 3.80 18.90
C ALA A 116 5.36 4.49 17.87
N GLN A 117 5.57 5.79 18.06
CA GLN A 117 6.32 6.59 17.09
C GLN A 117 7.73 6.03 16.84
N PRO A 118 7.95 5.45 15.64
CA PRO A 118 9.23 4.80 15.33
C PRO A 118 10.34 5.79 15.05
N HIS A 119 10.08 6.78 14.19
CA HIS A 119 11.06 7.79 13.86
C HIS A 119 10.85 9.00 14.76
N PRO A 120 11.68 10.06 14.63
CA PRO A 120 11.43 11.30 15.38
C PRO A 120 10.11 11.97 14.98
N CYS A 121 9.48 11.43 13.94
CA CYS A 121 8.14 11.85 13.55
C CYS A 121 7.16 11.47 14.65
N ARG A 122 6.16 12.30 14.87
CA ARG A 122 5.21 12.10 15.96
C ARG A 122 4.24 10.98 15.66
N ARG A 123 3.91 10.22 16.69
CA ARG A 123 3.04 9.05 16.60
C ARG A 123 1.88 9.25 15.62
N GLY A 124 1.12 10.32 15.80
CA GLY A 124 -0.10 10.50 15.03
C GLY A 124 0.13 10.83 13.56
N PHE A 125 1.38 10.90 13.12
CA PHE A 125 1.66 11.31 11.75
C PHE A 125 2.46 10.28 11.01
N ILE A 126 2.49 10.46 9.72
CA ILE A 126 3.38 9.73 8.87
C ILE A 126 4.10 10.72 7.97
N PRO A 127 5.44 10.68 7.92
CA PRO A 127 6.23 11.57 7.07
C PRO A 127 5.89 11.39 5.60
N ASN A 128 5.38 12.46 4.99
CA ASN A 128 5.05 12.47 3.59
C ASN A 128 6.26 12.11 2.75
N ILE A 129 6.01 11.24 1.79
CA ILE A 129 7.01 10.85 0.82
C ILE A 129 7.22 11.98 -0.18
N ARG A 130 6.35 12.96 -0.12
CA ARG A 130 6.34 14.05 -1.07
C ARG A 130 7.05 15.26 -0.48
N THR A 131 6.53 15.70 0.65
CA THR A 131 7.05 16.88 1.33
C THR A 131 8.10 16.50 2.36
N GLY A 132 7.78 15.45 3.12
CA GLY A 132 8.66 14.99 4.17
C GLY A 132 8.14 15.45 5.50
N ALA A 133 6.95 16.03 5.47
CA ALA A 133 6.30 16.54 6.65
C ALA A 133 5.38 15.49 7.22
N CYS A 134 5.59 15.27 8.49
CA CYS A 134 4.69 14.48 9.29
C CYS A 134 3.28 14.99 9.13
N GLN A 135 2.41 14.13 8.62
CA GLN A 135 1.02 14.49 8.43
C GLN A 135 0.18 13.53 9.23
N ASP A 136 -0.75 14.06 9.99
CA ASP A 136 -1.48 13.25 10.96
C ASP A 136 -2.55 12.47 10.27
N VAL A 137 -2.84 11.33 10.84
CA VAL A 137 -3.82 10.46 10.28
C VAL A 137 -5.09 10.62 11.05
N ASP A 138 -6.20 10.51 10.38
CA ASP A 138 -7.45 10.38 11.05
C ASP A 138 -7.49 8.99 11.60
N GLU A 139 -6.77 8.74 12.69
CA GLU A 139 -6.56 7.41 13.21
C GLU A 139 -7.88 6.68 13.40
N CYS A 140 -8.89 7.45 13.78
CA CYS A 140 -10.26 6.95 13.93
C CYS A 140 -10.74 6.26 12.64
N GLN A 141 -10.20 6.70 11.51
CA GLN A 141 -10.61 6.24 10.20
C GLN A 141 -9.54 5.34 9.61
N ALA A 142 -8.31 5.82 9.70
CA ALA A 142 -7.14 5.15 9.16
C ALA A 142 -6.93 3.82 9.86
N ILE A 143 -7.41 3.72 11.09
CA ILE A 143 -7.40 2.48 11.83
C ILE A 143 -8.85 2.18 12.21
N PRO A 144 -9.61 1.64 11.25
CA PRO A 144 -11.07 1.58 11.32
C PRO A 144 -11.63 0.99 12.60
N GLY A 145 -12.39 1.83 13.28
CA GLY A 145 -13.09 1.44 14.49
C GLY A 145 -12.18 0.94 15.59
N LEU A 146 -10.96 1.44 15.66
CA LEU A 146 -10.04 1.01 16.71
C LEU A 146 -10.51 1.48 18.08
N CYS A 147 -11.26 2.57 18.11
CA CYS A 147 -11.76 3.10 19.37
C CYS A 147 -13.23 2.74 19.54
N GLN A 148 -13.45 1.53 20.02
CA GLN A 148 -14.79 1.05 20.29
C GLN A 148 -15.22 1.49 21.69
N GLY A 149 -16.25 2.31 21.75
CA GLY A 149 -16.77 2.78 23.01
C GLY A 149 -17.70 3.96 22.83
N GLY A 150 -17.32 4.86 21.94
CA GLY A 150 -18.12 6.02 21.68
C GLY A 150 -17.64 6.81 20.49
N ASN A 151 -17.23 8.04 20.73
CA ASN A 151 -16.82 8.95 19.65
C ASN A 151 -15.30 8.94 19.52
N CYS A 152 -14.81 9.32 18.35
CA CYS A 152 -13.39 9.41 18.10
C CYS A 152 -13.16 10.65 17.25
N ILE A 153 -12.18 11.46 17.62
CA ILE A 153 -12.00 12.77 17.02
C ILE A 153 -10.53 13.04 16.75
N ASN A 154 -10.19 13.20 15.49
CA ASN A 154 -8.80 13.34 15.10
C ASN A 154 -8.28 14.73 15.39
N THR A 155 -7.26 14.81 16.18
CA THR A 155 -6.42 15.97 16.13
C THR A 155 -5.10 15.62 15.45
N VAL A 156 -4.43 16.65 14.98
CA VAL A 156 -3.15 16.44 14.34
C VAL A 156 -2.17 16.05 15.43
N GLY A 157 -1.59 14.88 15.36
CA GLY A 157 -0.73 14.42 16.42
C GLY A 157 -1.29 13.22 17.16
N SER A 158 -2.61 13.01 17.10
CA SER A 158 -3.26 11.97 17.89
C SER A 158 -4.78 12.03 17.74
N PHE A 159 -5.46 11.00 18.12
CA PHE A 159 -6.90 11.02 18.05
C PHE A 159 -7.46 11.03 19.45
N GLU A 160 -8.64 11.59 19.59
CA GLU A 160 -9.28 11.73 20.87
C GLU A 160 -10.49 10.82 20.95
N CYS A 161 -10.66 10.13 22.06
CA CYS A 161 -11.81 9.28 22.19
C CYS A 161 -12.79 9.83 23.19
N LYS A 162 -14.01 9.37 23.08
CA LYS A 162 -15.06 9.72 24.00
C LYS A 162 -15.84 8.50 24.42
N CYS A 163 -15.46 7.94 25.54
CA CYS A 163 -16.14 6.79 26.12
C CYS A 163 -17.45 7.22 26.77
N PRO A 164 -18.37 6.27 27.01
CA PRO A 164 -19.57 6.54 27.81
C PRO A 164 -19.17 6.94 29.22
N ALA A 165 -20.07 7.60 29.94
CA ALA A 165 -19.80 8.04 31.30
C ALA A 165 -19.44 6.87 32.19
N GLY A 166 -18.55 7.09 33.14
CA GLY A 166 -18.11 6.03 34.01
C GLY A 166 -17.00 5.21 33.40
N HIS A 167 -16.98 5.14 32.07
CA HIS A 167 -16.00 4.35 31.37
C HIS A 167 -14.66 5.08 31.29
N LYS A 168 -13.61 4.35 30.92
CA LYS A 168 -12.27 4.90 30.88
C LYS A 168 -11.55 4.43 29.63
N LEU A 169 -10.80 5.32 29.00
CA LEU A 169 -10.05 4.96 27.80
C LEU A 169 -8.75 4.25 28.18
N ASN A 170 -8.57 3.06 27.66
CA ASN A 170 -7.34 2.32 27.85
C ASN A 170 -6.62 2.18 26.51
N GLU A 171 -5.51 2.88 26.38
CA GLU A 171 -4.82 3.01 25.10
C GLU A 171 -4.28 1.67 24.58
N VAL A 172 -4.23 0.68 25.46
CA VAL A 172 -3.78 -0.64 25.08
C VAL A 172 -4.60 -1.20 23.92
N SER A 173 -5.90 -0.94 23.94
CA SER A 173 -6.78 -1.42 22.90
C SER A 173 -7.90 -0.41 22.64
N GLN A 174 -7.57 0.88 22.72
CA GLN A 174 -8.53 1.97 22.71
C GLN A 174 -9.85 1.58 23.41
N LYS A 175 -9.71 1.01 24.59
CA LYS A 175 -10.83 0.44 25.32
C LYS A 175 -11.59 1.52 26.07
N CYS A 176 -12.86 1.29 26.33
CA CYS A 176 -13.70 2.24 27.02
C CYS A 176 -14.63 1.51 27.98
N GLU A 177 -14.13 1.25 29.19
CA GLU A 177 -14.85 0.45 30.16
C GLU A 177 -14.44 0.89 31.57
#